data_4U5Z
#
_entry.id   4U5Z
#
_cell.length_a   64.100
_cell.length_b   153.640
_cell.length_c   143.980
_cell.angle_alpha   90.00
_cell.angle_beta   91.83
_cell.angle_gamma   90.00
#
_symmetry.space_group_name_H-M   'P 1 21 1'
#
loop_
_entity.id
_entity.type
_entity.pdbx_description
1 polymer 'Structural protein VP1'
2 water water
#
_entity_poly.entity_id   1
_entity_poly.type   'polypeptide(L)'
_entity_poly.pdbx_seq_one_letter_code
;GSHMASKGNIEVLNLVTGPDSITTIELYLNTRMGQNDESKDNYGYSEKVTVANSSDQDKPTSGEIPTYSTARINLPMLNE
DLTCNTLTMWEAVSVKTEVVGVSSLVNVHMATKRMYDDKGIGFPVEGMNFHMFAVGGEPLELQFLTGNYRTDYSANDKLV
VPPIKHQSTQGLNPHYKQKLTKDGAFPVECWCPDPSKNENTRYYGSYTGGQSTPPVLQFTNTVTTVLLDENGVGPLCKGD
GLYVSCCDIVGFLVGKDGDMQYRGLPRYFNILLRKRTVRN
;
_entity_poly.pdbx_strand_id   A,B,C,D,E,F,G,H,I,J
#
# COMPACT_ATOMS: atom_id res chain seq x y z
N ILE A 10 0.74 40.70 -51.38
CA ILE A 10 1.43 41.41 -50.26
C ILE A 10 2.94 41.41 -50.45
N GLU A 11 3.50 42.60 -50.67
CA GLU A 11 4.94 42.81 -50.71
C GLU A 11 5.46 42.89 -49.29
N VAL A 12 6.26 41.89 -48.89
CA VAL A 12 6.71 41.72 -47.51
C VAL A 12 8.04 42.43 -47.24
N LEU A 13 8.15 43.13 -46.10
CA LEU A 13 9.38 43.82 -45.69
C LEU A 13 9.96 43.26 -44.35
N ASN A 14 10.61 44.12 -43.56
CA ASN A 14 11.28 43.69 -42.33
C ASN A 14 10.34 43.36 -41.18
N LEU A 15 10.82 42.50 -40.28
CA LEU A 15 10.19 42.26 -38.97
C LEU A 15 10.26 43.51 -38.11
N VAL A 16 9.24 43.73 -37.29
CA VAL A 16 9.23 44.81 -36.30
C VAL A 16 9.76 44.26 -34.97
N THR A 17 10.73 44.95 -34.37
CA THR A 17 11.25 44.50 -33.09
C THR A 17 10.75 45.41 -31.97
N GLY A 18 11.06 45.03 -30.74
CA GLY A 18 10.63 45.77 -29.57
C GLY A 18 9.70 44.92 -28.73
N PRO A 19 9.38 45.40 -27.52
CA PRO A 19 8.66 44.58 -26.55
C PRO A 19 7.17 44.30 -26.84
N ASP A 20 6.62 44.87 -27.92
CA ASP A 20 5.22 44.63 -28.31
C ASP A 20 5.12 43.84 -29.62
N SER A 21 6.20 43.18 -30.00
CA SER A 21 6.35 42.64 -31.35
C SER A 21 5.77 41.23 -31.51
N ILE A 22 5.47 40.55 -30.42
CA ILE A 22 4.95 39.20 -30.49
C ILE A 22 3.69 39.05 -29.67
N THR A 23 2.84 38.11 -30.07
CA THR A 23 1.63 37.79 -29.34
C THR A 23 1.30 36.31 -29.52
N THR A 24 0.46 35.78 -28.64
CA THR A 24 0.06 34.37 -28.66
C THR A 24 -1.45 34.23 -28.73
N ILE A 25 -1.94 33.28 -29.53
CA ILE A 25 -3.37 32.99 -29.62
C ILE A 25 -3.60 31.52 -29.26
N GLU A 26 -4.49 31.30 -28.28
CA GLU A 26 -4.96 29.97 -27.91
C GLU A 26 -6.44 29.78 -28.22
N LEU A 27 -6.78 28.59 -28.69
CA LEU A 27 -8.17 28.22 -28.84
C LEU A 27 -8.27 26.72 -28.99
N TYR A 28 -9.50 26.21 -28.97
CA TYR A 28 -9.76 24.82 -29.38
C TYR A 28 -10.94 24.82 -30.32
N LEU A 29 -11.04 23.77 -31.13
CA LEU A 29 -12.20 23.57 -31.99
C LEU A 29 -12.81 22.18 -31.72
N ASN A 30 -14.08 22.20 -31.37
CA ASN A 30 -14.84 20.98 -31.23
C ASN A 30 -15.17 20.35 -32.58
N THR A 31 -15.27 19.03 -32.55
CA THR A 31 -15.50 18.23 -33.74
C THR A 31 -16.91 18.44 -34.32
N ARG A 32 -17.01 18.29 -35.63
CA ARG A 32 -18.28 18.42 -36.33
C ARG A 32 -18.55 17.15 -37.15
N MET A 33 -18.98 16.09 -36.47
CA MET A 33 -19.19 14.82 -37.14
C MET A 33 -20.58 14.68 -37.75
N GLY A 34 -21.52 15.53 -37.32
CA GLY A 34 -22.88 15.51 -37.83
C GLY A 34 -23.90 15.92 -36.79
N GLN A 35 -23.74 15.41 -35.58
CA GLN A 35 -24.54 15.86 -34.46
C GLN A 35 -23.66 16.86 -33.78
N ASN A 36 -23.97 18.14 -33.99
CA ASN A 36 -23.07 19.22 -33.72
C ASN A 36 -23.58 20.21 -32.69
N ASP A 37 -24.52 19.75 -31.85
CA ASP A 37 -25.15 20.55 -30.83
C ASP A 37 -24.78 19.92 -29.48
N GLU A 38 -23.98 20.65 -28.72
CA GLU A 38 -23.42 20.14 -27.45
C GLU A 38 -24.42 19.87 -26.34
N SER A 39 -25.66 20.32 -26.52
CA SER A 39 -26.72 20.04 -25.56
C SER A 39 -27.46 18.73 -25.86
N LYS A 40 -27.18 18.10 -26.99
CA LYS A 40 -27.93 16.92 -27.43
C LYS A 40 -27.11 15.65 -27.33
N ASP A 41 -27.81 14.52 -27.27
CA ASP A 41 -27.16 13.22 -27.19
C ASP A 41 -26.38 13.07 -28.48
N ASN A 42 -25.37 12.20 -28.46
CA ASN A 42 -24.51 11.93 -29.61
C ASN A 42 -23.62 13.07 -30.07
N TYR A 43 -23.41 14.07 -29.21
CA TYR A 43 -22.48 15.15 -29.56
C TYR A 43 -21.12 14.54 -29.83
N GLY A 44 -20.47 14.94 -30.90
CA GLY A 44 -19.13 14.48 -31.23
C GLY A 44 -19.15 13.20 -32.03
N TYR A 45 -20.34 12.81 -32.48
CA TYR A 45 -20.53 11.69 -33.35
C TYR A 45 -21.46 12.14 -34.51
N SER A 46 -21.48 11.35 -35.57
CA SER A 46 -22.44 11.54 -36.66
C SER A 46 -23.71 10.79 -36.32
N GLU A 47 -24.79 11.06 -37.05
CA GLU A 47 -25.95 10.19 -36.95
C GLU A 47 -25.60 8.86 -37.62
N LYS A 48 -26.44 7.86 -37.38
CA LYS A 48 -26.27 6.52 -37.96
C LYS A 48 -25.95 6.63 -39.45
N VAL A 49 -24.93 5.91 -39.91
CA VAL A 49 -24.54 5.90 -41.33
C VAL A 49 -25.54 5.08 -42.13
N THR A 50 -25.98 5.60 -43.28
CA THR A 50 -26.90 4.85 -44.18
C THR A 50 -26.13 4.52 -45.46
N VAL A 51 -26.69 3.64 -46.28
CA VAL A 51 -26.01 3.20 -47.51
C VAL A 51 -26.93 3.27 -48.73
N ALA A 52 -26.52 4.03 -49.75
CA ALA A 52 -27.34 4.21 -50.96
C ALA A 52 -27.74 2.89 -51.63
N ASN A 53 -28.97 2.82 -52.14
CA ASN A 53 -29.42 1.66 -52.93
C ASN A 53 -28.77 1.57 -54.30
N SER A 54 -28.37 2.72 -54.84
CA SER A 54 -27.71 2.81 -56.12
C SER A 54 -27.07 4.19 -56.19
N SER A 55 -26.19 4.40 -57.17
CA SER A 55 -25.45 5.66 -57.26
C SER A 55 -26.28 6.88 -57.66
N ASP A 56 -27.49 6.69 -58.19
CA ASP A 56 -28.37 7.82 -58.51
C ASP A 56 -29.45 8.08 -57.44
N GLN A 57 -29.37 7.36 -56.32
CA GLN A 57 -30.21 7.60 -55.15
C GLN A 57 -29.32 7.67 -53.92
N ASP A 58 -28.20 8.37 -54.07
CA ASP A 58 -27.24 8.57 -53.00
C ASP A 58 -27.57 9.88 -52.31
N LYS A 59 -28.41 9.77 -51.27
CA LYS A 59 -28.95 10.94 -50.57
C LYS A 59 -28.75 10.73 -49.09
N PRO A 60 -27.60 11.19 -48.54
CA PRO A 60 -27.34 10.96 -47.12
C PRO A 60 -28.35 11.62 -46.19
N THR A 61 -28.59 11.00 -45.04
CA THR A 61 -29.52 11.57 -44.06
C THR A 61 -28.87 12.77 -43.38
N SER A 62 -29.71 13.68 -42.92
CA SER A 62 -29.24 14.84 -42.18
C SER A 62 -28.45 14.41 -40.96
N GLY A 63 -27.22 14.87 -40.86
CA GLY A 63 -26.42 14.56 -39.69
C GLY A 63 -25.49 13.36 -39.81
N GLU A 64 -25.56 12.58 -40.89
CA GLU A 64 -24.58 11.50 -41.06
C GLU A 64 -23.24 11.87 -41.69
N ILE A 65 -23.01 13.17 -41.92
CA ILE A 65 -21.91 13.66 -42.78
C ILE A 65 -20.92 14.55 -42.02
N PRO A 66 -19.65 14.14 -41.92
CA PRO A 66 -18.70 15.02 -41.24
C PRO A 66 -18.32 16.29 -42.05
N THR A 67 -18.14 17.41 -41.35
CA THR A 67 -17.80 18.68 -41.97
C THR A 67 -16.53 19.24 -41.33
N TYR A 68 -15.90 20.22 -41.98
CA TYR A 68 -14.74 20.90 -41.40
C TYR A 68 -15.12 21.78 -40.22
N SER A 69 -14.25 21.79 -39.21
CA SER A 69 -14.33 22.70 -38.10
C SER A 69 -13.48 23.91 -38.50
N THR A 70 -13.97 25.13 -38.25
CA THR A 70 -13.17 26.33 -38.55
C THR A 70 -13.54 27.50 -37.63
N ALA A 71 -12.64 28.49 -37.54
CA ALA A 71 -12.91 29.70 -36.82
C ALA A 71 -11.99 30.81 -37.29
N ARG A 72 -12.50 32.03 -37.22
CA ARG A 72 -11.74 33.24 -37.43
C ARG A 72 -11.50 33.91 -36.08
N ILE A 73 -10.24 34.19 -35.77
CA ILE A 73 -9.90 34.82 -34.50
C ILE A 73 -9.45 36.25 -34.75
N ASN A 74 -10.08 37.19 -34.04
CA ASN A 74 -9.71 38.61 -34.10
C ASN A 74 -8.39 38.81 -33.37
N LEU A 75 -7.47 39.51 -34.03
CA LEU A 75 -6.18 39.82 -33.45
C LEU A 75 -6.14 41.29 -33.08
N PRO A 76 -5.22 41.68 -32.17
CA PRO A 76 -5.12 43.09 -31.78
C PRO A 76 -4.94 43.98 -33.00
N MET A 77 -5.58 45.15 -32.97
CA MET A 77 -5.57 46.09 -34.08
C MET A 77 -4.17 46.68 -34.20
N LEU A 78 -3.70 46.85 -35.43
CA LEU A 78 -2.34 47.34 -35.70
C LEU A 78 -2.30 48.67 -36.44
N ASN A 79 -3.26 48.89 -37.34
CA ASN A 79 -3.21 50.07 -38.20
C ASN A 79 -4.42 50.97 -37.96
N GLU A 80 -4.16 52.16 -37.43
CA GLU A 80 -5.18 53.20 -37.26
C GLU A 80 -5.27 54.03 -38.54
N ASP A 81 -4.11 54.32 -39.14
CA ASP A 81 -4.06 55.06 -40.41
C ASP A 81 -3.77 54.13 -41.58
N LEU A 82 -4.71 54.07 -42.51
CA LEU A 82 -4.59 53.23 -43.70
C LEU A 82 -4.34 54.08 -44.94
N THR A 83 -3.41 55.02 -44.83
CA THR A 83 -2.95 55.82 -45.97
C THR A 83 -1.43 56.02 -45.92
N CYS A 84 -0.72 55.09 -45.29
CA CYS A 84 0.74 55.17 -45.13
C CYS A 84 1.43 54.26 -46.14
N ASN A 85 2.69 54.55 -46.44
CA ASN A 85 3.49 53.76 -47.39
C ASN A 85 3.70 52.31 -46.94
N THR A 86 3.72 52.10 -45.63
CA THR A 86 3.89 50.77 -45.04
C THR A 86 2.78 50.49 -44.04
N LEU A 87 2.46 49.21 -43.88
CA LEU A 87 1.49 48.74 -42.89
C LEU A 87 2.10 47.56 -42.15
N THR A 88 1.54 47.27 -40.99
CA THR A 88 1.98 46.16 -40.17
C THR A 88 0.94 45.07 -40.20
N MET A 89 1.39 43.82 -40.28
CA MET A 89 0.50 42.69 -40.14
C MET A 89 1.06 41.70 -39.15
N TRP A 90 0.16 40.94 -38.54
CA TRP A 90 0.50 39.79 -37.75
C TRP A 90 0.92 38.63 -38.67
N GLU A 91 2.01 37.96 -38.31
CA GLU A 91 2.59 36.87 -39.09
C GLU A 91 2.66 35.60 -38.22
N ALA A 92 1.93 34.54 -38.57
CA ALA A 92 1.96 33.30 -37.79
C ALA A 92 3.30 32.58 -38.02
N VAL A 93 4.01 32.40 -36.93
CA VAL A 93 5.38 31.89 -36.95
C VAL A 93 5.33 30.38 -36.70
N SER A 94 4.50 29.97 -35.75
CA SER A 94 4.43 28.56 -35.40
C SER A 94 3.17 28.22 -34.62
N VAL A 95 2.92 26.91 -34.56
CA VAL A 95 1.75 26.39 -33.87
C VAL A 95 2.10 25.11 -33.11
N LYS A 96 1.63 25.03 -31.87
CA LYS A 96 1.59 23.79 -31.09
C LYS A 96 0.15 23.33 -31.13
N THR A 97 -0.08 22.17 -31.71
CA THR A 97 -1.45 21.64 -31.82
C THR A 97 -1.48 20.19 -31.37
N GLU A 98 -2.58 19.82 -30.71
CA GLU A 98 -2.83 18.44 -30.23
C GLU A 98 -4.29 18.04 -30.40
N VAL A 99 -4.51 16.75 -30.61
CA VAL A 99 -5.85 16.17 -30.56
C VAL A 99 -6.13 15.89 -29.10
N VAL A 100 -7.31 16.29 -28.64
CA VAL A 100 -7.68 16.22 -27.23
C VAL A 100 -8.63 15.05 -27.00
N GLY A 101 -8.44 14.37 -25.88
CA GLY A 101 -9.30 13.24 -25.53
C GLY A 101 -9.00 11.91 -26.18
N VAL A 102 -7.74 11.66 -26.54
CA VAL A 102 -7.35 10.40 -27.17
C VAL A 102 -7.63 9.26 -26.16
N SER A 103 -7.39 9.54 -24.88
CA SER A 103 -7.61 8.54 -23.84
C SER A 103 -9.07 8.06 -23.75
N SER A 104 -10.00 8.86 -24.26
CA SER A 104 -11.43 8.48 -24.31
C SER A 104 -11.68 7.19 -25.13
N LEU A 105 -10.78 6.91 -26.06
CA LEU A 105 -10.87 5.71 -26.87
C LEU A 105 -10.51 4.42 -26.10
N VAL A 106 -9.98 4.57 -24.87
CA VAL A 106 -9.80 3.44 -23.94
C VAL A 106 -11.12 3.15 -23.24
N ASN A 107 -12.06 2.58 -23.99
CA ASN A 107 -13.39 2.33 -23.48
C ASN A 107 -14.02 1.22 -24.30
N VAL A 108 -14.17 0.04 -23.68
CA VAL A 108 -14.71 -1.14 -24.31
C VAL A 108 -15.94 -1.65 -23.58
N HIS A 109 -16.59 -0.78 -22.79
CA HIS A 109 -17.83 -1.14 -22.07
C HIS A 109 -19.09 -0.39 -22.56
N MET A 110 -18.96 0.40 -23.61
CA MET A 110 -20.12 1.09 -24.19
C MET A 110 -21.08 0.10 -24.89
N ALA A 111 -22.29 0.56 -25.18
CA ALA A 111 -23.30 -0.31 -25.78
C ALA A 111 -22.91 -0.54 -27.24
N THR A 112 -22.25 -1.67 -27.50
CA THR A 112 -21.63 -1.93 -28.77
C THR A 112 -21.75 -3.40 -29.09
N LYS A 113 -21.49 -3.74 -30.36
CA LYS A 113 -21.18 -5.13 -30.72
C LYS A 113 -19.96 -5.59 -29.91
N ARG A 114 -19.87 -6.88 -29.63
CA ARG A 114 -18.79 -7.34 -28.76
C ARG A 114 -18.14 -8.59 -29.32
N MET A 115 -16.93 -8.87 -28.83
CA MET A 115 -16.12 -9.99 -29.31
C MET A 115 -16.53 -11.30 -28.71
N TYR A 116 -16.14 -12.36 -29.40
CA TYR A 116 -16.17 -13.72 -28.89
C TYR A 116 -17.54 -14.13 -28.33
N ASP A 117 -18.48 -14.32 -29.24
CA ASP A 117 -19.83 -14.81 -28.94
C ASP A 117 -20.41 -14.15 -27.70
N ASP A 118 -20.39 -12.82 -27.71
CA ASP A 118 -21.00 -12.00 -26.68
C ASP A 118 -20.41 -12.16 -25.28
N LYS A 119 -19.16 -12.64 -25.18
CA LYS A 119 -18.46 -12.74 -23.90
C LYS A 119 -17.28 -11.78 -23.74
N GLY A 120 -16.82 -11.19 -24.85
CA GLY A 120 -15.61 -10.38 -24.88
C GLY A 120 -15.85 -8.91 -24.73
N ILE A 121 -14.83 -8.12 -25.09
CA ILE A 121 -14.94 -6.67 -25.02
C ILE A 121 -15.96 -6.16 -26.02
N GLY A 122 -16.53 -5.01 -25.73
CA GLY A 122 -17.26 -4.28 -26.75
C GLY A 122 -16.26 -3.73 -27.71
N PHE A 123 -16.65 -3.58 -28.98
CA PHE A 123 -15.73 -3.03 -29.96
C PHE A 123 -15.34 -1.60 -29.54
N PRO A 124 -14.03 -1.29 -29.51
CA PRO A 124 -13.67 0.08 -29.35
C PRO A 124 -13.94 0.84 -30.66
N VAL A 125 -14.05 2.14 -30.56
CA VAL A 125 -14.10 3.03 -31.71
C VAL A 125 -12.88 2.76 -32.60
N GLU A 126 -13.15 2.34 -33.83
CA GLU A 126 -12.10 1.81 -34.69
C GLU A 126 -12.42 2.03 -36.16
N GLY A 127 -11.37 1.99 -36.97
CA GLY A 127 -11.53 2.19 -38.40
C GLY A 127 -10.90 3.47 -38.94
N MET A 128 -11.56 4.03 -39.95
CA MET A 128 -11.04 5.18 -40.68
C MET A 128 -10.58 6.27 -39.75
N ASN A 129 -9.36 6.75 -39.98
CA ASN A 129 -8.87 7.98 -39.38
C ASN A 129 -8.55 9.05 -40.43
N PHE A 130 -8.94 10.28 -40.10
CA PHE A 130 -8.67 11.44 -40.91
C PHE A 130 -8.33 12.61 -40.02
N HIS A 131 -7.13 13.15 -40.22
CA HIS A 131 -6.57 14.23 -39.40
C HIS A 131 -6.00 15.29 -40.30
N MET A 132 -6.54 16.50 -40.16
CA MET A 132 -6.03 17.63 -40.91
C MET A 132 -6.19 18.87 -40.07
N PHE A 133 -5.27 19.79 -40.28
CA PHE A 133 -5.39 21.10 -39.66
C PHE A 133 -4.73 22.10 -40.58
N ALA A 134 -5.23 23.33 -40.53
CA ALA A 134 -4.69 24.43 -41.31
C ALA A 134 -4.68 25.71 -40.48
N VAL A 135 -3.62 26.50 -40.65
CA VAL A 135 -3.49 27.83 -40.05
C VAL A 135 -3.11 28.80 -41.16
N GLY A 136 -3.89 29.86 -41.32
CA GLY A 136 -3.69 30.86 -42.39
C GLY A 136 -4.17 32.26 -42.04
N GLY A 137 -3.85 33.22 -42.89
CA GLY A 137 -4.25 34.63 -42.69
C GLY A 137 -5.48 35.04 -43.50
N GLU A 138 -6.27 34.04 -43.90
CA GLU A 138 -7.46 34.21 -44.72
C GLU A 138 -8.07 32.82 -44.79
N PRO A 139 -9.36 32.72 -45.20
CA PRO A 139 -10.01 31.41 -45.22
C PRO A 139 -9.31 30.36 -46.09
N LEU A 140 -9.33 29.10 -45.64
CA LEU A 140 -8.76 27.97 -46.37
C LEU A 140 -9.52 27.86 -47.70
N GLU A 141 -8.77 27.81 -48.80
CA GLU A 141 -9.34 27.74 -50.13
C GLU A 141 -9.50 26.27 -50.50
N LEU A 142 -10.68 25.95 -51.02
CA LEU A 142 -11.14 24.57 -51.18
C LEU A 142 -11.39 24.21 -52.64
N GLN A 143 -11.11 22.96 -52.97
CA GLN A 143 -11.39 22.40 -54.25
C GLN A 143 -12.44 21.31 -54.06
N PHE A 144 -13.45 21.29 -54.92
CA PHE A 144 -14.49 20.27 -54.88
C PHE A 144 -13.97 18.99 -55.54
N LEU A 145 -14.12 17.86 -54.86
CA LEU A 145 -13.84 16.55 -55.44
C LEU A 145 -14.59 15.48 -54.66
N THR A 146 -15.36 14.67 -55.37
CA THR A 146 -16.18 13.65 -54.74
C THR A 146 -16.03 12.27 -55.36
N GLY A 147 -16.26 11.22 -54.57
CA GLY A 147 -16.39 9.86 -55.09
C GLY A 147 -17.67 9.54 -55.87
N ASN A 148 -18.67 10.43 -55.81
CA ASN A 148 -19.93 10.24 -56.55
C ASN A 148 -20.53 11.60 -56.89
N TYR A 149 -20.45 11.98 -58.17
CA TYR A 149 -20.94 13.28 -58.61
C TYR A 149 -22.40 13.48 -58.30
N ARG A 150 -23.14 12.38 -58.15
CA ARG A 150 -24.60 12.45 -58.06
C ARG A 150 -25.12 12.64 -56.64
N THR A 151 -24.21 12.62 -55.68
CA THR A 151 -24.60 12.74 -54.29
C THR A 151 -25.54 13.90 -54.00
N ASP A 152 -26.67 13.56 -53.38
CA ASP A 152 -27.74 14.50 -53.18
C ASP A 152 -27.68 14.97 -51.73
N TYR A 153 -27.30 16.24 -51.53
CA TYR A 153 -27.14 16.82 -50.19
C TYR A 153 -28.39 17.49 -49.58
N SER A 154 -29.51 17.46 -50.30
CA SER A 154 -30.70 18.23 -49.92
C SER A 154 -31.45 17.75 -48.65
N ALA A 155 -31.01 16.69 -47.99
CA ALA A 155 -31.57 16.37 -46.65
C ALA A 155 -31.10 17.37 -45.59
N ASN A 156 -29.98 18.03 -45.83
CA ASN A 156 -29.54 19.10 -44.95
C ASN A 156 -29.12 20.32 -45.75
N ASP A 157 -30.04 21.28 -45.90
CA ASP A 157 -29.74 22.52 -46.64
C ASP A 157 -28.75 23.46 -45.95
N LYS A 158 -28.26 23.12 -44.76
CA LYS A 158 -27.21 23.89 -44.12
C LYS A 158 -25.79 23.47 -44.55
N LEU A 159 -25.68 22.37 -45.30
CA LEU A 159 -24.39 22.01 -45.91
C LEU A 159 -24.13 22.97 -47.09
N VAL A 160 -22.87 23.34 -47.26
CA VAL A 160 -22.48 24.22 -48.36
C VAL A 160 -21.83 23.31 -49.40
N VAL A 161 -22.50 23.21 -50.55
CA VAL A 161 -22.11 22.39 -51.69
C VAL A 161 -22.45 23.10 -52.99
N PRO A 162 -21.83 22.68 -54.10
CA PRO A 162 -22.17 23.31 -55.36
C PRO A 162 -23.66 23.19 -55.75
N PRO A 163 -24.20 24.12 -56.56
CA PRO A 163 -25.61 24.06 -56.97
C PRO A 163 -25.89 23.22 -58.23
N ILE A 164 -24.82 22.75 -58.86
CA ILE A 164 -24.85 22.02 -60.11
C ILE A 164 -24.03 20.76 -59.83
N LYS A 165 -24.36 19.64 -60.48
CA LYS A 165 -23.58 18.40 -60.39
C LYS A 165 -23.04 18.05 -61.77
N HIS A 166 -21.88 17.40 -61.83
CA HIS A 166 -21.32 16.96 -63.11
C HIS A 166 -20.31 15.83 -62.96
N GLN A 167 -20.26 14.96 -63.97
CA GLN A 167 -19.38 13.79 -63.97
C GLN A 167 -17.94 14.13 -63.63
N SER A 168 -17.46 15.25 -64.17
CA SER A 168 -16.06 15.68 -64.02
C SER A 168 -15.60 15.95 -62.58
N THR A 169 -16.52 16.17 -61.66
CA THR A 169 -16.19 16.40 -60.28
C THR A 169 -15.66 15.16 -59.54
N GLN A 170 -15.61 14.02 -60.21
CA GLN A 170 -14.98 12.83 -59.63
C GLN A 170 -13.47 12.87 -59.87
N GLY A 171 -13.06 13.75 -60.79
CA GLY A 171 -11.69 14.21 -60.88
C GLY A 171 -11.62 15.66 -60.45
N LEU A 172 -10.62 16.37 -60.94
CA LEU A 172 -10.36 17.74 -60.56
C LEU A 172 -10.93 18.68 -61.60
N ASN A 173 -11.99 19.39 -61.22
CA ASN A 173 -12.57 20.43 -62.06
C ASN A 173 -12.35 21.76 -61.36
N PRO A 174 -11.47 22.62 -61.92
CA PRO A 174 -11.11 23.88 -61.25
C PRO A 174 -12.23 24.94 -61.25
N HIS A 175 -13.36 24.66 -61.87
CA HIS A 175 -14.53 25.55 -61.80
C HIS A 175 -15.35 25.30 -60.53
N TYR A 176 -15.03 24.26 -59.78
CA TYR A 176 -15.77 23.94 -58.57
C TYR A 176 -14.86 24.17 -57.36
N LYS A 177 -14.88 25.40 -56.86
CA LYS A 177 -14.09 25.83 -55.73
C LYS A 177 -14.97 26.58 -54.73
N GLN A 178 -14.40 26.87 -53.58
CA GLN A 178 -15.09 27.51 -52.47
C GLN A 178 -14.07 27.96 -51.42
N LYS A 179 -14.56 28.65 -50.39
CA LYS A 179 -13.72 29.02 -49.26
C LYS A 179 -14.37 28.57 -47.96
N LEU A 180 -13.53 28.07 -47.06
CA LEU A 180 -13.99 27.56 -45.79
C LEU A 180 -14.33 28.72 -44.87
N THR A 181 -15.58 29.18 -44.97
CA THR A 181 -16.03 30.38 -44.24
C THR A 181 -17.10 30.05 -43.22
N LYS A 182 -17.41 28.77 -43.00
CA LYS A 182 -18.42 28.41 -42.03
C LYS A 182 -18.15 27.07 -41.35
N ASP A 183 -18.15 27.12 -40.03
CA ASP A 183 -17.99 25.97 -39.18
C ASP A 183 -19.14 24.99 -39.36
N GLY A 184 -18.82 23.70 -39.39
CA GLY A 184 -19.83 22.66 -39.42
C GLY A 184 -20.75 22.62 -40.61
N ALA A 185 -20.27 23.06 -41.77
CA ALA A 185 -21.15 23.16 -42.93
C ALA A 185 -20.57 22.63 -44.25
N PHE A 186 -19.25 22.54 -44.34
CA PHE A 186 -18.57 22.05 -45.56
C PHE A 186 -18.21 20.58 -45.43
N PRO A 187 -18.86 19.69 -46.22
CA PRO A 187 -18.55 18.28 -46.05
C PRO A 187 -17.15 17.92 -46.45
N VAL A 188 -16.55 17.05 -45.65
CA VAL A 188 -15.20 16.55 -45.81
C VAL A 188 -15.10 15.66 -47.04
N GLU A 189 -16.18 14.95 -47.34
CA GLU A 189 -16.17 13.99 -48.44
C GLU A 189 -16.12 14.63 -49.83
N CYS A 190 -16.44 15.92 -49.93
CA CYS A 190 -16.47 16.57 -51.24
C CYS A 190 -15.64 17.86 -51.36
N TRP A 191 -15.07 18.32 -50.24
CA TRP A 191 -14.19 19.49 -50.27
C TRP A 191 -12.83 19.16 -49.71
N CYS A 192 -11.79 19.54 -50.44
CA CYS A 192 -10.41 19.40 -49.97
C CYS A 192 -9.66 20.72 -50.19
N PRO A 193 -8.48 20.85 -49.52
CA PRO A 193 -7.67 22.04 -49.77
C PRO A 193 -7.24 22.17 -51.25
N ASP A 194 -7.42 23.36 -51.81
CA ASP A 194 -7.02 23.66 -53.19
C ASP A 194 -5.52 23.92 -53.16
N PRO A 195 -4.73 23.03 -53.78
CA PRO A 195 -3.28 23.22 -53.75
C PRO A 195 -2.77 24.29 -54.69
N SER A 196 -3.58 24.71 -55.65
CA SER A 196 -3.20 25.77 -56.58
C SER A 196 -3.37 27.19 -55.99
N LYS A 197 -3.95 27.27 -54.80
CA LYS A 197 -4.07 28.49 -54.03
C LYS A 197 -3.45 28.19 -52.65
N ASN A 198 -4.04 28.72 -51.57
CA ASN A 198 -3.52 28.59 -50.20
C ASN A 198 -2.07 29.02 -50.04
N GLU A 199 -1.70 30.07 -50.78
CA GLU A 199 -0.37 30.66 -50.66
C GLU A 199 -0.13 31.20 -49.24
N ASN A 200 -1.22 31.58 -48.57
CA ASN A 200 -1.17 32.26 -47.28
C ASN A 200 -1.77 31.42 -46.18
N THR A 201 -1.79 30.10 -46.36
CA THR A 201 -2.24 29.14 -45.34
C THR A 201 -1.30 27.94 -45.41
N ARG A 202 -1.04 27.30 -44.28
CA ARG A 202 -0.33 26.02 -44.27
C ARG A 202 -1.32 24.99 -43.84
N TYR A 203 -1.40 23.88 -44.57
CA TYR A 203 -2.20 22.74 -44.13
C TYR A 203 -1.41 21.42 -44.09
N TYR A 204 -1.83 20.53 -43.19
CA TYR A 204 -1.22 19.21 -42.98
C TYR A 204 -2.36 18.23 -42.74
N GLY A 205 -2.31 17.08 -43.40
CA GLY A 205 -3.41 16.14 -43.42
C GLY A 205 -2.97 14.72 -43.65
N SER A 206 -3.75 13.78 -43.13
CA SER A 206 -3.50 12.38 -43.36
C SER A 206 -4.79 11.58 -43.26
N TYR A 207 -4.75 10.41 -43.88
CA TYR A 207 -5.90 9.54 -43.99
C TYR A 207 -5.38 8.12 -43.80
N THR A 208 -6.04 7.34 -42.95
CA THR A 208 -5.76 5.91 -42.83
C THR A 208 -7.08 5.19 -42.95
N GLY A 209 -7.24 4.39 -43.99
CA GLY A 209 -8.52 3.82 -44.32
C GLY A 209 -8.80 2.47 -43.69
N GLY A 210 -9.57 1.68 -44.42
CA GLY A 210 -9.90 0.30 -44.01
C GLY A 210 -11.19 0.25 -43.22
N GLN A 211 -11.63 -0.96 -42.91
CA GLN A 211 -12.91 -1.16 -42.25
C GLN A 211 -12.88 -1.06 -40.72
N SER A 212 -12.09 -1.95 -40.09
CA SER A 212 -11.94 -2.03 -38.61
C SER A 212 -10.55 -1.64 -38.14
N THR A 213 -9.87 -0.85 -38.96
CA THR A 213 -8.47 -0.46 -38.75
C THR A 213 -8.19 0.17 -37.38
N PRO A 214 -7.18 -0.35 -36.61
CA PRO A 214 -6.74 0.33 -35.40
C PRO A 214 -6.40 1.81 -35.62
N PRO A 215 -6.95 2.72 -34.79
CA PRO A 215 -6.48 4.10 -34.85
C PRO A 215 -5.10 4.19 -34.22
N VAL A 216 -4.22 5.03 -34.79
CA VAL A 216 -2.87 5.25 -34.26
C VAL A 216 -2.72 6.74 -34.02
N LEU A 217 -2.67 7.13 -32.76
CA LEU A 217 -2.73 8.55 -32.35
C LEU A 217 -1.66 8.89 -31.32
N GLN A 218 -1.08 10.08 -31.45
CA GLN A 218 -0.10 10.60 -30.49
C GLN A 218 -0.64 11.87 -29.85
N PHE A 219 -0.22 12.13 -28.62
CA PHE A 219 -0.50 13.41 -27.94
C PHE A 219 0.63 13.78 -26.98
N THR A 220 1.10 15.03 -27.10
CA THR A 220 2.19 15.58 -26.30
C THR A 220 2.11 17.10 -26.34
N ASN A 221 2.80 17.79 -25.44
CA ASN A 221 2.83 19.25 -25.41
C ASN A 221 4.24 19.78 -25.70
N THR A 222 5.01 18.99 -26.43
CA THR A 222 6.43 19.30 -26.65
C THR A 222 6.81 19.49 -28.13
N VAL A 223 5.83 19.49 -29.03
CA VAL A 223 6.11 19.57 -30.46
C VAL A 223 5.57 20.90 -31.02
N THR A 224 6.46 21.63 -31.70
CA THR A 224 6.14 22.87 -32.39
C THR A 224 6.25 22.65 -33.89
N THR A 225 5.25 23.13 -34.62
CA THR A 225 5.21 23.14 -36.09
C THR A 225 5.52 24.56 -36.55
N VAL A 226 6.64 24.74 -37.27
CA VAL A 226 7.04 26.02 -37.83
C VAL A 226 6.20 26.28 -39.08
N LEU A 227 5.67 27.48 -39.17
CA LEU A 227 4.75 27.85 -40.26
C LEU A 227 5.44 28.80 -41.25
N LEU A 228 6.71 29.09 -41.02
CA LEU A 228 7.44 29.91 -41.98
C LEU A 228 7.63 29.10 -43.26
N ASP A 229 7.59 29.76 -44.41
CA ASP A 229 7.79 29.06 -45.66
C ASP A 229 9.29 28.98 -45.98
N GLU A 230 9.62 28.44 -47.15
CA GLU A 230 11.02 28.30 -47.55
C GLU A 230 11.81 29.63 -47.48
N ASN A 231 11.11 30.75 -47.60
CA ASN A 231 11.75 32.07 -47.49
C ASN A 231 11.66 32.75 -46.13
N GLY A 232 11.16 32.06 -45.12
CA GLY A 232 11.11 32.60 -43.76
C GLY A 232 9.91 33.49 -43.53
N VAL A 233 8.87 33.33 -44.35
CA VAL A 233 7.67 34.13 -44.22
C VAL A 233 6.48 33.24 -43.83
N GLY A 234 5.78 33.64 -42.79
CA GLY A 234 4.58 32.93 -42.34
C GLY A 234 3.32 33.53 -42.92
N PRO A 235 2.17 32.87 -42.68
CA PRO A 235 0.87 33.41 -43.04
C PRO A 235 0.68 34.79 -42.49
N LEU A 236 0.28 35.71 -43.37
CA LEU A 236 0.04 37.09 -43.02
C LEU A 236 -1.44 37.35 -42.87
N CYS A 237 -1.83 37.81 -41.69
CA CYS A 237 -3.22 37.90 -41.28
C CYS A 237 -3.97 39.13 -41.86
N LYS A 238 -4.73 38.90 -42.93
CA LYS A 238 -5.50 39.98 -43.58
C LYS A 238 -6.68 40.38 -42.72
N GLY A 239 -6.91 41.69 -42.64
CA GLY A 239 -7.92 42.27 -41.74
C GLY A 239 -7.69 41.95 -40.28
N ASP A 240 -6.43 41.69 -39.90
CA ASP A 240 -6.07 41.24 -38.54
C ASP A 240 -6.87 40.01 -38.13
N GLY A 241 -7.08 39.11 -39.08
CA GLY A 241 -7.82 37.87 -38.87
C GLY A 241 -6.94 36.65 -39.02
N LEU A 242 -7.07 35.71 -38.07
CA LEU A 242 -6.30 34.46 -38.08
C LEU A 242 -7.30 33.34 -38.29
N TYR A 243 -7.05 32.50 -39.31
CA TYR A 243 -7.96 31.43 -39.69
C TYR A 243 -7.37 30.09 -39.31
N VAL A 244 -8.17 29.31 -38.57
CA VAL A 244 -7.77 28.01 -38.07
C VAL A 244 -8.83 27.01 -38.46
N SER A 245 -8.40 25.85 -38.96
CA SER A 245 -9.34 24.88 -39.50
C SER A 245 -8.85 23.47 -39.21
N CYS A 246 -9.77 22.53 -39.12
CA CYS A 246 -9.38 21.13 -38.86
C CYS A 246 -10.50 20.13 -39.03
N CYS A 247 -10.10 18.85 -39.03
CA CYS A 247 -11.02 17.72 -38.89
C CYS A 247 -10.24 16.57 -38.28
N ASP A 248 -10.82 15.89 -37.31
CA ASP A 248 -10.16 14.76 -36.66
C ASP A 248 -11.13 13.61 -36.44
N ILE A 249 -11.16 12.69 -37.41
CA ILE A 249 -11.99 11.49 -37.34
C ILE A 249 -11.09 10.40 -36.82
N VAL A 250 -11.54 9.73 -35.75
CA VAL A 250 -10.77 8.69 -35.08
C VAL A 250 -11.37 7.29 -35.23
N GLY A 251 -12.52 7.20 -35.92
CA GLY A 251 -13.11 5.91 -36.29
C GLY A 251 -14.62 5.89 -36.19
N PHE A 252 -15.16 4.66 -36.08
CA PHE A 252 -16.58 4.42 -35.91
C PHE A 252 -16.89 3.69 -34.62
N LEU A 253 -17.99 4.10 -33.97
CA LEU A 253 -18.59 3.32 -32.89
C LEU A 253 -19.57 2.35 -33.53
N VAL A 254 -19.48 1.07 -33.17
CA VAL A 254 -20.36 0.04 -33.72
C VAL A 254 -21.45 -0.34 -32.71
N GLY A 255 -22.66 0.18 -32.90
CA GLY A 255 -23.82 -0.16 -32.06
C GLY A 255 -24.15 -1.65 -31.97
N LYS A 256 -25.01 -2.03 -31.04
CA LYS A 256 -25.31 -3.45 -30.77
C LYS A 256 -25.79 -4.22 -32.01
N ASP A 257 -26.58 -3.59 -32.85
CA ASP A 257 -27.10 -4.24 -34.04
C ASP A 257 -26.20 -4.03 -35.26
N GLY A 258 -25.04 -3.43 -35.08
CA GLY A 258 -24.14 -3.18 -36.21
C GLY A 258 -24.31 -1.82 -36.91
N ASP A 259 -25.22 -0.97 -36.43
CA ASP A 259 -25.24 0.40 -36.96
C ASP A 259 -24.01 1.15 -36.45
N MET A 260 -23.51 2.06 -37.27
CA MET A 260 -22.22 2.67 -37.06
C MET A 260 -22.31 4.19 -37.15
N GLN A 261 -21.50 4.85 -36.34
CA GLN A 261 -21.43 6.31 -36.31
C GLN A 261 -19.99 6.73 -36.35
N TYR A 262 -19.69 7.83 -37.08
CA TYR A 262 -18.39 8.50 -36.99
C TYR A 262 -18.19 9.07 -35.60
N ARG A 263 -16.96 8.98 -35.10
CA ARG A 263 -16.55 9.61 -33.86
C ARG A 263 -15.40 10.58 -34.18
N GLY A 264 -15.45 11.77 -33.61
CA GLY A 264 -14.38 12.75 -33.79
C GLY A 264 -13.95 13.33 -32.47
N LEU A 265 -12.77 13.94 -32.48
CA LEU A 265 -12.18 14.51 -31.26
C LEU A 265 -11.83 15.99 -31.51
N PRO A 266 -11.81 16.81 -30.43
CA PRO A 266 -11.50 18.21 -30.55
C PRO A 266 -10.03 18.43 -30.81
N ARG A 267 -9.69 19.62 -31.27
CA ARG A 267 -8.26 19.96 -31.49
C ARG A 267 -7.90 21.26 -30.83
N TYR A 268 -6.70 21.32 -30.27
CA TYR A 268 -6.21 22.51 -29.59
C TYR A 268 -5.10 23.13 -30.43
N PHE A 269 -4.97 24.44 -30.30
CA PHE A 269 -4.03 25.22 -31.09
C PHE A 269 -3.41 26.27 -30.19
N ASN A 270 -2.10 26.38 -30.24
CA ASN A 270 -1.43 27.48 -29.60
C ASN A 270 -0.47 28.05 -30.62
N ILE A 271 -0.75 29.29 -31.04
CA ILE A 271 -0.12 29.88 -32.19
C ILE A 271 0.67 31.13 -31.78
N LEU A 272 1.92 31.21 -32.23
CA LEU A 272 2.77 32.37 -32.02
C LEU A 272 2.76 33.26 -33.26
N LEU A 273 2.53 34.55 -33.06
CA LEU A 273 2.55 35.51 -34.15
C LEU A 273 3.48 36.65 -33.81
N ARG A 274 4.03 37.27 -34.84
CA ARG A 274 4.88 38.43 -34.70
C ARG A 274 4.45 39.50 -35.71
N LYS A 275 4.90 40.72 -35.49
CA LYS A 275 4.54 41.84 -36.35
C LYS A 275 5.47 41.93 -37.53
N ARG A 276 4.91 42.15 -38.71
CA ARG A 276 5.74 42.39 -39.86
C ARG A 276 5.29 43.56 -40.72
N THR A 277 6.26 44.32 -41.20
CA THR A 277 6.01 45.44 -42.10
C THR A 277 5.79 44.90 -43.51
N VAL A 278 4.77 45.42 -44.17
CA VAL A 278 4.46 45.10 -45.56
C VAL A 278 4.31 46.39 -46.35
N ARG A 279 4.50 46.29 -47.66
CA ARG A 279 4.16 47.41 -48.55
C ARG A 279 2.67 47.68 -48.36
N ASN A 280 2.26 48.93 -48.59
CA ASN A 280 0.85 49.30 -48.60
C ASN A 280 0.48 49.76 -50.01
N ILE B 10 6.71 31.88 -13.11
CA ILE B 10 8.02 31.99 -12.39
C ILE B 10 9.09 32.65 -13.29
N GLU B 11 9.82 33.60 -12.73
CA GLU B 11 10.93 34.23 -13.42
C GLU B 11 12.23 33.49 -13.12
N VAL B 12 12.75 32.82 -14.14
CA VAL B 12 13.93 31.95 -14.05
C VAL B 12 15.20 32.79 -14.21
N LEU B 13 16.19 32.57 -13.35
CA LEU B 13 17.48 33.26 -13.45
C LEU B 13 18.63 32.25 -13.65
N ASN B 14 19.82 32.53 -13.13
CA ASN B 14 20.98 31.65 -13.30
C ASN B 14 20.81 30.23 -12.71
N LEU B 15 21.53 29.28 -13.30
CA LEU B 15 21.72 27.98 -12.69
C LEU B 15 22.64 28.12 -11.49
N VAL B 16 22.47 27.23 -10.52
CA VAL B 16 23.40 27.12 -9.39
C VAL B 16 24.49 26.11 -9.78
N THR B 17 25.76 26.49 -9.59
CA THR B 17 26.90 25.74 -10.12
C THR B 17 27.60 24.93 -9.04
N GLY B 18 28.58 24.14 -9.43
CA GLY B 18 29.44 23.44 -8.46
C GLY B 18 28.81 22.22 -7.81
N PRO B 19 29.28 21.86 -6.60
CA PRO B 19 28.93 20.58 -5.99
C PRO B 19 27.54 20.58 -5.34
N ASP B 20 26.90 19.39 -5.33
CA ASP B 20 25.52 19.24 -4.88
C ASP B 20 24.49 20.14 -5.60
N SER B 21 24.79 20.56 -6.84
CA SER B 21 23.81 21.35 -7.63
C SER B 21 22.89 20.49 -8.51
N ILE B 22 23.21 19.20 -8.60
CA ILE B 22 22.43 18.22 -9.37
C ILE B 22 22.02 17.08 -8.42
N THR B 23 20.86 16.48 -8.66
CA THR B 23 20.48 15.25 -8.00
C THR B 23 19.66 14.36 -8.94
N THR B 24 19.54 13.09 -8.58
CA THR B 24 18.78 12.13 -9.38
C THR B 24 17.64 11.54 -8.54
N ILE B 25 16.50 11.27 -9.19
CA ILE B 25 15.36 10.62 -8.56
C ILE B 25 15.04 9.35 -9.33
N GLU B 26 14.84 8.26 -8.61
CA GLU B 26 14.61 6.95 -9.22
C GLU B 26 13.34 6.30 -8.66
N LEU B 27 12.39 5.94 -9.50
CA LEU B 27 11.20 5.27 -8.98
C LEU B 27 10.56 4.39 -10.00
N TYR B 28 9.61 3.59 -9.53
CA TYR B 28 8.74 2.87 -10.45
C TYR B 28 7.31 3.06 -10.00
N LEU B 29 6.39 2.94 -10.95
CA LEU B 29 4.96 2.97 -10.70
C LEU B 29 4.32 1.68 -11.25
N ASN B 30 3.57 1.00 -10.41
CA ASN B 30 2.86 -0.20 -10.81
C ASN B 30 1.54 0.19 -11.45
N THR B 31 1.12 -0.65 -12.40
CA THR B 31 -0.03 -0.39 -13.23
C THR B 31 -1.31 -0.38 -12.40
N ARG B 32 -2.33 0.33 -12.90
CA ARG B 32 -3.61 0.44 -12.21
C ARG B 32 -4.77 0.12 -13.14
N MET B 33 -4.92 -1.17 -13.41
CA MET B 33 -5.84 -1.58 -14.45
C MET B 33 -7.22 -1.81 -13.91
N GLY B 34 -7.33 -1.95 -12.59
CA GLY B 34 -8.62 -2.11 -11.94
C GLY B 34 -8.57 -2.98 -10.71
N GLN B 35 -7.89 -4.12 -10.81
CA GLN B 35 -7.54 -4.89 -9.63
C GLN B 35 -6.15 -4.43 -9.22
N ASN B 36 -6.11 -3.51 -8.26
CA ASN B 36 -4.89 -2.78 -7.92
C ASN B 36 -4.36 -3.14 -6.53
N ASP B 37 -4.87 -4.23 -5.96
CA ASP B 37 -4.42 -4.74 -4.67
C ASP B 37 -3.38 -5.85 -4.90
N GLU B 38 -2.13 -5.58 -4.55
CA GLU B 38 -1.02 -6.49 -4.84
C GLU B 38 -1.10 -7.86 -4.13
N SER B 39 -2.00 -8.03 -3.17
CA SER B 39 -2.15 -9.33 -2.51
C SER B 39 -3.23 -10.21 -3.17
N LYS B 40 -3.90 -9.70 -4.19
CA LYS B 40 -5.01 -10.44 -4.83
C LYS B 40 -4.65 -11.00 -6.19
N ASP B 41 -5.36 -12.07 -6.56
CA ASP B 41 -5.08 -12.85 -7.77
C ASP B 41 -5.08 -12.14 -9.12
N ASN B 42 -5.85 -11.09 -9.25
CA ASN B 42 -5.95 -10.44 -10.57
C ASN B 42 -5.10 -9.19 -10.68
N TYR B 43 -4.04 -9.10 -9.88
CA TYR B 43 -3.21 -7.92 -9.83
C TYR B 43 -2.56 -7.62 -11.16
N GLY B 44 -2.61 -6.36 -11.54
CA GLY B 44 -2.04 -5.90 -12.79
C GLY B 44 -2.94 -6.16 -13.97
N TYR B 45 -4.17 -6.60 -13.70
CA TYR B 45 -5.22 -6.71 -14.72
C TYR B 45 -6.46 -5.99 -14.23
N SER B 46 -7.44 -5.86 -15.11
CA SER B 46 -8.75 -5.39 -14.72
C SER B 46 -9.58 -6.60 -14.30
N GLU B 47 -10.72 -6.33 -13.71
CA GLU B 47 -11.75 -7.34 -13.61
C GLU B 47 -12.26 -7.54 -15.03
N LYS B 48 -13.04 -8.59 -15.20
CA LYS B 48 -13.66 -8.92 -16.49
C LYS B 48 -14.44 -7.70 -17.09
N VAL B 49 -14.27 -7.45 -18.37
CA VAL B 49 -14.96 -6.36 -19.02
C VAL B 49 -16.42 -6.75 -19.23
N THR B 50 -17.34 -5.86 -18.87
CA THR B 50 -18.77 -5.98 -19.21
C THR B 50 -19.11 -4.93 -20.28
N VAL B 51 -20.25 -5.13 -20.94
CA VAL B 51 -20.68 -4.29 -22.05
C VAL B 51 -22.09 -3.84 -21.74
N ALA B 52 -22.32 -2.54 -21.80
CA ALA B 52 -23.62 -1.98 -21.42
C ALA B 52 -24.73 -2.45 -22.35
N ASN B 53 -25.94 -2.63 -21.81
CA ASN B 53 -27.11 -2.95 -22.65
C ASN B 53 -27.54 -1.79 -23.56
N SER B 54 -27.45 -0.57 -23.04
CA SER B 54 -27.75 0.66 -23.79
C SER B 54 -26.97 1.80 -23.14
N SER B 55 -26.77 2.89 -23.87
CA SER B 55 -25.92 3.98 -23.41
C SER B 55 -26.46 4.64 -22.13
N ASP B 56 -27.76 4.53 -21.89
CA ASP B 56 -28.33 5.11 -20.68
C ASP B 56 -28.23 4.13 -19.51
N GLN B 57 -27.72 2.93 -19.78
CA GLN B 57 -27.47 1.94 -18.74
C GLN B 57 -26.03 1.47 -18.74
N ASP B 58 -25.13 2.43 -18.75
CA ASP B 58 -23.69 2.21 -18.93
C ASP B 58 -23.04 2.44 -17.59
N LYS B 59 -23.01 1.36 -16.82
CA LYS B 59 -22.53 1.38 -15.46
C LYS B 59 -21.45 0.31 -15.31
N PRO B 60 -20.18 0.67 -15.59
CA PRO B 60 -19.13 -0.34 -15.47
C PRO B 60 -19.01 -0.96 -14.06
N THR B 61 -18.70 -2.26 -13.97
CA THR B 61 -18.50 -2.88 -12.66
C THR B 61 -17.25 -2.32 -11.99
N SER B 62 -17.17 -2.51 -10.69
CA SER B 62 -16.06 -2.05 -9.92
C SER B 62 -14.85 -2.87 -10.32
N GLY B 63 -13.79 -2.19 -10.74
CA GLY B 63 -12.54 -2.86 -11.02
C GLY B 63 -12.25 -3.13 -12.49
N GLU B 64 -13.20 -2.88 -13.40
CA GLU B 64 -12.93 -3.08 -14.82
C GLU B 64 -12.43 -1.82 -15.55
N ILE B 65 -12.17 -0.74 -14.82
CA ILE B 65 -11.78 0.53 -15.41
C ILE B 65 -10.31 0.88 -15.14
N PRO B 66 -9.50 1.00 -16.19
CA PRO B 66 -8.13 1.52 -16.01
C PRO B 66 -8.08 2.96 -15.53
N THR B 67 -7.13 3.26 -14.65
CA THR B 67 -6.89 4.60 -14.15
C THR B 67 -5.40 4.97 -14.29
N TYR B 68 -5.08 6.24 -14.13
CA TYR B 68 -3.69 6.69 -14.17
C TYR B 68 -2.93 6.32 -12.90
N SER B 69 -1.65 6.08 -13.08
CA SER B 69 -0.73 5.92 -11.97
C SER B 69 -0.06 7.26 -11.77
N THR B 70 0.22 7.62 -10.52
CA THR B 70 0.89 8.88 -10.25
C THR B 70 1.53 8.84 -8.88
N ALA B 71 2.52 9.68 -8.72
CA ALA B 71 3.15 9.83 -7.44
C ALA B 71 3.77 11.19 -7.41
N ARG B 72 3.83 11.73 -6.19
CA ARG B 72 4.61 12.90 -5.87
C ARG B 72 5.84 12.47 -5.09
N ILE B 73 7.02 12.91 -5.52
CA ILE B 73 8.26 12.66 -4.78
C ILE B 73 8.74 13.92 -4.09
N ASN B 74 9.05 13.82 -2.80
CA ASN B 74 9.60 14.94 -2.05
C ASN B 74 11.08 15.11 -2.34
N LEU B 75 11.48 16.30 -2.77
CA LEU B 75 12.86 16.54 -3.10
C LEU B 75 13.58 17.17 -1.90
N PRO B 76 14.92 17.14 -1.91
CA PRO B 76 15.63 17.75 -0.78
C PRO B 76 15.25 19.22 -0.54
N MET B 77 15.15 19.58 0.74
CA MET B 77 14.89 20.96 1.17
C MET B 77 15.94 21.92 0.64
N LEU B 78 15.51 22.98 -0.03
CA LEU B 78 16.44 23.87 -0.73
C LEU B 78 16.76 25.18 -0.02
N ASN B 79 15.71 25.90 0.37
CA ASN B 79 15.82 27.31 0.73
C ASN B 79 16.04 27.54 2.23
N ASN B 85 13.62 37.80 -2.16
CA ASN B 85 14.33 38.30 -3.32
C ASN B 85 14.53 37.20 -4.39
N THR B 86 15.38 36.21 -4.11
CA THR B 86 15.51 35.03 -4.98
C THR B 86 15.37 33.75 -4.15
N LEU B 87 14.82 32.70 -4.76
CA LEU B 87 14.75 31.37 -4.14
C LEU B 87 15.48 30.39 -5.04
N THR B 88 15.76 29.20 -4.53
CA THR B 88 16.24 28.12 -5.38
C THR B 88 15.15 27.07 -5.58
N MET B 89 15.05 26.55 -6.79
CA MET B 89 14.11 25.46 -7.12
C MET B 89 14.83 24.34 -7.84
N TRP B 90 14.29 23.15 -7.70
CA TRP B 90 14.77 22.02 -8.48
C TRP B 90 14.13 22.08 -9.85
N GLU B 91 14.95 21.91 -10.88
CA GLU B 91 14.52 21.92 -12.29
C GLU B 91 14.79 20.56 -12.91
N ALA B 92 13.74 19.92 -13.43
CA ALA B 92 13.89 18.61 -14.05
C ALA B 92 14.48 18.79 -15.44
N VAL B 93 15.59 18.10 -15.72
CA VAL B 93 16.37 18.32 -16.94
C VAL B 93 16.11 17.24 -18.00
N SER B 94 15.99 16.00 -17.54
CA SER B 94 15.74 14.89 -18.43
C SER B 94 15.23 13.68 -17.66
N VAL B 95 14.67 12.72 -18.39
CA VAL B 95 14.19 11.48 -17.77
C VAL B 95 14.56 10.28 -18.65
N LYS B 96 14.98 9.19 -18.03
CA LYS B 96 15.03 7.86 -18.69
C LYS B 96 13.89 7.04 -18.16
N THR B 97 13.03 6.56 -19.07
CA THR B 97 11.82 5.85 -18.69
C THR B 97 11.67 4.63 -19.59
N GLU B 98 11.21 3.53 -19.01
CA GLU B 98 10.92 2.31 -19.76
C GLU B 98 9.76 1.55 -19.14
N VAL B 99 9.06 0.79 -19.98
CA VAL B 99 8.03 -0.11 -19.50
C VAL B 99 8.77 -1.37 -19.11
N VAL B 100 8.34 -1.95 -17.99
CA VAL B 100 9.03 -3.06 -17.36
C VAL B 100 8.23 -4.33 -17.59
N GLY B 101 8.90 -5.45 -17.80
CA GLY B 101 8.27 -6.75 -17.94
C GLY B 101 7.59 -6.96 -19.28
N VAL B 102 8.07 -6.32 -20.33
CA VAL B 102 7.59 -6.62 -21.69
C VAL B 102 7.71 -8.11 -22.03
N SER B 103 8.79 -8.74 -21.58
CA SER B 103 9.06 -10.13 -21.91
C SER B 103 8.01 -11.09 -21.32
N SER B 104 7.29 -10.62 -20.30
CA SER B 104 6.14 -11.35 -19.76
C SER B 104 5.03 -11.61 -20.79
N LEU B 105 5.01 -10.85 -21.88
CA LEU B 105 4.01 -11.07 -22.93
C LEU B 105 4.40 -12.24 -23.84
N VAL B 106 5.60 -12.79 -23.64
CA VAL B 106 5.98 -14.03 -24.29
C VAL B 106 5.48 -15.19 -23.41
N ASN B 107 4.18 -15.40 -23.40
CA ASN B 107 3.58 -16.46 -22.58
C ASN B 107 2.27 -16.80 -23.26
N VAL B 108 2.20 -17.96 -23.89
CA VAL B 108 1.00 -18.44 -24.56
C VAL B 108 0.53 -19.77 -23.98
N HIS B 109 0.89 -20.06 -22.72
CA HIS B 109 0.40 -21.26 -22.04
C HIS B 109 -0.57 -20.99 -20.88
N MET B 110 -0.91 -19.72 -20.61
CA MET B 110 -1.90 -19.44 -19.57
C MET B 110 -3.27 -20.02 -19.96
N ALA B 111 -4.17 -20.08 -18.98
CA ALA B 111 -5.54 -20.56 -19.21
C ALA B 111 -6.33 -19.53 -20.02
N THR B 112 -6.33 -19.72 -21.34
CA THR B 112 -6.90 -18.74 -22.27
C THR B 112 -7.54 -19.43 -23.45
N LYS B 113 -8.29 -18.66 -24.23
CA LYS B 113 -8.71 -19.11 -25.53
C LYS B 113 -7.46 -19.53 -26.30
N ARG B 114 -7.60 -20.47 -27.22
CA ARG B 114 -6.44 -20.90 -27.99
C ARG B 114 -6.70 -21.03 -29.48
N MET B 115 -5.62 -21.07 -30.25
CA MET B 115 -5.75 -21.15 -31.71
C MET B 115 -6.00 -22.59 -32.19
N TYR B 116 -6.45 -22.67 -33.44
CA TYR B 116 -6.55 -23.89 -34.25
C TYR B 116 -7.24 -25.04 -33.57
N ASP B 117 -8.52 -24.83 -33.26
CA ASP B 117 -9.39 -25.86 -32.70
C ASP B 117 -8.76 -26.44 -31.45
N ASP B 118 -8.35 -25.57 -30.54
CA ASP B 118 -7.82 -25.98 -29.24
C ASP B 118 -6.53 -26.81 -29.27
N LYS B 119 -5.75 -26.78 -30.36
CA LYS B 119 -4.44 -27.45 -30.46
C LYS B 119 -3.25 -26.49 -30.47
N GLY B 120 -3.50 -25.22 -30.75
CA GLY B 120 -2.43 -24.27 -30.95
C GLY B 120 -2.14 -23.51 -29.69
N ILE B 121 -1.44 -22.41 -29.85
CA ILE B 121 -1.08 -21.55 -28.71
C ILE B 121 -2.28 -20.96 -27.99
N GLY B 122 -2.09 -20.59 -26.73
CA GLY B 122 -3.01 -19.70 -26.05
C GLY B 122 -2.87 -18.30 -26.66
N PHE B 123 -3.98 -17.58 -26.75
CA PHE B 123 -3.93 -16.21 -27.24
C PHE B 123 -2.99 -15.42 -26.36
N PRO B 124 -2.01 -14.75 -26.97
CA PRO B 124 -1.20 -13.86 -26.15
C PRO B 124 -2.01 -12.61 -25.81
N VAL B 125 -1.54 -11.85 -24.82
CA VAL B 125 -2.12 -10.56 -24.51
C VAL B 125 -2.03 -9.66 -25.74
N GLU B 126 -3.17 -9.19 -26.20
CA GLU B 126 -3.22 -8.44 -27.46
C GLU B 126 -4.41 -7.50 -27.51
N GLY B 127 -4.35 -6.60 -28.49
CA GLY B 127 -5.38 -5.58 -28.68
C GLY B 127 -4.82 -4.21 -28.35
N MET B 128 -5.71 -3.41 -27.80
CA MET B 128 -5.49 -2.01 -27.50
C MET B 128 -4.24 -1.72 -26.67
N ASN B 129 -3.37 -0.87 -27.20
CA ASN B 129 -2.26 -0.32 -26.43
C ASN B 129 -2.40 1.17 -26.17
N PHE B 130 -2.24 1.56 -24.91
CA PHE B 130 -2.21 2.94 -24.51
C PHE B 130 -1.00 3.17 -23.57
N HIS B 131 -0.17 4.13 -23.92
CA HIS B 131 1.06 4.41 -23.21
C HIS B 131 1.22 5.91 -23.05
N MET B 132 1.36 6.35 -21.83
CA MET B 132 1.64 7.75 -21.62
C MET B 132 2.47 7.91 -20.37
N PHE B 133 3.31 8.94 -20.36
CA PHE B 133 3.90 9.42 -19.14
C PHE B 133 4.02 10.96 -19.09
N ALA B 134 4.20 11.46 -17.88
CA ALA B 134 4.34 12.86 -17.63
C ALA B 134 5.25 13.11 -16.44
N VAL B 135 6.09 14.13 -16.57
CA VAL B 135 6.96 14.62 -15.49
C VAL B 135 6.79 16.12 -15.38
N GLY B 136 6.51 16.59 -14.16
CA GLY B 136 6.35 18.00 -13.89
C GLY B 136 6.60 18.41 -12.46
N GLY B 137 6.47 19.73 -12.22
CA GLY B 137 6.72 20.34 -10.93
C GLY B 137 5.47 20.65 -10.14
N GLU B 138 4.35 20.09 -10.60
CA GLU B 138 3.05 20.21 -9.96
C GLU B 138 2.15 19.13 -10.57
N PRO B 139 0.97 18.88 -10.00
CA PRO B 139 0.17 17.79 -10.56
C PRO B 139 -0.24 18.03 -12.01
N LEU B 140 -0.39 16.94 -12.76
CA LEU B 140 -0.76 16.99 -14.17
C LEU B 140 -2.19 17.47 -14.22
N GLU B 141 -2.43 18.42 -15.10
CA GLU B 141 -3.71 19.08 -15.20
C GLU B 141 -4.56 18.36 -16.24
N LEU B 142 -5.77 18.02 -15.85
CA LEU B 142 -6.64 17.15 -16.63
C LEU B 142 -7.83 17.90 -17.22
N GLN B 143 -8.27 17.41 -18.38
CA GLN B 143 -9.50 17.84 -19.04
C GLN B 143 -10.41 16.61 -19.12
N PHE B 144 -11.68 16.77 -18.75
CA PHE B 144 -12.68 15.72 -18.94
C PHE B 144 -13.13 15.62 -20.41
N LEU B 145 -13.14 14.40 -20.95
CA LEU B 145 -13.72 14.11 -22.26
C LEU B 145 -14.00 12.62 -22.36
N THR B 146 -15.25 12.27 -22.65
CA THR B 146 -15.67 10.87 -22.61
C THR B 146 -16.42 10.48 -23.87
N GLY B 147 -16.44 9.18 -24.16
CA GLY B 147 -17.20 8.68 -25.29
C GLY B 147 -18.69 8.57 -25.01
N ASN B 148 -19.06 8.66 -23.73
CA ASN B 148 -20.44 8.53 -23.31
C ASN B 148 -20.74 9.35 -22.06
N TYR B 149 -21.43 10.48 -22.24
CA TYR B 149 -21.60 11.42 -21.16
C TYR B 149 -22.39 10.84 -19.99
N ARG B 150 -23.23 9.84 -20.25
CA ARG B 150 -24.08 9.22 -19.25
C ARG B 150 -23.39 8.17 -18.40
N THR B 151 -22.13 7.84 -18.69
CA THR B 151 -21.46 6.75 -17.99
C THR B 151 -21.65 6.93 -16.48
N ASP B 152 -22.17 5.90 -15.83
CA ASP B 152 -22.44 5.93 -14.40
C ASP B 152 -21.29 5.23 -13.67
N TYR B 153 -20.52 5.98 -12.88
CA TYR B 153 -19.33 5.46 -12.17
C TYR B 153 -19.58 5.06 -10.71
N SER B 154 -20.85 5.01 -10.31
CA SER B 154 -21.19 4.83 -8.90
C SER B 154 -21.01 3.40 -8.33
N ALA B 155 -20.73 2.41 -9.18
CA ALA B 155 -20.27 1.10 -8.68
C ALA B 155 -18.92 1.20 -7.93
N ASN B 156 -18.15 2.25 -8.20
CA ASN B 156 -16.92 2.51 -7.43
C ASN B 156 -16.77 3.99 -7.14
N ASP B 157 -17.22 4.37 -5.95
CA ASP B 157 -17.16 5.75 -5.50
C ASP B 157 -15.73 6.17 -5.07
N LYS B 158 -14.70 5.39 -5.42
CA LYS B 158 -13.32 5.82 -5.19
C LYS B 158 -12.74 6.41 -6.45
N LEU B 159 -13.47 6.28 -7.55
CA LEU B 159 -13.04 6.86 -8.80
C LEU B 159 -13.38 8.32 -8.73
N VAL B 160 -12.39 9.17 -8.96
CA VAL B 160 -12.62 10.61 -9.04
C VAL B 160 -13.15 10.96 -10.42
N VAL B 161 -14.42 11.36 -10.46
CA VAL B 161 -15.09 11.77 -11.68
C VAL B 161 -15.93 13.02 -11.37
N PRO B 162 -16.35 13.78 -12.40
CA PRO B 162 -17.11 14.96 -12.05
C PRO B 162 -18.40 14.56 -11.31
N PRO B 163 -18.91 15.44 -10.43
CA PRO B 163 -20.13 15.15 -9.69
C PRO B 163 -21.40 15.39 -10.52
N ILE B 164 -21.22 15.86 -11.76
CA ILE B 164 -22.33 16.29 -12.61
C ILE B 164 -22.10 15.80 -14.04
N LYS B 165 -23.17 15.53 -14.79
CA LYS B 165 -23.05 14.99 -16.14
C LYS B 165 -23.76 15.88 -17.14
N HIS B 166 -23.26 15.91 -18.36
CA HIS B 166 -23.85 16.74 -19.39
C HIS B 166 -23.38 16.33 -20.79
N GLN B 167 -24.31 16.46 -21.74
CA GLN B 167 -24.11 16.03 -23.13
C GLN B 167 -22.81 16.56 -23.73
N SER B 168 -22.47 17.80 -23.40
CA SER B 168 -21.30 18.49 -23.96
C SER B 168 -19.92 17.86 -23.65
N THR B 169 -19.87 16.91 -22.73
CA THR B 169 -18.60 16.30 -22.30
C THR B 169 -18.08 15.19 -23.20
N GLN B 170 -18.85 14.86 -24.24
CA GLN B 170 -18.37 14.07 -25.36
C GLN B 170 -17.54 14.93 -26.31
N GLY B 171 -17.55 16.25 -26.09
CA GLY B 171 -16.52 17.14 -26.67
C GLY B 171 -15.67 17.75 -25.57
N LEU B 172 -15.00 18.87 -25.89
CA LEU B 172 -14.24 19.62 -24.92
C LEU B 172 -15.13 20.72 -24.32
N ASN B 173 -15.42 20.56 -23.03
CA ASN B 173 -16.10 21.56 -22.26
C ASN B 173 -15.12 21.95 -21.16
N PRO B 174 -14.58 23.18 -21.24
CA PRO B 174 -13.51 23.59 -20.37
C PRO B 174 -13.93 23.85 -18.91
N HIS B 175 -15.21 23.72 -18.59
CA HIS B 175 -15.67 23.78 -17.19
C HIS B 175 -15.44 22.46 -16.46
N TYR B 176 -15.03 21.41 -17.16
CA TYR B 176 -14.79 20.09 -16.56
C TYR B 176 -13.29 19.73 -16.53
N LYS B 177 -12.64 20.08 -15.43
CA LYS B 177 -11.21 19.91 -15.28
C LYS B 177 -10.90 19.30 -13.93
N GLN B 178 -9.68 18.82 -13.78
CA GLN B 178 -9.19 18.29 -12.52
C GLN B 178 -7.68 18.32 -12.53
N LYS B 179 -7.09 17.94 -11.41
CA LYS B 179 -5.65 17.77 -11.33
C LYS B 179 -5.40 16.36 -10.89
N LEU B 180 -4.37 15.73 -11.43
CA LEU B 180 -4.10 14.32 -11.13
C LEU B 180 -3.39 14.22 -9.80
N THR B 181 -4.16 14.05 -8.72
CA THR B 181 -3.60 14.06 -7.37
C THR B 181 -3.70 12.75 -6.60
N LYS B 182 -4.31 11.73 -7.19
CA LYS B 182 -4.48 10.44 -6.52
C LYS B 182 -4.15 9.32 -7.50
N ASP B 183 -3.36 8.38 -7.03
CA ASP B 183 -2.99 7.20 -7.78
C ASP B 183 -4.19 6.26 -7.84
N GLY B 184 -4.45 5.68 -9.01
CA GLY B 184 -5.42 4.60 -9.14
C GLY B 184 -6.86 5.00 -8.97
N ALA B 185 -7.19 6.25 -9.34
CA ALA B 185 -8.52 6.83 -9.12
C ALA B 185 -9.10 7.68 -10.27
N PHE B 186 -8.28 8.20 -11.17
CA PHE B 186 -8.77 8.99 -12.31
C PHE B 186 -8.84 8.11 -13.55
N PRO B 187 -10.07 7.77 -14.02
CA PRO B 187 -10.18 6.89 -15.17
C PRO B 187 -9.58 7.46 -16.43
N VAL B 188 -8.90 6.59 -17.17
CA VAL B 188 -8.22 6.96 -18.38
C VAL B 188 -9.24 7.28 -19.45
N GLU B 189 -10.37 6.60 -19.40
CA GLU B 189 -11.42 6.78 -20.43
C GLU B 189 -12.10 8.14 -20.45
N CYS B 190 -12.02 8.90 -19.36
CA CYS B 190 -12.66 10.20 -19.29
C CYS B 190 -11.78 11.37 -18.91
N TRP B 191 -10.50 11.13 -18.63
CA TRP B 191 -9.59 12.21 -18.31
C TRP B 191 -8.37 12.16 -19.21
N CYS B 192 -8.04 13.31 -19.80
CA CYS B 192 -6.82 13.42 -20.58
C CYS B 192 -6.00 14.63 -20.16
N PRO B 193 -4.74 14.69 -20.62
CA PRO B 193 -3.99 15.90 -20.33
C PRO B 193 -4.66 17.15 -20.89
N ASP B 194 -4.66 18.21 -20.09
CA ASP B 194 -5.20 19.51 -20.49
C ASP B 194 -4.13 20.34 -21.21
N PRO B 195 -4.27 20.49 -22.54
CA PRO B 195 -3.25 21.17 -23.33
C PRO B 195 -3.25 22.70 -23.16
N SER B 196 -4.30 23.25 -22.58
CA SER B 196 -4.33 24.67 -22.31
C SER B 196 -3.59 25.00 -21.00
N LYS B 197 -3.15 24.00 -20.27
CA LYS B 197 -2.37 24.26 -19.08
C LYS B 197 -1.12 23.43 -19.18
N ASN B 198 -0.70 22.81 -18.07
CA ASN B 198 0.51 22.03 -18.04
C ASN B 198 1.72 22.74 -18.61
N GLU B 199 1.77 24.03 -18.39
CA GLU B 199 2.96 24.80 -18.71
C GLU B 199 4.23 24.29 -17.95
N ASN B 200 4.02 23.67 -16.78
CA ASN B 200 5.10 23.19 -15.90
C ASN B 200 5.22 21.65 -15.84
N THR B 201 4.63 21.00 -16.83
CA THR B 201 4.70 19.56 -17.00
C THR B 201 5.02 19.28 -18.48
N ARG B 202 5.74 18.19 -18.72
CA ARG B 202 5.88 17.59 -20.05
C ARG B 202 5.13 16.27 -20.08
N TYR B 203 4.26 16.07 -21.07
CA TYR B 203 3.59 14.78 -21.25
C TYR B 203 3.75 14.20 -22.65
N TYR B 204 3.72 12.87 -22.74
CA TYR B 204 3.92 12.16 -24.00
C TYR B 204 3.03 10.96 -23.97
N GLY B 205 2.24 10.77 -25.03
CA GLY B 205 1.34 9.62 -25.10
C GLY B 205 1.04 9.07 -26.48
N SER B 206 0.66 7.80 -26.53
CA SER B 206 0.16 7.22 -27.76
C SER B 206 -0.95 6.21 -27.51
N TYR B 207 -1.76 6.02 -28.54
CA TYR B 207 -2.85 5.04 -28.53
C TYR B 207 -2.81 4.24 -29.83
N THR B 208 -2.87 2.91 -29.71
CA THR B 208 -3.08 2.06 -30.88
C THR B 208 -4.28 1.21 -30.53
N GLY B 209 -5.39 1.35 -31.25
CA GLY B 209 -6.60 0.63 -30.87
C GLY B 209 -6.78 -0.65 -31.62
N GLY B 210 -8.02 -0.95 -31.97
CA GLY B 210 -8.34 -2.17 -32.67
C GLY B 210 -8.70 -3.23 -31.66
N GLN B 211 -9.09 -4.39 -32.17
CA GLN B 211 -9.64 -5.47 -31.35
C GLN B 211 -8.62 -6.46 -30.84
N SER B 212 -7.79 -6.92 -31.76
CA SER B 212 -6.85 -8.01 -31.54
C SER B 212 -5.44 -7.65 -32.03
N THR B 213 -5.27 -6.38 -32.38
CA THR B 213 -4.00 -5.78 -32.83
C THR B 213 -2.74 -6.23 -32.06
N PRO B 214 -1.66 -6.57 -32.80
CA PRO B 214 -0.39 -6.85 -32.13
C PRO B 214 0.13 -5.70 -31.25
N PRO B 215 0.51 -5.99 -29.97
CA PRO B 215 1.27 -4.97 -29.24
C PRO B 215 2.66 -4.79 -29.87
N VAL B 216 3.11 -3.54 -30.03
CA VAL B 216 4.48 -3.23 -30.48
C VAL B 216 5.14 -2.41 -29.36
N LEU B 217 6.17 -3.00 -28.76
CA LEU B 217 6.78 -2.47 -27.54
C LEU B 217 8.29 -2.52 -27.66
N GLN B 218 8.96 -1.58 -26.98
CA GLN B 218 10.40 -1.41 -27.04
C GLN B 218 10.82 -1.21 -25.58
N PHE B 219 11.97 -1.76 -25.23
CA PHE B 219 12.59 -1.54 -23.92
C PHE B 219 14.10 -1.40 -24.09
N THR B 220 14.68 -0.42 -23.37
CA THR B 220 16.12 -0.12 -23.44
C THR B 220 16.47 0.79 -22.28
N ASN B 221 17.75 0.75 -21.84
CA ASN B 221 18.25 1.68 -20.82
C ASN B 221 19.18 2.75 -21.40
N THR B 222 19.08 3.00 -22.71
CA THR B 222 20.00 3.91 -23.42
C THR B 222 19.33 5.18 -23.97
N VAL B 223 18.05 5.38 -23.72
CA VAL B 223 17.32 6.52 -24.27
C VAL B 223 17.02 7.56 -23.19
N THR B 224 17.41 8.80 -23.44
CA THR B 224 17.12 9.95 -22.60
C THR B 224 16.13 10.91 -23.26
N THR B 225 15.08 11.26 -22.52
CA THR B 225 14.13 12.27 -22.92
C THR B 225 14.48 13.63 -22.30
N VAL B 226 14.80 14.61 -23.14
CA VAL B 226 15.09 15.94 -22.65
C VAL B 226 13.77 16.61 -22.28
N LEU B 227 13.72 17.17 -21.07
CA LEU B 227 12.51 17.81 -20.58
C LEU B 227 12.59 19.34 -20.65
N LEU B 228 13.74 19.86 -21.03
CA LEU B 228 13.89 21.32 -21.19
C LEU B 228 13.03 21.81 -22.35
N ASP B 229 12.35 22.95 -22.18
CA ASP B 229 11.55 23.55 -23.26
C ASP B 229 12.42 24.33 -24.26
N GLU B 230 11.76 25.08 -25.13
CA GLU B 230 12.41 25.88 -26.18
C GLU B 230 13.34 26.97 -25.62
N ASN B 231 13.09 27.40 -24.39
CA ASN B 231 13.95 28.39 -23.73
C ASN B 231 14.99 27.79 -22.81
N GLY B 232 15.15 26.48 -22.85
CA GLY B 232 16.15 25.79 -22.01
C GLY B 232 15.74 25.60 -20.54
N VAL B 233 14.43 25.64 -20.29
CA VAL B 233 13.86 25.57 -18.93
C VAL B 233 13.01 24.29 -18.78
N GLY B 234 13.30 23.53 -17.74
CA GLY B 234 12.53 22.32 -17.42
C GLY B 234 11.49 22.60 -16.38
N PRO B 235 10.68 21.58 -16.04
CA PRO B 235 9.70 21.73 -14.99
C PRO B 235 10.37 22.16 -13.70
N LEU B 236 9.77 23.13 -13.02
CA LEU B 236 10.31 23.65 -11.77
C LEU B 236 9.45 23.14 -10.63
N CYS B 237 10.08 22.45 -9.68
CA CYS B 237 9.37 21.70 -8.64
C CYS B 237 8.92 22.60 -7.50
N LYS B 238 7.66 23.02 -7.60
CA LYS B 238 7.03 23.87 -6.62
C LYS B 238 6.87 23.14 -5.29
N GLY B 239 7.19 23.83 -4.21
CA GLY B 239 7.25 23.22 -2.88
C GLY B 239 8.10 21.96 -2.82
N ASP B 240 9.18 21.94 -3.61
CA ASP B 240 10.10 20.79 -3.68
C ASP B 240 9.38 19.46 -3.94
N GLY B 241 8.42 19.49 -4.84
CA GLY B 241 7.65 18.30 -5.22
C GLY B 241 7.81 18.02 -6.71
N LEU B 242 8.21 16.79 -7.03
CA LEU B 242 8.32 16.28 -8.39
C LEU B 242 7.15 15.33 -8.62
N TYR B 243 6.45 15.54 -9.73
CA TYR B 243 5.23 14.79 -10.02
C TYR B 243 5.45 13.93 -11.25
N VAL B 244 5.12 12.67 -11.09
CA VAL B 244 5.32 11.68 -12.12
C VAL B 244 3.99 10.93 -12.29
N SER B 245 3.58 10.75 -13.55
CA SER B 245 2.34 10.07 -13.89
C SER B 245 2.51 9.20 -15.13
N CYS B 246 1.73 8.12 -15.24
CA CYS B 246 1.75 7.29 -16.43
C CYS B 246 0.55 6.37 -16.55
N CYS B 247 0.39 5.80 -17.75
CA CYS B 247 -0.46 4.62 -17.97
C CYS B 247 0.15 3.77 -19.06
N ASP B 248 0.21 2.45 -18.82
CA ASP B 248 0.75 1.50 -19.77
C ASP B 248 -0.12 0.26 -19.92
N ILE B 249 -1.13 0.38 -20.78
CA ILE B 249 -1.98 -0.72 -21.22
C ILE B 249 -1.43 -1.44 -22.46
N VAL B 250 -1.29 -2.77 -22.34
CA VAL B 250 -0.64 -3.58 -23.38
C VAL B 250 -1.57 -4.58 -24.12
N GLY B 251 -2.87 -4.54 -23.81
CA GLY B 251 -3.84 -5.38 -24.48
C GLY B 251 -4.79 -6.06 -23.49
N PHE B 252 -5.43 -7.12 -23.95
CA PHE B 252 -6.37 -7.87 -23.15
C PHE B 252 -5.93 -9.29 -23.10
N LEU B 253 -6.17 -9.92 -21.95
CA LEU B 253 -6.03 -11.39 -21.80
C LEU B 253 -7.38 -11.98 -22.11
N VAL B 254 -7.43 -12.93 -23.05
CA VAL B 254 -8.69 -13.59 -23.45
C VAL B 254 -8.85 -14.94 -22.76
N GLY B 255 -9.79 -15.04 -21.81
CA GLY B 255 -10.11 -16.33 -21.16
C GLY B 255 -10.72 -17.36 -22.08
N LYS B 256 -10.81 -18.61 -21.59
CA LYS B 256 -11.32 -19.75 -22.35
C LYS B 256 -12.71 -19.57 -22.89
N ASP B 257 -13.57 -18.93 -22.10
CA ASP B 257 -14.95 -18.70 -22.53
C ASP B 257 -15.11 -17.36 -23.26
N GLY B 258 -14.01 -16.66 -23.52
CA GLY B 258 -14.03 -15.39 -24.27
C GLY B 258 -14.11 -14.14 -23.42
N ASP B 259 -14.26 -14.30 -22.10
CA ASP B 259 -14.15 -13.20 -21.13
C ASP B 259 -12.78 -12.53 -21.30
N MET B 260 -12.74 -11.21 -21.14
CA MET B 260 -11.54 -10.40 -21.35
C MET B 260 -11.23 -9.43 -20.23
N GLN B 261 -9.94 -9.27 -19.95
CA GLN B 261 -9.47 -8.31 -18.97
C GLN B 261 -8.28 -7.53 -19.55
N TYR B 262 -8.17 -6.26 -19.16
CA TYR B 262 -7.01 -5.39 -19.47
C TYR B 262 -5.79 -5.90 -18.76
N ARG B 263 -4.64 -5.79 -19.41
CA ARG B 263 -3.36 -6.06 -18.80
C ARG B 263 -2.51 -4.79 -18.91
N GLY B 264 -1.88 -4.39 -17.81
CA GLY B 264 -0.96 -3.26 -17.85
C GLY B 264 0.40 -3.65 -17.34
N LEU B 265 1.39 -2.81 -17.61
CA LEU B 265 2.74 -3.06 -17.14
C LEU B 265 3.30 -1.88 -16.35
N PRO B 266 4.24 -2.14 -15.41
CA PRO B 266 4.77 -1.04 -14.63
C PRO B 266 5.73 -0.18 -15.42
N ARG B 267 6.05 1.00 -14.89
CA ARG B 267 6.97 1.92 -15.53
C ARG B 267 8.00 2.44 -14.56
N TYR B 268 9.25 2.48 -15.03
CA TYR B 268 10.42 3.01 -14.30
C TYR B 268 10.76 4.43 -14.77
N PHE B 269 11.28 5.26 -13.87
CA PHE B 269 11.76 6.62 -14.19
C PHE B 269 13.07 6.89 -13.48
N ASN B 270 14.00 7.50 -14.21
CA ASN B 270 15.25 8.02 -13.66
C ASN B 270 15.30 9.48 -14.11
N ILE B 271 15.12 10.41 -13.16
CA ILE B 271 14.98 11.83 -13.48
C ILE B 271 16.16 12.61 -12.91
N LEU B 272 16.80 13.37 -13.78
CA LEU B 272 17.90 14.26 -13.42
C LEU B 272 17.41 15.70 -13.19
N LEU B 273 17.75 16.25 -12.02
CA LEU B 273 17.33 17.60 -11.65
C LEU B 273 18.52 18.45 -11.31
N ARG B 274 18.40 19.75 -11.49
CA ARG B 274 19.46 20.69 -11.17
C ARG B 274 18.84 21.83 -10.39
N LYS B 275 19.68 22.60 -9.70
CA LYS B 275 19.21 23.71 -8.87
C LYS B 275 19.18 24.98 -9.72
N ARG B 276 18.06 25.70 -9.67
CA ARG B 276 17.85 26.87 -10.54
C ARG B 276 17.40 28.04 -9.69
N THR B 277 18.03 29.19 -9.88
CA THR B 277 17.69 30.37 -9.12
C THR B 277 16.52 31.01 -9.82
N VAL B 278 15.56 31.47 -9.04
CA VAL B 278 14.34 32.11 -9.57
C VAL B 278 14.01 33.33 -8.73
N ARG B 279 13.30 34.28 -9.32
CA ARG B 279 12.90 35.50 -8.65
C ARG B 279 11.78 35.20 -7.67
N ASN B 280 11.90 35.78 -6.47
CA ASN B 280 10.81 35.85 -5.51
C ASN B 280 10.69 37.29 -5.00
N GLU C 11 34.69 4.47 -10.53
CA GLU C 11 35.11 5.88 -10.84
C GLU C 11 36.10 5.93 -11.99
N VAL C 12 35.64 6.48 -13.10
CA VAL C 12 36.31 6.38 -14.38
C VAL C 12 37.27 7.55 -14.60
N LEU C 13 38.45 7.26 -15.14
CA LEU C 13 39.45 8.28 -15.47
C LEU C 13 39.63 8.20 -16.98
N ASN C 14 40.84 8.41 -17.50
CA ASN C 14 40.99 8.55 -18.96
C ASN C 14 41.47 7.28 -19.65
N LEU C 15 41.40 7.31 -20.98
CA LEU C 15 41.85 6.19 -21.80
C LEU C 15 43.36 6.02 -21.71
N VAL C 16 43.86 4.84 -22.05
CA VAL C 16 45.32 4.61 -22.07
C VAL C 16 45.74 4.49 -23.52
N THR C 17 46.98 4.88 -23.81
CA THR C 17 47.48 4.93 -25.18
C THR C 17 48.35 3.73 -25.54
N GLY C 18 48.71 3.64 -26.81
CA GLY C 18 49.77 2.77 -27.27
C GLY C 18 49.26 1.56 -28.02
N PRO C 19 50.20 0.70 -28.48
CA PRO C 19 49.81 -0.54 -29.13
C PRO C 19 49.05 -1.43 -28.17
N ASP C 20 48.08 -2.16 -28.71
CA ASP C 20 47.27 -3.08 -27.90
C ASP C 20 46.48 -2.38 -26.79
N SER C 21 46.18 -1.11 -26.99
CA SER C 21 45.16 -0.44 -26.20
C SER C 21 43.76 -0.87 -26.67
N ILE C 22 43.67 -1.50 -27.84
CA ILE C 22 42.39 -1.97 -28.40
C ILE C 22 42.35 -3.49 -28.55
N THR C 23 41.15 -4.06 -28.45
CA THR C 23 40.92 -5.47 -28.79
C THR C 23 39.48 -5.70 -29.28
N THR C 24 39.30 -6.76 -30.08
CA THR C 24 37.96 -7.18 -30.54
C THR C 24 37.61 -8.59 -30.04
N ILE C 25 36.31 -8.81 -29.84
CA ILE C 25 35.77 -10.12 -29.47
C ILE C 25 34.65 -10.45 -30.45
N GLU C 26 34.68 -11.65 -31.01
CA GLU C 26 33.69 -12.13 -31.96
C GLU C 26 33.03 -13.40 -31.40
N LEU C 27 31.71 -13.53 -31.52
CA LEU C 27 31.02 -14.73 -31.04
C LEU C 27 29.61 -14.83 -31.61
N TYR C 28 28.99 -15.98 -31.42
CA TYR C 28 27.56 -16.12 -31.69
C TYR C 28 26.90 -16.87 -30.55
N LEU C 29 25.60 -16.72 -30.43
CA LEU C 29 24.86 -17.52 -29.45
C LEU C 29 23.72 -18.17 -30.16
N ASN C 30 23.58 -19.47 -29.96
CA ASN C 30 22.45 -20.22 -30.44
C ASN C 30 21.23 -20.03 -29.55
N THR C 31 20.06 -20.22 -30.16
CA THR C 31 18.81 -19.91 -29.52
C THR C 31 18.42 -20.97 -28.48
N ARG C 32 17.64 -20.55 -27.49
CA ARG C 32 17.20 -21.45 -26.42
C ARG C 32 15.68 -21.40 -26.28
N MET C 33 15.00 -22.03 -27.24
CA MET C 33 13.54 -22.08 -27.29
C MET C 33 12.95 -23.21 -26.44
N GLY C 34 13.75 -24.22 -26.13
CA GLY C 34 13.24 -25.30 -25.29
C GLY C 34 13.91 -26.61 -25.59
N GLN C 35 13.99 -26.93 -26.88
CA GLN C 35 14.81 -28.04 -27.32
CA GLN C 35 14.80 -28.05 -27.33
C GLN C 35 16.19 -27.47 -27.63
N ASN C 36 17.03 -27.51 -26.61
CA ASN C 36 18.31 -26.83 -26.60
C ASN C 36 19.51 -27.76 -26.80
N ASP C 37 19.24 -28.98 -27.23
CA ASP C 37 20.27 -29.97 -27.48
C ASP C 37 20.48 -30.15 -28.97
N GLU C 38 21.65 -29.73 -29.45
CA GLU C 38 21.97 -29.68 -30.87
C GLU C 38 22.12 -31.04 -31.56
N SER C 39 22.12 -32.13 -30.78
CA SER C 39 22.17 -33.47 -31.35
C SER C 39 20.77 -34.06 -31.60
N LYS C 40 19.72 -33.39 -31.14
CA LYS C 40 18.38 -33.94 -31.18
C LYS C 40 17.49 -33.19 -32.15
N ASP C 41 16.39 -33.85 -32.55
CA ASP C 41 15.40 -33.25 -33.45
C ASP C 41 14.87 -31.97 -32.83
N ASN C 42 14.15 -31.17 -33.62
CA ASN C 42 13.52 -29.95 -33.12
C ASN C 42 14.46 -28.97 -32.41
N TYR C 43 15.76 -29.06 -32.67
CA TYR C 43 16.71 -28.14 -32.09
C TYR C 43 16.41 -26.78 -32.65
N GLY C 44 16.51 -25.74 -31.82
CA GLY C 44 16.19 -24.38 -32.27
C GLY C 44 14.70 -24.06 -32.23
N TYR C 45 13.93 -25.00 -31.71
CA TYR C 45 12.49 -24.85 -31.55
C TYR C 45 12.19 -25.20 -30.11
N SER C 46 10.99 -24.86 -29.67
CA SER C 46 10.43 -25.37 -28.42
C SER C 46 9.75 -26.71 -28.66
N GLU C 47 9.44 -27.43 -27.58
CA GLU C 47 8.47 -28.51 -27.66
C GLU C 47 7.09 -27.87 -27.88
N LYS C 48 6.12 -28.68 -28.29
CA LYS C 48 4.79 -28.15 -28.56
C LYS C 48 4.25 -27.37 -27.37
N VAL C 49 3.65 -26.23 -27.66
CA VAL C 49 3.06 -25.41 -26.61
C VAL C 49 1.78 -26.09 -26.11
N THR C 50 1.59 -26.07 -24.79
CA THR C 50 0.41 -26.64 -24.16
C THR C 50 -0.25 -25.51 -23.39
N VAL C 51 -1.53 -25.65 -23.08
CA VAL C 51 -2.29 -24.55 -22.50
C VAL C 51 -2.96 -25.02 -21.21
N ALA C 52 -2.84 -24.24 -20.13
CA ALA C 52 -3.42 -24.61 -18.85
C ALA C 52 -4.95 -24.68 -18.87
N ASN C 53 -5.50 -25.60 -18.09
CA ASN C 53 -6.95 -25.73 -17.91
C ASN C 53 -7.48 -24.67 -16.94
N SER C 54 -6.62 -24.23 -16.03
CA SER C 54 -6.93 -23.11 -15.15
C SER C 54 -5.64 -22.52 -14.62
N SER C 55 -5.70 -21.31 -14.09
CA SER C 55 -4.52 -20.57 -13.65
C SER C 55 -3.85 -21.19 -12.44
N ASP C 56 -4.58 -22.01 -11.68
CA ASP C 56 -4.01 -22.76 -10.56
C ASP C 56 -3.44 -24.14 -10.97
N GLN C 57 -3.58 -24.48 -12.26
CA GLN C 57 -2.94 -25.67 -12.84
C GLN C 57 -2.12 -25.29 -14.08
N ASP C 58 -1.35 -24.24 -13.98
CA ASP C 58 -0.58 -23.72 -15.09
C ASP C 58 0.85 -24.24 -14.95
N LYS C 59 1.11 -25.42 -15.51
CA LYS C 59 2.39 -26.08 -15.30
C LYS C 59 2.96 -26.48 -16.64
N PRO C 60 3.80 -25.63 -17.23
CA PRO C 60 4.22 -25.98 -18.60
C PRO C 60 5.07 -27.24 -18.66
N THR C 61 5.04 -27.92 -19.81
CA THR C 61 5.86 -29.11 -20.00
C THR C 61 7.31 -28.70 -20.18
N SER C 62 8.21 -29.63 -19.90
CA SER C 62 9.64 -29.38 -20.00
C SER C 62 10.02 -29.15 -21.45
N GLY C 63 10.71 -28.05 -21.71
CA GLY C 63 11.09 -27.70 -23.06
C GLY C 63 10.15 -26.85 -23.90
N GLU C 64 8.98 -26.46 -23.39
CA GLU C 64 8.10 -25.55 -24.18
C GLU C 64 8.31 -24.05 -23.91
N ILE C 65 9.36 -23.71 -23.15
CA ILE C 65 9.50 -22.39 -22.56
C ILE C 65 10.81 -21.78 -22.99
N PRO C 66 10.75 -20.66 -23.71
CA PRO C 66 11.98 -19.99 -24.13
C PRO C 66 12.76 -19.41 -22.96
N THR C 67 14.08 -19.50 -23.04
CA THR C 67 14.99 -18.91 -22.07
C THR C 67 15.98 -17.98 -22.76
N TYR C 68 16.70 -17.18 -21.97
CA TYR C 68 17.73 -16.28 -22.52
C TYR C 68 18.98 -17.06 -22.89
N SER C 69 19.65 -16.58 -23.94
CA SER C 69 20.97 -17.06 -24.25
C SER C 69 21.91 -16.11 -23.57
N THR C 70 23.06 -16.62 -23.14
CA THR C 70 24.05 -15.79 -22.46
C THR C 70 25.41 -16.46 -22.45
N ALA C 71 26.44 -15.62 -22.42
CA ALA C 71 27.81 -16.10 -22.23
C ALA C 71 28.69 -15.06 -21.54
N ARG C 72 29.59 -15.54 -20.69
CA ARG C 72 30.71 -14.73 -20.20
C ARG C 72 31.90 -15.04 -21.09
N ILE C 73 32.58 -14.00 -21.56
CA ILE C 73 33.79 -14.19 -22.37
C ILE C 73 34.98 -13.62 -21.65
N ASN C 74 36.05 -14.41 -21.60
CA ASN C 74 37.30 -14.01 -21.00
C ASN C 74 38.05 -13.11 -21.94
N LEU C 75 38.41 -11.93 -21.46
CA LEU C 75 39.18 -10.99 -22.25
C LEU C 75 40.65 -11.17 -21.91
N PRO C 76 41.55 -10.69 -22.79
CA PRO C 76 42.98 -10.75 -22.51
C PRO C 76 43.30 -10.15 -21.16
N MET C 77 44.07 -10.88 -20.37
CA MET C 77 44.22 -10.53 -18.97
C MET C 77 45.03 -9.25 -18.78
N LEU C 78 44.45 -8.32 -18.01
CA LEU C 78 45.13 -7.10 -17.58
C LEU C 78 45.83 -7.36 -16.24
N ASN C 79 47.06 -7.86 -16.32
CA ASN C 79 47.85 -8.15 -15.13
C ASN C 79 48.51 -6.87 -14.63
N GLU C 80 48.35 -6.56 -13.35
CA GLU C 80 48.84 -5.29 -12.81
C GLU C 80 48.82 -5.32 -11.28
N ASP C 81 49.60 -4.41 -10.71
CA ASP C 81 49.67 -4.21 -9.28
C ASP C 81 48.32 -3.68 -8.78
N LEU C 82 47.71 -4.41 -7.85
CA LEU C 82 46.39 -4.08 -7.29
C LEU C 82 46.43 -3.12 -6.09
N THR C 83 47.63 -2.67 -5.72
CA THR C 83 47.81 -1.81 -4.56
C THR C 83 47.95 -0.32 -4.89
N CYS C 84 47.93 0.03 -6.16
CA CYS C 84 48.10 1.42 -6.62
C CYS C 84 46.79 2.20 -6.68
N ASN C 85 46.90 3.50 -6.99
CA ASN C 85 45.79 4.45 -7.07
C ASN C 85 44.80 4.20 -8.22
N THR C 86 45.27 3.55 -9.27
CA THR C 86 44.44 3.29 -10.42
C THR C 86 44.57 1.84 -10.82
N LEU C 87 43.61 1.38 -11.62
CA LEU C 87 43.63 0.09 -12.32
C LEU C 87 43.22 0.33 -13.78
N THR C 88 43.35 -0.71 -14.60
CA THR C 88 42.93 -0.72 -16.00
C THR C 88 41.81 -1.72 -16.19
N MET C 89 40.82 -1.36 -16.99
CA MET C 89 39.70 -2.25 -17.35
C MET C 89 39.47 -2.19 -18.85
N TRP C 90 38.89 -3.26 -19.39
CA TRP C 90 38.39 -3.28 -20.74
C TRP C 90 37.05 -2.56 -20.75
N GLU C 91 36.88 -1.70 -21.75
CA GLU C 91 35.69 -0.86 -21.90
C GLU C 91 35.06 -1.20 -23.26
N ALA C 92 33.85 -1.76 -23.25
CA ALA C 92 33.15 -2.07 -24.49
C ALA C 92 32.69 -0.79 -25.14
N VAL C 93 33.20 -0.51 -26.33
CA VAL C 93 32.92 0.74 -27.05
C VAL C 93 31.71 0.61 -27.98
N SER C 94 31.59 -0.53 -28.65
CA SER C 94 30.62 -0.68 -29.72
C SER C 94 30.44 -2.13 -30.09
N VAL C 95 29.30 -2.45 -30.69
CA VAL C 95 29.01 -3.81 -31.09
C VAL C 95 28.32 -3.83 -32.45
N LYS C 96 28.69 -4.78 -33.31
CA LYS C 96 27.92 -5.10 -34.50
C LYS C 96 27.28 -6.45 -34.24
N THR C 97 25.97 -6.49 -34.31
CA THR C 97 25.23 -7.68 -33.94
C THR C 97 24.15 -7.89 -34.97
N GLU C 98 23.86 -9.13 -35.31
CA GLU C 98 22.80 -9.41 -36.26
C GLU C 98 22.24 -10.78 -35.99
N VAL C 99 21.01 -10.95 -36.45
CA VAL C 99 20.32 -12.21 -36.39
C VAL C 99 20.73 -12.98 -37.62
N VAL C 100 21.14 -14.22 -37.39
CA VAL C 100 21.64 -15.07 -38.43
C VAL C 100 20.56 -16.02 -38.88
N GLY C 101 20.57 -16.33 -40.16
CA GLY C 101 19.62 -17.28 -40.73
C GLY C 101 18.21 -16.79 -41.03
N VAL C 102 18.03 -15.49 -41.22
CA VAL C 102 16.69 -14.95 -41.42
C VAL C 102 16.07 -15.59 -42.68
N SER C 103 16.88 -15.81 -43.70
CA SER C 103 16.44 -16.43 -44.95
C SER C 103 15.78 -17.80 -44.76
N SER C 104 16.13 -18.50 -43.67
CA SER C 104 15.53 -19.80 -43.34
C SER C 104 14.00 -19.74 -43.18
N LEU C 105 13.48 -18.55 -42.88
CA LEU C 105 12.03 -18.34 -42.83
C LEU C 105 11.36 -18.33 -44.22
N VAL C 106 12.16 -18.32 -45.29
CA VAL C 106 11.64 -18.45 -46.63
C VAL C 106 11.49 -19.92 -46.97
N ASN C 107 10.46 -20.52 -46.40
CA ASN C 107 10.25 -21.94 -46.51
C ASN C 107 8.79 -22.21 -46.19
N VAL C 108 8.05 -22.64 -47.20
CA VAL C 108 6.65 -22.89 -47.05
C VAL C 108 6.30 -24.34 -47.45
N HIS C 109 7.29 -25.25 -47.45
CA HIS C 109 7.04 -26.66 -47.80
C HIS C 109 7.24 -27.66 -46.65
N MET C 110 7.47 -27.17 -45.43
CA MET C 110 7.63 -28.06 -44.26
C MET C 110 6.28 -28.65 -43.83
N ALA C 111 6.34 -29.71 -43.02
CA ALA C 111 5.12 -30.42 -42.57
C ALA C 111 4.29 -29.54 -41.63
N THR C 112 3.50 -28.66 -42.24
CA THR C 112 2.77 -27.64 -41.51
C THR C 112 1.31 -27.65 -41.96
N LYS C 113 0.49 -26.91 -41.23
CA LYS C 113 -0.82 -26.48 -41.73
C LYS C 113 -0.64 -25.66 -43.03
N ARG C 114 -1.61 -25.70 -43.92
CA ARG C 114 -1.42 -25.01 -45.20
C ARG C 114 -2.68 -24.26 -45.57
N MET C 115 -2.51 -23.32 -46.48
CA MET C 115 -3.55 -22.38 -46.89
C MET C 115 -4.51 -22.97 -47.90
N TYR C 116 -5.60 -22.24 -48.13
CA TYR C 116 -6.59 -22.51 -49.18
C TYR C 116 -6.98 -23.98 -49.36
N ASP C 117 -7.75 -24.48 -48.39
CA ASP C 117 -8.34 -25.81 -48.44
C ASP C 117 -7.33 -26.87 -48.86
N ASP C 118 -6.18 -26.85 -48.20
CA ASP C 118 -5.08 -27.79 -48.41
C ASP C 118 -4.44 -27.87 -49.80
N LYS C 119 -4.55 -26.78 -50.56
CA LYS C 119 -3.87 -26.65 -51.84
C LYS C 119 -2.71 -25.65 -51.86
N GLY C 120 -2.71 -24.66 -50.98
CA GLY C 120 -1.73 -23.55 -51.05
C GLY C 120 -0.43 -23.80 -50.30
N ILE C 121 0.24 -22.72 -49.92
CA ILE C 121 1.53 -22.85 -49.22
C ILE C 121 1.36 -23.36 -47.76
N GLY C 122 2.43 -23.93 -47.24
CA GLY C 122 2.48 -24.25 -45.83
C GLY C 122 2.61 -22.94 -45.07
N PHE C 123 1.97 -22.86 -43.91
CA PHE C 123 2.08 -21.66 -43.10
C PHE C 123 3.57 -21.44 -42.83
N PRO C 124 4.08 -20.25 -43.20
CA PRO C 124 5.42 -19.97 -42.73
C PRO C 124 5.46 -19.71 -41.21
N VAL C 125 6.67 -19.68 -40.67
CA VAL C 125 6.88 -19.34 -39.28
C VAL C 125 6.42 -17.91 -39.09
N GLU C 126 5.44 -17.72 -38.22
CA GLU C 126 4.83 -16.43 -38.07
C GLU C 126 4.28 -16.25 -36.68
N GLY C 127 3.90 -15.01 -36.36
CA GLY C 127 3.36 -14.68 -35.05
C GLY C 127 4.36 -13.88 -34.21
N MET C 128 4.24 -14.03 -32.89
CA MET C 128 5.02 -13.31 -31.89
C MET C 128 6.50 -13.19 -32.25
N ASN C 129 7.01 -11.96 -32.19
CA ASN C 129 8.42 -11.69 -32.32
C ASN C 129 9.00 -10.99 -31.10
N PHE C 130 10.07 -11.56 -30.56
CA PHE C 130 10.73 -11.01 -29.40
C PHE C 130 12.23 -10.99 -29.65
N HIS C 131 12.80 -9.80 -29.56
CA HIS C 131 14.21 -9.61 -29.92
C HIS C 131 14.85 -8.73 -28.88
N MET C 132 15.90 -9.24 -28.25
CA MET C 132 16.70 -8.44 -27.36
C MET C 132 18.15 -8.89 -27.39
N PHE C 133 19.03 -7.94 -27.09
CA PHE C 133 20.43 -8.21 -26.83
C PHE C 133 20.94 -7.27 -25.76
N ALA C 134 22.00 -7.68 -25.09
CA ALA C 134 22.62 -6.92 -24.02
C ALA C 134 24.11 -7.19 -24.02
N VAL C 135 24.88 -6.14 -23.77
CA VAL C 135 26.33 -6.24 -23.70
C VAL C 135 26.77 -5.49 -22.47
N GLY C 136 27.47 -6.17 -21.57
CA GLY C 136 27.85 -5.60 -20.29
C GLY C 136 29.14 -6.12 -19.71
N GLY C 137 29.54 -5.48 -18.62
CA GLY C 137 30.77 -5.79 -17.95
C GLY C 137 30.58 -6.61 -16.69
N GLU C 138 29.36 -7.16 -16.54
CA GLU C 138 28.93 -8.02 -15.44
C GLU C 138 27.59 -8.64 -15.89
N PRO C 139 27.05 -9.62 -15.15
CA PRO C 139 25.79 -10.21 -15.62
C PRO C 139 24.65 -9.21 -15.73
N LEU C 140 23.79 -9.43 -16.72
CA LEU C 140 22.53 -8.70 -16.84
C LEU C 140 21.70 -8.90 -15.59
N GLU C 141 21.31 -7.79 -15.00
CA GLU C 141 20.51 -7.80 -13.80
C GLU C 141 19.05 -7.91 -14.22
N LEU C 142 18.33 -8.82 -13.56
CA LEU C 142 16.96 -9.22 -13.91
C LEU C 142 15.95 -8.87 -12.83
N GLN C 143 14.75 -8.50 -13.28
CA GLN C 143 13.60 -8.25 -12.43
C GLN C 143 12.57 -9.32 -12.78
N PHE C 144 11.90 -9.89 -11.76
CA PHE C 144 10.85 -10.90 -11.97
C PHE C 144 9.50 -10.22 -12.22
N LEU C 145 8.81 -10.62 -13.29
CA LEU C 145 7.46 -10.14 -13.56
C LEU C 145 6.79 -11.16 -14.45
N THR C 146 5.62 -11.63 -14.04
CA THR C 146 4.94 -12.69 -14.78
C THR C 146 3.46 -12.35 -15.00
N GLY C 147 2.87 -12.93 -16.05
CA GLY C 147 1.43 -12.77 -16.29
C GLY C 147 0.59 -13.66 -15.37
N ASN C 148 1.20 -14.71 -14.78
CA ASN C 148 0.51 -15.56 -13.80
C ASN C 148 1.45 -15.97 -12.64
N TYR C 149 1.21 -15.41 -11.45
CA TYR C 149 2.07 -15.68 -10.28
C TYR C 149 2.16 -17.17 -9.91
N ARG C 150 1.14 -17.95 -10.25
CA ARG C 150 1.03 -19.37 -9.88
C ARG C 150 1.76 -20.31 -10.81
N THR C 151 2.32 -19.81 -11.91
CA THR C 151 2.99 -20.66 -12.85
C THR C 151 3.93 -21.60 -12.09
N ASP C 152 3.84 -22.88 -12.45
CA ASP C 152 4.59 -23.96 -11.85
C ASP C 152 5.66 -24.43 -12.84
N TYR C 153 6.90 -24.08 -12.57
CA TYR C 153 8.04 -24.46 -13.41
C TYR C 153 8.68 -25.81 -13.05
N SER C 154 8.07 -26.58 -12.15
CA SER C 154 8.72 -27.79 -11.59
C SER C 154 8.75 -29.01 -12.54
N ALA C 155 8.21 -28.88 -13.75
CA ALA C 155 8.44 -29.89 -14.80
C ALA C 155 9.87 -29.86 -15.34
N ASN C 156 10.57 -28.74 -15.12
CA ASN C 156 11.97 -28.66 -15.47
C ASN C 156 12.78 -27.97 -14.38
N ASP C 157 13.47 -28.76 -13.57
CA ASP C 157 14.26 -28.18 -12.46
C ASP C 157 15.56 -27.47 -12.89
N LYS C 158 15.88 -27.46 -14.18
CA LYS C 158 16.98 -26.61 -14.68
C LYS C 158 16.61 -25.12 -14.79
N LEU C 159 15.32 -24.80 -14.81
CA LEU C 159 14.93 -23.40 -14.94
C LEU C 159 15.24 -22.67 -13.64
N VAL C 160 15.71 -21.43 -13.74
CA VAL C 160 16.00 -20.65 -12.53
C VAL C 160 14.84 -19.68 -12.32
N VAL C 161 14.14 -19.89 -11.21
CA VAL C 161 12.94 -19.14 -10.89
C VAL C 161 12.93 -18.92 -9.39
N PRO C 162 12.15 -17.95 -8.90
CA PRO C 162 12.08 -17.75 -7.45
C PRO C 162 11.44 -18.97 -6.74
N PRO C 163 11.91 -19.29 -5.52
CA PRO C 163 11.33 -20.43 -4.80
C PRO C 163 9.93 -20.18 -4.22
N ILE C 164 9.53 -18.92 -4.04
CA ILE C 164 8.18 -18.63 -3.55
C ILE C 164 7.40 -17.86 -4.60
N LYS C 165 6.07 -18.06 -4.59
CA LYS C 165 5.10 -17.41 -5.45
C LYS C 165 4.22 -16.40 -4.70
N HIS C 166 3.99 -15.22 -5.28
CA HIS C 166 3.12 -14.22 -4.64
C HIS C 166 2.39 -13.36 -5.66
N GLN C 167 1.14 -13.02 -5.35
CA GLN C 167 0.27 -12.21 -6.23
C GLN C 167 0.96 -10.94 -6.79
N SER C 168 1.80 -10.31 -5.98
CA SER C 168 2.48 -9.08 -6.35
C SER C 168 3.47 -9.20 -7.49
N THR C 169 3.85 -10.43 -7.84
CA THR C 169 4.81 -10.65 -8.93
C THR C 169 4.17 -10.47 -10.30
N GLN C 170 2.88 -10.13 -10.35
CA GLN C 170 2.24 -9.76 -11.60
C GLN C 170 2.46 -8.28 -11.92
N GLY C 171 3.02 -7.54 -10.96
CA GLY C 171 3.59 -6.20 -11.20
C GLY C 171 5.05 -6.22 -10.80
N LEU C 172 5.62 -5.07 -10.43
CA LEU C 172 7.02 -4.96 -10.02
C LEU C 172 7.14 -5.06 -8.50
N ASN C 173 7.67 -6.19 -8.01
CA ASN C 173 8.02 -6.37 -6.60
C ASN C 173 9.53 -6.49 -6.59
N PRO C 174 10.23 -5.45 -6.09
CA PRO C 174 11.70 -5.41 -6.19
C PRO C 174 12.43 -6.40 -5.29
N HIS C 175 11.71 -7.18 -4.50
CA HIS C 175 12.32 -8.27 -3.71
C HIS C 175 12.59 -9.52 -4.55
N TYR C 176 12.10 -9.50 -5.79
CA TYR C 176 12.23 -10.62 -6.72
C TYR C 176 13.19 -10.24 -7.85
N LYS C 177 14.48 -10.44 -7.62
CA LYS C 177 15.52 -10.11 -8.60
C LYS C 177 16.50 -11.28 -8.80
N GLN C 178 17.21 -11.27 -9.92
CA GLN C 178 18.25 -12.27 -10.19
C GLN C 178 19.33 -11.67 -11.07
N LYS C 179 20.33 -12.48 -11.36
CA LYS C 179 21.35 -12.12 -12.33
C LYS C 179 21.40 -13.21 -13.36
N LEU C 180 21.58 -12.82 -14.60
CA LEU C 180 21.56 -13.76 -15.71
C LEU C 180 22.93 -14.44 -15.82
N THR C 181 23.10 -15.54 -15.09
CA THR C 181 24.38 -16.24 -14.97
C THR C 181 24.46 -17.65 -15.59
N LYS C 182 23.39 -18.12 -16.21
CA LYS C 182 23.39 -19.43 -16.88
C LYS C 182 22.64 -19.35 -18.20
N ASP C 183 23.23 -19.92 -19.25
CA ASP C 183 22.59 -20.02 -20.56
C ASP C 183 21.40 -20.98 -20.47
N GLY C 184 20.31 -20.66 -21.15
CA GLY C 184 19.24 -21.64 -21.34
C GLY C 184 18.51 -22.05 -20.08
N ALA C 185 18.44 -21.14 -19.11
CA ALA C 185 17.87 -21.45 -17.81
C ALA C 185 16.88 -20.43 -17.26
N PHE C 186 16.97 -19.17 -17.67
CA PHE C 186 16.10 -18.10 -17.16
C PHE C 186 14.97 -17.81 -18.14
N PRO C 187 13.73 -18.18 -17.79
CA PRO C 187 12.64 -17.95 -18.78
C PRO C 187 12.40 -16.52 -19.09
N VAL C 188 12.07 -16.27 -20.35
CA VAL C 188 11.82 -14.93 -20.88
C VAL C 188 10.50 -14.45 -20.33
N GLU C 189 9.57 -15.38 -20.17
CA GLU C 189 8.23 -15.04 -19.74
C GLU C 189 8.12 -14.47 -18.33
N CYS C 190 9.11 -14.71 -17.48
CA CYS C 190 9.03 -14.19 -16.11
C CYS C 190 10.22 -13.33 -15.66
N TRP C 191 11.22 -13.17 -16.52
CA TRP C 191 12.41 -12.40 -16.20
C TRP C 191 12.63 -11.35 -17.30
N CYS C 192 12.80 -10.11 -16.89
CA CYS C 192 13.13 -9.03 -17.79
C CYS C 192 14.29 -8.24 -17.22
N PRO C 193 14.94 -7.41 -18.05
CA PRO C 193 16.03 -6.60 -17.50
C PRO C 193 15.54 -5.65 -16.43
N ASP C 194 16.30 -5.53 -15.35
CA ASP C 194 15.97 -4.67 -14.24
C ASP C 194 16.49 -3.29 -14.61
N PRO C 195 15.56 -2.33 -14.79
CA PRO C 195 15.99 -0.97 -15.14
C PRO C 195 16.60 -0.21 -13.98
N SER C 196 16.35 -0.64 -12.73
CA SER C 196 16.87 0.02 -11.53
C SER C 196 18.33 -0.29 -11.27
N LYS C 197 18.90 -1.27 -11.97
CA LYS C 197 20.34 -1.52 -11.93
C LYS C 197 20.88 -1.46 -13.35
N ASN C 198 21.77 -2.39 -13.72
CA ASN C 198 22.32 -2.48 -15.07
C ASN C 198 23.01 -1.23 -15.57
N GLU C 199 23.57 -0.42 -14.65
CA GLU C 199 24.31 0.78 -15.04
C GLU C 199 25.53 0.46 -15.92
N ASN C 200 26.04 -0.77 -15.78
CA ASN C 200 27.23 -1.22 -16.45
C ASN C 200 26.89 -2.22 -17.54
N THR C 201 25.62 -2.25 -17.96
CA THR C 201 25.18 -3.03 -19.10
C THR C 201 24.37 -2.10 -20.00
N ARG C 202 24.38 -2.38 -21.32
CA ARG C 202 23.44 -1.72 -22.25
C ARG C 202 22.59 -2.83 -22.85
N TYR C 203 21.27 -2.67 -22.81
CA TYR C 203 20.38 -3.66 -23.41
C TYR C 203 19.38 -2.99 -24.35
N TYR C 204 18.94 -3.73 -25.37
CA TYR C 204 17.95 -3.26 -26.35
C TYR C 204 16.93 -4.38 -26.64
N GLY C 205 15.66 -4.04 -26.60
CA GLY C 205 14.64 -5.04 -26.78
C GLY C 205 13.42 -4.55 -27.50
N SER C 206 12.71 -5.48 -28.11
CA SER C 206 11.42 -5.17 -28.72
C SER C 206 10.53 -6.40 -28.81
N TYR C 207 9.23 -6.15 -28.83
CA TYR C 207 8.20 -7.19 -28.85
C TYR C 207 7.12 -6.78 -29.83
N THR C 208 6.82 -7.68 -30.76
CA THR C 208 5.62 -7.58 -31.61
C THR C 208 4.81 -8.83 -31.38
N GLY C 209 3.60 -8.65 -30.88
CA GLY C 209 2.76 -9.75 -30.45
C GLY C 209 1.71 -10.14 -31.46
N GLY C 210 0.57 -10.62 -30.97
CA GLY C 210 -0.52 -11.04 -31.84
C GLY C 210 -0.38 -12.52 -32.19
N GLN C 211 -1.30 -13.04 -33.00
CA GLN C 211 -1.46 -14.48 -33.19
C GLN C 211 -0.65 -15.06 -34.36
N SER C 212 -0.80 -14.42 -35.52
CA SER C 212 -0.18 -14.86 -36.78
C SER C 212 0.57 -13.70 -37.45
N THR C 213 0.99 -12.73 -36.65
CA THR C 213 1.61 -11.48 -37.11
C THR C 213 2.81 -11.72 -38.02
N PRO C 214 2.87 -11.04 -39.19
CA PRO C 214 4.08 -11.13 -40.02
C PRO C 214 5.35 -10.76 -39.25
N PRO C 215 6.34 -11.67 -39.21
CA PRO C 215 7.66 -11.29 -38.69
C PRO C 215 8.29 -10.23 -39.58
N VAL C 216 8.90 -9.22 -38.97
CA VAL C 216 9.55 -8.14 -39.71
C VAL C 216 10.97 -8.14 -39.25
N LEU C 217 11.89 -8.42 -40.15
CA LEU C 217 13.26 -8.66 -39.72
C LEU C 217 14.23 -7.99 -40.68
N GLN C 218 15.36 -7.55 -40.14
CA GLN C 218 16.44 -7.03 -40.95
C GLN C 218 17.75 -7.74 -40.64
N PHE C 219 18.65 -7.78 -41.63
CA PHE C 219 20.02 -8.27 -41.43
C PHE C 219 21.00 -7.51 -42.35
N THR C 220 22.11 -7.04 -41.76
CA THR C 220 23.16 -6.32 -42.51
C THR C 220 24.49 -6.45 -41.78
N ASN C 221 25.60 -6.19 -42.47
CA ASN C 221 26.88 -6.10 -41.75
C ASN C 221 27.41 -4.70 -41.71
N THR C 222 26.53 -3.71 -41.76
CA THR C 222 26.99 -2.32 -41.90
C THR C 222 26.57 -1.41 -40.75
N VAL C 223 25.98 -1.97 -39.71
CA VAL C 223 25.42 -1.17 -38.61
C VAL C 223 26.19 -1.41 -37.32
N THR C 224 26.71 -0.34 -36.75
CA THR C 224 27.40 -0.35 -35.49
C THR C 224 26.50 0.29 -34.43
N THR C 225 26.43 -0.37 -33.27
CA THR C 225 25.72 0.19 -32.12
C THR C 225 26.75 0.75 -31.15
N VAL C 226 26.71 2.05 -30.92
CA VAL C 226 27.62 2.68 -29.94
C VAL C 226 27.18 2.27 -28.53
N LEU C 227 28.09 1.75 -27.72
CA LEU C 227 27.75 1.29 -26.36
C LEU C 227 28.11 2.30 -25.27
N LEU C 228 28.75 3.40 -25.66
CA LEU C 228 29.14 4.45 -24.74
C LEU C 228 27.88 5.14 -24.24
N ASP C 229 27.82 5.48 -22.95
CA ASP C 229 26.68 6.23 -22.42
C ASP C 229 26.81 7.74 -22.68
N GLU C 230 25.88 8.52 -22.13
CA GLU C 230 25.88 9.97 -22.34
C GLU C 230 27.16 10.68 -21.86
N ASN C 231 27.90 10.07 -20.93
CA ASN C 231 29.21 10.61 -20.53
C ASN C 231 30.39 10.13 -21.38
N GLY C 232 30.12 9.45 -22.49
CA GLY C 232 31.19 8.82 -23.29
C GLY C 232 31.86 7.60 -22.62
N VAL C 233 31.15 6.90 -21.75
CA VAL C 233 31.69 5.72 -21.08
C VAL C 233 30.92 4.44 -21.38
N GLY C 234 31.64 3.42 -21.82
CA GLY C 234 31.07 2.12 -22.14
C GLY C 234 31.10 1.19 -20.95
N PRO C 235 30.38 0.07 -21.03
CA PRO C 235 30.47 -0.98 -20.02
C PRO C 235 31.92 -1.35 -19.68
N LEU C 236 32.22 -1.46 -18.39
CA LEU C 236 33.55 -1.73 -17.92
C LEU C 236 33.60 -3.16 -17.36
N CYS C 237 34.52 -3.95 -17.89
CA CYS C 237 34.50 -5.40 -17.74
C CYS C 237 35.18 -5.87 -16.44
N LYS C 238 34.35 -6.16 -15.45
CA LYS C 238 34.83 -6.56 -14.16
C LYS C 238 35.45 -7.95 -14.23
N GLY C 239 36.58 -8.10 -13.56
CA GLY C 239 37.34 -9.34 -13.61
C GLY C 239 37.71 -9.76 -15.01
N ASP C 240 37.89 -8.79 -15.92
CA ASP C 240 38.19 -9.08 -17.33
C ASP C 240 37.14 -9.99 -17.98
N GLY C 241 35.88 -9.75 -17.63
CA GLY C 241 34.78 -10.57 -18.10
C GLY C 241 33.82 -9.70 -18.88
N LEU C 242 33.35 -10.22 -20.01
CA LEU C 242 32.41 -9.53 -20.88
C LEU C 242 31.17 -10.39 -21.00
N TYR C 243 30.01 -9.78 -20.82
CA TYR C 243 28.79 -10.52 -20.72
C TYR C 243 27.95 -10.18 -21.91
N VAL C 244 27.53 -11.21 -22.62
CA VAL C 244 26.68 -11.03 -23.78
C VAL C 244 25.43 -11.89 -23.64
N SER C 245 24.27 -11.31 -23.92
CA SER C 245 22.98 -11.94 -23.70
C SER C 245 22.02 -11.64 -24.83
N CYS C 246 21.11 -12.57 -25.11
CA CYS C 246 20.07 -12.32 -26.11
C CYS C 246 18.89 -13.27 -26.11
N CYS C 247 17.85 -12.88 -26.86
CA CYS C 247 16.74 -13.76 -27.24
C CYS C 247 16.11 -13.30 -28.57
N ASP C 248 15.94 -14.23 -29.50
CA ASP C 248 15.42 -13.89 -30.81
C ASP C 248 14.33 -14.87 -31.23
N ILE C 249 13.11 -14.58 -30.79
CA ILE C 249 11.93 -15.37 -31.16
C ILE C 249 11.39 -14.78 -32.46
N VAL C 250 11.31 -15.59 -33.51
CA VAL C 250 10.78 -15.16 -34.80
C VAL C 250 9.39 -15.67 -35.11
N GLY C 251 8.82 -16.48 -34.22
CA GLY C 251 7.39 -16.84 -34.37
C GLY C 251 7.14 -18.27 -34.03
N PHE C 252 5.98 -18.76 -34.47
CA PHE C 252 5.63 -20.17 -34.26
C PHE C 252 5.58 -20.97 -35.55
N LEU C 253 6.05 -22.21 -35.47
CA LEU C 253 5.85 -23.18 -36.54
C LEU C 253 4.48 -23.80 -36.31
N VAL C 254 3.61 -23.83 -37.32
CA VAL C 254 2.29 -24.46 -37.15
C VAL C 254 2.29 -25.84 -37.79
N GLY C 255 2.15 -26.88 -36.96
CA GLY C 255 2.11 -28.26 -37.44
C GLY C 255 0.78 -28.60 -38.08
N LYS C 256 0.77 -29.67 -38.87
CA LYS C 256 -0.38 -30.04 -39.69
C LYS C 256 -1.70 -30.06 -38.92
N ASP C 257 -1.64 -30.47 -37.65
CA ASP C 257 -2.83 -30.58 -36.81
C ASP C 257 -3.11 -29.35 -35.95
N GLY C 258 -2.30 -28.31 -36.06
CA GLY C 258 -2.46 -27.12 -35.25
C GLY C 258 -1.51 -27.01 -34.07
N ASP C 259 -0.67 -28.03 -33.82
CA ASP C 259 0.40 -27.97 -32.80
C ASP C 259 1.39 -26.89 -33.20
N MET C 260 1.82 -26.09 -32.24
CA MET C 260 2.69 -24.94 -32.49
C MET C 260 3.92 -24.99 -31.59
N GLN C 261 5.05 -24.57 -32.14
CA GLN C 261 6.32 -24.52 -31.43
C GLN C 261 6.93 -23.16 -31.68
N TYR C 262 7.58 -22.59 -30.67
CA TYR C 262 8.40 -21.40 -30.88
C TYR C 262 9.52 -21.72 -31.82
N ARG C 263 9.89 -20.74 -32.64
CA ARG C 263 11.09 -20.80 -33.45
C ARG C 263 11.98 -19.61 -33.11
N GLY C 264 13.25 -19.90 -32.88
CA GLY C 264 14.24 -18.88 -32.58
C GLY C 264 15.44 -19.01 -33.48
N LEU C 265 16.24 -17.96 -33.51
CA LEU C 265 17.35 -17.86 -34.40
C LEU C 265 18.58 -17.40 -33.64
N PRO C 266 19.77 -17.76 -34.13
CA PRO C 266 21.01 -17.37 -33.47
C PRO C 266 21.35 -15.91 -33.70
N ARG C 267 22.25 -15.40 -32.85
CA ARG C 267 22.72 -14.02 -32.95
C ARG C 267 24.23 -13.96 -32.96
N TYR C 268 24.76 -13.12 -33.85
CA TYR C 268 26.18 -12.87 -33.98
C TYR C 268 26.50 -11.56 -33.28
N PHE C 269 27.70 -11.48 -32.68
CA PHE C 269 28.23 -10.23 -32.09
C PHE C 269 29.71 -10.03 -32.48
N ASN C 270 30.06 -8.79 -32.77
CA ASN C 270 31.45 -8.35 -32.95
C ASN C 270 31.62 -7.10 -32.11
N ILE C 271 32.33 -7.23 -30.99
CA ILE C 271 32.44 -6.17 -30.00
C ILE C 271 33.87 -5.57 -29.99
N LEU C 272 33.94 -4.23 -30.05
CA LEU C 272 35.18 -3.47 -29.95
C LEU C 272 35.32 -2.96 -28.50
N LEU C 273 36.50 -3.15 -27.92
CA LEU C 273 36.74 -2.71 -26.55
C LEU C 273 38.06 -2.01 -26.49
N ARG C 274 38.20 -1.09 -25.54
CA ARG C 274 39.45 -0.36 -25.34
C ARG C 274 39.83 -0.34 -23.87
N LYS C 275 41.12 -0.14 -23.59
CA LYS C 275 41.59 -0.11 -22.20
C LYS C 275 41.32 1.25 -21.58
N ARG C 276 40.74 1.25 -20.38
CA ARG C 276 40.52 2.47 -19.65
C ARG C 276 40.98 2.40 -18.20
N THR C 277 41.55 3.50 -17.76
CA THR C 277 42.02 3.64 -16.41
C THR C 277 40.84 4.02 -15.52
N VAL C 278 40.77 3.39 -14.36
CA VAL C 278 39.75 3.68 -13.38
C VAL C 278 40.41 3.94 -12.04
N ARG C 279 39.65 4.54 -11.14
CA ARG C 279 40.16 4.76 -9.80
C ARG C 279 40.21 3.44 -9.04
N ASN C 280 41.27 3.26 -8.28
CA ASN C 280 41.35 2.20 -7.30
C ASN C 280 41.36 2.89 -5.93
N ILE D 10 44.71 -7.20 -46.37
CA ILE D 10 45.06 -6.05 -47.24
C ILE D 10 45.38 -4.82 -46.42
N GLU D 11 46.62 -4.34 -46.53
CA GLU D 11 46.99 -3.03 -46.00
C GLU D 11 46.68 -2.00 -47.10
N VAL D 12 45.74 -1.11 -46.80
CA VAL D 12 45.27 -0.12 -47.77
C VAL D 12 46.11 1.17 -47.74
N LEU D 13 46.69 1.52 -48.90
CA LEU D 13 47.45 2.76 -49.08
C LEU D 13 46.53 3.89 -49.63
N ASN D 14 47.08 4.75 -50.49
CA ASN D 14 46.35 5.94 -50.95
C ASN D 14 45.48 5.71 -52.17
N LEU D 15 44.52 6.60 -52.37
CA LEU D 15 43.74 6.66 -53.60
C LEU D 15 44.61 7.19 -54.72
N VAL D 16 44.38 6.72 -55.94
CA VAL D 16 45.01 7.28 -57.13
C VAL D 16 44.19 8.48 -57.62
N THR D 17 44.80 9.66 -57.61
CA THR D 17 44.10 10.90 -58.00
C THR D 17 43.75 10.90 -59.48
N PRO D 19 41.27 11.34 -63.00
CA PRO D 19 41.16 11.13 -64.43
C PRO D 19 41.52 9.70 -64.79
N ASP D 20 40.53 8.96 -65.28
CA ASP D 20 40.67 7.52 -65.46
C ASP D 20 40.89 6.79 -64.11
N SER D 21 40.56 7.44 -63.00
CA SER D 21 40.72 6.87 -61.66
C SER D 21 39.38 6.43 -61.03
N ILE D 22 38.30 6.58 -61.78
CA ILE D 22 37.00 6.08 -61.36
C ILE D 22 36.27 5.45 -62.54
N THR D 23 35.35 4.56 -62.24
CA THR D 23 34.56 3.94 -63.29
C THR D 23 33.25 3.42 -62.71
N THR D 24 32.25 3.32 -63.58
CA THR D 24 30.91 2.90 -63.23
C THR D 24 30.67 1.52 -63.84
N ILE D 25 29.91 0.68 -63.14
CA ILE D 25 29.50 -0.64 -63.64
C ILE D 25 27.98 -0.74 -63.49
N GLU D 26 27.28 -1.05 -64.57
CA GLU D 26 25.83 -1.22 -64.56
C GLU D 26 25.50 -2.67 -64.88
N LEU D 27 24.54 -3.22 -64.16
CA LEU D 27 24.03 -4.55 -64.49
C LEU D 27 22.66 -4.72 -63.89
N TYR D 28 21.96 -5.75 -64.34
CA TYR D 28 20.74 -6.20 -63.70
C TYR D 28 20.83 -7.70 -63.50
N LEU D 29 20.16 -8.19 -62.47
CA LEU D 29 20.01 -9.63 -62.25
C LEU D 29 18.53 -10.01 -62.22
N ASN D 30 18.18 -11.00 -63.05
CA ASN D 30 16.83 -11.53 -63.09
C ASN D 30 16.63 -12.55 -61.99
N THR D 31 15.40 -12.64 -61.51
CA THR D 31 15.07 -13.41 -60.34
C THR D 31 15.22 -14.90 -60.57
N ARG D 32 15.47 -15.64 -59.50
CA ARG D 32 15.60 -17.10 -59.54
C ARG D 32 14.68 -17.77 -58.52
N MET D 33 13.41 -17.79 -58.91
CA MET D 33 12.36 -18.31 -58.08
C MET D 33 12.17 -19.82 -58.24
N GLY D 34 12.63 -20.38 -59.36
CA GLY D 34 12.56 -21.83 -59.56
C GLY D 34 12.30 -22.24 -61.00
N GLN D 35 11.50 -21.48 -61.73
CA GLN D 35 11.42 -21.63 -63.19
C GLN D 35 12.29 -20.51 -63.77
N ASN D 36 13.53 -20.87 -64.01
CA ASN D 36 14.60 -19.92 -64.30
C ASN D 36 15.00 -19.91 -65.77
N ASP D 37 14.24 -20.62 -66.60
CA ASP D 37 14.40 -20.59 -68.08
C ASP D 37 13.53 -19.48 -68.71
N GLU D 38 14.17 -18.44 -69.23
CA GLU D 38 13.49 -17.27 -69.81
C GLU D 38 12.62 -17.55 -71.07
N SER D 39 12.83 -18.71 -71.69
CA SER D 39 12.11 -19.08 -72.88
C SER D 39 10.87 -19.92 -72.55
N LYS D 40 10.63 -20.18 -71.27
CA LYS D 40 9.49 -20.98 -70.83
C LYS D 40 8.44 -20.21 -70.03
N ASP D 41 7.23 -20.76 -69.96
CA ASP D 41 6.15 -20.20 -69.16
C ASP D 41 6.55 -20.18 -67.69
N ASN D 42 5.90 -19.32 -66.92
CA ASN D 42 6.16 -19.19 -65.47
C ASN D 42 7.54 -18.66 -65.11
N TYR D 43 8.23 -18.09 -66.10
CA TYR D 43 9.51 -17.46 -65.86
C TYR D 43 9.35 -16.40 -64.80
N GLY D 44 10.24 -16.40 -63.83
CA GLY D 44 10.15 -15.47 -62.71
C GLY D 44 9.17 -15.91 -61.65
N TYR D 45 8.66 -17.14 -61.74
CA TYR D 45 7.92 -17.74 -60.65
C TYR D 45 8.59 -19.06 -60.30
N SER D 46 8.26 -19.58 -59.12
CA SER D 46 8.52 -20.95 -58.78
C SER D 46 7.46 -21.83 -59.43
N GLU D 47 7.71 -23.13 -59.44
CA GLU D 47 6.68 -24.13 -59.68
C GLU D 47 5.73 -24.14 -58.47
N LYS D 48 4.61 -24.84 -58.63
CA LYS D 48 3.61 -25.02 -57.57
C LYS D 48 4.28 -25.48 -56.25
N VAL D 49 3.89 -24.83 -55.14
CA VAL D 49 4.43 -25.14 -53.83
C VAL D 49 3.75 -26.41 -53.32
N THR D 50 4.56 -27.35 -52.84
CA THR D 50 4.04 -28.60 -52.24
C THR D 50 4.43 -28.61 -50.77
N VAL D 51 3.78 -29.48 -50.00
CA VAL D 51 3.87 -29.42 -48.56
C VAL D 51 4.11 -30.82 -48.03
N ALA D 52 5.15 -30.95 -47.22
CA ALA D 52 5.59 -32.25 -46.76
C ALA D 52 4.56 -32.94 -45.87
N ASN D 53 4.42 -34.25 -46.04
CA ASN D 53 3.50 -35.04 -45.21
C ASN D 53 4.07 -35.24 -43.80
N SER D 54 5.40 -35.28 -43.69
CA SER D 54 6.07 -35.25 -42.41
C SER D 54 7.48 -34.74 -42.57
N SER D 55 8.10 -34.34 -41.46
CA SER D 55 9.41 -33.68 -41.50
C SER D 55 10.51 -34.62 -42.03
N ASP D 56 10.25 -35.92 -41.98
CA ASP D 56 11.17 -36.92 -42.57
C ASP D 56 10.78 -37.35 -43.99
N GLN D 57 9.80 -36.67 -44.58
CA GLN D 57 9.49 -36.81 -46.00
C GLN D 57 9.38 -35.40 -46.58
N ASP D 58 10.34 -34.56 -46.21
CA ASP D 58 10.38 -33.16 -46.62
C ASP D 58 11.29 -33.10 -47.83
N LYS D 59 10.71 -33.38 -48.98
CA LYS D 59 11.45 -33.47 -50.24
C LYS D 59 10.76 -32.58 -51.28
N PRO D 60 11.17 -31.29 -51.37
CA PRO D 60 10.45 -30.39 -52.31
C PRO D 60 10.60 -30.84 -53.76
N THR D 61 9.61 -30.49 -54.58
CA THR D 61 9.70 -30.73 -56.00
C THR D 61 10.74 -29.82 -56.62
N SER D 62 11.27 -30.26 -57.75
CA SER D 62 12.25 -29.49 -58.53
C SER D 62 11.61 -28.15 -58.98
N GLY D 63 12.38 -27.08 -58.88
CA GLY D 63 11.92 -25.76 -59.28
C GLY D 63 10.91 -25.08 -58.37
N GLU D 64 10.61 -25.63 -57.19
CA GLU D 64 9.74 -24.91 -56.22
C GLU D 64 10.50 -24.11 -55.14
N ILE D 65 11.82 -24.04 -55.25
CA ILE D 65 12.68 -23.44 -54.23
C ILE D 65 13.39 -22.21 -54.81
N PRO D 66 13.20 -21.02 -54.19
CA PRO D 66 14.00 -19.89 -54.65
C PRO D 66 15.49 -19.99 -54.29
N THR D 67 16.32 -19.45 -55.17
CA THR D 67 17.75 -19.40 -55.00
C THR D 67 18.23 -17.94 -55.10
N TYR D 68 19.45 -17.70 -54.63
CA TYR D 68 20.12 -16.41 -54.84
C TYR D 68 20.49 -16.19 -56.31
N SER D 69 20.35 -14.95 -56.76
CA SER D 69 20.90 -14.49 -58.03
C SER D 69 22.31 -13.98 -57.75
N THR D 70 23.25 -14.24 -58.66
CA THR D 70 24.59 -13.69 -58.46
C THR D 70 25.32 -13.53 -59.76
N ALA D 71 26.29 -12.61 -59.78
CA ALA D 71 27.14 -12.45 -60.94
C ALA D 71 28.50 -11.91 -60.54
N ARG D 72 29.52 -12.37 -61.27
CA ARG D 72 30.86 -11.80 -61.24
C ARG D 72 31.05 -10.93 -62.47
N ILE D 73 31.49 -9.69 -62.25
CA ILE D 73 31.83 -8.79 -63.34
C ILE D 73 33.34 -8.66 -63.34
N ASN D 74 33.91 -8.69 -64.55
CA ASN D 74 35.33 -8.40 -64.74
C ASN D 74 35.51 -6.89 -64.77
N LEU D 75 36.54 -6.40 -64.08
CA LEU D 75 36.91 -4.99 -64.16
C LEU D 75 38.22 -4.87 -64.92
N PRO D 76 38.55 -3.65 -65.42
CA PRO D 76 39.85 -3.43 -66.07
C PRO D 76 41.05 -3.81 -65.18
N MET D 77 42.07 -4.42 -65.79
CA MET D 77 43.32 -4.74 -65.08
C MET D 77 44.25 -3.53 -65.06
N CYS D 84 55.90 -4.32 -58.31
CA CYS D 84 56.38 -3.42 -57.28
C CYS D 84 55.87 -3.85 -55.91
N ASN D 85 56.22 -3.09 -54.87
CA ASN D 85 55.68 -3.31 -53.53
C ASN D 85 54.22 -2.88 -53.44
N THR D 86 53.86 -1.84 -54.20
CA THR D 86 52.51 -1.27 -54.19
C THR D 86 51.69 -1.77 -55.39
N LEU D 87 50.44 -2.16 -55.13
CA LEU D 87 49.53 -2.65 -56.18
C LEU D 87 48.24 -1.86 -56.18
N THR D 88 47.61 -1.74 -57.35
CA THR D 88 46.34 -1.04 -57.46
C THR D 88 45.19 -2.04 -57.52
N MET D 89 44.11 -1.73 -56.80
CA MET D 89 42.86 -2.50 -56.85
C MET D 89 41.68 -1.57 -57.05
N TRP D 90 40.60 -2.11 -57.61
CA TRP D 90 39.36 -1.35 -57.72
C TRP D 90 38.62 -1.39 -56.39
N GLU D 91 38.25 -0.21 -55.90
CA GLU D 91 37.51 -0.06 -54.66
C GLU D 91 36.06 0.33 -54.92
N ALA D 92 35.11 -0.44 -54.40
CA ALA D 92 33.68 -0.13 -54.58
C ALA D 92 33.24 0.91 -53.55
N VAL D 93 32.85 2.08 -54.05
CA VAL D 93 32.50 3.22 -53.21
C VAL D 93 31.01 3.27 -52.86
N SER D 94 30.16 3.10 -53.87
CA SER D 94 28.73 3.29 -53.70
C SER D 94 27.94 2.56 -54.73
N VAL D 95 26.65 2.41 -54.46
CA VAL D 95 25.75 1.70 -55.36
C VAL D 95 24.37 2.30 -55.28
N LYS D 96 23.78 2.50 -56.44
CA LYS D 96 22.37 2.81 -56.54
C LYS D 96 21.73 1.53 -57.02
N THR D 97 20.88 0.92 -56.20
CA THR D 97 20.19 -0.31 -56.59
C THR D 97 18.68 -0.11 -56.49
N GLU D 98 17.94 -0.79 -57.34
CA GLU D 98 16.48 -0.75 -57.22
C GLU D 98 15.80 -1.99 -57.79
N VAL D 99 14.65 -2.30 -57.21
CA VAL D 99 13.84 -3.39 -57.71
C VAL D 99 13.09 -2.89 -58.95
N VAL D 100 13.09 -3.70 -60.01
CA VAL D 100 12.46 -3.33 -61.28
C VAL D 100 11.11 -4.00 -61.42
N GLY D 101 10.16 -3.30 -62.04
CA GLY D 101 8.87 -3.89 -62.36
C GLY D 101 7.94 -4.06 -61.17
N VAL D 102 8.11 -3.23 -60.15
CA VAL D 102 7.17 -3.18 -59.04
C VAL D 102 5.74 -2.95 -59.55
N SER D 103 5.61 -2.08 -60.53
CA SER D 103 4.29 -1.75 -61.07
C SER D 103 3.54 -2.98 -61.66
N SER D 104 4.29 -4.01 -62.05
CA SER D 104 3.69 -5.28 -62.52
C SER D 104 2.75 -5.91 -61.47
N LEU D 105 2.88 -5.52 -60.20
CA LEU D 105 2.01 -5.96 -59.14
C LEU D 105 0.61 -5.31 -59.15
N VAL D 106 0.44 -4.24 -59.92
CA VAL D 106 -0.86 -3.62 -60.12
C VAL D 106 -1.57 -4.41 -61.20
N ASN D 107 -2.01 -5.59 -60.82
CA ASN D 107 -2.63 -6.51 -61.75
C ASN D 107 -3.51 -7.42 -60.91
N VAL D 108 -4.82 -7.32 -61.11
CA VAL D 108 -5.77 -8.20 -60.43
C VAL D 108 -6.76 -8.84 -61.40
N HIS D 109 -6.36 -9.01 -62.67
CA HIS D 109 -7.18 -9.71 -63.68
C HIS D 109 -6.59 -11.04 -64.16
N MET D 110 -5.53 -11.53 -63.50
CA MET D 110 -4.90 -12.79 -63.94
C MET D 110 -5.72 -13.98 -63.44
N ALA D 111 -5.39 -15.17 -63.95
CA ALA D 111 -6.11 -16.40 -63.64
C ALA D 111 -5.82 -16.87 -62.21
N THR D 112 -6.48 -16.22 -61.26
CA THR D 112 -6.20 -16.38 -59.84
C THR D 112 -7.49 -16.63 -59.10
N LYS D 113 -7.35 -16.96 -57.81
CA LYS D 113 -8.48 -16.93 -56.90
C LYS D 113 -8.99 -15.48 -56.85
N ARG D 114 -10.26 -15.27 -56.57
CA ARG D 114 -10.76 -13.89 -56.52
C ARG D 114 -11.63 -13.61 -55.31
N MET D 115 -11.78 -12.32 -55.00
CA MET D 115 -12.56 -11.85 -53.86
C MET D 115 -14.08 -11.96 -54.06
N TYR D 116 -14.81 -11.99 -52.94
CA TYR D 116 -16.27 -11.76 -52.90
C TYR D 116 -17.10 -12.67 -53.81
N ASP D 117 -17.14 -13.96 -53.49
CA ASP D 117 -18.00 -14.92 -54.18
C ASP D 117 -17.85 -14.85 -55.70
N ASP D 118 -16.61 -14.81 -56.15
CA ASP D 118 -16.24 -14.79 -57.56
C ASP D 118 -16.79 -13.57 -58.31
N LYS D 119 -16.95 -12.46 -57.60
CA LYS D 119 -17.41 -11.21 -58.21
C LYS D 119 -16.36 -10.09 -58.15
N GLY D 120 -15.44 -10.15 -57.20
CA GLY D 120 -14.44 -9.10 -57.04
C GLY D 120 -13.16 -9.34 -57.82
N ILE D 121 -12.09 -8.70 -57.35
CA ILE D 121 -10.81 -8.75 -58.02
C ILE D 121 -10.12 -10.08 -57.84
N GLY D 122 -9.21 -10.36 -58.75
CA GLY D 122 -8.26 -11.45 -58.56
C GLY D 122 -7.29 -11.06 -57.47
N PHE D 123 -6.92 -12.02 -56.63
CA PHE D 123 -5.95 -11.77 -55.57
C PHE D 123 -4.67 -11.27 -56.25
N PRO D 124 -4.17 -10.09 -55.84
CA PRO D 124 -2.85 -9.70 -56.33
C PRO D 124 -1.75 -10.57 -55.72
N VAL D 125 -0.53 -10.49 -56.27
CA VAL D 125 0.62 -11.14 -55.68
C VAL D 125 0.81 -10.56 -54.28
N GLU D 126 0.84 -11.44 -53.28
CA GLU D 126 0.88 -10.99 -51.89
C GLU D 126 1.46 -12.06 -50.97
N GLY D 127 1.71 -11.68 -49.72
CA GLY D 127 2.38 -12.58 -48.77
C GLY D 127 3.84 -12.25 -48.59
N MET D 128 4.62 -13.30 -48.36
CA MET D 128 6.02 -13.19 -47.98
C MET D 128 6.85 -12.27 -48.86
N ASN D 129 7.59 -11.37 -48.22
CA ASN D 129 8.59 -10.52 -48.88
C ASN D 129 9.98 -10.73 -48.30
N PHE D 130 10.95 -10.99 -49.18
CA PHE D 130 12.35 -11.19 -48.81
C PHE D 130 13.18 -10.42 -49.83
N HIS D 131 13.92 -9.45 -49.35
CA HIS D 131 14.71 -8.58 -50.21
C HIS D 131 16.13 -8.51 -49.64
N MET D 132 17.10 -9.00 -50.40
CA MET D 132 18.50 -8.83 -50.03
C MET D 132 19.35 -8.41 -51.21
N PHE D 133 20.43 -7.71 -50.92
CA PHE D 133 21.47 -7.52 -51.92
C PHE D 133 22.85 -7.43 -51.28
N ALA D 134 23.87 -7.66 -52.08
CA ALA D 134 25.25 -7.61 -51.61
C ALA D 134 26.19 -7.19 -52.73
N VAL D 135 27.26 -6.51 -52.34
CA VAL D 135 28.31 -6.04 -53.25
C VAL D 135 29.63 -6.27 -52.55
N GLY D 136 30.55 -6.96 -53.22
CA GLY D 136 31.88 -7.20 -52.66
C GLY D 136 32.97 -7.44 -53.68
N GLY D 137 34.18 -7.69 -53.16
CA GLY D 137 35.33 -7.97 -54.00
C GLY D 137 35.64 -9.45 -54.07
N GLU D 138 34.68 -10.26 -53.64
CA GLU D 138 34.85 -11.72 -53.66
C GLU D 138 33.47 -12.33 -53.44
N PRO D 139 33.30 -13.62 -53.70
CA PRO D 139 31.98 -14.21 -53.53
C PRO D 139 31.45 -14.02 -52.10
N LEU D 140 30.14 -13.84 -51.98
CA LEU D 140 29.47 -13.69 -50.70
C LEU D 140 29.65 -14.98 -49.91
N GLU D 141 30.09 -14.84 -48.65
CA GLU D 141 30.31 -16.01 -47.82
C GLU D 141 29.02 -16.43 -47.10
N LEU D 142 28.70 -17.72 -47.21
CA LEU D 142 27.42 -18.27 -46.73
C LEU D 142 27.54 -19.14 -45.48
N GLN D 143 26.50 -19.06 -44.65
CA GLN D 143 26.31 -19.96 -43.51
C GLN D 143 25.08 -20.85 -43.77
N PHE D 144 25.22 -22.14 -43.51
CA PHE D 144 24.09 -23.05 -43.59
C PHE D 144 23.24 -22.89 -42.33
N LEU D 145 21.94 -22.63 -42.53
CA LEU D 145 20.95 -22.70 -41.47
C LEU D 145 19.59 -22.98 -42.07
N THR D 146 18.89 -23.98 -41.55
CA THR D 146 17.62 -24.37 -42.13
C THR D 146 16.55 -24.59 -41.08
N GLY D 147 15.29 -24.55 -41.50
CA GLY D 147 14.16 -24.88 -40.64
C GLY D 147 14.01 -26.37 -40.34
N ASN D 148 14.55 -27.22 -41.23
CA ASN D 148 14.37 -28.66 -41.13
C ASN D 148 15.62 -29.38 -41.62
N TYR D 149 16.36 -29.98 -40.68
CA TYR D 149 17.65 -30.57 -41.03
C TYR D 149 17.54 -31.69 -42.03
N ARG D 150 16.37 -32.33 -42.09
CA ARG D 150 16.16 -33.50 -42.93
C ARG D 150 15.70 -33.18 -44.36
N THR D 151 15.63 -31.90 -44.72
CA THR D 151 15.17 -31.56 -46.06
C THR D 151 16.01 -32.30 -47.09
N ASP D 152 15.31 -33.04 -47.96
CA ASP D 152 15.91 -33.83 -49.03
C ASP D 152 15.82 -33.01 -50.33
N TYR D 153 16.99 -32.55 -50.79
CA TYR D 153 17.11 -31.70 -51.98
C TYR D 153 17.42 -32.45 -53.30
N SER D 154 17.26 -33.78 -53.30
CA SER D 154 17.72 -34.63 -54.42
C SER D 154 16.78 -34.71 -55.64
N ALA D 155 15.60 -34.08 -55.56
CA ALA D 155 14.75 -33.90 -56.74
C ALA D 155 15.38 -32.96 -57.78
N ASN D 156 16.32 -32.13 -57.32
CA ASN D 156 17.06 -31.22 -58.20
C ASN D 156 18.53 -31.20 -57.78
N ASP D 157 19.31 -32.07 -58.42
CA ASP D 157 20.74 -32.21 -58.13
C ASP D 157 21.61 -31.00 -58.48
N LYS D 158 21.05 -30.04 -59.22
CA LYS D 158 21.70 -28.76 -59.50
C LYS D 158 21.72 -27.78 -58.31
N LEU D 159 21.00 -28.07 -57.23
CA LEU D 159 21.10 -27.24 -56.04
C LEU D 159 22.39 -27.56 -55.29
N VAL D 160 23.02 -26.54 -54.72
CA VAL D 160 24.22 -26.72 -53.93
C VAL D 160 23.81 -26.75 -52.45
N VAL D 161 24.01 -27.90 -51.84
CA VAL D 161 23.61 -28.15 -50.46
C VAL D 161 24.65 -29.07 -49.83
N PRO D 162 24.76 -29.06 -48.49
CA PRO D 162 25.82 -29.86 -47.90
C PRO D 162 25.64 -31.35 -48.17
N PRO D 163 26.75 -32.12 -48.25
CA PRO D 163 26.61 -33.53 -48.56
C PRO D 163 26.03 -34.36 -47.41
N ILE D 164 26.08 -33.80 -46.20
CA ILE D 164 25.63 -34.50 -45.00
C ILE D 164 24.58 -33.70 -44.25
N LYS D 165 23.79 -34.40 -43.44
CA LYS D 165 22.67 -33.80 -42.73
C LYS D 165 22.81 -34.02 -41.23
N HIS D 166 22.53 -33.00 -40.44
CA HIS D 166 22.64 -33.12 -38.99
C HIS D 166 21.71 -32.19 -38.20
N GLN D 167 21.27 -32.68 -37.03
CA GLN D 167 20.32 -31.98 -36.16
C GLN D 167 20.74 -30.54 -35.84
N SER D 168 22.04 -30.33 -35.73
CA SER D 168 22.60 -29.04 -35.32
C SER D 168 22.39 -27.92 -36.33
N THR D 169 22.05 -28.25 -37.58
CA THR D 169 21.94 -27.27 -38.67
C THR D 169 20.66 -26.42 -38.68
N GLN D 170 19.75 -26.74 -37.76
CA GLN D 170 18.61 -25.91 -37.46
C GLN D 170 19.02 -24.78 -36.53
N GLY D 171 20.28 -24.79 -36.11
CA GLY D 171 20.90 -23.66 -35.43
C GLY D 171 22.13 -23.26 -36.23
N LEU D 172 23.07 -22.58 -35.58
CA LEU D 172 24.33 -22.20 -36.26
C LEU D 172 25.43 -23.22 -35.95
N ASN D 173 25.75 -24.04 -36.95
CA ASN D 173 26.90 -24.91 -36.94
C ASN D 173 27.96 -24.39 -37.91
N PRO D 174 29.07 -23.87 -37.38
CA PRO D 174 30.08 -23.24 -38.25
C PRO D 174 30.88 -24.18 -39.17
N HIS D 175 30.74 -25.50 -39.02
CA HIS D 175 31.31 -26.46 -39.99
C HIS D 175 30.56 -26.52 -41.31
N TYR D 176 29.43 -25.83 -41.43
CA TYR D 176 28.60 -25.91 -42.63
C TYR D 176 28.57 -24.54 -43.28
N LYS D 177 29.52 -24.32 -44.17
CA LYS D 177 29.69 -23.03 -44.85
C LYS D 177 29.87 -23.26 -46.33
N GLN D 178 29.93 -22.16 -47.06
CA GLN D 178 29.96 -22.17 -48.51
C GLN D 178 30.22 -20.76 -49.05
N LYS D 179 30.30 -20.64 -50.36
CA LYS D 179 30.47 -19.36 -51.02
C LYS D 179 29.54 -19.32 -52.22
N LEU D 180 28.90 -18.16 -52.41
CA LEU D 180 27.92 -18.00 -53.45
C LEU D 180 28.66 -17.78 -54.76
N THR D 181 28.90 -18.88 -55.45
CA THR D 181 29.72 -18.91 -56.65
C THR D 181 28.90 -19.30 -57.88
N LYS D 182 27.58 -19.47 -57.72
CA LYS D 182 26.73 -19.92 -58.81
C LYS D 182 25.34 -19.30 -58.72
N ASP D 183 24.88 -18.80 -59.86
CA ASP D 183 23.59 -18.17 -60.00
C ASP D 183 22.52 -19.25 -59.98
N GLY D 184 21.39 -18.99 -59.34
CA GLY D 184 20.25 -19.90 -59.43
C GLY D 184 20.53 -21.30 -58.92
N ALA D 185 21.36 -21.41 -57.88
CA ALA D 185 21.79 -22.72 -57.41
C ALA D 185 21.80 -22.90 -55.90
N PHE D 186 21.92 -21.82 -55.13
CA PHE D 186 21.94 -21.84 -53.67
C PHE D 186 20.57 -21.45 -53.08
N PRO D 187 19.85 -22.41 -52.47
CA PRO D 187 18.54 -22.09 -51.92
C PRO D 187 18.62 -21.08 -50.81
N VAL D 188 17.76 -20.07 -50.84
CA VAL D 188 17.79 -19.04 -49.81
C VAL D 188 17.33 -19.62 -48.50
N GLU D 189 16.50 -20.66 -48.55
CA GLU D 189 15.95 -21.26 -47.34
C GLU D 189 16.94 -21.95 -46.40
N CYS D 190 18.13 -22.31 -46.90
CA CYS D 190 19.17 -22.94 -46.09
C CYS D 190 20.54 -22.23 -46.05
N TRP D 191 20.75 -21.23 -46.90
CA TRP D 191 21.99 -20.45 -46.87
C TRP D 191 21.70 -18.97 -46.59
N CYS D 192 22.47 -18.39 -45.68
CA CYS D 192 22.36 -16.97 -45.35
C CYS D 192 23.77 -16.40 -45.36
N PRO D 193 23.89 -15.06 -45.33
CA PRO D 193 25.23 -14.48 -45.22
C PRO D 193 25.95 -14.88 -43.90
N ASP D 194 27.23 -15.20 -44.00
CA ASP D 194 28.06 -15.52 -42.85
C ASP D 194 28.54 -14.20 -42.26
N PRO D 195 28.01 -13.81 -41.09
CA PRO D 195 28.39 -12.55 -40.46
C PRO D 195 29.78 -12.57 -39.84
N SER D 196 30.32 -13.76 -39.60
CA SER D 196 31.68 -13.94 -39.10
C SER D 196 32.74 -13.72 -40.18
N LYS D 197 32.31 -13.66 -41.44
CA LYS D 197 33.20 -13.35 -42.55
C LYS D 197 32.63 -12.15 -43.31
N ASN D 198 32.76 -12.13 -44.63
CA ASN D 198 32.27 -11.04 -45.46
C ASN D 198 32.82 -9.67 -45.06
N GLU D 199 34.07 -9.64 -44.63
CA GLU D 199 34.73 -8.37 -44.33
C GLU D 199 34.98 -7.56 -45.60
N ASN D 200 34.95 -8.22 -46.76
CA ASN D 200 35.17 -7.53 -48.02
C ASN D 200 33.88 -7.41 -48.86
N THR D 201 32.73 -7.63 -48.23
CA THR D 201 31.43 -7.54 -48.90
C THR D 201 30.49 -6.74 -47.98
N ARG D 202 29.54 -6.01 -48.58
CA ARG D 202 28.49 -5.35 -47.82
C ARG D 202 27.14 -5.91 -48.23
N TYR D 203 26.37 -6.33 -47.24
CA TYR D 203 25.08 -6.94 -47.49
C TYR D 203 23.99 -6.32 -46.63
N TYR D 204 22.79 -6.24 -47.21
CA TYR D 204 21.61 -5.65 -46.57
C TYR D 204 20.37 -6.50 -46.95
N GLY D 205 19.50 -6.74 -46.00
CA GLY D 205 18.42 -7.67 -46.25
C GLY D 205 17.24 -7.44 -45.33
N SER D 206 16.07 -7.86 -45.78
CA SER D 206 14.90 -7.79 -44.95
C SER D 206 13.93 -8.93 -45.30
N TYR D 207 13.11 -9.29 -44.34
CA TYR D 207 12.09 -10.30 -44.51
C TYR D 207 10.84 -9.76 -43.86
N THR D 208 9.73 -9.81 -44.59
CA THR D 208 8.41 -9.61 -44.02
C THR D 208 7.59 -10.88 -44.27
N GLY D 209 7.11 -11.52 -43.20
CA GLY D 209 6.49 -12.84 -43.30
C GLY D 209 4.97 -12.86 -43.36
N GLY D 210 4.36 -13.92 -42.82
CA GLY D 210 2.91 -14.04 -42.83
C GLY D 210 2.34 -14.58 -44.14
N GLN D 211 1.02 -14.76 -44.16
CA GLN D 211 0.34 -15.56 -45.18
C GLN D 211 -0.10 -14.79 -46.42
N SER D 212 -0.84 -13.70 -46.22
CA SER D 212 -1.39 -12.89 -47.31
C SER D 212 -0.94 -11.44 -47.20
N THR D 213 0.14 -11.22 -46.48
CA THR D 213 0.61 -9.90 -46.11
C THR D 213 0.78 -8.98 -47.29
N PRO D 214 0.34 -7.70 -47.15
CA PRO D 214 0.58 -6.72 -48.21
C PRO D 214 2.08 -6.52 -48.49
N PRO D 215 2.49 -6.65 -49.75
CA PRO D 215 3.84 -6.24 -50.11
C PRO D 215 3.95 -4.71 -49.98
N VAL D 216 5.04 -4.25 -49.39
CA VAL D 216 5.30 -2.83 -49.25
C VAL D 216 6.64 -2.60 -49.95
N LEU D 217 6.61 -1.91 -51.09
CA LEU D 217 7.78 -1.73 -51.94
C LEU D 217 7.95 -0.26 -52.39
N GLN D 218 9.19 0.16 -52.59
CA GLN D 218 9.55 1.48 -53.13
C GLN D 218 10.49 1.31 -54.33
N PHE D 219 10.48 2.32 -55.18
CA PHE D 219 11.38 2.42 -56.32
C PHE D 219 11.64 3.89 -56.68
N THR D 220 12.92 4.21 -56.81
CA THR D 220 13.36 5.56 -57.15
C THR D 220 14.79 5.50 -57.70
N ASN D 221 15.19 6.52 -58.45
CA ASN D 221 16.53 6.58 -59.01
C ASN D 221 17.37 7.68 -58.36
N THR D 222 17.07 7.99 -57.09
CA THR D 222 17.72 9.09 -56.39
C THR D 222 18.46 8.66 -55.12
N VAL D 223 18.44 7.37 -54.80
CA VAL D 223 19.00 6.88 -53.53
C VAL D 223 20.31 6.16 -53.74
N THR D 224 21.34 6.65 -53.04
CA THR D 224 22.70 6.11 -53.10
C THR D 224 23.08 5.48 -51.76
N THR D 225 23.59 4.25 -51.82
CA THR D 225 24.05 3.54 -50.64
C THR D 225 25.57 3.53 -50.64
N VAL D 226 26.14 4.19 -49.65
CA VAL D 226 27.57 4.24 -49.49
C VAL D 226 28.08 2.87 -49.04
N LEU D 227 29.10 2.36 -49.74
CA LEU D 227 29.67 1.06 -49.42
C LEU D 227 30.98 1.16 -48.63
N LEU D 228 31.41 2.37 -48.32
CA LEU D 228 32.62 2.55 -47.51
C LEU D 228 32.34 2.10 -46.09
N ASP D 229 33.34 1.49 -45.45
CA ASP D 229 33.21 1.07 -44.05
C ASP D 229 33.54 2.24 -43.13
N GLU D 230 33.68 1.95 -41.84
CA GLU D 230 33.83 3.01 -40.83
C GLU D 230 35.19 3.73 -40.95
N ASN D 231 36.14 3.13 -41.65
CA ASN D 231 37.42 3.80 -41.95
C ASN D 231 37.53 4.42 -43.36
N GLY D 232 36.44 4.45 -44.12
CA GLY D 232 36.46 4.97 -45.48
C GLY D 232 37.04 4.01 -46.52
N VAL D 233 36.83 2.70 -46.33
CA VAL D 233 37.35 1.68 -47.24
C VAL D 233 36.21 0.80 -47.76
N GLY D 234 35.98 0.84 -49.06
CA GLY D 234 35.00 -0.01 -49.71
C GLY D 234 35.56 -1.38 -50.04
N PRO D 235 34.71 -2.26 -50.58
CA PRO D 235 35.18 -3.60 -50.94
C PRO D 235 36.23 -3.57 -52.03
N LEU D 236 37.32 -4.33 -51.85
CA LEU D 236 38.43 -4.29 -52.78
C LEU D 236 38.37 -5.50 -53.71
N CYS D 237 38.36 -5.23 -55.01
CA CYS D 237 38.08 -6.27 -55.99
C CYS D 237 39.28 -7.16 -56.28
N LYS D 238 39.30 -8.33 -55.63
CA LYS D 238 40.43 -9.27 -55.71
C LYS D 238 40.47 -9.99 -57.04
N GLY D 239 41.65 -9.96 -57.67
CA GLY D 239 41.80 -10.38 -59.05
C GLY D 239 40.89 -9.59 -59.97
N ASP D 240 40.59 -8.34 -59.58
CA ASP D 240 39.72 -7.46 -60.38
C ASP D 240 38.33 -8.06 -60.61
N GLY D 241 37.81 -8.78 -59.63
CA GLY D 241 36.44 -9.33 -59.72
C GLY D 241 35.44 -8.60 -58.83
N LEU D 242 34.31 -8.18 -59.40
CA LEU D 242 33.24 -7.56 -58.61
C LEU D 242 32.09 -8.54 -58.48
N TYR D 243 31.64 -8.77 -57.25
CA TYR D 243 30.59 -9.76 -56.96
C TYR D 243 29.33 -9.10 -56.44
N VAL D 244 28.24 -9.35 -57.14
CA VAL D 244 26.94 -8.75 -56.89
C VAL D 244 25.91 -9.88 -56.73
N SER D 245 25.17 -9.85 -55.65
CA SER D 245 24.22 -10.92 -55.34
C SER D 245 22.93 -10.34 -54.85
N CYS D 246 21.83 -11.07 -55.05
CA CYS D 246 20.55 -10.61 -54.54
C CYS D 246 19.46 -11.67 -54.53
N CYS D 247 18.36 -11.35 -53.87
CA CYS D 247 17.11 -12.08 -54.04
C CYS D 247 15.98 -11.13 -53.72
N ASP D 248 14.91 -11.15 -54.50
CA ASP D 248 13.75 -10.28 -54.25
C ASP D 248 12.43 -10.99 -54.48
N ILE D 249 11.89 -11.56 -53.41
CA ILE D 249 10.57 -12.21 -53.42
C ILE D 249 9.54 -11.19 -53.00
N VAL D 250 8.48 -11.06 -53.79
CA VAL D 250 7.42 -10.07 -53.54
C VAL D 250 6.06 -10.67 -53.18
N GLY D 251 5.97 -11.99 -53.16
CA GLY D 251 4.77 -12.67 -52.66
C GLY D 251 4.50 -13.98 -53.36
N PHE D 252 3.23 -14.39 -53.32
CA PHE D 252 2.75 -15.58 -53.99
C PHE D 252 1.60 -15.23 -54.91
N LEU D 253 1.61 -15.86 -56.08
CA LEU D 253 0.44 -15.84 -56.95
C LEU D 253 -0.46 -16.99 -56.51
N VAL D 254 -1.75 -16.68 -56.29
CA VAL D 254 -2.74 -17.68 -55.86
C VAL D 254 -3.59 -18.09 -57.05
N GLY D 255 -3.36 -19.31 -57.54
CA GLY D 255 -4.19 -19.93 -58.59
C GLY D 255 -5.66 -20.08 -58.20
N LYS D 256 -6.51 -20.32 -59.19
CA LYS D 256 -7.95 -20.50 -58.96
C LYS D 256 -8.28 -21.59 -57.94
N ASP D 257 -7.58 -22.72 -58.03
CA ASP D 257 -7.78 -23.82 -57.10
C ASP D 257 -6.89 -23.70 -55.85
N GLY D 258 -6.29 -22.54 -55.61
CA GLY D 258 -5.56 -22.31 -54.37
C GLY D 258 -4.11 -22.75 -54.39
N ASP D 259 -3.65 -23.26 -55.54
CA ASP D 259 -2.24 -23.58 -55.73
C ASP D 259 -1.45 -22.27 -55.81
N MET D 260 -0.24 -22.28 -55.27
CA MET D 260 0.52 -21.05 -55.08
C MET D 260 1.94 -21.13 -55.63
N GLN D 261 2.43 -19.99 -56.10
CA GLN D 261 3.78 -19.89 -56.63
C GLN D 261 4.48 -18.63 -56.17
N TYR D 262 5.76 -18.73 -55.83
CA TYR D 262 6.56 -17.54 -55.57
C TYR D 262 6.61 -16.65 -56.79
N ARG D 263 6.57 -15.34 -56.57
CA ARG D 263 6.88 -14.36 -57.58
C ARG D 263 8.05 -13.52 -57.13
N GLY D 264 9.03 -13.38 -58.00
CA GLY D 264 10.16 -12.51 -57.71
C GLY D 264 10.35 -11.51 -58.81
N LEU D 265 11.11 -10.47 -58.51
CA LEU D 265 11.36 -9.39 -59.47
C LEU D 265 12.85 -9.19 -59.65
N PRO D 266 13.26 -8.62 -60.80
CA PRO D 266 14.69 -8.38 -61.03
C PRO D 266 15.25 -7.19 -60.26
N ARG D 267 16.56 -7.16 -60.14
CA ARG D 267 17.23 -6.08 -59.44
C ARG D 267 18.29 -5.41 -60.32
N TYR D 268 18.37 -4.08 -60.23
CA TYR D 268 19.32 -3.25 -60.99
C TYR D 268 20.34 -2.67 -60.03
N PHE D 269 21.58 -2.55 -60.50
CA PHE D 269 22.70 -2.01 -59.74
C PHE D 269 23.44 -1.00 -60.61
N ASN D 270 23.84 0.11 -60.03
CA ASN D 270 24.75 1.08 -60.65
C ASN D 270 25.87 1.32 -59.63
N ILE D 271 27.04 0.77 -59.89
CA ILE D 271 28.14 0.77 -58.91
C ILE D 271 29.34 1.64 -59.33
N LEU D 272 29.66 2.61 -58.49
CA LEU D 272 30.80 3.50 -58.69
C LEU D 272 32.04 2.92 -58.01
N LEU D 273 33.17 2.93 -58.71
CA LEU D 273 34.41 2.41 -58.13
C LEU D 273 35.55 3.37 -58.33
N ARG D 274 36.61 3.20 -57.56
CA ARG D 274 37.81 4.01 -57.74
C ARG D 274 39.05 3.14 -57.61
N LYS D 275 40.19 3.70 -57.97
CA LYS D 275 41.46 2.99 -57.88
C LYS D 275 42.09 3.27 -56.53
N ARG D 276 42.63 2.22 -55.91
CA ARG D 276 43.23 2.29 -54.59
C ARG D 276 44.51 1.45 -54.52
N THR D 277 45.60 2.07 -54.10
CA THR D 277 46.87 1.37 -53.95
C THR D 277 46.87 0.53 -52.67
N VAL D 278 47.38 -0.68 -52.74
CA VAL D 278 47.55 -1.55 -51.56
C VAL D 278 48.96 -2.09 -51.48
N ARG D 279 49.31 -2.68 -50.33
CA ARG D 279 50.64 -3.22 -50.09
C ARG D 279 50.75 -4.66 -50.56
N ASN E 9 25.27 12.87 -70.94
CA ASN E 9 24.42 13.54 -71.98
C ASN E 9 24.91 14.96 -72.28
N ILE E 10 24.78 15.84 -71.29
CA ILE E 10 25.00 17.27 -71.48
C ILE E 10 26.12 17.74 -70.56
N GLU E 11 27.07 18.49 -71.12
CA GLU E 11 28.19 19.03 -70.36
C GLU E 11 27.76 20.32 -69.68
N VAL E 12 27.68 20.28 -68.35
CA VAL E 12 27.06 21.36 -67.58
C VAL E 12 28.09 22.43 -67.20
N LEU E 13 27.66 23.69 -67.24
CA LEU E 13 28.52 24.84 -66.91
C LEU E 13 27.94 25.62 -65.71
N ASN E 14 28.18 26.92 -65.60
CA ASN E 14 27.66 27.72 -64.48
C ASN E 14 26.19 28.14 -64.62
N LEU E 15 25.59 28.42 -63.47
CA LEU E 15 24.25 28.99 -63.38
C LEU E 15 24.27 30.42 -63.87
N VAL E 16 23.14 30.85 -64.41
CA VAL E 16 22.97 32.24 -64.80
C VAL E 16 22.36 32.93 -63.58
N THR E 17 22.95 34.05 -63.18
CA THR E 17 22.49 34.81 -62.02
C THR E 17 21.58 35.97 -62.44
N GLY E 18 21.09 36.73 -61.47
CA GLY E 18 20.36 37.96 -61.72
C GLY E 18 18.87 37.76 -61.97
N PRO E 19 18.13 38.86 -62.16
CA PRO E 19 16.67 38.79 -62.36
C PRO E 19 16.28 38.04 -63.63
N ASP E 20 15.09 37.45 -63.59
CA ASP E 20 14.57 36.62 -64.67
C ASP E 20 15.32 35.29 -64.87
N SER E 21 16.10 34.87 -63.87
CA SER E 21 16.81 33.58 -63.96
C SER E 21 15.98 32.41 -63.41
N ILE E 22 14.83 32.73 -62.83
CA ILE E 22 13.96 31.74 -62.21
C ILE E 22 12.57 31.79 -62.85
N THR E 23 11.93 30.63 -62.96
CA THR E 23 10.51 30.58 -63.29
C THR E 23 9.87 29.38 -62.61
N THR E 24 8.55 29.37 -62.65
CA THR E 24 7.74 28.42 -61.91
C THR E 24 6.73 27.81 -62.87
N ILE E 25 6.38 26.55 -62.62
CA ILE E 25 5.36 25.88 -63.38
C ILE E 25 4.43 25.18 -62.41
N GLU E 26 3.12 25.43 -62.60
CA GLU E 26 2.07 24.90 -61.79
C GLU E 26 1.05 24.15 -62.64
N LEU E 27 0.76 22.91 -62.29
CA LEU E 27 -0.22 22.11 -63.02
C LEU E 27 -0.81 21.00 -62.12
N TYR E 28 -1.86 20.37 -62.62
CA TYR E 28 -2.34 19.11 -62.08
C TYR E 28 -2.53 18.12 -63.19
N LEU E 29 -2.42 16.85 -62.85
CA LEU E 29 -2.79 15.76 -63.75
C LEU E 29 -3.96 15.00 -63.17
N ASN E 30 -4.97 14.73 -64.01
CA ASN E 30 -6.09 13.86 -63.59
C ASN E 30 -5.73 12.37 -63.73
N THR E 31 -6.35 11.55 -62.89
CA THR E 31 -6.07 10.11 -62.85
C THR E 31 -6.57 9.43 -64.11
N ARG E 32 -5.94 8.30 -64.41
CA ARG E 32 -6.26 7.53 -65.59
C ARG E 32 -6.38 6.07 -65.19
N MET E 33 -7.49 5.80 -64.49
CA MET E 33 -7.83 4.49 -63.95
C MET E 33 -8.55 3.61 -64.96
N GLY E 34 -9.17 4.21 -65.98
CA GLY E 34 -9.68 3.44 -67.10
C GLY E 34 -10.88 4.04 -67.81
N GLN E 35 -11.81 4.58 -67.04
CA GLN E 35 -12.81 5.46 -67.59
C GLN E 35 -12.21 6.84 -67.47
N ASN E 36 -11.66 7.35 -68.57
CA ASN E 36 -10.89 8.59 -68.54
C ASN E 36 -11.57 9.82 -69.16
N ASP E 37 -12.86 9.70 -69.46
CA ASP E 37 -13.62 10.79 -70.06
C ASP E 37 -14.40 11.51 -68.97
N GLU E 38 -14.11 12.80 -68.78
CA GLU E 38 -14.62 13.56 -67.62
C GLU E 38 -16.12 13.82 -67.67
N SER E 39 -16.77 13.55 -68.80
CA SER E 39 -18.23 13.74 -68.90
C SER E 39 -19.01 12.43 -68.85
N LYS E 40 -18.32 11.31 -68.59
CA LYS E 40 -18.95 10.01 -68.44
C LYS E 40 -19.06 9.60 -66.96
N ASP E 41 -20.06 8.78 -66.62
CA ASP E 41 -20.17 8.26 -65.26
C ASP E 41 -18.87 7.47 -65.01
N ASN E 42 -18.53 7.23 -63.76
CA ASN E 42 -17.33 6.39 -63.49
C ASN E 42 -15.97 7.01 -63.79
N TYR E 43 -15.96 8.28 -64.21
CA TYR E 43 -14.73 9.03 -64.36
C TYR E 43 -13.94 9.01 -63.06
N GLY E 44 -12.65 8.71 -63.17
CA GLY E 44 -11.75 8.62 -62.03
C GLY E 44 -11.72 7.25 -61.40
N TYR E 45 -12.47 6.32 -62.00
CA TYR E 45 -12.44 4.92 -61.66
C TYR E 45 -12.10 4.10 -62.92
N SER E 46 -11.79 2.83 -62.70
CA SER E 46 -11.79 1.86 -63.77
C SER E 46 -13.21 1.34 -64.01
N GLU E 47 -13.39 0.73 -65.16
CA GLU E 47 -14.53 -0.18 -65.34
C GLU E 47 -14.33 -1.37 -64.38
N LYS E 48 -15.39 -2.15 -64.23
CA LYS E 48 -15.42 -3.37 -63.42
C LYS E 48 -14.27 -4.33 -63.75
N VAL E 49 -13.57 -4.82 -62.73
CA VAL E 49 -12.46 -5.74 -62.91
C VAL E 49 -12.99 -7.11 -63.24
N THR E 50 -12.37 -7.77 -64.23
CA THR E 50 -12.72 -9.11 -64.61
C THR E 50 -11.49 -9.98 -64.38
N VAL E 51 -11.70 -11.27 -64.31
CA VAL E 51 -10.66 -12.23 -63.93
C VAL E 51 -10.59 -13.30 -65.01
N ALA E 52 -9.41 -13.46 -65.60
CA ALA E 52 -9.17 -14.46 -66.67
C ALA E 52 -9.41 -15.92 -66.20
N ASN E 53 -9.88 -16.79 -67.09
CA ASN E 53 -10.12 -18.20 -66.78
C ASN E 53 -8.85 -19.06 -66.76
N SER E 54 -7.90 -18.68 -67.60
CA SER E 54 -6.59 -19.29 -67.62
C SER E 54 -5.64 -18.22 -68.09
N SER E 55 -4.35 -18.47 -67.97
CA SER E 55 -3.35 -17.45 -68.28
C SER E 55 -3.16 -17.22 -69.81
N ASP E 56 -3.65 -18.14 -70.63
CA ASP E 56 -3.69 -17.95 -72.11
C ASP E 56 -5.05 -17.44 -72.61
N GLN E 57 -5.94 -17.07 -71.71
CA GLN E 57 -7.18 -16.36 -72.04
C GLN E 57 -7.31 -15.16 -71.11
N ASP E 58 -6.21 -14.39 -71.04
CA ASP E 58 -6.11 -13.25 -70.17
C ASP E 58 -6.29 -11.99 -71.04
N LYS E 59 -7.55 -11.61 -71.25
CA LYS E 59 -7.91 -10.47 -72.06
C LYS E 59 -8.73 -9.52 -71.21
N PRO E 60 -8.09 -8.49 -70.66
CA PRO E 60 -8.90 -7.53 -69.89
C PRO E 60 -9.90 -6.81 -70.77
N THR E 61 -11.02 -6.42 -70.19
CA THR E 61 -12.01 -5.62 -70.91
C THR E 61 -11.50 -4.20 -71.09
N SER E 62 -12.17 -3.48 -71.97
CA SER E 62 -11.80 -2.13 -72.30
C SER E 62 -12.09 -1.28 -71.08
N GLY E 63 -11.07 -0.58 -70.60
CA GLY E 63 -11.28 0.36 -69.51
C GLY E 63 -11.06 -0.14 -68.08
N GLU E 64 -10.67 -1.40 -67.89
CA GLU E 64 -10.39 -1.89 -66.54
C GLU E 64 -8.91 -1.79 -66.15
N ILE E 65 -8.10 -1.13 -67.00
CA ILE E 65 -6.64 -1.13 -66.88
C ILE E 65 -6.10 0.28 -66.61
N PRO E 66 -5.62 0.53 -65.39
CA PRO E 66 -4.99 1.81 -65.08
C PRO E 66 -3.78 2.11 -65.96
N THR E 67 -3.63 3.38 -66.33
CA THR E 67 -2.46 3.84 -67.09
C THR E 67 -1.78 5.06 -66.44
N TYR E 68 -0.59 5.39 -66.94
CA TYR E 68 0.16 6.56 -66.45
C TYR E 68 -0.46 7.87 -66.93
N SER E 69 -0.50 8.86 -66.04
CA SER E 69 -0.84 10.21 -66.43
C SER E 69 0.44 10.90 -66.81
N THR E 70 0.37 11.73 -67.85
CA THR E 70 1.56 12.47 -68.25
C THR E 70 1.22 13.70 -69.06
N ALA E 71 2.08 14.70 -68.97
CA ALA E 71 1.97 15.90 -69.81
C ALA E 71 3.35 16.48 -70.08
N ARG E 72 3.44 17.16 -71.21
CA ARG E 72 4.63 17.91 -71.59
C ARG E 72 4.24 19.38 -71.52
N ILE E 73 5.04 20.16 -70.80
CA ILE E 73 4.79 21.57 -70.62
C ILE E 73 5.84 22.34 -71.42
N ASN E 74 5.37 23.30 -72.21
CA ASN E 74 6.27 24.25 -72.87
C ASN E 74 6.75 25.30 -71.89
N LEU E 75 8.07 25.43 -71.79
CA LEU E 75 8.67 26.44 -70.94
C LEU E 75 8.91 27.71 -71.74
N PRO E 76 9.14 28.85 -71.05
CA PRO E 76 9.52 30.06 -71.77
C PRO E 76 10.75 29.84 -72.66
N MET E 77 10.65 30.24 -73.92
CA MET E 77 11.77 30.19 -74.86
C MET E 77 12.89 31.13 -74.43
N LEU E 78 14.12 30.66 -74.57
CA LEU E 78 15.31 31.42 -74.19
C LEU E 78 16.12 31.80 -75.41
N ASN E 85 28.65 28.52 -79.05
CA ASN E 85 29.56 28.12 -77.97
C ASN E 85 28.83 27.43 -76.81
N THR E 86 27.88 28.15 -76.22
CA THR E 86 27.14 27.65 -75.08
C THR E 86 25.66 27.92 -75.31
N LEU E 87 24.82 27.15 -74.61
CA LEU E 87 23.39 27.34 -74.62
C LEU E 87 22.92 27.60 -73.21
N THR E 88 21.64 27.94 -73.07
CA THR E 88 20.98 28.04 -71.78
C THR E 88 19.78 27.13 -71.80
N MET E 89 19.60 26.39 -70.71
CA MET E 89 18.47 25.48 -70.55
C MET E 89 17.81 25.72 -69.20
N TRP E 90 16.51 25.46 -69.15
CA TRP E 90 15.81 25.39 -67.89
C TRP E 90 16.23 24.13 -67.13
N GLU E 91 16.62 24.34 -65.88
CA GLU E 91 17.02 23.28 -64.99
C GLU E 91 15.99 23.21 -63.86
N ALA E 92 15.35 22.05 -63.69
CA ALA E 92 14.38 21.84 -62.60
C ALA E 92 15.08 21.60 -61.27
N VAL E 93 14.78 22.44 -60.29
CA VAL E 93 15.47 22.50 -59.01
C VAL E 93 14.74 21.68 -57.96
N SER E 94 13.43 21.88 -57.90
CA SER E 94 12.63 21.21 -56.90
C SER E 94 11.16 21.17 -57.29
N VAL E 95 10.38 20.41 -56.52
CA VAL E 95 8.95 20.34 -56.76
C VAL E 95 8.18 20.13 -55.47
N LYS E 96 7.06 20.86 -55.36
CA LYS E 96 6.06 20.61 -54.32
C LYS E 96 4.93 19.84 -54.99
N THR E 97 4.66 18.64 -54.52
CA THR E 97 3.66 17.79 -55.15
C THR E 97 2.78 17.15 -54.11
N GLU E 98 1.52 16.99 -54.44
CA GLU E 98 0.58 16.43 -53.49
C GLU E 98 -0.57 15.76 -54.23
N VAL E 99 -1.14 14.76 -53.57
CA VAL E 99 -2.34 14.11 -54.01
C VAL E 99 -3.49 15.00 -53.57
N VAL E 100 -4.43 15.22 -54.47
CA VAL E 100 -5.55 16.13 -54.25
C VAL E 100 -6.78 15.27 -53.99
N GLY E 101 -7.65 15.74 -53.11
CA GLY E 101 -8.93 15.10 -52.87
C GLY E 101 -8.86 13.87 -51.99
N VAL E 102 -7.86 13.80 -51.13
CA VAL E 102 -7.69 12.69 -50.21
C VAL E 102 -8.92 12.57 -49.34
N SER E 103 -9.44 13.71 -48.91
CA SER E 103 -10.63 13.75 -48.05
C SER E 103 -11.87 13.11 -48.71
N SER E 104 -11.89 12.98 -50.03
CA SER E 104 -13.01 12.31 -50.70
C SER E 104 -13.20 10.85 -50.23
N LEU E 105 -12.15 10.26 -49.66
CA LEU E 105 -12.20 8.88 -49.19
C LEU E 105 -12.88 8.69 -47.84
N VAL E 106 -13.29 9.80 -47.24
CA VAL E 106 -14.11 9.80 -46.03
C VAL E 106 -15.54 9.77 -46.57
N ASN E 107 -15.93 8.64 -47.14
CA ASN E 107 -17.27 8.48 -47.65
C ASN E 107 -17.68 7.02 -47.56
N VAL E 108 -18.69 6.74 -46.75
CA VAL E 108 -19.12 5.35 -46.51
C VAL E 108 -20.61 5.15 -46.74
N HIS E 109 -21.23 6.09 -47.45
CA HIS E 109 -22.68 6.02 -47.72
C HIS E 109 -23.01 5.72 -49.18
N MET E 110 -21.99 5.36 -49.96
CA MET E 110 -22.21 5.08 -51.39
C MET E 110 -22.78 3.70 -51.56
N ALA E 111 -23.29 3.43 -52.77
CA ALA E 111 -23.90 2.14 -53.10
C ALA E 111 -22.80 1.09 -53.20
N THR E 112 -22.52 0.44 -52.07
CA THR E 112 -21.38 -0.46 -51.95
C THR E 112 -21.76 -1.62 -51.05
N LYS E 113 -20.90 -2.64 -51.02
CA LYS E 113 -20.99 -3.65 -49.97
C LYS E 113 -20.87 -2.97 -48.60
N ARG E 114 -21.53 -3.53 -47.61
CA ARG E 114 -21.52 -2.90 -46.28
C ARG E 114 -21.24 -3.88 -45.12
N MET E 115 -20.86 -3.35 -43.97
CA MET E 115 -20.40 -4.20 -42.85
C MET E 115 -21.56 -4.72 -42.05
N TYR E 116 -21.30 -5.78 -41.29
CA TYR E 116 -22.18 -6.23 -40.23
C TYR E 116 -23.65 -6.48 -40.64
N ASP E 117 -23.86 -7.54 -41.43
CA ASP E 117 -25.20 -7.99 -41.76
C ASP E 117 -26.06 -6.84 -42.30
N ASP E 118 -25.49 -6.11 -43.25
CA ASP E 118 -26.17 -4.98 -43.92
C ASP E 118 -26.65 -3.84 -43.02
N LYS E 119 -26.09 -3.70 -41.83
CA LYS E 119 -26.45 -2.60 -40.95
C LYS E 119 -25.35 -1.55 -40.81
N GLY E 120 -24.13 -1.93 -41.17
CA GLY E 120 -22.96 -1.07 -40.94
C GLY E 120 -22.67 -0.13 -42.09
N ILE E 121 -21.49 0.46 -42.03
CA ILE E 121 -21.02 1.37 -43.06
C ILE E 121 -20.84 0.69 -44.42
N GLY E 122 -20.88 1.48 -45.48
CA GLY E 122 -20.42 1.05 -46.81
C GLY E 122 -18.93 0.81 -46.68
N PHE E 123 -18.38 -0.16 -47.41
CA PHE E 123 -16.92 -0.32 -47.42
C PHE E 123 -16.36 0.95 -48.06
N PRO E 124 -15.34 1.57 -47.44
CA PRO E 124 -14.65 2.62 -48.13
C PRO E 124 -13.73 2.06 -49.20
N VAL E 125 -13.27 2.96 -50.05
CA VAL E 125 -12.28 2.64 -51.05
C VAL E 125 -11.06 2.10 -50.28
N GLU E 126 -10.67 0.87 -50.56
CA GLU E 126 -9.59 0.23 -49.84
C GLU E 126 -8.87 -0.78 -50.71
N GLY E 127 -7.69 -1.16 -50.25
CA GLY E 127 -6.87 -2.15 -50.92
C GLY E 127 -5.61 -1.51 -51.46
N MET E 128 -5.15 -2.04 -52.58
CA MET E 128 -3.92 -1.68 -53.26
C MET E 128 -3.70 -0.19 -53.43
N ASN E 129 -2.51 0.27 -53.09
CA ASN E 129 -2.11 1.65 -53.33
C ASN E 129 -0.83 1.67 -54.08
N PHE E 130 -0.82 2.53 -55.10
CA PHE E 130 0.30 2.71 -55.97
C PHE E 130 0.41 4.19 -56.28
N HIS E 131 1.58 4.76 -55.98
CA HIS E 131 1.82 6.16 -56.01
C HIS E 131 3.20 6.32 -56.58
N MET E 132 3.23 7.06 -57.67
CA MET E 132 4.45 7.41 -58.32
C MET E 132 4.29 8.78 -58.98
N PHE E 133 5.41 9.48 -59.07
CA PHE E 133 5.47 10.71 -59.86
C PHE E 133 6.88 10.84 -60.40
N ALA E 134 7.01 11.55 -61.52
CA ALA E 134 8.31 11.81 -62.13
C ALA E 134 8.33 13.19 -62.75
N VAL E 135 9.50 13.83 -62.68
CA VAL E 135 9.79 15.12 -63.31
C VAL E 135 11.10 14.98 -64.08
N GLY E 136 11.10 15.36 -65.36
CA GLY E 136 12.27 15.21 -66.22
C GLY E 136 12.32 16.22 -67.34
N GLY E 137 13.49 16.29 -67.98
CA GLY E 137 13.71 17.19 -69.14
C GLY E 137 13.51 16.49 -70.48
N GLU E 138 12.92 15.30 -70.43
CA GLU E 138 12.58 14.52 -71.60
C GLU E 138 11.53 13.47 -71.15
N PRO E 139 10.95 12.70 -72.07
CA PRO E 139 9.90 11.78 -71.64
C PRO E 139 10.43 10.70 -70.70
N LEU E 140 9.56 10.16 -69.86
CA LEU E 140 9.97 9.10 -68.94
C LEU E 140 10.33 7.84 -69.73
N GLU E 141 11.50 7.28 -69.46
CA GLU E 141 11.94 6.07 -70.15
C GLU E 141 11.45 4.82 -69.42
N LEU E 142 10.88 3.89 -70.19
CA LEU E 142 10.17 2.75 -69.61
C LEU E 142 10.77 1.40 -69.96
N GLN E 143 10.60 0.47 -69.03
CA GLN E 143 10.92 -0.93 -69.22
C GLN E 143 9.64 -1.75 -69.13
N PHE E 144 9.44 -2.63 -70.09
CA PHE E 144 8.34 -3.57 -70.05
C PHE E 144 8.66 -4.68 -69.05
N LEU E 145 7.73 -4.94 -68.13
CA LEU E 145 7.76 -6.14 -67.29
C LEU E 145 6.35 -6.47 -66.83
N THR E 146 5.94 -7.73 -66.99
CA THR E 146 4.53 -8.12 -66.74
C THR E 146 4.43 -9.38 -65.88
N GLY E 147 3.32 -9.52 -65.18
CA GLY E 147 2.99 -10.77 -64.46
C GLY E 147 2.56 -11.91 -65.36
N ASN E 148 2.22 -11.61 -66.61
CA ASN E 148 1.76 -12.63 -67.53
C ASN E 148 2.07 -12.23 -68.96
N TYR E 149 3.05 -12.90 -69.57
CA TYR E 149 3.51 -12.49 -70.90
C TYR E 149 2.41 -12.59 -71.96
N ARG E 150 1.40 -13.42 -71.72
CA ARG E 150 0.31 -13.62 -72.66
C ARG E 150 -0.86 -12.61 -72.56
N THR E 151 -0.82 -11.67 -71.63
CA THR E 151 -1.93 -10.74 -71.48
C THR E 151 -2.28 -10.13 -72.85
N ASP E 152 -3.55 -10.27 -73.22
CA ASP E 152 -4.09 -9.81 -74.52
C ASP E 152 -4.79 -8.46 -74.30
N TYR E 153 -4.16 -7.38 -74.75
CA TYR E 153 -4.72 -6.04 -74.62
C TYR E 153 -5.59 -5.58 -75.81
N SER E 154 -5.99 -6.50 -76.68
CA SER E 154 -6.61 -6.09 -77.96
C SER E 154 -8.05 -5.60 -77.82
N ALA E 155 -8.63 -5.69 -76.62
CA ALA E 155 -9.93 -5.04 -76.38
C ALA E 155 -9.83 -3.49 -76.39
N ASN E 156 -8.62 -2.95 -76.23
CA ASN E 156 -8.42 -1.50 -76.31
C ASN E 156 -7.18 -1.17 -77.11
N ASP E 157 -7.37 -0.89 -78.41
CA ASP E 157 -6.25 -0.59 -79.32
C ASP E 157 -5.59 0.79 -79.13
N LYS E 158 -6.08 1.58 -78.17
CA LYS E 158 -5.39 2.80 -77.73
C LYS E 158 -4.30 2.53 -76.68
N LEU E 159 -4.27 1.34 -76.09
CA LEU E 159 -3.23 1.02 -75.14
C LEU E 159 -1.91 0.79 -75.88
N VAL E 160 -0.83 1.38 -75.38
CA VAL E 160 0.48 1.21 -76.00
C VAL E 160 1.19 0.04 -75.32
N VAL E 161 1.37 -1.03 -76.08
CA VAL E 161 2.03 -2.25 -75.62
C VAL E 161 2.86 -2.82 -76.75
N PRO E 162 3.83 -3.70 -76.43
CA PRO E 162 4.59 -4.32 -77.51
C PRO E 162 3.72 -5.24 -78.35
N PRO E 163 3.96 -5.27 -79.67
CA PRO E 163 3.17 -6.12 -80.56
C PRO E 163 3.56 -7.61 -80.46
N ILE E 164 4.71 -7.91 -79.88
CA ILE E 164 5.20 -9.28 -79.72
C ILE E 164 5.13 -9.66 -78.25
N LYS E 165 4.59 -10.84 -78.00
CA LYS E 165 4.54 -11.41 -76.66
C LYS E 165 5.66 -12.44 -76.54
N HIS E 166 6.41 -12.38 -75.44
CA HIS E 166 7.47 -13.35 -75.18
C HIS E 166 7.60 -13.74 -73.69
N GLN E 167 7.91 -15.02 -73.49
CA GLN E 167 8.03 -15.62 -72.15
C GLN E 167 8.92 -14.82 -71.20
N SER E 168 10.03 -14.31 -71.73
CA SER E 168 11.06 -13.61 -70.97
C SER E 168 10.60 -12.23 -70.44
N THR E 169 9.42 -11.78 -70.85
CA THR E 169 8.95 -10.48 -70.38
C THR E 169 8.30 -10.55 -69.00
N GLN E 170 8.22 -11.76 -68.45
CA GLN E 170 7.91 -11.91 -67.05
C GLN E 170 9.14 -11.65 -66.15
N GLY E 171 10.30 -11.47 -66.78
CA GLY E 171 11.50 -10.94 -66.15
C GLY E 171 11.92 -9.66 -66.88
N LEU E 172 13.18 -9.29 -66.74
CA LEU E 172 13.73 -8.11 -67.42
C LEU E 172 14.37 -8.53 -68.74
N ASN E 173 13.74 -8.13 -69.84
CA ASN E 173 14.29 -8.22 -71.18
C ASN E 173 14.50 -6.80 -71.72
N PRO E 174 15.75 -6.37 -71.85
CA PRO E 174 16.02 -4.99 -72.25
C PRO E 174 15.75 -4.67 -73.74
N HIS E 175 15.40 -5.67 -74.55
CA HIS E 175 14.86 -5.36 -75.90
C HIS E 175 13.44 -4.80 -75.86
N TYR E 176 12.76 -4.84 -74.71
CA TYR E 176 11.40 -4.28 -74.63
C TYR E 176 11.43 -3.01 -73.81
N LYS E 177 11.61 -1.88 -74.50
CA LYS E 177 11.59 -0.57 -73.89
C LYS E 177 10.62 0.36 -74.61
N GLN E 178 10.36 1.50 -74.02
CA GLN E 178 9.43 2.48 -74.56
C GLN E 178 9.66 3.84 -73.92
N LYS E 179 8.89 4.82 -74.36
CA LYS E 179 8.94 6.16 -73.78
C LYS E 179 7.53 6.60 -73.44
N LEU E 180 7.36 7.16 -72.24
CA LEU E 180 6.06 7.65 -71.83
C LEU E 180 5.74 8.97 -72.54
N THR E 181 5.12 8.86 -73.72
CA THR E 181 4.79 10.02 -74.58
C THR E 181 3.30 10.20 -74.84
N LYS E 182 2.45 9.47 -74.14
CA LYS E 182 1.02 9.65 -74.28
C LYS E 182 0.32 9.37 -72.98
N ASP E 183 -0.53 10.31 -72.61
CA ASP E 183 -1.35 10.22 -71.42
C ASP E 183 -2.42 9.17 -71.61
N GLY E 184 -2.68 8.40 -70.56
CA GLY E 184 -3.82 7.51 -70.57
C GLY E 184 -3.74 6.34 -71.53
N ALA E 185 -2.51 5.93 -71.89
CA ALA E 185 -2.31 4.82 -72.83
C ALA E 185 -1.31 3.75 -72.40
N PHE E 186 -0.38 4.04 -71.48
CA PHE E 186 0.66 3.07 -71.07
C PHE E 186 0.25 2.37 -69.77
N PRO E 187 -0.13 1.07 -69.85
CA PRO E 187 -0.61 0.42 -68.64
C PRO E 187 0.47 0.32 -67.58
N VAL E 188 0.08 0.60 -66.34
CA VAL E 188 0.99 0.53 -65.22
C VAL E 188 1.44 -0.92 -65.03
N GLU E 189 0.53 -1.84 -65.36
CA GLU E 189 0.77 -3.26 -65.08
C GLU E 189 1.92 -3.85 -65.87
N CYS E 190 2.25 -3.27 -67.03
CA CYS E 190 3.32 -3.85 -67.83
C CYS E 190 4.53 -2.94 -68.09
N TRP E 191 4.43 -1.67 -67.70
CA TRP E 191 5.49 -0.69 -67.94
C TRP E 191 5.96 -0.11 -66.60
N CYS E 192 7.28 -0.12 -66.34
CA CYS E 192 7.84 0.56 -65.19
C CYS E 192 9.02 1.47 -65.59
N PRO E 193 9.46 2.35 -64.67
CA PRO E 193 10.63 3.19 -64.97
C PRO E 193 11.86 2.40 -65.28
N ASP E 194 12.55 2.76 -66.36
CA ASP E 194 13.81 2.14 -66.73
C ASP E 194 14.97 2.74 -65.89
N PRO E 195 15.53 1.96 -64.93
CA PRO E 195 16.66 2.45 -64.14
C PRO E 195 17.99 2.50 -64.90
N SER E 196 18.08 1.81 -66.04
CA SER E 196 19.30 1.85 -66.88
C SER E 196 19.37 3.12 -67.74
N LYS E 197 18.28 3.87 -67.82
CA LYS E 197 18.34 5.21 -68.43
C LYS E 197 17.77 6.20 -67.42
N ASN E 198 16.90 7.12 -67.87
CA ASN E 198 16.29 8.11 -66.98
C ASN E 198 17.30 8.96 -66.20
N GLU E 199 18.43 9.23 -66.84
CA GLU E 199 19.47 10.12 -66.32
C GLU E 199 18.99 11.58 -66.20
N ASN E 200 18.05 11.98 -67.04
CA ASN E 200 17.54 13.34 -67.08
C ASN E 200 16.12 13.43 -66.48
N THR E 201 15.76 12.46 -65.64
CA THR E 201 14.46 12.44 -64.97
C THR E 201 14.63 11.96 -63.52
N ARG E 202 13.88 12.55 -62.58
CA ARG E 202 13.76 11.93 -61.24
C ARG E 202 12.39 11.28 -61.08
N TYR E 203 12.37 10.01 -60.69
CA TYR E 203 11.12 9.35 -60.30
C TYR E 203 11.15 8.82 -58.88
N TYR E 204 9.96 8.72 -58.30
CA TYR E 204 9.75 8.26 -56.94
C TYR E 204 8.46 7.45 -56.93
N GLY E 205 8.49 6.27 -56.34
CA GLY E 205 7.31 5.43 -56.34
C GLY E 205 7.21 4.48 -55.19
N SER E 206 5.98 4.04 -54.91
CA SER E 206 5.72 3.05 -53.89
C SER E 206 4.47 2.25 -54.22
N TYR E 207 4.39 1.08 -53.59
CA TYR E 207 3.31 0.13 -53.77
C TYR E 207 3.05 -0.52 -52.41
N THR E 208 1.78 -0.53 -52.03
CA THR E 208 1.27 -1.30 -50.92
C THR E 208 0.15 -2.15 -51.46
N GLY E 209 0.30 -3.48 -51.35
CA GLY E 209 -0.67 -4.40 -51.93
C GLY E 209 -1.69 -4.98 -50.97
N GLY E 210 -1.96 -6.27 -51.10
CA GLY E 210 -2.95 -6.95 -50.26
C GLY E 210 -4.35 -6.73 -50.81
N GLN E 211 -5.34 -7.32 -50.15
CA GLN E 211 -6.71 -7.36 -50.71
C GLN E 211 -7.59 -6.16 -50.32
N SER E 212 -7.62 -5.87 -49.02
CA SER E 212 -8.51 -4.84 -48.45
C SER E 212 -7.69 -3.90 -47.58
N THR E 213 -6.39 -3.84 -47.85
CA THR E 213 -5.43 -3.04 -47.07
C THR E 213 -5.91 -1.61 -46.85
N PRO E 214 -5.70 -1.06 -45.64
CA PRO E 214 -5.96 0.36 -45.41
C PRO E 214 -5.10 1.30 -46.29
N PRO E 215 -5.73 2.25 -47.00
CA PRO E 215 -4.92 3.32 -47.61
C PRO E 215 -4.32 4.19 -46.52
N VAL E 216 -3.03 4.50 -46.64
CA VAL E 216 -2.35 5.44 -45.75
C VAL E 216 -1.84 6.58 -46.65
N LEU E 217 -2.41 7.78 -46.47
CA LEU E 217 -2.18 8.87 -47.38
C LEU E 217 -1.89 10.16 -46.62
N GLN E 218 -1.07 11.02 -47.22
CA GLN E 218 -0.72 12.29 -46.60
C GLN E 218 -0.88 13.43 -47.61
N PHE E 219 -1.22 14.63 -47.13
CA PHE E 219 -1.29 15.80 -48.00
C PHE E 219 -0.94 17.06 -47.23
N THR E 220 -0.11 17.91 -47.87
CA THR E 220 0.37 19.14 -47.27
C THR E 220 0.90 20.05 -48.38
N ASN E 221 0.97 21.35 -48.10
CA ASN E 221 1.53 22.32 -49.07
C ASN E 221 2.87 22.83 -48.56
N THR E 222 3.49 22.06 -47.66
CA THR E 222 4.71 22.53 -47.02
C THR E 222 5.95 21.69 -47.37
N VAL E 223 5.81 20.69 -48.23
CA VAL E 223 6.95 19.79 -48.52
C VAL E 223 7.51 19.98 -49.92
N THR E 224 8.82 20.20 -49.98
CA THR E 224 9.55 20.44 -51.22
C THR E 224 10.47 19.25 -51.50
N THR E 225 10.35 18.65 -52.68
CA THR E 225 11.28 17.58 -53.10
C THR E 225 12.38 18.21 -53.95
N VAL E 226 13.61 18.06 -53.50
CA VAL E 226 14.75 18.61 -54.20
C VAL E 226 15.06 17.65 -55.35
N LEU E 227 15.12 18.18 -56.57
CA LEU E 227 15.38 17.37 -57.77
C LEU E 227 16.87 17.41 -58.21
N LEU E 228 17.70 18.11 -57.48
CA LEU E 228 19.11 18.17 -57.83
C LEU E 228 19.75 16.83 -57.55
N ASP E 229 20.61 16.39 -58.46
CA ASP E 229 21.31 15.11 -58.28
C ASP E 229 22.48 15.28 -57.33
N GLU E 230 23.27 14.23 -57.18
CA GLU E 230 24.43 14.23 -56.28
C GLU E 230 25.41 15.38 -56.58
N ASN E 231 25.59 15.70 -57.85
CA ASN E 231 26.46 16.82 -58.29
C ASN E 231 25.82 18.21 -58.26
N GLY E 232 24.57 18.31 -57.79
CA GLY E 232 23.86 19.59 -57.68
C GLY E 232 23.22 19.99 -58.99
N VAL E 233 22.91 19.02 -59.83
CA VAL E 233 22.39 19.27 -61.17
C VAL E 233 21.00 18.67 -61.31
N GLY E 234 20.01 19.52 -61.54
CA GLY E 234 18.65 19.05 -61.76
C GLY E 234 18.41 18.59 -63.19
N PRO E 235 17.24 18.02 -63.46
CA PRO E 235 16.82 17.72 -64.84
C PRO E 235 16.93 18.95 -65.75
N LEU E 236 17.52 18.77 -66.93
CA LEU E 236 17.72 19.82 -67.91
C LEU E 236 16.72 19.63 -69.05
N CYS E 237 15.98 20.69 -69.36
CA CYS E 237 14.77 20.59 -70.16
C CYS E 237 15.01 20.72 -71.68
N LYS E 238 15.18 19.59 -72.36
CA LYS E 238 15.49 19.57 -73.80
C LYS E 238 14.35 20.15 -74.66
N GLY E 239 14.71 21.03 -75.58
CA GLY E 239 13.76 21.71 -76.45
C GLY E 239 12.74 22.52 -75.67
N ASP E 240 13.15 22.99 -74.49
CA ASP E 240 12.29 23.76 -73.56
C ASP E 240 11.05 23.00 -73.13
N GLY E 241 11.17 21.68 -73.02
CA GLY E 241 10.09 20.83 -72.58
C GLY E 241 10.33 20.29 -71.18
N LEU E 242 9.28 20.33 -70.36
CA LEU E 242 9.28 19.72 -69.02
C LEU E 242 8.28 18.57 -69.02
N TYR E 243 8.71 17.41 -68.51
CA TYR E 243 7.88 16.22 -68.51
C TYR E 243 7.48 15.82 -67.11
N VAL E 244 6.16 15.74 -66.90
CA VAL E 244 5.61 15.40 -65.58
C VAL E 244 4.68 14.20 -65.75
N SER E 245 4.88 13.18 -64.92
CA SER E 245 4.17 11.93 -65.05
C SER E 245 3.75 11.46 -63.67
N CYS E 246 2.68 10.67 -63.59
CA CYS E 246 2.29 10.15 -62.28
C CYS E 246 1.26 9.06 -62.40
N CYS E 247 1.08 8.35 -61.29
CA CYS E 247 -0.02 7.42 -61.11
C CYS E 247 -0.33 7.34 -59.62
N ASP E 248 -1.62 7.41 -59.30
CA ASP E 248 -2.10 7.44 -57.90
C ASP E 248 -3.37 6.64 -57.69
N ILE E 249 -3.19 5.34 -57.57
CA ILE E 249 -4.31 4.43 -57.25
C ILE E 249 -4.48 4.41 -55.72
N VAL E 250 -5.71 4.57 -55.25
CA VAL E 250 -5.96 4.62 -53.82
C VAL E 250 -6.70 3.41 -53.27
N GLY E 251 -7.09 2.49 -54.14
CA GLY E 251 -7.74 1.27 -53.70
C GLY E 251 -8.89 0.98 -54.61
N PHE E 252 -9.82 0.17 -54.13
CA PHE E 252 -10.97 -0.29 -54.92
C PHE E 252 -12.29 0.11 -54.26
N LEU E 253 -13.26 0.46 -55.10
CA LEU E 253 -14.63 0.63 -54.66
C LEU E 253 -15.32 -0.73 -54.82
N VAL E 254 -15.99 -1.19 -53.77
CA VAL E 254 -16.63 -2.52 -53.76
C VAL E 254 -18.15 -2.36 -53.88
N GLY E 255 -18.68 -2.62 -55.07
CA GLY E 255 -20.12 -2.56 -55.34
C GLY E 255 -20.93 -3.55 -54.54
N LYS E 256 -22.24 -3.33 -54.44
CA LYS E 256 -23.14 -4.20 -53.67
C LYS E 256 -23.03 -5.69 -53.94
N ASP E 257 -22.79 -6.06 -55.20
CA ASP E 257 -22.66 -7.48 -55.57
C ASP E 257 -21.23 -8.02 -55.53
N GLY E 258 -20.29 -7.25 -54.99
CA GLY E 258 -18.89 -7.67 -54.92
C GLY E 258 -18.02 -7.19 -56.06
N ASP E 259 -18.62 -6.62 -57.12
CA ASP E 259 -17.87 -6.09 -58.27
C ASP E 259 -16.99 -4.91 -57.85
N MET E 260 -15.79 -4.83 -58.42
CA MET E 260 -14.78 -3.90 -57.94
C MET E 260 -14.19 -3.02 -59.04
N GLN E 261 -13.91 -1.77 -58.68
CA GLN E 261 -13.34 -0.81 -59.64
C GLN E 261 -12.16 -0.10 -59.00
N TYR E 262 -11.07 0.08 -59.74
CA TYR E 262 -9.99 0.97 -59.28
C TYR E 262 -10.46 2.40 -59.09
N ARG E 263 -9.96 3.03 -58.03
CA ARG E 263 -10.19 4.45 -57.78
C ARG E 263 -8.84 5.16 -57.72
N GLY E 264 -8.76 6.27 -58.43
CA GLY E 264 -7.55 7.08 -58.48
C GLY E 264 -7.85 8.51 -58.15
N LEU E 265 -6.81 9.25 -57.80
CA LEU E 265 -6.92 10.64 -57.41
C LEU E 265 -5.95 11.48 -58.23
N PRO E 266 -6.27 12.78 -58.42
CA PRO E 266 -5.39 13.66 -59.18
C PRO E 266 -4.16 14.04 -58.37
N ARG E 267 -3.16 14.57 -59.06
CA ARG E 267 -1.91 14.97 -58.43
C ARG E 267 -1.58 16.36 -58.90
N TYR E 268 -1.09 17.19 -57.98
CA TYR E 268 -0.70 18.57 -58.24
C TYR E 268 0.81 18.68 -58.21
N PHE E 269 1.36 19.57 -59.03
CA PHE E 269 2.79 19.80 -59.10
C PHE E 269 3.04 21.29 -59.15
N ASN E 270 4.02 21.76 -58.38
CA ASN E 270 4.52 23.13 -58.46
C ASN E 270 6.03 23.04 -58.57
N ILE E 271 6.57 23.34 -59.75
CA ILE E 271 7.96 23.08 -60.05
C ILE E 271 8.77 24.37 -60.16
N LEU E 272 9.94 24.38 -59.52
CA LEU E 272 10.84 25.53 -59.56
C LEU E 272 11.96 25.21 -60.55
N LEU E 273 12.20 26.13 -61.48
CA LEU E 273 13.23 25.95 -62.48
C LEU E 273 14.18 27.14 -62.53
N ARG E 274 15.45 26.89 -62.84
CA ARG E 274 16.41 27.97 -63.03
C ARG E 274 17.14 27.82 -64.34
N LYS E 275 17.77 28.89 -64.77
CA LYS E 275 18.57 28.91 -65.98
C LYS E 275 19.97 28.35 -65.72
N ARG E 276 20.43 27.49 -66.61
CA ARG E 276 21.76 26.87 -66.47
C ARG E 276 22.49 26.96 -67.79
N THR E 277 23.75 27.37 -67.75
CA THR E 277 24.58 27.39 -68.97
C THR E 277 25.19 26.01 -69.19
N VAL E 278 25.16 25.56 -70.45
CA VAL E 278 25.69 24.26 -70.86
C VAL E 278 26.55 24.47 -72.09
N ARG E 279 27.51 23.56 -72.32
CA ARG E 279 28.41 23.65 -73.46
C ARG E 279 27.65 23.29 -74.74
N ILE F 10 27.99 -14.18 59.54
CA ILE F 10 28.96 -13.77 58.48
C ILE F 10 29.24 -12.28 58.57
N GLU F 11 30.39 -11.91 59.15
CA GLU F 11 30.83 -10.52 59.14
C GLU F 11 31.23 -10.17 57.71
N VAL F 12 30.41 -9.37 57.04
CA VAL F 12 30.69 -8.96 55.66
C VAL F 12 31.61 -7.74 55.67
N LEU F 13 32.67 -7.80 54.87
CA LEU F 13 33.63 -6.69 54.77
C LEU F 13 33.37 -5.83 53.52
N ASN F 14 34.43 -5.37 52.85
CA ASN F 14 34.32 -4.46 51.70
C ASN F 14 34.35 -5.20 50.36
N LEU F 15 34.01 -4.48 49.30
CA LEU F 15 33.99 -5.04 47.94
C LEU F 15 35.38 -5.14 47.33
N VAL F 16 35.62 -6.24 46.62
CA VAL F 16 36.82 -6.39 45.80
C VAL F 16 36.59 -5.66 44.47
N THR F 17 37.42 -4.66 44.17
CA THR F 17 37.33 -3.95 42.89
C THR F 17 38.38 -4.44 41.90
N GLY F 18 38.07 -4.37 40.61
CA GLY F 18 39.03 -4.69 39.55
C GLY F 18 38.50 -5.58 38.46
N PRO F 19 39.41 -6.31 37.77
CA PRO F 19 39.01 -7.20 36.68
C PRO F 19 38.44 -8.51 37.20
N ASP F 20 37.38 -8.99 36.57
CA ASP F 20 36.69 -10.22 36.99
C ASP F 20 36.24 -10.17 38.46
N SER F 21 35.91 -8.97 38.94
CA SER F 21 35.24 -8.83 40.22
C SER F 21 33.71 -8.85 40.07
N ILE F 22 33.20 -8.86 38.84
CA ILE F 22 31.78 -9.03 38.53
C ILE F 22 31.59 -10.26 37.65
N THR F 23 30.44 -10.93 37.75
CA THR F 23 30.05 -11.98 36.79
C THR F 23 28.54 -12.05 36.61
N THR F 24 28.12 -12.69 35.52
CA THR F 24 26.71 -12.85 35.19
C THR F 24 26.34 -14.32 35.01
N ILE F 25 25.17 -14.68 35.54
CA ILE F 25 24.61 -16.03 35.45
C ILE F 25 23.24 -15.94 34.79
N GLU F 26 22.99 -16.86 33.86
CA GLU F 26 21.76 -16.89 33.07
C GLU F 26 21.18 -18.31 33.12
N LEU F 27 19.90 -18.42 33.39
CA LEU F 27 19.24 -19.73 33.35
C LEU F 27 17.74 -19.56 33.24
N TYR F 28 17.07 -20.69 33.03
CA TYR F 28 15.63 -20.73 33.08
C TYR F 28 15.22 -21.93 33.90
N LEU F 29 14.01 -21.86 34.44
CA LEU F 29 13.40 -22.99 35.15
C LEU F 29 12.05 -23.29 34.53
N ASN F 30 11.89 -24.54 34.11
CA ASN F 30 10.66 -25.01 33.52
C ASN F 30 9.71 -25.34 34.63
N THR F 31 8.42 -25.20 34.33
CA THR F 31 7.37 -25.39 35.30
C THR F 31 7.24 -26.85 35.79
N ARG F 32 6.69 -27.01 36.98
CA ARG F 32 6.51 -28.33 37.62
C ARG F 32 5.09 -28.42 38.17
N MET F 33 4.13 -28.46 37.24
CA MET F 33 2.71 -28.44 37.55
C MET F 33 2.13 -29.82 37.95
N GLY F 34 2.86 -30.89 37.71
CA GLY F 34 2.37 -32.23 37.98
C GLY F 34 2.83 -33.23 36.95
N GLN F 35 2.68 -32.89 35.66
CA GLN F 35 3.32 -33.70 34.62
C GLN F 35 4.61 -33.00 34.26
N ASN F 36 5.70 -33.50 34.83
CA ASN F 36 6.98 -32.78 34.84
C ASN F 36 8.02 -33.34 33.87
N ASP F 37 7.65 -34.36 33.11
CA ASP F 37 8.58 -35.04 32.21
C ASP F 37 8.36 -34.42 30.83
N GLU F 38 9.37 -33.70 30.35
CA GLU F 38 9.26 -32.91 29.13
C GLU F 38 8.98 -33.72 27.86
N SER F 39 9.10 -35.05 27.92
CA SER F 39 8.75 -35.91 26.79
C SER F 39 7.27 -36.34 26.74
N LYS F 40 6.51 -36.14 27.80
CA LYS F 40 5.12 -36.63 27.88
C LYS F 40 4.06 -35.60 27.51
N ASP F 41 2.86 -36.10 27.17
CA ASP F 41 1.80 -35.30 26.51
C ASP F 41 1.27 -34.12 27.34
N ASN F 42 1.14 -34.30 28.65
CA ASN F 42 0.62 -33.26 29.54
C ASN F 42 1.70 -32.37 30.19
N TYR F 43 2.92 -32.41 29.66
CA TYR F 43 4.01 -31.58 30.16
C TYR F 43 3.63 -30.10 30.27
N GLY F 44 3.85 -29.54 31.46
CA GLY F 44 3.56 -28.13 31.74
C GLY F 44 2.17 -27.90 32.26
N TYR F 45 1.46 -28.99 32.50
CA TYR F 45 0.15 -28.97 33.10
C TYR F 45 0.18 -29.98 34.23
N SER F 46 -0.80 -29.87 35.11
CA SER F 46 -1.07 -30.90 36.11
C SER F 46 -1.90 -31.93 35.40
N GLU F 47 -2.00 -33.14 35.99
CA GLU F 47 -3.04 -34.10 35.60
C GLU F 47 -4.38 -33.54 36.05
N LYS F 48 -5.46 -34.15 35.55
CA LYS F 48 -6.81 -33.80 35.94
C LYS F 48 -6.91 -33.53 37.44
N VAL F 49 -7.48 -32.39 37.80
CA VAL F 49 -7.77 -32.12 39.21
C VAL F 49 -8.92 -33.03 39.66
N THR F 50 -8.80 -33.62 40.85
CA THR F 50 -9.88 -34.40 41.44
C THR F 50 -10.27 -33.72 42.76
N VAL F 51 -11.43 -34.09 43.29
CA VAL F 51 -12.01 -33.44 44.45
C VAL F 51 -12.34 -34.51 45.47
N ALA F 52 -11.84 -34.35 46.68
CA ALA F 52 -12.08 -35.32 47.75
C ALA F 52 -13.57 -35.48 48.03
N ASN F 53 -13.99 -36.69 48.44
CA ASN F 53 -15.37 -36.93 48.87
C ASN F 53 -15.65 -36.37 50.25
N SER F 54 -14.63 -36.44 51.10
CA SER F 54 -14.67 -35.86 52.45
C SER F 54 -13.24 -35.46 52.81
N SER F 55 -13.10 -34.71 53.90
CA SER F 55 -11.80 -34.16 54.26
C SER F 55 -10.84 -35.20 54.87
N ASP F 56 -11.37 -36.37 55.23
CA ASP F 56 -10.55 -37.50 55.68
C ASP F 56 -10.32 -38.53 54.56
N GLN F 57 -10.86 -38.27 53.37
CA GLN F 57 -10.62 -39.09 52.18
C GLN F 57 -10.03 -38.20 51.08
N ASP F 58 -9.05 -37.39 51.46
CA ASP F 58 -8.48 -36.35 50.59
C ASP F 58 -7.10 -36.81 50.16
N LYS F 59 -7.07 -37.60 49.10
CA LYS F 59 -5.85 -38.21 48.57
C LYS F 59 -5.77 -37.83 47.10
N PRO F 60 -5.02 -36.75 46.77
CA PRO F 60 -4.92 -36.41 45.35
C PRO F 60 -4.21 -37.49 44.51
N THR F 61 -4.61 -37.60 43.25
CA THR F 61 -3.96 -38.52 42.31
C THR F 61 -2.52 -38.11 42.07
N SER F 62 -1.71 -39.04 41.56
CA SER F 62 -0.33 -38.73 41.23
C SER F 62 -0.30 -37.71 40.09
N GLY F 63 0.49 -36.65 40.27
CA GLY F 63 0.69 -35.64 39.23
C GLY F 63 -0.36 -34.56 39.13
N GLU F 64 -1.26 -34.44 40.10
CA GLU F 64 -2.23 -33.35 40.07
C GLU F 64 -1.82 -32.16 40.94
N ILE F 65 -0.59 -32.19 41.46
CA ILE F 65 -0.14 -31.25 42.48
C ILE F 65 1.07 -30.42 42.00
N PRO F 66 0.89 -29.10 41.88
CA PRO F 66 2.05 -28.29 41.51
C PRO F 66 3.09 -28.24 42.63
N THR F 67 4.36 -28.23 42.24
CA THR F 67 5.48 -28.13 43.16
C THR F 67 6.37 -26.96 42.75
N TYR F 68 7.33 -26.59 43.59
CA TYR F 68 8.29 -25.55 43.24
C TYR F 68 9.39 -26.03 42.31
N SER F 69 9.76 -25.14 41.38
CA SER F 69 10.95 -25.32 40.57
C SER F 69 12.14 -24.76 41.32
N THR F 70 13.30 -25.39 41.17
CA THR F 70 14.51 -24.92 41.83
C THR F 70 15.76 -25.47 41.17
N ALA F 71 16.89 -24.81 41.44
CA ALA F 71 18.18 -25.22 40.89
C ALA F 71 19.32 -24.58 41.66
N ARG F 72 20.40 -25.34 41.80
CA ARG F 72 21.67 -24.86 42.36
C ARG F 72 22.66 -24.64 41.22
N ILE F 73 23.11 -23.40 41.03
CA ILE F 73 24.09 -23.06 39.98
C ILE F 73 25.47 -22.89 40.58
N ASN F 74 26.45 -23.62 40.04
CA ASN F 74 27.83 -23.49 40.48
C ASN F 74 28.50 -22.25 39.91
N LEU F 75 29.12 -21.47 40.79
CA LEU F 75 29.83 -20.27 40.38
C LEU F 75 31.34 -20.54 40.34
N PRO F 76 32.10 -19.70 39.61
CA PRO F 76 33.57 -19.78 39.60
C PRO F 76 34.16 -19.70 41.02
N MET F 77 35.23 -20.47 41.26
CA MET F 77 35.89 -20.49 42.56
C MET F 77 36.81 -19.28 42.72
N CYS F 84 44.84 -18.01 54.81
CA CYS F 84 43.89 -16.97 54.44
C CYS F 84 42.87 -16.72 55.55
N ASN F 85 43.00 -15.57 56.22
CA ASN F 85 42.03 -15.15 57.22
C ASN F 85 40.69 -14.79 56.57
N THR F 86 40.75 -13.92 55.57
CA THR F 86 39.54 -13.50 54.84
C THR F 86 39.13 -14.53 53.80
N LEU F 87 37.84 -14.47 53.45
CA LEU F 87 37.30 -15.27 52.37
C LEU F 87 36.68 -14.33 51.35
N THR F 88 36.66 -14.79 50.09
CA THR F 88 35.99 -14.08 49.01
C THR F 88 34.75 -14.89 48.63
N MET F 89 33.63 -14.20 48.47
CA MET F 89 32.35 -14.84 48.17
C MET F 89 31.70 -14.11 47.02
N TRP F 90 30.79 -14.79 46.35
CA TRP F 90 29.96 -14.13 45.36
C TRP F 90 28.74 -13.52 46.08
N GLU F 91 28.44 -12.26 45.75
CA GLU F 91 27.33 -11.53 46.32
C GLU F 91 26.31 -11.21 45.22
N ALA F 92 25.09 -11.75 45.32
CA ALA F 92 24.02 -11.46 44.33
C ALA F 92 23.53 -10.02 44.44
N VAL F 93 23.72 -9.22 43.38
CA VAL F 93 23.43 -7.78 43.38
C VAL F 93 22.05 -7.47 42.81
N SER F 94 21.71 -8.10 41.70
CA SER F 94 20.39 -7.88 41.13
C SER F 94 20.00 -9.00 40.21
N VAL F 95 18.72 -9.01 39.84
CA VAL F 95 18.22 -9.98 38.90
C VAL F 95 17.19 -9.34 37.97
N LYS F 96 17.24 -9.76 36.72
CA LYS F 96 16.18 -9.45 35.79
C LYS F 96 15.53 -10.78 35.56
N THR F 97 14.23 -10.85 35.75
CA THR F 97 13.52 -12.11 35.62
C THR F 97 12.22 -11.84 34.92
N GLU F 98 11.75 -12.84 34.18
CA GLU F 98 10.50 -12.70 33.49
C GLU F 98 9.86 -14.05 33.28
N VAL F 99 8.53 -14.05 33.24
CA VAL F 99 7.77 -15.23 32.87
C VAL F 99 7.83 -15.39 31.34
N VAL F 100 8.20 -16.59 30.89
CA VAL F 100 8.33 -16.86 29.47
C VAL F 100 7.03 -17.46 28.94
N GLY F 101 6.71 -17.16 27.68
CA GLY F 101 5.57 -17.80 27.01
C GLY F 101 4.20 -17.24 27.34
N VAL F 102 4.15 -16.05 27.89
CA VAL F 102 2.88 -15.43 28.22
C VAL F 102 1.96 -15.40 27.00
N SER F 103 2.55 -15.13 25.84
CA SER F 103 1.78 -15.06 24.59
C SER F 103 0.99 -16.34 24.27
N SER F 104 1.48 -17.49 24.75
CA SER F 104 0.83 -18.77 24.52
C SER F 104 -0.60 -18.82 25.03
N LEU F 105 -0.94 -17.94 25.97
CA LEU F 105 -2.30 -17.88 26.50
C LEU F 105 -3.31 -17.20 25.56
N VAL F 106 -2.80 -16.59 24.48
CA VAL F 106 -3.64 -16.10 23.37
C VAL F 106 -4.04 -17.29 22.49
N ASN F 107 -4.90 -18.13 23.04
CA ASN F 107 -5.27 -19.35 22.35
C ASN F 107 -6.61 -19.82 22.85
N VAL F 108 -7.61 -19.79 21.98
CA VAL F 108 -8.96 -20.16 22.34
C VAL F 108 -9.55 -21.17 21.35
N HIS F 109 -8.69 -21.92 20.67
CA HIS F 109 -9.15 -22.97 19.75
C HIS F 109 -8.73 -24.35 20.21
N MET F 110 -8.21 -24.47 21.43
CA MET F 110 -7.82 -25.77 21.96
C MET F 110 -9.09 -26.56 22.28
N ALA F 111 -8.95 -27.87 22.45
CA ALA F 111 -10.10 -28.70 22.80
C ALA F 111 -10.53 -28.40 24.24
N THR F 112 -11.43 -27.42 24.38
CA THR F 112 -11.88 -26.93 25.68
C THR F 112 -13.39 -26.76 25.67
N LYS F 113 -13.95 -26.42 26.84
CA LYS F 113 -15.32 -25.92 26.92
C LYS F 113 -15.33 -24.60 26.19
N ARG F 114 -16.49 -24.22 25.68
CA ARG F 114 -16.57 -23.01 24.87
C ARG F 114 -17.78 -22.16 25.21
N MET F 115 -17.67 -20.88 24.88
CA MET F 115 -18.71 -19.92 25.22
C MET F 115 -19.93 -20.02 24.29
N TYR F 116 -21.02 -19.38 24.72
CA TYR F 116 -22.25 -19.15 23.92
C TYR F 116 -22.85 -20.35 23.16
N ASP F 117 -23.34 -21.32 23.93
CA ASP F 117 -24.02 -22.49 23.39
C ASP F 117 -23.18 -23.18 22.31
N ASP F 118 -21.89 -23.32 22.56
CA ASP F 118 -20.98 -24.02 21.65
C ASP F 118 -20.67 -23.33 20.31
N LYS F 119 -20.88 -22.02 20.22
CA LYS F 119 -20.51 -21.27 19.02
C LYS F 119 -19.30 -20.36 19.22
N GLY F 120 -18.99 -20.03 20.48
CA GLY F 120 -18.01 -19.01 20.79
C GLY F 120 -16.62 -19.54 20.94
N ILE F 121 -15.78 -18.75 21.60
CA ILE F 121 -14.40 -19.14 21.79
C ILE F 121 -14.27 -20.26 22.81
N GLY F 122 -13.20 -21.04 22.69
CA GLY F 122 -12.80 -21.97 23.72
C GLY F 122 -12.35 -21.17 24.92
N PHE F 123 -12.62 -21.70 26.11
CA PHE F 123 -12.23 -21.00 27.34
C PHE F 123 -10.72 -20.88 27.33
N PRO F 124 -10.19 -19.66 27.49
CA PRO F 124 -8.75 -19.56 27.64
C PRO F 124 -8.33 -20.06 29.01
N VAL F 125 -7.06 -20.41 29.15
CA VAL F 125 -6.47 -20.75 30.45
C VAL F 125 -6.74 -19.57 31.38
N GLU F 126 -7.45 -19.81 32.47
CA GLU F 126 -7.92 -18.72 33.31
C GLU F 126 -8.13 -19.23 34.71
N GLY F 127 -8.40 -18.31 35.62
CA GLY F 127 -8.49 -18.65 37.03
C GLY F 127 -7.25 -18.22 37.81
N MET F 128 -7.05 -18.93 38.93
CA MET F 128 -6.01 -18.72 39.90
C MET F 128 -4.63 -18.53 39.29
N ASN F 129 -3.92 -17.53 39.82
CA ASN F 129 -2.57 -17.23 39.42
C ASN F 129 -1.73 -17.17 40.66
N PHE F 130 -0.55 -17.75 40.61
CA PHE F 130 0.38 -17.78 41.73
C PHE F 130 1.80 -17.64 41.15
N HIS F 131 2.50 -16.60 41.58
CA HIS F 131 3.80 -16.23 41.00
C HIS F 131 4.79 -15.92 42.10
N MET F 132 5.85 -16.71 42.16
CA MET F 132 6.88 -16.49 43.14
C MET F 132 8.25 -16.78 42.55
N PHE F 133 9.26 -16.05 42.99
CA PHE F 133 10.63 -16.40 42.69
C PHE F 133 11.51 -16.06 43.87
N ALA F 134 12.66 -16.70 43.95
CA ALA F 134 13.58 -16.50 45.06
C ALA F 134 15.01 -16.61 44.59
N VAL F 135 15.86 -15.72 45.08
CA VAL F 135 17.28 -15.74 44.76
C VAL F 135 18.08 -15.71 46.07
N GLY F 136 18.95 -16.71 46.28
CA GLY F 136 19.73 -16.78 47.52
C GLY F 136 21.06 -17.51 47.46
N GLY F 137 21.85 -17.33 48.52
CA GLY F 137 23.12 -18.04 48.68
C GLY F 137 23.01 -19.43 49.31
N GLU F 138 21.78 -19.92 49.48
CA GLU F 138 21.53 -21.25 50.04
C GLU F 138 20.11 -21.67 49.69
N PRO F 139 19.76 -22.95 49.89
CA PRO F 139 18.39 -23.37 49.53
C PRO F 139 17.33 -22.55 50.28
N LEU F 140 16.21 -22.25 49.62
CA LEU F 140 15.09 -21.52 50.25
C LEU F 140 14.51 -22.31 51.42
N GLU F 141 14.36 -21.66 52.56
CA GLU F 141 13.88 -22.32 53.78
C GLU F 141 12.36 -22.24 53.81
N LEU F 142 11.74 -23.38 54.12
CA LEU F 142 10.31 -23.59 53.94
C LEU F 142 9.56 -23.86 55.23
N GLN F 143 8.33 -23.36 55.31
CA GLN F 143 7.44 -23.63 56.42
C GLN F 143 6.26 -24.42 55.86
N PHE F 144 5.82 -25.42 56.62
CA PHE F 144 4.67 -26.22 56.23
C PHE F 144 3.40 -25.51 56.65
N LEU F 145 2.47 -25.36 55.73
CA LEU F 145 1.17 -24.86 56.08
C LEU F 145 0.14 -25.31 55.07
N THR F 146 -0.91 -26.00 55.55
CA THR F 146 -1.91 -26.58 54.66
C THR F 146 -3.36 -26.15 54.97
N GLY F 147 -4.22 -26.21 53.95
CA GLY F 147 -5.65 -25.99 54.15
C GLY F 147 -6.36 -27.18 54.79
N ASN F 148 -5.70 -28.34 54.81
CA ASN F 148 -6.25 -29.59 55.37
C ASN F 148 -5.12 -30.45 55.94
N TYR F 149 -5.08 -30.60 57.25
CA TYR F 149 -4.00 -31.34 57.90
C TYR F 149 -3.91 -32.81 57.49
N ARG F 150 -5.03 -33.37 57.03
CA ARG F 150 -5.15 -34.80 56.67
C ARG F 150 -4.88 -35.17 55.21
N THR F 151 -4.57 -34.19 54.38
CA THR F 151 -4.24 -34.46 52.98
C THR F 151 -3.25 -35.62 52.90
N ASP F 152 -3.58 -36.64 52.11
CA ASP F 152 -2.78 -37.84 51.98
C ASP F 152 -2.00 -37.78 50.66
N TYR F 153 -0.67 -37.71 50.74
CA TYR F 153 0.15 -37.46 49.57
C TYR F 153 0.78 -38.72 48.96
N SER F 154 0.42 -39.89 49.48
CA SER F 154 1.17 -41.13 49.20
C SER F 154 0.95 -41.77 47.83
N ALA F 155 0.00 -41.27 47.05
CA ALA F 155 -0.17 -41.71 45.66
C ALA F 155 1.05 -41.37 44.79
N ASN F 156 1.98 -40.58 45.33
CA ASN F 156 3.21 -40.22 44.64
C ASN F 156 4.31 -39.99 45.67
N ASP F 157 5.06 -41.05 45.98
CA ASP F 157 6.10 -40.96 47.03
C ASP F 157 7.34 -40.17 46.59
N LYS F 158 7.30 -39.59 45.39
CA LYS F 158 8.32 -38.65 44.94
C LYS F 158 8.21 -37.28 45.61
N LEU F 159 7.01 -36.92 46.09
CA LEU F 159 6.80 -35.65 46.76
C LEU F 159 7.43 -35.67 48.15
N VAL F 160 7.96 -34.52 48.56
CA VAL F 160 8.55 -34.36 49.87
C VAL F 160 7.55 -33.67 50.78
N VAL F 161 7.14 -34.39 51.82
CA VAL F 161 6.13 -33.92 52.78
C VAL F 161 6.49 -34.46 54.15
N PRO F 162 5.96 -33.85 55.22
CA PRO F 162 6.25 -34.37 56.53
C PRO F 162 5.63 -35.76 56.72
N PRO F 163 6.30 -36.62 57.51
CA PRO F 163 5.90 -38.01 57.71
C PRO F 163 4.69 -38.18 58.66
N ILE F 164 4.51 -37.21 59.57
CA ILE F 164 3.40 -37.17 60.52
C ILE F 164 2.47 -35.99 60.20
N LYS F 165 1.17 -36.19 60.43
CA LYS F 165 0.15 -35.16 60.18
C LYS F 165 -0.39 -34.67 61.51
N HIS F 166 -0.81 -33.41 61.57
CA HIS F 166 -1.34 -32.84 62.80
C HIS F 166 -2.28 -31.67 62.54
N GLN F 167 -3.28 -31.55 63.41
CA GLN F 167 -4.31 -30.52 63.28
C GLN F 167 -3.74 -29.10 63.18
N SER F 168 -2.70 -28.84 63.98
CA SER F 168 -2.04 -27.54 64.07
C SER F 168 -1.45 -26.99 62.76
N THR F 169 -1.15 -27.88 61.81
CA THR F 169 -0.54 -27.46 60.57
C THR F 169 -1.48 -26.72 59.63
N GLN F 170 -2.75 -26.61 60.01
CA GLN F 170 -3.65 -25.71 59.29
C GLN F 170 -3.41 -24.27 59.71
N GLY F 171 -2.63 -24.09 60.78
CA GLY F 171 -1.94 -22.83 61.08
C GLY F 171 -0.44 -23.05 61.00
N LEU F 172 0.33 -22.21 61.66
CA LEU F 172 1.79 -22.21 61.58
C LEU F 172 2.38 -22.98 62.77
N ASN F 173 2.86 -24.18 62.50
CA ASN F 173 3.58 -24.98 63.49
C ASN F 173 5.06 -25.00 63.11
N PRO F 174 5.91 -24.33 63.92
CA PRO F 174 7.35 -24.22 63.58
C PRO F 174 8.17 -25.52 63.68
N HIS F 175 7.58 -26.62 64.16
CA HIS F 175 8.27 -27.92 64.12
C HIS F 175 8.24 -28.55 62.73
N TYR F 176 7.42 -27.99 61.83
CA TYR F 176 7.28 -28.51 60.47
C TYR F 176 7.95 -27.56 59.47
N LYS F 177 9.22 -27.83 59.17
CA LYS F 177 10.00 -26.99 58.28
C LYS F 177 10.81 -27.89 57.36
N GLN F 178 11.37 -27.29 56.32
CA GLN F 178 12.17 -28.04 55.37
C GLN F 178 13.04 -27.09 54.60
N LYS F 179 13.83 -27.64 53.68
CA LYS F 179 14.62 -26.85 52.76
C LYS F 179 14.28 -27.29 51.35
N LEU F 180 14.23 -26.32 50.45
CA LEU F 180 13.88 -26.57 49.06
C LEU F 180 15.15 -26.99 48.36
N THR F 181 15.40 -28.30 48.40
CA THR F 181 16.62 -28.93 47.91
C THR F 181 16.40 -29.86 46.71
N LYS F 182 15.18 -29.87 46.16
CA LYS F 182 14.83 -30.82 45.11
C LYS F 182 13.79 -30.18 44.18
N ASP F 183 14.07 -30.23 42.88
CA ASP F 183 13.17 -29.71 41.87
C ASP F 183 11.99 -30.65 41.62
N GLY F 184 10.79 -30.08 41.57
CA GLY F 184 9.57 -30.84 41.24
C GLY F 184 9.06 -31.79 42.32
N ALA F 185 9.37 -31.52 43.59
CA ALA F 185 8.97 -32.44 44.67
C ALA F 185 8.32 -31.81 45.91
N PHE F 186 8.39 -30.49 46.04
CA PHE F 186 7.86 -29.79 47.21
C PHE F 186 6.55 -29.10 46.87
N PRO F 187 5.40 -29.68 47.27
CA PRO F 187 4.11 -29.10 46.85
C PRO F 187 3.89 -27.66 47.28
N VAL F 188 3.32 -26.87 46.38
CA VAL F 188 3.02 -25.48 46.64
C VAL F 188 1.94 -25.36 47.72
N GLU F 189 0.96 -26.24 47.66
CA GLU F 189 -0.19 -26.17 48.56
C GLU F 189 0.14 -26.36 50.04
N CYS F 190 1.31 -26.89 50.35
CA CYS F 190 1.65 -27.10 51.76
C CYS F 190 3.02 -26.59 52.20
N TRP F 191 3.82 -26.04 51.29
CA TRP F 191 5.08 -25.40 51.66
C TRP F 191 5.07 -23.96 51.16
N CYS F 192 5.44 -23.04 52.04
CA CYS F 192 5.65 -21.63 51.70
C CYS F 192 7.03 -21.22 52.23
N PRO F 193 7.53 -20.05 51.81
CA PRO F 193 8.79 -19.58 52.39
C PRO F 193 8.68 -19.28 53.89
N ASP F 194 9.71 -19.66 54.63
CA ASP F 194 9.78 -19.54 56.08
C ASP F 194 10.26 -18.14 56.40
N PRO F 195 9.34 -17.26 56.86
CA PRO F 195 9.75 -15.88 57.05
C PRO F 195 10.65 -15.66 58.27
N SER F 196 10.73 -16.62 59.18
CA SER F 196 11.60 -16.50 60.36
C SER F 196 13.07 -16.72 60.01
N LYS F 197 13.33 -17.38 58.89
CA LYS F 197 14.70 -17.63 58.39
C LYS F 197 14.88 -16.89 57.03
N ASN F 198 15.61 -17.49 56.09
CA ASN F 198 15.85 -16.90 54.78
C ASN F 198 16.52 -15.51 54.81
N GLU F 199 17.41 -15.31 55.77
CA GLU F 199 18.15 -14.04 55.89
C GLU F 199 19.11 -13.85 54.74
N ASN F 200 19.43 -14.95 54.04
CA ASN F 200 20.38 -14.95 52.93
C ASN F 200 19.70 -15.37 51.61
N THR F 201 18.44 -14.97 51.46
CA THR F 201 17.63 -15.23 50.27
C THR F 201 16.58 -14.10 50.17
N ARG F 202 16.37 -13.56 48.98
CA ARG F 202 15.25 -12.64 48.75
C ARG F 202 14.17 -13.42 47.99
N TYR F 203 12.93 -13.38 48.48
CA TYR F 203 11.79 -13.98 47.77
C TYR F 203 10.65 -12.98 47.59
N TYR F 204 9.92 -13.13 46.48
CA TYR F 204 8.81 -12.24 46.13
C TYR F 204 7.66 -13.11 45.57
N GLY F 205 6.46 -12.96 46.14
CA GLY F 205 5.31 -13.78 45.73
C GLY F 205 3.99 -13.03 45.65
N SER F 206 3.11 -13.47 44.72
CA SER F 206 1.74 -13.00 44.65
C SER F 206 0.74 -14.12 44.33
N TYR F 207 -0.49 -13.93 44.75
CA TYR F 207 -1.55 -14.91 44.49
C TYR F 207 -2.80 -14.11 44.15
N THR F 208 -3.41 -14.42 43.03
CA THR F 208 -4.74 -13.91 42.70
C THR F 208 -5.63 -15.14 42.56
N GLY F 209 -6.72 -15.17 43.32
CA GLY F 209 -7.54 -16.39 43.41
C GLY F 209 -8.80 -16.39 42.54
N GLY F 210 -9.86 -16.98 43.06
CA GLY F 210 -11.12 -17.05 42.35
C GLY F 210 -11.17 -18.22 41.39
N GLN F 211 -12.35 -18.42 40.82
CA GLN F 211 -12.64 -19.59 39.99
C GLN F 211 -12.21 -19.42 38.54
N SER F 212 -12.65 -18.32 37.92
CA SER F 212 -12.47 -18.09 36.49
C SER F 212 -11.80 -16.75 36.19
N THR F 213 -11.02 -16.28 37.15
CA THR F 213 -10.45 -14.95 37.15
C THR F 213 -9.45 -14.72 36.01
N PRO F 214 -9.57 -13.58 35.34
CA PRO F 214 -8.61 -13.18 34.31
C PRO F 214 -7.18 -13.21 34.86
N PRO F 215 -6.27 -13.98 34.24
CA PRO F 215 -4.86 -13.81 34.56
C PRO F 215 -4.41 -12.42 34.12
N VAL F 216 -3.58 -11.78 34.93
CA VAL F 216 -3.01 -10.47 34.64
C VAL F 216 -1.49 -10.65 34.66
N LEU F 217 -0.87 -10.57 33.48
CA LEU F 217 0.54 -10.92 33.33
C LEU F 217 1.30 -9.86 32.55
N GLN F 218 2.50 -9.55 33.03
CA GLN F 218 3.41 -8.62 32.38
C GLN F 218 4.68 -9.30 31.89
N PHE F 219 5.30 -8.79 30.82
CA PHE F 219 6.62 -9.30 30.41
C PHE F 219 7.47 -8.24 29.72
N THR F 220 8.72 -8.14 30.14
CA THR F 220 9.65 -7.13 29.63
C THR F 220 11.08 -7.52 29.95
N ASN F 221 12.02 -7.01 29.16
CA ASN F 221 13.45 -7.26 29.42
C ASN F 221 14.13 -6.01 29.95
N THR F 222 13.34 -5.09 30.51
CA THR F 222 13.87 -3.79 30.94
C THR F 222 13.78 -3.52 32.42
N VAL F 223 13.29 -4.48 33.21
CA VAL F 223 13.16 -4.28 34.65
C VAL F 223 14.22 -5.04 35.45
N THR F 224 14.84 -4.35 36.41
CA THR F 224 15.89 -4.92 37.28
C THR F 224 15.40 -4.89 38.71
N THR F 225 15.46 -6.03 39.38
CA THR F 225 15.16 -6.15 40.79
C THR F 225 16.49 -6.13 41.57
N VAL F 226 16.65 -5.18 42.49
CA VAL F 226 17.85 -5.04 43.29
C VAL F 226 17.71 -6.01 44.46
N LEU F 227 18.75 -6.81 44.72
CA LEU F 227 18.70 -7.84 45.75
C LEU F 227 19.43 -7.44 47.03
N LEU F 228 20.10 -6.30 46.99
CA LEU F 228 20.83 -5.82 48.18
C LEU F 228 19.77 -5.50 49.22
N ASP F 229 20.10 -5.71 50.49
CA ASP F 229 19.14 -5.47 51.57
C ASP F 229 19.30 -4.05 52.10
N GLU F 230 18.70 -3.76 53.26
CA GLU F 230 18.79 -2.44 53.87
C GLU F 230 20.24 -1.99 54.14
N ASN F 231 21.13 -2.95 54.40
CA ASN F 231 22.53 -2.67 54.69
C ASN F 231 23.41 -2.61 53.43
N GLY F 232 22.79 -2.81 52.25
CA GLY F 232 23.51 -2.78 50.99
C GLY F 232 24.20 -4.10 50.71
N VAL F 233 23.71 -5.17 51.35
CA VAL F 233 24.32 -6.49 51.26
C VAL F 233 23.33 -7.42 50.55
N GLY F 234 23.75 -7.97 49.42
CA GLY F 234 22.98 -9.00 48.74
C GLY F 234 23.24 -10.39 49.29
N PRO F 235 22.46 -11.37 48.82
CA PRO F 235 22.71 -12.75 49.23
C PRO F 235 24.15 -13.18 48.93
N LEU F 236 24.71 -13.97 49.84
CA LEU F 236 26.10 -14.42 49.74
C LEU F 236 26.14 -15.90 49.43
N CYS F 237 26.80 -16.25 48.33
CA CYS F 237 26.78 -17.60 47.78
C CYS F 237 27.73 -18.54 48.48
N LYS F 238 27.18 -19.29 49.43
CA LYS F 238 27.93 -20.22 50.23
C LYS F 238 28.27 -21.45 49.40
N GLY F 239 29.54 -21.85 49.48
CA GLY F 239 30.07 -22.95 48.67
C GLY F 239 30.15 -22.65 47.18
N ASP F 240 30.20 -21.36 46.82
CA ASP F 240 30.13 -20.93 45.43
C ASP F 240 28.86 -21.45 44.74
N GLY F 241 27.77 -21.53 45.51
CA GLY F 241 26.47 -21.98 44.99
C GLY F 241 25.43 -20.87 44.98
N LEU F 242 24.77 -20.69 43.85
CA LEU F 242 23.64 -19.79 43.72
C LEU F 242 22.40 -20.65 43.62
N TYR F 243 21.38 -20.31 44.42
CA TYR F 243 20.11 -21.04 44.43
C TYR F 243 18.99 -20.18 43.87
N VAL F 244 18.27 -20.73 42.90
CA VAL F 244 17.15 -20.04 42.29
C VAL F 244 15.94 -20.96 42.40
N SER F 245 14.80 -20.37 42.73
CA SER F 245 13.55 -21.09 42.95
C SER F 245 12.38 -20.29 42.38
N CYS F 246 11.32 -20.96 41.93
CA CYS F 246 10.11 -20.25 41.53
C CYS F 246 8.90 -21.17 41.38
N CYS F 247 7.77 -20.54 41.12
CA CYS F 247 6.57 -21.19 40.63
C CYS F 247 5.72 -20.11 39.95
N ASP F 248 5.17 -20.47 38.79
CA ASP F 248 4.32 -19.58 38.01
C ASP F 248 3.13 -20.34 37.43
N ILE F 249 2.02 -20.33 38.17
CA ILE F 249 0.73 -20.91 37.76
C ILE F 249 -0.11 -19.81 37.11
N VAL F 250 -0.61 -20.03 35.91
CA VAL F 250 -1.35 -18.98 35.18
C VAL F 250 -2.84 -19.25 34.97
N GLY F 251 -3.35 -20.34 35.54
CA GLY F 251 -4.78 -20.65 35.49
C GLY F 251 -5.03 -22.11 35.28
N PHE F 252 -6.26 -22.42 34.87
CA PHE F 252 -6.66 -23.79 34.56
C PHE F 252 -7.14 -23.87 33.14
N LEU F 253 -6.74 -24.94 32.47
CA LEU F 253 -7.33 -25.33 31.20
C LEU F 253 -8.62 -26.10 31.50
N VAL F 254 -9.73 -25.67 30.90
CA VAL F 254 -11.02 -26.34 31.06
C VAL F 254 -11.34 -27.22 29.84
N GLY F 255 -11.35 -28.53 30.04
CA GLY F 255 -11.63 -29.48 28.98
C GLY F 255 -13.10 -29.52 28.58
N LYS F 256 -13.38 -30.18 27.46
CA LYS F 256 -14.74 -30.29 26.90
C LYS F 256 -15.79 -30.66 27.95
N ASP F 257 -15.50 -31.64 28.78
CA ASP F 257 -16.47 -32.16 29.76
C ASP F 257 -16.38 -31.44 31.11
N GLY F 258 -15.52 -30.43 31.20
CA GLY F 258 -15.37 -29.64 32.41
C GLY F 258 -14.23 -30.07 33.31
N ASP F 259 -13.44 -31.07 32.90
CA ASP F 259 -12.24 -31.43 33.68
C ASP F 259 -11.15 -30.37 33.49
N MET F 260 -10.38 -30.16 34.56
CA MET F 260 -9.47 -29.03 34.62
C MET F 260 -8.06 -29.43 35.03
N GLN F 261 -7.09 -28.74 34.43
CA GLN F 261 -5.66 -28.97 34.70
C GLN F 261 -4.99 -27.64 34.97
N TYR F 262 -4.12 -27.57 35.98
CA TYR F 262 -3.26 -26.39 36.16
C TYR F 262 -2.41 -26.20 34.91
N ARG F 263 -2.17 -24.95 34.56
CA ARG F 263 -1.22 -24.55 33.55
C ARG F 263 -0.14 -23.67 34.18
N GLY F 264 1.13 -24.00 33.93
CA GLY F 264 2.25 -23.19 34.36
C GLY F 264 3.15 -22.76 33.21
N LEU F 265 3.99 -21.78 33.47
CA LEU F 265 4.92 -21.26 32.47
C LEU F 265 6.32 -21.22 33.07
N PRO F 266 7.34 -21.25 32.21
CA PRO F 266 8.71 -21.13 32.70
C PRO F 266 9.09 -19.70 33.11
N ARG F 267 10.22 -19.58 33.80
CA ARG F 267 10.71 -18.29 34.26
C ARG F 267 12.18 -18.17 33.91
N TYR F 268 12.59 -16.99 33.47
CA TYR F 268 13.97 -16.76 33.11
C TYR F 268 14.62 -15.88 34.18
N PHE F 269 15.94 -16.03 34.35
CA PHE F 269 16.70 -15.23 35.32
C PHE F 269 18.03 -14.80 34.73
N ASN F 270 18.41 -13.56 35.00
CA ASN F 270 19.74 -13.07 34.67
C ASN F 270 20.25 -12.38 35.92
N ILE F 271 21.19 -13.04 36.60
CA ILE F 271 21.66 -12.62 37.91
C ILE F 271 23.05 -11.96 37.80
N LEU F 272 23.23 -10.85 38.50
CA LEU F 272 24.50 -10.12 38.49
C LEU F 272 25.14 -10.30 39.85
N LEU F 273 26.37 -10.80 39.88
CA LEU F 273 27.09 -11.00 41.14
C LEU F 273 28.39 -10.22 41.18
N ARG F 274 28.84 -9.86 42.38
CA ARG F 274 30.13 -9.21 42.57
C ARG F 274 30.93 -9.92 43.68
N LYS F 275 32.23 -9.71 43.68
CA LYS F 275 33.08 -10.30 44.71
C LYS F 275 32.99 -9.50 46.00
N ARG F 276 32.65 -10.18 47.09
CA ARG F 276 32.66 -9.59 48.43
C ARG F 276 33.63 -10.30 49.36
N THR F 277 34.53 -9.54 49.98
CA THR F 277 35.43 -10.07 51.01
C THR F 277 34.66 -10.26 52.31
N VAL F 278 34.85 -11.41 52.95
CA VAL F 278 34.17 -11.73 54.21
C VAL F 278 35.15 -12.24 55.26
N ARG F 279 34.84 -12.00 56.53
CA ARG F 279 35.64 -12.52 57.64
C ARG F 279 35.33 -14.00 57.81
N ASN F 280 36.26 -14.86 57.42
CA ASN F 280 36.14 -16.31 57.57
C ASN F 280 36.87 -16.78 58.83
N GLU G 11 31.59 -2.79 21.68
CA GLU G 11 32.35 -1.72 22.38
C GLU G 11 31.78 -0.34 22.03
N VAL G 12 31.05 0.27 22.96
CA VAL G 12 30.40 1.56 22.74
C VAL G 12 31.34 2.70 23.11
N LEU G 13 31.41 3.74 22.27
CA LEU G 13 32.28 4.90 22.53
C LEU G 13 31.46 6.19 22.70
N ASN G 14 32.03 7.34 22.37
CA ASN G 14 31.33 8.62 22.54
C ASN G 14 30.20 8.87 21.54
N LEU G 15 29.29 9.74 21.93
CA LEU G 15 28.28 10.29 21.04
C LEU G 15 28.92 11.18 19.99
N VAL G 16 28.37 11.14 18.79
CA VAL G 16 28.71 12.10 17.75
C VAL G 16 27.86 13.33 18.00
N THR G 17 28.51 14.48 18.15
CA THR G 17 27.80 15.72 18.43
C THR G 17 27.70 16.55 17.14
N GLY G 18 26.98 17.65 17.23
CA GLY G 18 26.88 18.62 16.13
C GLY G 18 25.54 18.61 15.43
N PRO G 19 25.43 19.37 14.34
CA PRO G 19 24.23 19.30 13.50
C PRO G 19 24.11 17.93 12.84
N ASP G 20 22.87 17.49 12.62
CA ASP G 20 22.59 16.22 11.94
C ASP G 20 22.94 14.97 12.78
N SER G 21 23.17 15.13 14.07
CA SER G 21 23.54 13.99 14.92
C SER G 21 22.32 13.21 15.41
N ILE G 22 21.15 13.83 15.32
CA ILE G 22 19.90 13.20 15.76
C ILE G 22 18.89 13.14 14.63
N THR G 23 18.03 12.13 14.67
CA THR G 23 16.98 11.96 13.66
C THR G 23 15.75 11.34 14.30
N THR G 24 14.64 11.37 13.57
CA THR G 24 13.34 10.93 14.08
C THR G 24 12.64 10.03 13.04
N ILE G 25 12.05 8.94 13.51
CA ILE G 25 11.38 7.98 12.64
C ILE G 25 9.96 7.76 13.13
N GLU G 26 9.01 7.99 12.24
CA GLU G 26 7.61 7.96 12.56
C GLU G 26 6.92 6.89 11.71
N LEU G 27 6.16 6.01 12.36
CA LEU G 27 5.40 5.00 11.63
C LEU G 27 4.21 4.44 12.41
N TYR G 28 3.34 3.73 11.69
CA TYR G 28 2.29 2.96 12.30
C TYR G 28 2.34 1.58 11.69
N LEU G 29 1.89 0.62 12.49
CA LEU G 29 1.67 -0.74 12.04
C LEU G 29 0.20 -1.10 12.24
N ASN G 30 -0.41 -1.60 11.19
CA ASN G 30 -1.76 -2.12 11.28
C ASN G 30 -1.76 -3.53 11.85
N THR G 31 -2.89 -3.89 12.42
CA THR G 31 -3.02 -5.13 13.19
C THR G 31 -3.06 -6.36 12.29
N ARG G 32 -2.58 -7.50 12.82
CA ARG G 32 -2.58 -8.78 12.10
C ARG G 32 -3.28 -9.91 12.86
N MET G 33 -4.61 -9.85 12.84
CA MET G 33 -5.47 -10.76 13.60
C MET G 33 -5.90 -11.98 12.81
N GLY G 34 -5.78 -11.93 11.49
CA GLY G 34 -6.14 -13.08 10.68
C GLY G 34 -6.58 -12.68 9.31
N GLN G 35 -7.50 -11.74 9.24
CA GLN G 35 -7.93 -11.21 7.96
C GLN G 35 -7.14 -9.92 7.77
N ASN G 36 -6.02 -10.05 7.07
CA ASN G 36 -4.99 -9.02 7.01
C ASN G 36 -4.93 -8.26 5.67
N ASP G 37 -5.79 -8.60 4.73
CA ASP G 37 -5.91 -7.83 3.49
C ASP G 37 -6.85 -6.66 3.75
N GLU G 38 -6.29 -5.45 3.72
CA GLU G 38 -7.04 -4.20 3.90
C GLU G 38 -8.23 -3.99 2.93
N SER G 39 -8.29 -4.74 1.83
CA SER G 39 -9.43 -4.64 0.89
C SER G 39 -10.62 -5.54 1.24
N LYS G 40 -10.51 -6.35 2.28
CA LYS G 40 -11.54 -7.37 2.55
C LYS G 40 -12.30 -7.08 3.83
N ASP G 41 -13.49 -7.68 3.96
CA ASP G 41 -14.52 -7.21 4.92
C ASP G 41 -14.21 -7.24 6.41
N ASN G 42 -13.54 -8.28 6.87
CA ASN G 42 -13.24 -8.41 8.30
C ASN G 42 -11.82 -7.99 8.61
N TYR G 43 -11.36 -6.95 7.91
CA TYR G 43 -10.02 -6.41 8.08
C TYR G 43 -9.86 -5.92 9.49
N GLY G 44 -8.74 -6.28 10.12
CA GLY G 44 -8.48 -5.89 11.48
C GLY G 44 -9.14 -6.80 12.50
N TYR G 45 -9.83 -7.84 12.00
CA TYR G 45 -10.34 -8.94 12.81
C TYR G 45 -9.77 -10.27 12.30
N SER G 46 -9.88 -11.29 13.14
CA SER G 46 -9.65 -12.65 12.70
C SER G 46 -10.92 -13.17 12.06
N GLU G 47 -10.78 -14.28 11.33
CA GLU G 47 -11.94 -15.10 10.96
C GLU G 47 -12.54 -15.75 12.22
N LYS G 48 -13.73 -16.34 12.06
CA LYS G 48 -14.43 -16.95 13.19
C LYS G 48 -13.55 -17.94 13.91
N VAL G 49 -13.51 -17.84 15.24
CA VAL G 49 -12.77 -18.78 16.04
C VAL G 49 -13.49 -20.12 16.03
N THR G 50 -12.71 -21.19 15.91
CA THR G 50 -13.20 -22.57 16.01
C THR G 50 -12.50 -23.27 17.15
N VAL G 51 -13.09 -24.37 17.60
CA VAL G 51 -12.63 -25.07 18.77
C VAL G 51 -12.39 -26.52 18.39
N ALA G 52 -11.17 -26.99 18.66
CA ALA G 52 -10.77 -28.34 18.29
C ALA G 52 -11.63 -29.36 19.02
N ASN G 53 -11.93 -30.46 18.35
CA ASN G 53 -12.77 -31.49 18.92
C ASN G 53 -12.01 -32.37 19.91
N SER G 54 -10.72 -32.55 19.67
CA SER G 54 -9.81 -33.19 20.63
C SER G 54 -8.44 -32.55 20.47
N SER G 55 -7.55 -32.75 21.45
CA SER G 55 -6.25 -32.08 21.40
C SER G 55 -5.38 -32.58 20.23
N ASP G 56 -5.66 -33.79 19.76
CA ASP G 56 -4.97 -34.33 18.61
C ASP G 56 -5.68 -34.07 17.27
N GLN G 57 -6.69 -33.20 17.28
CA GLN G 57 -7.32 -32.74 16.04
C GLN G 57 -7.39 -31.23 16.10
N ASP G 58 -6.31 -30.63 16.60
CA ASP G 58 -6.26 -29.21 16.88
C ASP G 58 -5.65 -28.55 15.65
N LYS G 59 -6.51 -28.28 14.67
CA LYS G 59 -6.13 -27.70 13.38
C LYS G 59 -6.92 -26.41 13.09
N PRO G 60 -6.41 -25.26 13.54
CA PRO G 60 -7.15 -24.01 13.34
C PRO G 60 -7.46 -23.73 11.87
N THR G 61 -8.54 -23.00 11.60
CA THR G 61 -8.84 -22.61 10.22
C THR G 61 -7.89 -21.49 9.80
N SER G 62 -7.76 -21.29 8.49
CA SER G 62 -6.95 -20.19 7.96
C SER G 62 -7.61 -18.86 8.28
N GLY G 63 -6.82 -17.94 8.81
CA GLY G 63 -7.31 -16.62 9.19
C GLY G 63 -7.83 -16.48 10.61
N GLU G 64 -7.80 -17.54 11.43
CA GLU G 64 -8.30 -17.42 12.80
C GLU G 64 -7.23 -17.16 13.89
N ILE G 65 -5.97 -17.03 13.46
CA ILE G 65 -4.78 -16.97 14.37
C ILE G 65 -4.04 -15.62 14.27
N PRO G 66 -4.10 -14.79 15.33
CA PRO G 66 -3.32 -13.56 15.39
C PRO G 66 -1.80 -13.77 15.25
N THR G 67 -1.17 -12.87 14.49
CA THR G 67 0.27 -12.90 14.28
C THR G 67 0.89 -11.56 14.69
N TYR G 68 2.22 -11.51 14.78
CA TYR G 68 2.88 -10.26 15.14
C TYR G 68 2.95 -9.31 13.95
N SER G 69 2.86 -8.01 14.24
CA SER G 69 3.14 -6.98 13.25
C SER G 69 4.60 -6.58 13.41
N THR G 70 5.30 -6.34 12.31
CA THR G 70 6.69 -5.91 12.40
C THR G 70 7.08 -5.11 11.17
N ALA G 71 8.09 -4.27 11.30
CA ALA G 71 8.69 -3.63 10.14
C ALA G 71 10.18 -3.42 10.37
N ARG G 72 10.91 -3.27 9.27
CA ARG G 72 12.27 -2.82 9.31
C ARG G 72 12.30 -1.49 8.57
N ILE G 73 12.78 -0.45 9.23
CA ILE G 73 12.91 0.86 8.62
C ILE G 73 14.37 1.16 8.32
N ASN G 74 14.62 1.57 7.08
CA ASN G 74 15.95 1.98 6.62
C ASN G 74 16.33 3.34 7.19
N LEU G 75 17.50 3.42 7.81
CA LEU G 75 17.99 4.71 8.31
C LEU G 75 19.03 5.28 7.34
N PRO G 76 19.36 6.58 7.48
CA PRO G 76 20.39 7.17 6.64
C PRO G 76 21.74 6.45 6.76
N MET G 77 22.40 6.20 5.63
CA MET G 77 23.70 5.53 5.64
C MET G 77 24.71 6.38 6.39
N LEU G 78 25.68 5.73 7.02
CA LEU G 78 26.68 6.40 7.85
C LEU G 78 28.13 6.06 7.47
N ASN G 79 28.37 4.80 7.13
CA ASN G 79 29.69 4.30 6.80
C ASN G 79 29.70 3.88 5.32
N CYS G 84 37.00 -0.03 8.99
CA CYS G 84 37.76 0.99 9.70
C CYS G 84 37.76 0.70 11.19
N ASN G 85 38.77 1.22 11.89
CA ASN G 85 38.95 0.98 13.34
C ASN G 85 37.72 1.36 14.18
N THR G 86 37.08 2.46 13.81
CA THR G 86 35.82 2.90 14.43
C THR G 86 34.72 3.04 13.37
N LEU G 87 33.46 2.97 13.81
CA LEU G 87 32.31 3.13 12.94
C LEU G 87 31.25 4.00 13.62
N THR G 88 30.25 4.42 12.85
CA THR G 88 29.13 5.17 13.40
C THR G 88 27.87 4.31 13.26
N MET G 89 27.00 4.38 14.26
CA MET G 89 25.75 3.64 14.27
C MET G 89 24.64 4.54 14.80
N TRP G 90 23.43 4.35 14.28
CA TRP G 90 22.23 4.98 14.84
C TRP G 90 21.83 4.29 16.15
N GLU G 91 21.63 5.06 17.22
CA GLU G 91 21.26 4.55 18.54
C GLU G 91 19.86 5.04 18.91
N ALA G 92 18.91 4.11 19.10
CA ALA G 92 17.54 4.48 19.44
C ALA G 92 17.47 4.96 20.88
N VAL G 93 17.07 6.21 21.08
CA VAL G 93 17.10 6.84 22.41
C VAL G 93 15.81 6.63 23.19
N SER G 94 14.69 6.79 22.52
CA SER G 94 13.40 6.83 23.17
C SER G 94 12.33 6.65 22.12
N VAL G 95 11.11 6.35 22.56
CA VAL G 95 9.97 6.11 21.66
C VAL G 95 8.68 6.61 22.29
N LYS G 96 7.85 7.25 21.48
CA LYS G 96 6.48 7.57 21.88
C LYS G 96 5.58 6.68 21.05
N THR G 97 4.80 5.85 21.72
CA THR G 97 3.98 4.89 21.03
C THR G 97 2.59 4.91 21.62
N GLU G 98 1.60 4.69 20.78
CA GLU G 98 0.23 4.60 21.28
C GLU G 98 -0.64 3.71 20.42
N VAL G 99 -1.65 3.14 21.07
CA VAL G 99 -2.65 2.36 20.38
C VAL G 99 -3.63 3.37 19.78
N VAL G 100 -3.98 3.17 18.51
CA VAL G 100 -4.81 4.10 17.75
C VAL G 100 -6.22 3.54 17.68
N GLY G 101 -7.19 4.43 17.70
CA GLY G 101 -8.58 4.02 17.53
C GLY G 101 -9.23 3.35 18.73
N VAL G 102 -8.69 3.55 19.94
CA VAL G 102 -9.37 3.07 21.15
C VAL G 102 -10.84 3.55 21.20
N SER G 103 -11.10 4.81 20.84
CA SER G 103 -12.49 5.30 20.83
C SER G 103 -13.44 4.44 20.02
N SER G 104 -12.93 3.71 19.01
CA SER G 104 -13.78 2.87 18.16
C SER G 104 -14.47 1.75 18.93
N LEU G 105 -13.98 1.44 20.12
CA LEU G 105 -14.59 0.47 21.02
C LEU G 105 -15.87 1.00 21.70
N VAL G 106 -16.15 2.30 21.53
CA VAL G 106 -17.41 2.87 21.97
C VAL G 106 -18.45 2.70 20.87
N ASN G 107 -18.94 1.47 20.76
CA ASN G 107 -19.86 1.10 19.69
C ASN G 107 -20.59 -0.15 20.14
N VAL G 108 -21.89 -0.02 20.35
CA VAL G 108 -22.70 -1.13 20.82
C VAL G 108 -23.93 -1.37 19.95
N HIS G 109 -23.90 -0.89 18.71
CA HIS G 109 -25.00 -1.07 17.76
C HIS G 109 -24.60 -1.91 16.56
N MET G 110 -23.44 -2.57 16.62
CA MET G 110 -23.05 -3.48 15.55
C MET G 110 -23.92 -4.73 15.64
N ALA G 111 -24.00 -5.47 14.54
CA ALA G 111 -24.76 -6.70 14.48
C ALA G 111 -24.07 -7.73 15.37
N THR G 112 -24.43 -7.70 16.66
CA THR G 112 -23.78 -8.50 17.68
C THR G 112 -24.85 -9.12 18.55
N LYS G 113 -24.46 -10.11 19.36
CA LYS G 113 -25.30 -10.53 20.48
C LYS G 113 -25.60 -9.31 21.36
N ARG G 114 -26.72 -9.31 22.10
CA ARG G 114 -27.07 -8.13 22.89
C ARG G 114 -27.55 -8.49 24.29
N MET G 115 -27.68 -7.48 25.14
CA MET G 115 -28.06 -7.69 26.55
C MET G 115 -29.56 -7.75 26.72
N TYR G 116 -29.98 -8.27 27.87
CA TYR G 116 -31.35 -8.15 28.38
C TYR G 116 -32.43 -8.52 27.37
N ASP G 117 -32.56 -9.81 27.08
CA ASP G 117 -33.66 -10.33 26.27
C ASP G 117 -33.80 -9.58 24.94
N ASP G 118 -32.69 -9.39 24.26
CA ASP G 118 -32.66 -8.72 22.96
C ASP G 118 -33.20 -7.29 22.95
N LYS G 119 -33.24 -6.62 24.11
CA LYS G 119 -33.66 -5.21 24.18
C LYS G 119 -32.51 -4.23 24.45
N GLY G 120 -31.38 -4.72 24.95
CA GLY G 120 -30.31 -3.84 25.41
C GLY G 120 -29.24 -3.59 24.38
N ILE G 121 -28.10 -3.08 24.83
CA ILE G 121 -26.95 -2.79 23.96
C ILE G 121 -26.37 -4.02 23.26
N GLY G 122 -25.70 -3.78 22.15
CA GLY G 122 -24.84 -4.81 21.58
C GLY G 122 -23.68 -5.07 22.52
N PHE G 123 -23.20 -6.30 22.55
CA PHE G 123 -21.98 -6.60 23.30
C PHE G 123 -20.85 -5.80 22.68
N PRO G 124 -20.13 -5.03 23.51
CA PRO G 124 -18.95 -4.35 22.98
C PRO G 124 -17.85 -5.36 22.71
N VAL G 125 -16.88 -4.99 21.89
CA VAL G 125 -15.67 -5.79 21.75
C VAL G 125 -15.06 -5.88 23.15
N GLU G 126 -14.90 -7.09 23.66
CA GLU G 126 -14.49 -7.29 25.05
C GLU G 126 -13.82 -8.65 25.19
N GLY G 127 -13.22 -8.88 26.36
CA GLY G 127 -12.46 -10.08 26.61
C GLY G 127 -10.94 -9.83 26.59
N MET G 128 -10.23 -10.90 26.25
CA MET G 128 -8.79 -10.97 26.28
C MET G 128 -8.10 -9.77 25.66
N ASN G 129 -7.13 -9.22 26.38
CA ASN G 129 -6.26 -8.18 25.85
C ASN G 129 -4.82 -8.63 25.87
N PHE G 130 -4.12 -8.35 24.77
CA PHE G 130 -2.72 -8.66 24.66
C PHE G 130 -2.07 -7.48 23.99
N HIS G 131 -1.07 -6.90 24.64
CA HIS G 131 -0.42 -5.69 24.14
C HIS G 131 1.08 -5.84 24.28
N MET G 132 1.79 -5.76 23.15
CA MET G 132 3.24 -5.81 23.18
C MET G 132 3.80 -4.89 22.13
N PHE G 133 4.96 -4.31 22.43
CA PHE G 133 5.74 -3.64 21.40
C PHE G 133 7.22 -3.82 21.68
N ALA G 134 8.01 -3.81 20.62
CA ALA G 134 9.46 -3.92 20.73
C ALA G 134 10.07 -2.99 19.72
N VAL G 135 11.16 -2.33 20.12
CA VAL G 135 11.96 -1.51 19.24
C VAL G 135 13.40 -2.04 19.35
N GLY G 136 14.02 -2.36 18.21
CA GLY G 136 15.35 -3.00 18.20
C GLY G 136 16.32 -2.60 17.08
N GLY G 137 17.59 -2.94 17.30
CA GLY G 137 18.64 -2.72 16.31
C GLY G 137 18.83 -3.89 15.38
N GLU G 138 17.98 -4.90 15.55
CA GLU G 138 17.98 -6.12 14.75
C GLU G 138 16.61 -6.78 14.98
N PRO G 139 16.28 -7.85 14.25
CA PRO G 139 14.95 -8.42 14.41
C PRO G 139 14.69 -8.91 15.83
N LEU G 140 13.43 -8.89 16.28
CA LEU G 140 13.08 -9.50 17.56
C LEU G 140 13.38 -10.99 17.54
N GLU G 141 14.10 -11.45 18.55
CA GLU G 141 14.53 -12.84 18.66
C GLU G 141 13.48 -13.57 19.47
N LEU G 142 13.01 -14.70 18.95
CA LEU G 142 11.82 -15.37 19.49
C LEU G 142 12.10 -16.75 20.06
N GLN G 143 11.32 -17.11 21.08
CA GLN G 143 11.32 -18.43 21.68
C GLN G 143 9.99 -19.10 21.39
N PHE G 144 10.03 -20.34 20.94
CA PHE G 144 8.82 -21.11 20.69
C PHE G 144 8.34 -21.68 22.03
N LEU G 145 7.03 -21.57 22.26
CA LEU G 145 6.36 -22.18 23.41
C LEU G 145 4.85 -22.13 23.19
N THR G 146 4.17 -23.25 23.37
CA THR G 146 2.75 -23.39 23.03
C THR G 146 1.94 -24.12 24.08
N GLY G 147 0.64 -23.84 24.14
CA GLY G 147 -0.28 -24.67 24.94
C GLY G 147 -0.44 -26.14 24.52
N ASN G 148 -0.18 -26.42 23.26
CA ASN G 148 -0.44 -27.74 22.70
C ASN G 148 0.55 -28.10 21.60
N TYR G 149 1.50 -28.97 21.93
CA TYR G 149 2.53 -29.33 20.96
C TYR G 149 1.94 -29.94 19.69
N ARG G 150 0.75 -30.53 19.82
CA ARG G 150 0.06 -31.18 18.69
C ARG G 150 -0.56 -30.21 17.68
N THR G 151 -0.64 -28.93 18.00
CA THR G 151 -1.31 -27.98 17.10
C THR G 151 -0.79 -28.11 15.66
N ASP G 152 -1.73 -28.30 14.74
CA ASP G 152 -1.47 -28.45 13.32
C ASP G 152 -1.80 -27.11 12.62
N TYR G 153 -0.76 -26.44 12.08
CA TYR G 153 -0.91 -25.16 11.37
C TYR G 153 -0.95 -25.30 9.84
N SER G 154 -1.21 -26.50 9.35
CA SER G 154 -1.15 -26.77 7.93
C SER G 154 -2.32 -26.21 7.10
N ALA G 155 -3.37 -25.69 7.73
CA ALA G 155 -4.43 -25.00 6.98
C ALA G 155 -3.94 -23.64 6.40
N ASN G 156 -2.78 -23.17 6.84
CA ASN G 156 -2.17 -21.95 6.30
C ASN G 156 -0.65 -22.07 6.36
N ASP G 157 -0.05 -22.45 5.23
CA ASP G 157 1.40 -22.64 5.18
C ASP G 157 2.20 -21.33 5.19
N LYS G 158 1.50 -20.19 5.20
CA LYS G 158 2.15 -18.87 5.30
C LYS G 158 2.48 -18.54 6.75
N LEU G 159 1.96 -19.31 7.69
CA LEU G 159 2.36 -19.19 9.08
C LEU G 159 3.73 -19.82 9.29
N VAL G 160 4.65 -19.08 9.90
CA VAL G 160 5.99 -19.60 10.19
C VAL G 160 5.94 -20.26 11.57
N VAL G 161 6.18 -21.57 11.59
CA VAL G 161 6.21 -22.37 12.81
C VAL G 161 7.29 -23.43 12.65
N PRO G 162 7.72 -24.10 13.74
CA PRO G 162 8.71 -25.15 13.56
C PRO G 162 8.15 -26.28 12.70
N PRO G 163 8.96 -26.84 11.80
CA PRO G 163 8.47 -27.92 10.95
C PRO G 163 8.13 -29.19 11.74
N ILE G 164 8.79 -29.35 12.90
CA ILE G 164 8.68 -30.52 13.77
C ILE G 164 8.40 -30.03 15.19
N LYS G 165 7.42 -30.63 15.88
CA LYS G 165 7.14 -30.26 17.27
C LYS G 165 7.16 -31.47 18.21
N HIS G 166 7.66 -31.24 19.42
CA HIS G 166 7.87 -32.26 20.43
C HIS G 166 7.11 -31.79 21.68
N GLN G 167 6.79 -32.71 22.59
CA GLN G 167 6.06 -32.40 23.83
C GLN G 167 6.72 -31.29 24.63
N SER G 168 8.03 -31.27 24.65
CA SER G 168 8.80 -30.28 25.40
C SER G 168 8.55 -28.82 24.99
N THR G 169 7.87 -28.59 23.87
CA THR G 169 7.55 -27.23 23.43
C THR G 169 6.40 -26.59 24.20
N GLN G 170 5.77 -27.34 25.12
CA GLN G 170 4.81 -26.78 26.05
C GLN G 170 5.52 -26.13 27.25
N GLY G 171 6.83 -26.38 27.38
CA GLY G 171 7.73 -25.58 28.22
C GLY G 171 8.75 -24.83 27.35
N LEU G 172 9.88 -24.43 27.94
CA LEU G 172 10.97 -23.78 27.19
C LEU G 172 11.99 -24.84 26.78
N ASN G 173 12.06 -25.10 25.48
CA ASN G 173 13.14 -25.87 24.90
C ASN G 173 13.95 -24.91 24.05
N PRO G 174 15.21 -24.68 24.44
CA PRO G 174 16.01 -23.64 23.79
C PRO G 174 16.47 -23.98 22.36
N HIS G 175 16.21 -25.19 21.90
CA HIS G 175 16.43 -25.57 20.50
C HIS G 175 15.41 -24.93 19.56
N TYR G 176 14.27 -24.49 20.09
CA TYR G 176 13.20 -23.96 19.25
C TYR G 176 13.15 -22.43 19.26
N LYS G 177 13.86 -21.81 18.32
CA LYS G 177 14.01 -20.36 18.29
C LYS G 177 13.80 -19.79 16.90
N GLN G 178 13.68 -18.48 16.80
CA GLN G 178 13.45 -17.82 15.54
C GLN G 178 13.71 -16.34 15.69
N LYS G 179 13.55 -15.64 14.57
CA LYS G 179 13.67 -14.21 14.49
C LYS G 179 12.43 -13.67 13.76
N LEU G 180 11.90 -12.55 14.24
CA LEU G 180 10.71 -11.93 13.68
C LEU G 180 11.07 -11.10 12.44
N THR G 181 10.92 -11.72 11.29
CA THR G 181 11.43 -11.18 10.02
C THR G 181 10.33 -10.97 8.98
N LYS G 182 9.10 -11.33 9.34
CA LYS G 182 7.98 -11.26 8.42
C LYS G 182 6.74 -10.81 9.19
N ASP G 183 6.16 -9.70 8.75
CA ASP G 183 4.90 -9.20 9.27
C ASP G 183 3.78 -10.16 8.92
N GLY G 184 2.87 -10.37 9.87
CA GLY G 184 1.65 -11.13 9.60
C GLY G 184 1.82 -12.63 9.40
N ALA G 185 2.91 -13.20 9.90
CA ALA G 185 3.19 -14.63 9.70
C ALA G 185 3.56 -15.44 10.95
N PHE G 186 4.03 -14.79 12.00
CA PHE G 186 4.46 -15.50 13.21
C PHE G 186 3.33 -15.49 14.24
N PRO G 187 2.70 -16.66 14.51
CA PRO G 187 1.60 -16.67 15.47
C PRO G 187 2.00 -16.23 16.89
N VAL G 188 1.17 -15.38 17.48
CA VAL G 188 1.37 -14.92 18.84
C VAL G 188 1.28 -16.09 19.82
N GLU G 189 0.35 -17.03 19.55
CA GLU G 189 0.08 -18.14 20.44
C GLU G 189 1.25 -19.11 20.69
N CYS G 190 2.23 -19.13 19.77
CA CYS G 190 3.37 -20.03 19.90
C CYS G 190 4.74 -19.37 19.86
N TRP G 191 4.80 -18.07 19.62
CA TRP G 191 6.09 -17.37 19.65
C TRP G 191 6.05 -16.24 20.66
N CYS G 192 7.02 -16.21 21.58
CA CYS G 192 7.16 -15.10 22.55
C CYS G 192 8.60 -14.57 22.51
N PRO G 193 8.83 -13.39 23.08
CA PRO G 193 10.21 -12.91 23.03
C PRO G 193 11.18 -13.83 23.77
N ASP G 194 12.40 -13.94 23.22
CA ASP G 194 13.44 -14.77 23.81
C ASP G 194 14.19 -13.95 24.83
N PRO G 195 13.96 -14.22 26.12
CA PRO G 195 14.58 -13.42 27.14
C PRO G 195 16.08 -13.69 27.23
N SER G 196 16.54 -14.83 26.71
CA SER G 196 17.95 -15.15 26.77
C SER G 196 18.77 -14.41 25.72
N LYS G 197 18.12 -13.72 24.80
CA LYS G 197 18.85 -12.86 23.87
C LYS G 197 18.21 -11.48 23.93
N ASN G 198 18.02 -10.80 22.79
CA ASN G 198 17.44 -9.46 22.75
C ASN G 198 18.18 -8.46 23.62
N GLU G 199 19.50 -8.55 23.59
CA GLU G 199 20.36 -7.60 24.27
C GLU G 199 20.29 -6.27 23.53
N ASN G 200 20.03 -6.34 22.23
CA ASN G 200 19.93 -5.14 21.40
C ASN G 200 18.50 -4.70 21.04
N THR G 201 17.51 -5.27 21.71
CA THR G 201 16.11 -4.85 21.59
C THR G 201 15.51 -4.61 22.99
N ARG G 202 14.56 -3.68 23.08
CA ARG G 202 13.72 -3.51 24.26
C ARG G 202 12.28 -3.95 23.90
N TYR G 203 11.70 -4.82 24.70
CA TYR G 203 10.30 -5.22 24.54
C TYR G 203 9.50 -5.06 25.86
N TYR G 204 8.21 -4.76 25.73
CA TYR G 204 7.30 -4.55 26.84
C TYR G 204 6.00 -5.22 26.44
N GLY G 205 5.45 -6.01 27.35
CA GLY G 205 4.26 -6.80 27.02
C GLY G 205 3.32 -6.95 28.18
N SER G 206 2.03 -7.04 27.86
CA SER G 206 1.07 -7.48 28.87
C SER G 206 -0.10 -8.25 28.29
N TYR G 207 -0.72 -9.02 29.18
CA TYR G 207 -1.83 -9.91 28.88
C TYR G 207 -2.83 -9.79 30.00
N THR G 208 -4.08 -9.55 29.63
CA THR G 208 -5.20 -9.69 30.55
C THR G 208 -6.15 -10.68 29.91
N GLY G 209 -6.38 -11.79 30.60
CA GLY G 209 -7.12 -12.91 30.05
C GLY G 209 -8.58 -12.89 30.43
N GLY G 210 -9.17 -14.09 30.54
CA GLY G 210 -10.57 -14.23 30.95
C GLY G 210 -11.49 -14.33 29.75
N GLN G 211 -12.80 -14.40 29.99
CA GLN G 211 -13.78 -14.62 28.90
C GLN G 211 -14.37 -13.32 28.35
N SER G 212 -15.04 -12.55 29.22
CA SER G 212 -15.75 -11.34 28.82
C SER G 212 -15.16 -10.09 29.48
N THR G 213 -13.93 -10.22 29.97
CA THR G 213 -13.27 -9.18 30.73
C THR G 213 -13.32 -7.79 30.08
N PRO G 214 -13.62 -6.76 30.87
CA PRO G 214 -13.52 -5.40 30.36
C PRO G 214 -12.11 -5.08 29.84
N PRO G 215 -12.00 -4.65 28.57
CA PRO G 215 -10.74 -4.03 28.11
C PRO G 215 -10.44 -2.75 28.88
N VAL G 216 -9.18 -2.54 29.20
CA VAL G 216 -8.76 -1.33 29.91
C VAL G 216 -7.59 -0.76 29.12
N LEU G 217 -7.83 0.41 28.53
CA LEU G 217 -6.93 0.99 27.56
C LEU G 217 -6.74 2.48 27.84
N GLN G 218 -5.56 2.98 27.53
CA GLN G 218 -5.25 4.40 27.67
C GLN G 218 -4.65 4.85 26.34
N PHE G 219 -4.75 6.14 26.07
CA PHE G 219 -4.11 6.74 24.93
C PHE G 219 -3.73 8.20 25.21
N THR G 220 -2.55 8.58 24.76
CA THR G 220 -2.03 9.92 25.00
C THR G 220 -0.77 10.15 24.18
N ASN G 221 -0.52 11.43 23.88
CA ASN G 221 0.67 11.86 23.16
C ASN G 221 1.67 12.54 24.09
N THR G 222 1.61 12.22 25.38
CA THR G 222 2.50 12.87 26.35
C THR G 222 3.52 11.94 26.98
N VAL G 223 3.44 10.63 26.69
CA VAL G 223 4.33 9.65 27.33
C VAL G 223 5.51 9.23 26.43
N THR G 224 6.72 9.38 26.96
CA THR G 224 7.94 8.99 26.29
C THR G 224 8.53 7.78 27.02
N THR G 225 8.79 6.69 26.30
CA THR G 225 9.47 5.50 26.85
C THR G 225 10.98 5.62 26.55
N VAL G 226 11.82 5.67 27.58
CA VAL G 226 13.28 5.73 27.37
C VAL G 226 13.78 4.33 27.05
N LEU G 227 14.59 4.20 26.01
CA LEU G 227 15.12 2.90 25.55
C LEU G 227 16.58 2.70 25.91
N LEU G 228 17.21 3.69 26.54
CA LEU G 228 18.57 3.52 27.03
C LEU G 228 18.56 2.48 28.14
N ASP G 229 19.56 1.59 28.12
CA ASP G 229 19.71 0.52 29.11
C ASP G 229 20.35 1.07 30.40
N GLU G 230 20.74 0.13 31.28
CA GLU G 230 21.36 0.43 32.57
C GLU G 230 22.58 1.35 32.44
N ASN G 231 23.26 1.28 31.30
CA ASN G 231 24.51 2.01 31.11
C ASN G 231 24.40 3.25 30.21
N GLY G 232 23.18 3.63 29.84
CA GLY G 232 22.94 4.82 29.02
C GLY G 232 23.04 4.57 27.51
N VAL G 233 22.75 3.34 27.10
CA VAL G 233 23.00 2.84 25.75
C VAL G 233 21.72 2.24 25.16
N GLY G 234 21.18 2.87 24.13
CA GLY G 234 20.01 2.38 23.46
C GLY G 234 20.35 1.31 22.44
N PRO G 235 19.33 0.66 21.86
CA PRO G 235 19.49 -0.24 20.73
C PRO G 235 20.28 0.39 19.58
N LEU G 236 21.28 -0.33 19.09
CA LEU G 236 22.19 0.15 18.06
C LEU G 236 21.85 -0.55 16.75
N CYS G 237 21.55 0.24 15.73
CA CYS G 237 20.98 -0.27 14.48
C CYS G 237 21.96 -0.88 13.51
N LYS G 238 22.07 -2.21 13.55
CA LYS G 238 23.01 -2.92 12.68
C LYS G 238 22.60 -2.82 11.22
N GLY G 239 23.57 -2.48 10.37
CA GLY G 239 23.32 -2.28 8.95
C GLY G 239 22.30 -1.19 8.71
N ASP G 240 22.27 -0.20 9.60
CA ASP G 240 21.35 0.95 9.50
C ASP G 240 19.87 0.52 9.45
N GLY G 241 19.52 -0.50 10.22
CA GLY G 241 18.14 -1.01 10.24
C GLY G 241 17.52 -0.87 11.62
N LEU G 242 16.35 -0.23 11.66
CA LEU G 242 15.53 -0.09 12.86
C LEU G 242 14.37 -1.07 12.80
N TYR G 243 14.15 -1.82 13.88
CA TYR G 243 13.14 -2.88 13.90
C TYR G 243 12.10 -2.58 14.95
N VAL G 244 10.84 -2.65 14.53
CA VAL G 244 9.72 -2.29 15.36
C VAL G 244 8.69 -3.39 15.24
N SER G 245 8.14 -3.80 16.36
CA SER G 245 7.23 -4.94 16.34
C SER G 245 6.16 -4.71 17.37
N CYS G 246 4.97 -5.29 17.14
CA CYS G 246 3.87 -5.19 18.09
C CYS G 246 2.74 -6.20 17.90
N CYS G 247 1.84 -6.20 18.88
CA CYS G 247 0.53 -6.81 18.76
C CYS G 247 -0.39 -6.13 19.76
N ASP G 248 -1.63 -5.89 19.36
CA ASP G 248 -2.61 -5.27 20.23
C ASP G 248 -4.00 -5.84 20.03
N ILE G 249 -4.25 -6.97 20.69
CA ILE G 249 -5.56 -7.61 20.75
C ILE G 249 -6.36 -6.91 21.84
N VAL G 250 -7.54 -6.42 21.50
CA VAL G 250 -8.38 -5.69 22.44
C VAL G 250 -9.66 -6.42 22.84
N GLY G 251 -9.90 -7.60 22.29
CA GLY G 251 -10.99 -8.45 22.76
C GLY G 251 -11.64 -9.21 21.63
N PHE G 252 -12.86 -9.70 21.85
CA PHE G 252 -13.63 -10.43 20.84
C PHE G 252 -14.91 -9.70 20.47
N LEU G 253 -15.20 -9.65 19.17
CA LEU G 253 -16.53 -9.26 18.70
C LEU G 253 -17.42 -10.47 18.71
N VAL G 254 -18.59 -10.35 19.32
CA VAL G 254 -19.50 -11.48 19.49
C VAL G 254 -20.70 -11.33 18.57
N GLY G 255 -20.76 -12.15 17.53
CA GLY G 255 -21.85 -12.10 16.57
C GLY G 255 -23.17 -12.58 17.13
N LYS G 256 -24.25 -12.28 16.42
CA LYS G 256 -25.60 -12.64 16.83
C LYS G 256 -25.71 -14.07 17.34
N ASP G 257 -25.11 -15.01 16.63
CA ASP G 257 -25.24 -16.44 16.93
C ASP G 257 -24.21 -16.96 17.94
N GLY G 258 -23.34 -16.09 18.43
CA GLY G 258 -22.32 -16.48 19.41
C GLY G 258 -20.96 -16.74 18.80
N ASP G 259 -20.88 -16.76 17.47
CA ASP G 259 -19.59 -16.84 16.76
C ASP G 259 -18.72 -15.62 17.06
N MET G 260 -17.42 -15.85 17.29
CA MET G 260 -16.54 -14.81 17.80
C MET G 260 -15.27 -14.63 16.96
N GLN G 261 -14.86 -13.35 16.85
CA GLN G 261 -13.64 -12.96 16.17
C GLN G 261 -12.76 -12.10 17.09
N TYR G 262 -11.44 -12.31 17.03
CA TYR G 262 -10.47 -11.40 17.63
C TYR G 262 -10.58 -10.03 16.99
N ARG G 263 -10.34 -8.98 17.78
CA ARG G 263 -10.24 -7.61 17.29
C ARG G 263 -8.91 -7.03 17.77
N GLY G 264 -8.16 -6.47 16.83
CA GLY G 264 -6.91 -5.78 17.15
C GLY G 264 -6.97 -4.35 16.67
N LEU G 265 -6.08 -3.51 17.20
CA LEU G 265 -5.97 -2.10 16.80
C LEU G 265 -4.54 -1.75 16.32
N PRO G 266 -4.43 -0.71 15.47
CA PRO G 266 -3.08 -0.28 15.07
C PRO G 266 -2.25 0.37 16.17
N ARG G 267 -0.94 0.43 15.95
CA ARG G 267 -0.08 1.14 16.87
C ARG G 267 0.81 2.11 16.12
N TYR G 268 0.97 3.30 16.70
CA TYR G 268 1.83 4.35 16.17
C TYR G 268 3.15 4.32 16.93
N PHE G 269 4.25 4.69 16.26
CA PHE G 269 5.56 4.85 16.92
C PHE G 269 6.25 6.14 16.50
N ASN G 270 6.95 6.78 17.44
CA ASN G 270 7.76 7.94 17.14
C ASN G 270 9.07 7.79 17.85
N ILE G 271 10.10 7.42 17.09
CA ILE G 271 11.37 7.02 17.62
C ILE G 271 12.45 8.07 17.37
N LEU G 272 13.14 8.46 18.43
CA LEU G 272 14.28 9.36 18.36
C LEU G 272 15.58 8.55 18.35
N LEU G 273 16.52 8.90 17.48
CA LEU G 273 17.80 8.22 17.39
C LEU G 273 18.95 9.21 17.36
N ARG G 274 20.14 8.76 17.73
CA ARG G 274 21.32 9.59 17.69
C ARG G 274 22.52 8.81 17.16
N LYS G 275 23.51 9.52 16.66
CA LYS G 275 24.74 8.88 16.17
C LYS G 275 25.68 8.54 17.32
N ARG G 276 26.11 7.28 17.36
CA ARG G 276 27.02 6.76 18.37
C ARG G 276 28.24 6.16 17.69
N THR G 277 29.43 6.50 18.17
CA THR G 277 30.63 5.89 17.66
C THR G 277 30.81 4.53 18.31
N VAL G 278 31.21 3.55 17.50
CA VAL G 278 31.46 2.19 17.96
C VAL G 278 32.76 1.65 17.38
N ARG G 279 33.32 0.62 18.01
CA ARG G 279 34.58 0.01 17.56
C ARG G 279 34.29 -1.24 16.73
N ILE H 10 6.37 26.34 14.15
CA ILE H 10 6.48 27.53 15.04
C ILE H 10 7.81 27.52 15.80
N GLU H 11 8.74 28.36 15.37
CA GLU H 11 10.01 28.50 16.06
C GLU H 11 9.79 29.35 17.30
N VAL H 12 9.83 28.70 18.46
CA VAL H 12 9.58 29.37 19.73
C VAL H 12 10.83 30.13 20.17
N LEU H 13 10.61 31.30 20.79
CA LEU H 13 11.69 32.08 21.37
C LEU H 13 11.40 32.26 22.87
N ASN H 14 11.59 33.45 23.42
CA ASN H 14 11.60 33.60 24.87
C ASN H 14 10.23 33.89 25.47
N LEU H 15 10.10 33.59 26.75
CA LEU H 15 8.94 34.01 27.53
C LEU H 15 8.94 35.54 27.69
N VAL H 16 7.77 36.12 27.88
CA VAL H 16 7.63 37.56 28.07
C VAL H 16 7.46 37.89 29.56
N THR H 17 8.22 38.87 30.04
CA THR H 17 8.11 39.39 31.40
C THR H 17 7.32 40.69 31.41
N ASP H 20 2.29 41.65 33.05
CA ASP H 20 0.90 41.24 32.93
C ASP H 20 0.80 40.02 32.01
N SER H 21 1.84 39.20 32.03
CA SER H 21 2.05 38.15 31.05
C SER H 21 1.28 36.84 31.30
N ILE H 22 0.48 36.78 32.37
CA ILE H 22 -0.29 35.58 32.68
C ILE H 22 -1.77 35.85 32.48
N THR H 23 -2.53 34.79 32.20
CA THR H 23 -3.98 34.87 32.18
C THR H 23 -4.57 33.47 32.36
N THR H 24 -5.82 33.43 32.78
CA THR H 24 -6.49 32.20 33.15
C THR H 24 -7.81 32.10 32.38
N ILE H 25 -8.12 30.90 31.92
CA ILE H 25 -9.38 30.60 31.26
C ILE H 25 -10.09 29.50 32.04
N GLU H 26 -11.38 29.69 32.27
CA GLU H 26 -12.21 28.78 33.01
C GLU H 26 -13.45 28.47 32.17
N LEU H 27 -13.78 27.21 31.99
CA LEU H 27 -14.96 26.84 31.21
C LEU H 27 -15.42 25.45 31.57
N TYR H 28 -16.62 25.11 31.10
CA TYR H 28 -17.13 23.75 31.22
C TYR H 28 -17.73 23.32 29.88
N LEU H 29 -17.76 22.01 29.64
CA LEU H 29 -18.44 21.46 28.49
C LEU H 29 -19.47 20.45 28.94
N ASN H 30 -20.73 20.71 28.61
CA ASN H 30 -21.78 19.71 28.76
C ASN H 30 -21.56 18.58 27.79
N THR H 31 -22.06 17.42 28.18
CA THR H 31 -21.87 16.23 27.42
C THR H 31 -22.70 16.16 26.14
N ARG H 32 -22.17 15.42 25.16
CA ARG H 32 -22.85 15.21 23.89
C ARG H 32 -22.99 13.73 23.61
N MET H 33 -23.95 13.13 24.31
CA MET H 33 -24.29 11.70 24.20
C MET H 33 -25.29 11.35 23.10
N GLY H 34 -26.02 12.34 22.58
CA GLY H 34 -26.97 12.09 21.49
C GLY H 34 -28.19 13.00 21.55
N GLN H 35 -28.84 13.04 22.70
CA GLN H 35 -29.85 14.07 22.99
C GLN H 35 -29.09 15.26 23.55
N ASN H 36 -28.84 16.23 22.69
CA ASN H 36 -27.95 17.35 23.02
C ASN H 36 -28.67 18.68 23.21
N ASP H 37 -30.00 18.62 23.30
CA ASP H 37 -30.84 19.78 23.50
C ASP H 37 -31.17 19.89 24.99
N GLU H 38 -30.69 20.97 25.61
CA GLU H 38 -30.83 21.19 27.06
C GLU H 38 -32.24 21.51 27.52
N SER H 39 -33.14 21.77 26.57
CA SER H 39 -34.53 22.05 26.90
C SER H 39 -35.42 20.83 26.74
N LYS H 40 -34.88 19.74 26.21
CA LYS H 40 -35.65 18.51 26.00
C LYS H 40 -35.30 17.48 27.06
N ASP H 41 -36.20 16.53 27.28
CA ASP H 41 -35.99 15.47 28.27
C ASP H 41 -34.86 14.56 27.75
N ASN H 42 -34.38 13.64 28.59
CA ASN H 42 -33.24 12.76 28.23
C ASN H 42 -31.95 13.51 27.89
N TYR H 43 -31.82 14.74 28.37
CA TYR H 43 -30.64 15.56 28.11
C TYR H 43 -29.45 14.98 28.88
N GLY H 44 -28.31 14.91 28.19
CA GLY H 44 -27.10 14.30 28.73
C GLY H 44 -27.13 12.80 28.59
N TYR H 45 -28.15 12.28 27.90
CA TYR H 45 -28.23 10.88 27.53
C TYR H 45 -28.29 10.80 26.02
N SER H 46 -27.98 9.62 25.51
CA SER H 46 -28.26 9.28 24.12
C SER H 46 -29.70 8.79 24.01
N GLU H 47 -30.22 8.78 22.79
CA GLU H 47 -31.44 8.05 22.51
C GLU H 47 -31.17 6.57 22.70
N LYS H 48 -32.25 5.78 22.75
CA LYS H 48 -32.12 4.35 23.06
C LYS H 48 -31.25 3.62 22.04
N VAL H 49 -30.45 2.67 22.51
CA VAL H 49 -29.49 2.01 21.65
C VAL H 49 -30.15 0.91 20.84
N THR H 50 -29.93 0.91 19.53
CA THR H 50 -30.44 -0.12 18.63
C THR H 50 -29.30 -1.00 18.18
N VAL H 51 -29.63 -2.21 17.70
CA VAL H 51 -28.62 -3.18 17.29
C VAL H 51 -28.90 -3.58 15.85
N ALA H 52 -27.88 -3.48 14.98
CA ALA H 52 -28.07 -3.77 13.56
C ALA H 52 -28.39 -5.25 13.36
N ASN H 53 -29.24 -5.55 12.39
CA ASN H 53 -29.55 -6.94 12.11
C ASN H 53 -28.37 -7.62 11.44
N SER H 54 -27.62 -6.86 10.65
CA SER H 54 -26.42 -7.36 9.98
C SER H 54 -25.46 -6.19 9.73
N SER H 55 -24.21 -6.52 9.42
CA SER H 55 -23.17 -5.50 9.25
C SER H 55 -23.39 -4.63 8.00
N ASP H 56 -24.15 -5.13 7.03
CA ASP H 56 -24.49 -4.37 5.83
C ASP H 56 -25.77 -3.52 6.01
N GLN H 57 -26.41 -3.64 7.17
CA GLN H 57 -27.58 -2.85 7.49
C GLN H 57 -27.36 -2.14 8.82
N ASP H 58 -26.13 -1.68 9.03
CA ASP H 58 -25.75 -1.02 10.29
C ASP H 58 -26.01 0.48 10.15
N LYS H 59 -27.19 0.91 10.60
CA LYS H 59 -27.63 2.28 10.44
C LYS H 59 -28.24 2.78 11.76
N PRO H 60 -27.44 3.45 12.59
CA PRO H 60 -27.96 3.93 13.88
C PRO H 60 -29.06 4.97 13.73
N THR H 61 -29.99 4.94 14.67
CA THR H 61 -31.04 5.94 14.75
C THR H 61 -30.44 7.27 15.12
N SER H 62 -31.11 8.36 14.74
CA SER H 62 -30.65 9.71 15.05
C SER H 62 -30.52 9.92 16.57
N GLY H 63 -29.36 10.38 17.00
CA GLY H 63 -29.15 10.75 18.39
C GLY H 63 -28.80 9.62 19.36
N GLU H 64 -28.50 8.42 18.87
CA GLU H 64 -28.04 7.32 19.75
C GLU H 64 -26.50 7.24 19.84
N ILE H 65 -25.83 8.21 19.21
CA ILE H 65 -24.39 8.14 18.99
C ILE H 65 -23.72 9.28 19.75
N PRO H 66 -22.86 8.95 20.73
CA PRO H 66 -22.04 9.97 21.38
C PRO H 66 -21.06 10.62 20.42
N THR H 67 -20.80 11.90 20.67
CA THR H 67 -19.83 12.66 19.90
C THR H 67 -18.94 13.44 20.85
N TYR H 68 -17.85 13.96 20.31
CA TYR H 68 -16.95 14.80 21.07
C TYR H 68 -17.58 16.17 21.39
N SER H 69 -17.38 16.60 22.63
CA SER H 69 -17.66 17.99 23.01
C SER H 69 -16.42 18.79 22.67
N THR H 70 -16.58 20.03 22.24
CA THR H 70 -15.43 20.88 21.99
C THR H 70 -15.83 22.35 22.02
N ALA H 71 -14.86 23.23 22.27
CA ALA H 71 -15.10 24.66 22.15
C ALA H 71 -13.82 25.42 21.82
N ARG H 72 -13.98 26.54 21.13
CA ARG H 72 -12.87 27.45 20.86
C ARG H 72 -13.08 28.64 21.76
N ILE H 73 -12.08 28.98 22.57
CA ILE H 73 -12.18 30.13 23.46
C ILE H 73 -11.35 31.24 22.88
N ASN H 74 -11.98 32.40 22.68
CA ASN H 74 -11.30 33.63 22.27
C ASN H 74 -10.51 34.13 23.46
N LEU H 75 -9.21 34.29 23.28
CA LEU H 75 -8.33 34.75 24.35
C LEU H 75 -8.14 36.25 24.24
N PRO H 76 -7.66 36.92 25.30
CA PRO H 76 -7.34 38.33 25.18
C PRO H 76 -6.44 38.58 23.98
N MET H 77 -6.76 39.64 23.23
CA MET H 77 -6.09 39.95 21.96
C MET H 77 -4.62 40.29 22.17
N LEU H 78 -3.77 39.82 21.26
CA LEU H 78 -2.35 40.18 21.28
C LEU H 78 -1.99 41.17 20.17
N ASN H 79 -0.73 41.62 20.18
CA ASN H 79 -0.19 42.62 19.23
C ASN H 79 -0.82 42.58 17.84
N ASN H 85 11.78 40.20 14.59
CA ASN H 85 11.20 39.37 13.54
C ASN H 85 10.14 38.41 14.11
N THR H 86 9.27 38.93 14.97
CA THR H 86 8.59 38.09 15.96
C THR H 86 7.15 38.49 16.26
N LEU H 87 6.47 37.60 16.97
CA LEU H 87 5.10 37.79 17.40
C LEU H 87 4.92 37.15 18.77
N THR H 88 3.85 37.53 19.45
CA THR H 88 3.51 37.01 20.76
C THR H 88 2.29 36.10 20.64
N MET H 89 2.36 34.96 21.34
CA MET H 89 1.32 33.94 21.37
C MET H 89 1.07 33.51 22.82
N TRP H 90 -0.18 33.17 23.12
CA TRP H 90 -0.54 32.62 24.43
C TRP H 90 -0.12 31.17 24.49
N GLU H 91 0.54 30.78 25.57
CA GLU H 91 1.05 29.44 25.71
C GLU H 91 0.40 28.76 26.91
N ALA H 92 -0.26 27.63 26.65
CA ALA H 92 -0.98 26.90 27.68
C ALA H 92 -0.02 26.09 28.55
N VAL H 93 0.05 26.44 29.82
CA VAL H 93 1.05 25.89 30.72
C VAL H 93 0.55 24.68 31.48
N SER H 94 -0.70 24.74 31.92
CA SER H 94 -1.25 23.66 32.74
C SER H 94 -2.77 23.78 32.81
N VAL H 95 -3.39 22.71 33.30
CA VAL H 95 -4.82 22.66 33.42
C VAL H 95 -5.28 21.83 34.59
N LYS H 96 -6.27 22.38 35.28
CA LYS H 96 -7.06 21.66 36.26
C LYS H 96 -8.39 21.34 35.60
N THR H 97 -8.65 20.05 35.49
CA THR H 97 -9.86 19.55 34.89
C THR H 97 -10.48 18.46 35.78
N GLU H 98 -11.81 18.47 35.89
CA GLU H 98 -12.51 17.44 36.61
C GLU H 98 -13.87 17.15 35.96
N VAL H 99 -14.38 15.96 36.20
CA VAL H 99 -15.71 15.56 35.78
C VAL H 99 -16.66 16.03 36.86
N VAL H 100 -17.72 16.66 36.43
CA VAL H 100 -18.69 17.29 37.32
C VAL H 100 -19.88 16.35 37.45
N GLY H 101 -20.51 16.36 38.61
CA GLY H 101 -21.72 15.56 38.83
C GLY H 101 -21.52 14.07 39.04
N VAL H 102 -20.35 13.67 39.52
CA VAL H 102 -20.10 12.24 39.77
C VAL H 102 -21.09 11.72 40.79
N SER H 103 -21.37 12.51 41.80
CA SER H 103 -22.33 12.15 42.83
C SER H 103 -23.72 11.86 42.29
N SER H 104 -24.03 12.31 41.07
CA SER H 104 -25.35 12.06 40.49
C SER H 104 -25.56 10.59 40.19
N LEU H 105 -24.48 9.82 40.12
CA LEU H 105 -24.57 8.40 39.86
C LEU H 105 -24.97 7.60 41.09
N VAL H 106 -25.07 8.27 42.24
CA VAL H 106 -25.53 7.64 43.47
C VAL H 106 -27.05 7.72 43.50
N ASN H 107 -27.69 7.01 42.58
CA ASN H 107 -29.13 7.06 42.42
C ASN H 107 -29.59 5.72 41.91
N VAL H 108 -30.44 5.06 42.69
CA VAL H 108 -30.94 3.75 42.34
C VAL H 108 -32.44 3.66 42.53
N HIS H 109 -33.13 4.79 42.34
CA HIS H 109 -34.60 4.84 42.41
C HIS H 109 -35.23 5.41 41.14
N MET H 110 -34.48 5.50 40.06
CA MET H 110 -35.02 5.98 38.79
C MET H 110 -35.76 4.84 38.10
N ALA H 111 -36.47 5.18 37.02
CA ALA H 111 -37.27 4.20 36.29
C ALA H 111 -36.37 3.29 35.47
N THR H 112 -35.89 2.24 36.13
CA THR H 112 -34.90 1.33 35.57
C THR H 112 -35.26 -0.11 35.89
N LYS H 113 -34.64 -1.04 35.17
CA LYS H 113 -34.59 -2.45 35.60
C LYS H 113 -34.14 -2.45 37.04
N ARG H 114 -34.51 -3.48 37.79
CA ARG H 114 -34.06 -3.56 39.17
C ARG H 114 -33.60 -4.96 39.58
N MET H 115 -32.91 -5.04 40.71
CA MET H 115 -32.30 -6.29 41.19
C MET H 115 -33.29 -7.15 41.94
N TYR H 116 -32.87 -8.38 42.20
CA TYR H 116 -33.60 -9.33 43.05
C TYR H 116 -35.11 -9.34 42.86
N ASP H 117 -35.55 -9.84 41.71
CA ASP H 117 -36.96 -10.14 41.47
C ASP H 117 -37.86 -8.96 41.81
N ASP H 118 -37.51 -7.79 41.27
CA ASP H 118 -38.27 -6.55 41.46
C ASP H 118 -38.47 -6.09 42.91
N LYS H 119 -37.48 -6.39 43.76
CA LYS H 119 -37.49 -5.96 45.16
C LYS H 119 -36.30 -5.06 45.55
N GLY H 120 -35.21 -5.12 44.79
CA GLY H 120 -33.97 -4.42 45.16
C GLY H 120 -33.83 -3.08 44.46
N ILE H 121 -32.58 -2.63 44.35
CA ILE H 121 -32.28 -1.32 43.80
C ILE H 121 -32.49 -1.26 42.30
N GLY H 122 -32.74 -0.06 41.80
CA GLY H 122 -32.63 0.20 40.38
C GLY H 122 -31.17 0.07 39.99
N PHE H 123 -30.90 -0.47 38.81
CA PHE H 123 -29.52 -0.60 38.33
C PHE H 123 -28.94 0.81 38.28
N PRO H 124 -27.73 1.03 38.85
CA PRO H 124 -27.13 2.34 38.64
C PRO H 124 -26.61 2.49 37.21
N VAL H 125 -26.28 3.72 36.83
CA VAL H 125 -25.60 3.96 35.56
C VAL H 125 -24.28 3.20 35.59
N GLU H 126 -24.11 2.24 34.69
CA GLU H 126 -22.95 1.35 34.72
C GLU H 126 -22.57 0.83 33.33
N GLY H 127 -21.39 0.19 33.25
CA GLY H 127 -20.86 -0.38 32.02
C GLY H 127 -19.70 0.43 31.48
N MET H 128 -19.58 0.47 30.15
CA MET H 128 -18.55 1.20 29.42
C MET H 128 -18.27 2.61 29.96
N ASN H 129 -17.00 2.86 30.32
CA ASN H 129 -16.52 4.21 30.64
C ASN H 129 -15.46 4.69 29.64
N PHE H 130 -15.62 5.91 29.15
CA PHE H 130 -14.71 6.47 28.18
C PHE H 130 -14.51 7.93 28.54
N HIS H 131 -13.25 8.30 28.78
CA HIS H 131 -12.89 9.60 29.32
C HIS H 131 -11.68 10.15 28.62
N MET H 132 -11.86 11.26 27.91
CA MET H 132 -10.76 11.90 27.25
C MET H 132 -10.89 13.39 27.34
N PHE H 133 -9.76 14.09 27.41
CA PHE H 133 -9.77 15.52 27.21
C PHE H 133 -8.53 15.91 26.44
N ALA H 134 -8.61 17.10 25.83
CA ALA H 134 -7.54 17.65 25.04
C ALA H 134 -7.58 19.17 25.14
N VAL H 135 -6.39 19.77 25.22
CA VAL H 135 -6.23 21.21 25.22
C VAL H 135 -5.17 21.54 24.18
N GLY H 136 -5.51 22.39 23.23
CA GLY H 136 -4.64 22.70 22.09
C GLY H 136 -4.63 24.15 21.68
N GLY H 137 -3.65 24.49 20.85
CA GLY H 137 -3.59 25.82 20.24
C GLY H 137 -4.24 25.84 18.86
N GLU H 138 -4.95 24.77 18.52
CA GLU H 138 -5.66 24.65 17.25
C GLU H 138 -6.62 23.47 17.35
N PRO H 139 -7.39 23.18 16.29
CA PRO H 139 -8.34 22.07 16.46
C PRO H 139 -7.66 20.71 16.65
N LEU H 140 -8.27 19.86 17.46
CA LEU H 140 -7.81 18.50 17.59
C LEU H 140 -7.86 17.85 16.21
N GLU H 141 -6.74 17.24 15.83
CA GLU H 141 -6.64 16.52 14.57
C GLU H 141 -7.01 15.04 14.80
N LEU H 142 -7.91 14.55 13.96
CA LEU H 142 -8.56 13.28 14.11
C LEU H 142 -8.13 12.30 13.01
N GLN H 143 -8.14 11.02 13.36
CA GLN H 143 -7.92 9.92 12.43
C GLN H 143 -9.22 9.09 12.43
N PHE H 144 -9.68 8.70 11.24
CA PHE H 144 -10.88 7.86 11.13
C PHE H 144 -10.47 6.40 11.40
N LEU H 145 -11.23 5.74 12.28
CA LEU H 145 -11.05 4.29 12.47
C LEU H 145 -12.33 3.77 13.10
N THR H 146 -12.90 2.71 12.51
CA THR H 146 -14.23 2.18 12.92
C THR H 146 -14.23 0.65 13.11
N GLY H 147 -15.13 0.19 13.98
CA GLY H 147 -15.38 -1.26 14.11
C GLY H 147 -16.10 -1.85 12.89
N ASN H 148 -16.81 -1.02 12.15
CA ASN H 148 -17.53 -1.48 10.95
C ASN H 148 -17.49 -0.41 9.85
N TYR H 149 -16.76 -0.68 8.76
CA TYR H 149 -16.59 0.28 7.66
C TYR H 149 -17.90 0.66 6.98
N ARG H 150 -18.88 -0.24 7.06
CA ARG H 150 -20.17 -0.09 6.39
C ARG H 150 -21.18 0.79 7.12
N THR H 151 -20.88 1.16 8.36
CA THR H 151 -21.80 1.95 9.19
C THR H 151 -22.41 3.15 8.47
N ASP H 152 -23.73 3.19 8.44
CA ASP H 152 -24.49 4.18 7.67
C ASP H 152 -24.89 5.27 8.65
N TYR H 153 -24.37 6.48 8.45
CA TYR H 153 -24.65 7.61 9.35
C TYR H 153 -25.71 8.61 8.83
N SER H 154 -26.42 8.23 7.77
CA SER H 154 -27.36 9.13 7.08
C SER H 154 -28.67 9.42 7.84
N ALA H 155 -28.92 8.77 8.98
CA ALA H 155 -30.09 9.13 9.80
C ALA H 155 -29.92 10.52 10.44
N ASN H 156 -28.67 10.95 10.60
CA ASN H 156 -28.37 12.26 11.14
C ASN H 156 -27.31 12.96 10.30
N ASP H 157 -27.77 13.86 9.42
CA ASP H 157 -26.88 14.60 8.52
C ASP H 157 -25.99 15.62 9.24
N LYS H 158 -26.23 15.86 10.53
CA LYS H 158 -25.44 16.81 11.31
C LYS H 158 -24.09 16.23 11.71
N LEU H 159 -23.99 14.89 11.72
CA LEU H 159 -22.75 14.20 12.03
C LEU H 159 -21.75 14.38 10.90
N VAL H 160 -20.48 14.48 11.26
CA VAL H 160 -19.44 14.70 10.26
C VAL H 160 -18.64 13.43 10.12
N VAL H 161 -18.84 12.74 9.00
CA VAL H 161 -18.20 11.47 8.73
C VAL H 161 -17.67 11.54 7.31
N PRO H 162 -16.80 10.59 6.91
CA PRO H 162 -16.29 10.69 5.54
C PRO H 162 -17.36 10.45 4.46
N PRO H 163 -17.18 11.02 3.27
CA PRO H 163 -18.22 10.91 2.25
C PRO H 163 -18.27 9.54 1.56
N ILE H 164 -17.25 8.71 1.76
CA ILE H 164 -17.18 7.38 1.16
C ILE H 164 -16.69 6.37 2.19
N LYS H 165 -16.80 5.09 1.86
CA LYS H 165 -16.54 4.01 2.81
C LYS H 165 -15.60 2.96 2.21
N HIS H 166 -14.75 2.37 3.05
CA HIS H 166 -13.80 1.35 2.57
C HIS H 166 -13.35 0.46 3.72
N GLN H 167 -13.08 -0.79 3.38
CA GLN H 167 -12.69 -1.81 4.35
C GLN H 167 -11.45 -1.41 5.14
N SER H 168 -10.58 -0.62 4.53
CA SER H 168 -9.31 -0.24 5.14
C SER H 168 -9.48 0.63 6.38
N THR H 169 -10.67 1.19 6.56
CA THR H 169 -10.93 2.05 7.70
C THR H 169 -11.19 1.25 8.97
N GLN H 170 -11.28 -0.08 8.89
CA GLN H 170 -11.30 -0.89 10.11
C GLN H 170 -9.90 -0.98 10.76
N GLY H 171 -8.89 -0.47 10.05
CA GLY H 171 -7.57 -0.20 10.62
C GLY H 171 -7.26 1.27 10.37
N LEU H 172 -5.98 1.61 10.29
CA LEU H 172 -5.51 2.98 10.08
C LEU H 172 -5.24 3.21 8.59
N ASN H 173 -6.10 4.00 7.95
CA ASN H 173 -5.88 4.46 6.59
C ASN H 173 -5.68 5.98 6.67
N PRO H 174 -4.43 6.46 6.48
CA PRO H 174 -4.13 7.85 6.74
C PRO H 174 -4.73 8.85 5.73
N HIS H 175 -5.46 8.36 4.71
CA HIS H 175 -6.25 9.23 3.84
C HIS H 175 -7.55 9.72 4.48
N TYR H 176 -8.01 9.06 5.54
CA TYR H 176 -9.26 9.43 6.22
C TYR H 176 -8.94 10.21 7.50
N LYS H 177 -8.91 11.54 7.39
CA LYS H 177 -8.56 12.40 8.51
C LYS H 177 -9.47 13.61 8.57
N GLN H 178 -9.52 14.24 9.75
CA GLN H 178 -10.36 15.38 9.98
C GLN H 178 -9.84 16.21 11.14
N LYS H 179 -10.50 17.35 11.37
CA LYS H 179 -10.22 18.24 12.49
C LYS H 179 -11.49 18.54 13.29
N LEU H 180 -11.40 18.44 14.61
CA LEU H 180 -12.55 18.62 15.51
C LEU H 180 -12.93 20.10 15.60
N THR H 181 -13.78 20.52 14.69
CA THR H 181 -14.15 21.94 14.55
C THR H 181 -15.61 22.23 14.92
N LYS H 182 -16.39 21.18 15.18
CA LYS H 182 -17.82 21.30 15.52
C LYS H 182 -18.15 20.52 16.78
N ASP H 183 -18.82 21.17 17.72
CA ASP H 183 -19.31 20.52 18.93
C ASP H 183 -20.49 19.62 18.60
N GLY H 184 -20.52 18.44 19.22
CA GLY H 184 -21.69 17.57 19.17
C GLY H 184 -21.97 16.96 17.81
N ALA H 185 -20.92 16.81 17.02
CA ALA H 185 -21.04 16.42 15.60
C ALA H 185 -20.13 15.25 15.19
N PHE H 186 -18.93 15.19 15.77
CA PHE H 186 -17.93 14.21 15.36
C PHE H 186 -18.04 12.96 16.23
N PRO H 187 -18.48 11.83 15.64
CA PRO H 187 -18.68 10.60 16.42
C PRO H 187 -17.43 9.96 17.02
N VAL H 188 -17.56 9.57 18.28
CA VAL H 188 -16.51 8.97 19.04
C VAL H 188 -16.16 7.61 18.42
N GLU H 189 -17.18 6.90 17.94
CA GLU H 189 -16.99 5.51 17.52
C GLU H 189 -16.12 5.38 16.28
N CYS H 190 -16.02 6.46 15.50
CA CYS H 190 -15.23 6.41 14.27
C CYS H 190 -14.14 7.49 14.14
N TRP H 191 -14.04 8.43 15.08
CA TRP H 191 -12.91 9.38 15.10
C TRP H 191 -12.13 9.28 16.42
N CYS H 192 -10.81 9.15 16.31
CA CYS H 192 -9.91 9.20 17.45
C CYS H 192 -8.78 10.19 17.18
N PRO H 193 -7.98 10.52 18.20
CA PRO H 193 -6.90 11.46 17.94
C PRO H 193 -5.84 10.92 16.99
N ASP H 194 -5.35 11.80 16.12
CA ASP H 194 -4.27 11.48 15.18
C ASP H 194 -2.90 11.63 15.88
N PRO H 195 -2.22 10.52 16.18
CA PRO H 195 -0.92 10.59 16.86
C PRO H 195 0.21 11.05 15.94
N SER H 196 -0.04 11.09 14.62
CA SER H 196 0.97 11.53 13.64
C SER H 196 1.04 13.06 13.53
N LYS H 197 0.05 13.75 14.07
CA LYS H 197 0.01 15.19 14.14
C LYS H 197 -0.22 15.61 15.58
N ASN H 198 -1.05 16.63 15.83
CA ASN H 198 -1.31 17.12 17.20
C ASN H 198 -0.05 17.48 17.97
N GLU H 199 0.94 18.02 17.25
CA GLU H 199 2.16 18.49 17.90
C GLU H 199 1.87 19.69 18.79
N ASN H 200 0.80 20.42 18.48
CA ASN H 200 0.38 21.61 19.22
C ASN H 200 -0.88 21.39 20.09
N THR H 201 -1.14 20.14 20.48
CA THR H 201 -2.26 19.77 21.35
C THR H 201 -1.76 18.70 22.32
N ARG H 202 -2.35 18.63 23.51
CA ARG H 202 -2.02 17.55 24.47
C ARG H 202 -3.33 16.85 24.78
N TYR H 203 -3.42 15.56 24.48
CA TYR H 203 -4.62 14.78 24.79
C TYR H 203 -4.32 13.59 25.72
N TYR H 204 -5.31 13.25 26.53
CA TYR H 204 -5.23 12.17 27.51
C TYR H 204 -6.53 11.43 27.51
N GLY H 205 -6.51 10.11 27.42
CA GLY H 205 -7.76 9.36 27.38
C GLY H 205 -7.72 7.97 27.98
N SER H 206 -8.89 7.45 28.33
CA SER H 206 -8.97 6.09 28.81
C SER H 206 -10.32 5.48 28.52
N TYR H 207 -10.31 4.17 28.43
CA TYR H 207 -11.50 3.38 28.10
C TYR H 207 -11.49 2.18 29.02
N THR H 208 -12.63 1.94 29.66
CA THR H 208 -12.89 0.67 30.35
C THR H 208 -14.18 0.11 29.79
N GLY H 209 -14.12 -1.11 29.27
CA GLY H 209 -15.25 -1.70 28.53
C GLY H 209 -16.12 -2.62 29.38
N GLY H 210 -16.57 -3.72 28.79
CA GLY H 210 -17.40 -4.71 29.50
C GLY H 210 -18.87 -4.32 29.41
N GLN H 211 -19.75 -5.16 29.94
CA GLN H 211 -21.20 -4.97 29.79
C GLN H 211 -21.88 -4.13 30.87
N SER H 212 -21.60 -4.48 32.13
CA SER H 212 -22.19 -3.84 33.30
C SER H 212 -21.09 -3.45 34.30
N THR H 213 -19.89 -3.26 33.80
CA THR H 213 -18.71 -2.99 34.63
C THR H 213 -18.90 -1.76 35.53
N PRO H 214 -18.40 -1.84 36.78
CA PRO H 214 -18.43 -0.67 37.67
C PRO H 214 -17.67 0.56 37.13
N PRO H 215 -18.33 1.72 37.06
CA PRO H 215 -17.58 2.95 36.81
C PRO H 215 -16.68 3.28 37.98
N VAL H 216 -15.48 3.79 37.68
CA VAL H 216 -14.51 4.16 38.70
C VAL H 216 -14.07 5.58 38.36
N LEU H 217 -14.58 6.53 39.13
CA LEU H 217 -14.43 7.94 38.84
C LEU H 217 -13.84 8.64 40.04
N GLN H 218 -12.96 9.60 39.79
CA GLN H 218 -12.40 10.47 40.83
C GLN H 218 -12.79 11.93 40.54
N PHE H 219 -12.86 12.75 41.59
CA PHE H 219 -13.06 14.20 41.40
C PHE H 219 -12.36 14.97 42.53
N THR H 220 -11.52 15.92 42.18
CA THR H 220 -10.81 16.74 43.16
C THR H 220 -10.39 18.06 42.54
N ASN H 221 -10.26 19.09 43.37
CA ASN H 221 -9.81 20.42 42.93
C ASN H 221 -8.33 20.67 43.24
N THR H 222 -7.60 19.61 43.60
CA THR H 222 -6.23 19.70 44.04
C THR H 222 -5.19 19.22 43.00
N VAL H 223 -5.62 18.80 41.81
CA VAL H 223 -4.69 18.19 40.84
C VAL H 223 -4.50 19.06 39.60
N THR H 224 -3.24 19.28 39.26
CA THR H 224 -2.78 20.05 38.11
C THR H 224 -2.09 19.12 37.12
N THR H 225 -2.45 19.27 35.86
CA THR H 225 -1.80 18.57 34.76
C THR H 225 -1.00 19.60 33.98
N VAL H 226 0.31 19.36 33.88
CA VAL H 226 1.23 20.24 33.19
C VAL H 226 1.17 19.94 31.68
N LEU H 227 1.05 21.00 30.89
CA LEU H 227 0.86 20.91 29.42
C LEU H 227 2.13 21.11 28.62
N LEU H 228 3.21 21.50 29.30
CA LEU H 228 4.50 21.69 28.69
C LEU H 228 5.07 20.35 28.23
N ASP H 229 5.59 20.34 27.01
CA ASP H 229 6.18 19.16 26.44
C ASP H 229 7.58 18.97 27.02
N GLU H 230 8.30 18.03 26.43
CA GLU H 230 9.64 17.67 26.87
C GLU H 230 10.65 18.82 26.73
N ASN H 231 10.34 19.81 25.91
CA ASN H 231 11.20 20.98 25.76
C ASN H 231 10.70 22.17 26.59
N GLY H 232 9.75 21.93 27.48
CA GLY H 232 9.18 22.99 28.29
C GLY H 232 8.32 23.95 27.50
N VAL H 233 7.75 23.47 26.40
CA VAL H 233 6.89 24.31 25.56
C VAL H 233 5.48 23.74 25.59
N GLY H 234 4.51 24.59 25.92
CA GLY H 234 3.11 24.22 25.90
C GLY H 234 2.46 24.48 24.56
N PRO H 235 1.18 24.14 24.42
CA PRO H 235 0.42 24.50 23.22
C PRO H 235 0.43 26.01 22.94
N LEU H 236 0.59 26.37 21.67
CA LEU H 236 0.62 27.79 21.25
C LEU H 236 -0.62 28.19 20.46
N CYS H 237 -1.30 29.22 20.96
CA CYS H 237 -2.67 29.52 20.52
C CYS H 237 -2.69 30.40 19.27
N LYS H 238 -2.82 29.74 18.13
CA LYS H 238 -2.83 30.41 16.83
C LYS H 238 -4.09 31.25 16.71
N GLY H 239 -3.91 32.50 16.29
CA GLY H 239 -5.00 33.46 16.25
C GLY H 239 -5.66 33.77 17.58
N ASP H 240 -4.95 33.52 18.68
CA ASP H 240 -5.48 33.68 20.05
C ASP H 240 -6.70 32.81 20.30
N GLY H 241 -6.74 31.63 19.69
CA GLY H 241 -7.80 30.66 19.93
C GLY H 241 -7.30 29.50 20.79
N LEU H 242 -8.03 29.22 21.88
CA LEU H 242 -7.74 28.08 22.74
C LEU H 242 -8.77 26.99 22.47
N TYR H 243 -8.29 25.82 22.06
CA TYR H 243 -9.17 24.70 21.69
C TYR H 243 -9.22 23.66 22.80
N VAL H 244 -10.43 23.34 23.23
CA VAL H 244 -10.63 22.46 24.36
C VAL H 244 -11.63 21.38 23.98
N SER H 245 -11.23 20.12 24.11
CA SER H 245 -12.10 19.03 23.71
C SER H 245 -12.17 17.98 24.80
N CYS H 246 -13.28 17.23 24.83
CA CYS H 246 -13.42 16.14 25.78
C CYS H 246 -14.58 15.20 25.46
N CYS H 247 -14.64 14.09 26.18
CA CYS H 247 -15.80 13.22 26.20
C CYS H 247 -15.75 12.39 27.48
N ASP H 248 -16.88 12.30 28.18
CA ASP H 248 -16.96 11.57 29.43
C ASP H 248 -18.19 10.67 29.54
N ILE H 249 -18.07 9.48 28.99
CA ILE H 249 -19.11 8.45 29.10
C ILE H 249 -18.87 7.70 30.41
N VAL H 250 -19.91 7.58 31.22
CA VAL H 250 -19.84 6.96 32.52
C VAL H 250 -20.70 5.70 32.64
N GLY H 251 -21.34 5.28 31.55
CA GLY H 251 -22.13 4.03 31.54
C GLY H 251 -23.49 4.13 30.85
N PHE H 252 -24.32 3.12 31.09
CA PHE H 252 -25.66 3.08 30.51
C PHE H 252 -26.72 3.08 31.58
N LEU H 253 -27.81 3.78 31.29
CA LEU H 253 -29.04 3.66 32.04
C LEU H 253 -29.85 2.52 31.46
N VAL H 254 -30.21 1.55 32.30
CA VAL H 254 -31.01 0.39 31.88
C VAL H 254 -32.48 0.58 32.28
N GLY H 255 -33.35 0.79 31.30
CA GLY H 255 -34.79 1.00 31.55
C GLY H 255 -35.51 -0.25 32.01
N LYS H 256 -36.80 -0.15 32.31
CA LYS H 256 -37.56 -1.28 32.86
C LYS H 256 -37.64 -2.49 31.92
N ASP H 257 -37.67 -2.23 30.61
CA ASP H 257 -37.78 -3.30 29.61
C ASP H 257 -36.42 -3.66 29.02
N GLY H 258 -35.35 -3.07 29.53
CA GLY H 258 -34.01 -3.44 29.10
C GLY H 258 -33.44 -2.60 27.99
N ASP H 259 -34.19 -1.61 27.49
CA ASP H 259 -33.63 -0.58 26.61
C ASP H 259 -32.58 0.22 27.37
N MET H 260 -31.53 0.64 26.66
CA MET H 260 -30.36 1.25 27.27
C MET H 260 -29.94 2.56 26.59
N GLN H 261 -29.45 3.50 27.40
CA GLN H 261 -29.04 4.81 26.92
C GLN H 261 -27.69 5.17 27.51
N TYR H 262 -26.80 5.72 26.69
CA TYR H 262 -25.54 6.25 27.21
C TYR H 262 -25.82 7.37 28.19
N ARG H 263 -25.03 7.46 29.25
CA ARG H 263 -25.05 8.61 30.15
C ARG H 263 -23.67 9.24 30.16
N GLY H 264 -23.63 10.57 30.03
CA GLY H 264 -22.38 11.30 30.08
C GLY H 264 -22.45 12.44 31.08
N LEU H 265 -21.29 12.92 31.50
CA LEU H 265 -21.21 13.97 32.48
C LEU H 265 -20.43 15.14 31.92
N PRO H 266 -20.67 16.34 32.46
CA PRO H 266 -19.89 17.49 31.99
C PRO H 266 -18.48 17.55 32.57
N ARG H 267 -17.61 18.32 31.92
CA ARG H 267 -16.22 18.46 32.37
C ARG H 267 -15.86 19.92 32.54
N TYR H 268 -15.11 20.22 33.60
CA TYR H 268 -14.71 21.60 33.88
C TYR H 268 -13.22 21.74 33.62
N PHE H 269 -12.83 22.90 33.10
CA PHE H 269 -11.44 23.24 32.82
C PHE H 269 -11.10 24.58 33.46
N ASN H 270 -9.91 24.65 34.04
CA ASN H 270 -9.26 25.88 34.48
C ASN H 270 -7.84 25.84 33.93
N ILE H 271 -7.58 26.68 32.94
CA ILE H 271 -6.37 26.60 32.14
C ILE H 271 -5.52 27.84 32.39
N LEU H 272 -4.24 27.65 32.67
CA LEU H 272 -3.30 28.77 32.86
C LEU H 272 -2.43 28.95 31.61
N LEU H 273 -2.42 30.17 31.06
CA LEU H 273 -1.59 30.47 29.90
C LEU H 273 -0.60 31.59 30.19
N ARG H 274 0.52 31.60 29.46
CA ARG H 274 1.47 32.71 29.55
C ARG H 274 1.80 33.20 28.15
N LYS H 275 2.48 34.35 28.08
CA LYS H 275 2.84 34.97 26.80
C LYS H 275 4.18 34.44 26.33
N ARG H 276 4.28 34.13 25.04
CA ARG H 276 5.50 33.55 24.47
C ARG H 276 5.85 34.21 23.15
N THR H 277 7.12 34.58 23.00
CA THR H 277 7.61 35.19 21.77
C THR H 277 7.96 34.07 20.81
N VAL H 278 7.48 34.19 19.57
CA VAL H 278 7.78 33.23 18.53
C VAL H 278 8.21 33.99 17.28
N ARG H 279 8.92 33.30 16.38
CA ARG H 279 9.44 33.93 15.16
C ARG H 279 8.30 34.13 14.17
N ASN H 280 8.42 35.14 13.33
CA ASN H 280 7.48 35.31 12.23
C ASN H 280 8.00 36.25 11.14
N ILE I 10 -8.94 38.03 49.42
CA ILE I 10 -8.16 38.15 50.70
C ILE I 10 -6.66 38.21 50.41
N GLU I 11 -6.02 39.30 50.81
CA GLU I 11 -4.58 39.45 50.64
C GLU I 11 -3.86 38.74 51.79
N VAL I 12 -3.06 37.74 51.44
CA VAL I 12 -2.43 36.86 52.44
C VAL I 12 -1.01 37.30 52.73
N LEU I 13 -0.70 37.56 53.99
CA LEU I 13 0.65 37.98 54.39
C LEU I 13 1.42 36.77 54.96
N ASN I 14 1.99 36.91 56.16
CA ASN I 14 2.98 35.95 56.65
C ASN I 14 2.53 35.13 57.85
N LEU I 15 3.28 34.08 58.12
CA LEU I 15 2.99 33.19 59.24
C LEU I 15 3.40 33.88 60.54
N VAL I 16 2.54 33.78 61.55
CA VAL I 16 2.86 34.30 62.87
C VAL I 16 3.60 33.21 63.62
N THR I 17 4.81 33.52 64.09
CA THR I 17 5.72 32.52 64.65
C THR I 17 5.57 32.33 66.16
N GLY I 18 6.25 31.33 66.70
CA GLY I 18 6.32 31.08 68.14
C GLY I 18 5.21 30.18 68.67
N PRO I 19 5.26 29.85 69.97
CA PRO I 19 4.23 28.99 70.58
C PRO I 19 2.88 29.70 70.68
N ASP I 20 1.80 28.92 70.60
CA ASP I 20 0.42 29.45 70.52
C ASP I 20 -0.05 29.70 69.08
N SER I 21 0.86 29.54 68.11
CA SER I 21 0.53 29.85 66.71
C SER I 21 -0.01 28.65 65.94
N ILE I 22 0.01 27.47 66.56
CA ILE I 22 -0.51 26.25 65.97
C ILE I 22 -1.56 25.65 66.89
N THR I 23 -2.60 25.07 66.30
CA THR I 23 -3.58 24.31 67.07
C THR I 23 -4.05 23.09 66.29
N THR I 24 -4.87 22.26 66.93
CA THR I 24 -5.38 21.02 66.35
C THR I 24 -6.88 20.97 66.59
N ILE I 25 -7.62 20.40 65.66
CA ILE I 25 -9.07 20.26 65.78
C ILE I 25 -9.48 18.83 65.47
N GLU I 26 -10.04 18.14 66.45
CA GLU I 26 -10.45 16.74 66.32
C GLU I 26 -11.95 16.58 66.26
N LEU I 27 -12.44 15.83 65.29
CA LEU I 27 -13.85 15.50 65.28
C LEU I 27 -14.10 14.22 64.48
N TYR I 28 -15.35 13.82 64.49
CA TYR I 28 -15.83 12.79 63.60
C TYR I 28 -17.22 13.22 63.15
N LEU I 29 -17.64 12.70 62.01
CA LEU I 29 -18.99 12.93 61.53
C LEU I 29 -19.64 11.57 61.34
N ASN I 30 -20.89 11.44 61.76
CA ASN I 30 -21.66 10.24 61.46
C ASN I 30 -22.39 10.36 60.13
N THR I 31 -22.62 9.20 59.52
CA THR I 31 -23.18 9.09 58.19
C THR I 31 -24.63 9.56 58.14
N ARG I 32 -25.04 10.05 56.97
CA ARG I 32 -26.39 10.54 56.79
C ARG I 32 -26.96 9.82 55.58
N MET I 33 -27.29 8.55 55.80
CA MET I 33 -27.81 7.70 54.74
C MET I 33 -29.31 7.89 54.49
N GLY I 34 -30.05 8.37 55.49
CA GLY I 34 -31.49 8.64 55.30
C GLY I 34 -32.32 8.43 56.54
N GLN I 35 -31.95 7.41 57.32
CA GLN I 35 -32.40 7.24 58.70
C GLN I 35 -31.29 7.74 59.60
N ASN I 36 -31.41 9.01 60.01
CA ASN I 36 -30.33 9.77 60.61
C ASN I 36 -30.55 10.08 62.09
N ASP I 37 -31.47 9.34 62.70
CA ASP I 37 -31.78 9.47 64.13
C ASP I 37 -31.05 8.36 64.90
N GLU I 38 -30.10 8.78 65.74
CA GLU I 38 -29.25 7.85 66.49
C GLU I 38 -29.99 7.00 67.55
N SER I 39 -31.27 7.28 67.80
CA SER I 39 -32.03 6.49 68.76
C SER I 39 -33.12 5.64 68.09
N LYS I 40 -33.06 5.54 66.77
CA LYS I 40 -33.97 4.68 66.01
C LYS I 40 -33.20 3.59 65.30
N ASP I 41 -33.92 2.51 64.97
CA ASP I 41 -33.32 1.39 64.25
C ASP I 41 -32.95 1.89 62.86
N ASN I 42 -32.16 1.11 62.13
CA ASN I 42 -31.71 1.49 60.79
C ASN I 42 -30.81 2.72 60.77
N TYR I 43 -30.30 3.13 61.92
CA TYR I 43 -29.40 4.27 61.99
C TYR I 43 -28.12 4.00 61.20
N GLY I 44 -27.70 4.97 60.41
CA GLY I 44 -26.55 4.77 59.54
C GLY I 44 -26.89 3.95 58.31
N TYR I 45 -28.17 3.68 58.09
CA TYR I 45 -28.66 3.08 56.87
C TYR I 45 -29.70 4.01 56.28
N SER I 46 -30.07 3.76 55.03
CA SER I 46 -31.25 4.39 54.46
C SER I 46 -32.47 3.53 54.76
N GLU I 47 -33.64 4.04 54.40
CA GLU I 47 -34.87 3.25 54.37
C GLU I 47 -34.83 2.42 53.09
N LYS I 48 -35.69 1.41 52.99
CA LYS I 48 -35.73 0.55 51.81
C LYS I 48 -35.75 1.41 50.53
N VAL I 49 -34.96 0.99 49.55
CA VAL I 49 -34.91 1.66 48.24
C VAL I 49 -36.15 1.30 47.45
N THR I 50 -36.73 2.31 46.80
CA THR I 50 -37.91 2.13 45.93
C THR I 50 -37.55 2.50 44.49
N VAL I 51 -38.35 2.03 43.53
CA VAL I 51 -38.08 2.27 42.12
C VAL I 51 -39.28 2.94 41.44
N ALA I 52 -39.04 4.10 40.83
CA ALA I 52 -40.06 4.83 40.09
C ALA I 52 -40.63 4.00 38.94
N ASN I 53 -41.93 4.11 38.73
CA ASN I 53 -42.58 3.47 37.58
C ASN I 53 -42.27 4.22 36.28
N SER I 54 -41.93 5.50 36.40
CA SER I 54 -41.60 6.34 35.25
C SER I 54 -40.85 7.58 35.71
N SER I 55 -40.16 8.23 34.78
CA SER I 55 -39.33 9.40 35.11
C SER I 55 -40.16 10.65 35.43
N ASP I 56 -41.46 10.57 35.20
CA ASP I 56 -42.39 11.62 35.60
C ASP I 56 -43.15 11.26 36.89
N GLN I 57 -42.97 10.03 37.38
CA GLN I 57 -43.47 9.62 38.69
C GLN I 57 -42.32 9.20 39.59
N ASP I 58 -41.27 9.99 39.61
CA ASP I 58 -40.04 9.66 40.32
C ASP I 58 -40.00 10.38 41.67
N LYS I 59 -40.67 9.80 42.66
CA LYS I 59 -40.77 10.38 43.99
C LYS I 59 -40.16 9.45 45.04
N PRO I 60 -38.93 9.74 45.47
CA PRO I 60 -38.35 8.89 46.52
C PRO I 60 -39.09 9.04 47.84
N THR I 61 -39.14 7.96 48.62
CA THR I 61 -39.76 7.99 49.92
C THR I 61 -38.86 8.76 50.88
N SER I 62 -39.45 9.19 52.00
CA SER I 62 -38.72 9.90 53.03
C SER I 62 -37.65 9.00 53.63
N GLY I 63 -36.41 9.50 53.66
CA GLY I 63 -35.29 8.79 54.26
C GLY I 63 -34.62 7.71 53.43
N GLU I 64 -34.92 7.62 52.12
CA GLU I 64 -34.24 6.63 51.26
C GLU I 64 -33.07 7.26 50.49
N ILE I 65 -32.72 8.50 50.86
CA ILE I 65 -31.82 9.34 50.07
C ILE I 65 -30.59 9.74 50.88
N PRO I 66 -29.39 9.27 50.47
CA PRO I 66 -28.20 9.73 51.19
C PRO I 66 -27.91 11.24 51.06
N THR I 67 -27.54 11.84 52.18
CA THR I 67 -27.20 13.26 52.23
C THR I 67 -25.77 13.43 52.73
N TYR I 68 -25.21 14.62 52.45
CA TYR I 68 -23.87 14.95 52.88
C TYR I 68 -23.85 15.19 54.38
N SER I 69 -22.79 14.70 55.02
CA SER I 69 -22.52 15.09 56.40
C SER I 69 -21.72 16.39 56.38
N THR I 70 -22.05 17.32 57.28
CA THR I 70 -21.18 18.48 57.47
C THR I 70 -21.25 19.07 58.86
N ALA I 71 -20.19 19.81 59.21
CA ALA I 71 -20.12 20.54 60.46
C ALA I 71 -19.26 21.79 60.31
N ARG I 72 -19.60 22.83 61.08
CA ARG I 72 -18.77 24.00 61.25
C ARG I 72 -18.24 23.96 62.67
N ILE I 73 -16.92 24.08 62.83
CA ILE I 73 -16.29 24.08 64.14
C ILE I 73 -15.77 25.48 64.46
N ASN I 74 -15.94 25.90 65.72
CA ASN I 74 -15.46 27.20 66.16
C ASN I 74 -14.00 27.10 66.55
N LEU I 75 -13.19 27.99 65.97
CA LEU I 75 -11.77 28.05 66.30
C LEU I 75 -11.53 29.11 67.37
N PRO I 76 -10.41 28.98 68.11
CA PRO I 76 -10.07 30.03 69.06
C PRO I 76 -9.89 31.39 68.36
N LEU I 87 -4.77 41.71 60.26
CA LEU I 87 -5.61 40.78 61.00
C LEU I 87 -4.99 39.38 60.99
N THR I 88 -5.47 38.52 61.89
CA THR I 88 -4.97 37.14 61.97
C THR I 88 -6.11 36.18 61.65
N MET I 89 -5.81 35.13 60.90
CA MET I 89 -6.77 34.06 60.63
C MET I 89 -6.10 32.70 60.77
N TRP I 90 -6.90 31.70 61.13
CA TRP I 90 -6.42 30.32 61.19
C TRP I 90 -6.30 29.79 59.77
N GLU I 91 -5.23 29.04 59.53
CA GLU I 91 -4.92 28.47 58.22
C GLU I 91 -4.80 26.96 58.34
N ALA I 92 -5.70 26.23 57.69
CA ALA I 92 -5.67 24.77 57.74
C ALA I 92 -4.49 24.25 56.91
N VAL I 93 -3.56 23.57 57.57
CA VAL I 93 -2.30 23.17 56.95
C VAL I 93 -2.43 21.79 56.31
N SER I 94 -3.08 20.88 57.02
CA SER I 94 -3.11 19.47 56.65
C SER I 94 -4.16 18.72 57.45
N VAL I 95 -4.52 17.53 56.98
CA VAL I 95 -5.57 16.76 57.63
C VAL I 95 -5.26 15.26 57.60
N LYS I 96 -5.33 14.64 58.79
CA LYS I 96 -5.35 13.17 58.88
C LYS I 96 -6.80 12.78 58.99
N THR I 97 -7.22 11.83 58.16
CA THR I 97 -8.63 11.49 58.10
C THR I 97 -8.77 10.02 57.78
N GLU I 98 -9.77 9.38 58.35
CA GLU I 98 -10.00 7.98 58.04
C GLU I 98 -11.47 7.62 58.22
N VAL I 99 -11.88 6.58 57.51
CA VAL I 99 -13.21 6.01 57.69
C VAL I 99 -13.17 5.05 58.88
N VAL I 100 -14.13 5.21 59.78
CA VAL I 100 -14.18 4.45 61.02
C VAL I 100 -15.06 3.22 60.84
N GLY I 101 -14.64 2.11 61.44
CA GLY I 101 -15.47 0.92 61.50
C GLY I 101 -15.63 0.14 60.22
N VAL I 102 -14.58 0.17 59.38
CA VAL I 102 -14.48 -0.67 58.17
C VAL I 102 -14.58 -2.15 58.51
N SER I 103 -14.07 -2.55 59.67
CA SER I 103 -14.11 -3.95 60.11
C SER I 103 -15.55 -4.45 60.39
N SER I 104 -16.45 -3.52 60.64
CA SER I 104 -17.88 -3.82 60.75
C SER I 104 -18.47 -4.49 59.50
N LEU I 105 -17.78 -4.37 58.37
CA LEU I 105 -18.20 -5.01 57.13
C LEU I 105 -17.82 -6.48 57.03
N VAL I 106 -17.05 -6.95 58.00
CA VAL I 106 -16.80 -8.39 58.17
C VAL I 106 -18.00 -9.00 58.90
N ASN I 107 -19.13 -9.14 58.22
CA ASN I 107 -20.34 -9.63 58.90
C ASN I 107 -21.24 -10.24 57.85
N VAL I 108 -21.41 -11.55 57.92
CA VAL I 108 -22.23 -12.26 56.94
C VAL I 108 -23.32 -13.13 57.59
N HIS I 109 -23.72 -12.77 58.83
CA HIS I 109 -24.81 -13.47 59.53
C HIS I 109 -26.07 -12.64 59.74
N MET I 110 -26.11 -11.43 59.20
CA MET I 110 -27.29 -10.59 59.38
C MET I 110 -28.43 -11.15 58.55
N ALA I 111 -29.62 -10.58 58.73
CA ALA I 111 -30.82 -11.01 58.04
C ALA I 111 -30.74 -10.50 56.60
N THR I 112 -30.23 -11.35 55.72
CA THR I 112 -29.94 -10.97 54.36
C THR I 112 -30.21 -12.14 53.42
N LYS I 113 -30.30 -11.84 52.11
CA LYS I 113 -30.21 -12.90 51.12
C LYS I 113 -28.89 -13.63 51.38
N ARG I 114 -28.84 -14.90 51.01
CA ARG I 114 -27.64 -15.70 51.27
C ARG I 114 -27.31 -16.60 50.09
N MET I 115 -26.06 -17.05 50.05
CA MET I 115 -25.53 -17.78 48.90
C MET I 115 -25.92 -19.25 48.89
N TYR I 116 -25.79 -19.84 47.70
CA TYR I 116 -25.83 -21.30 47.51
C TYR I 116 -27.06 -21.99 48.13
N ASP I 117 -28.23 -21.71 47.57
CA ASP I 117 -29.50 -22.33 47.98
C ASP I 117 -29.76 -22.23 49.47
N ASP I 118 -29.71 -21.01 50.01
CA ASP I 118 -29.97 -20.79 51.44
C ASP I 118 -29.10 -21.65 52.39
N LYS I 119 -27.90 -21.99 51.94
CA LYS I 119 -26.94 -22.71 52.78
C LYS I 119 -25.67 -21.89 53.05
N GLY I 120 -25.40 -20.88 52.22
CA GLY I 120 -24.15 -20.14 52.31
C GLY I 120 -24.20 -18.94 53.24
N ILE I 121 -23.14 -18.13 53.17
CA ILE I 121 -23.06 -16.90 53.95
C ILE I 121 -24.18 -15.98 53.53
N GLY I 122 -24.51 -15.02 54.40
CA GLY I 122 -25.36 -13.89 54.01
C GLY I 122 -24.58 -12.92 53.15
N PHE I 123 -25.26 -12.24 52.24
CA PHE I 123 -24.62 -11.21 51.40
C PHE I 123 -24.04 -10.12 52.30
N PRO I 124 -22.72 -9.86 52.17
CA PRO I 124 -22.20 -8.73 52.91
C PRO I 124 -22.65 -7.44 52.28
N VAL I 125 -22.46 -6.34 52.99
CA VAL I 125 -22.71 -5.03 52.42
C VAL I 125 -21.75 -4.89 51.24
N GLU I 126 -22.33 -4.69 50.06
CA GLU I 126 -21.58 -4.68 48.82
C GLU I 126 -22.29 -3.82 47.80
N GLY I 127 -21.59 -3.53 46.72
CA GLY I 127 -22.06 -2.60 45.70
C GLY I 127 -21.44 -1.22 45.83
N MET I 128 -22.24 -0.22 45.49
CA MET I 128 -21.78 1.14 45.32
C MET I 128 -20.93 1.71 46.47
N ASN I 129 -19.81 2.32 46.09
CA ASN I 129 -18.97 3.03 47.04
C ASN I 129 -18.81 4.47 46.60
N PHE I 130 -18.97 5.37 47.55
CA PHE I 130 -18.85 6.80 47.29
C PHE I 130 -18.20 7.44 48.50
N HIS I 131 -16.99 7.96 48.33
CA HIS I 131 -16.22 8.51 49.43
C HIS I 131 -15.72 9.86 49.04
N MET I 132 -16.14 10.88 49.80
CA MET I 132 -15.62 12.21 49.62
C MET I 132 -15.40 12.87 50.96
N PHE I 133 -14.48 13.82 50.99
CA PHE I 133 -14.40 14.74 52.09
C PHE I 133 -13.91 16.09 51.60
N ALA I 134 -14.16 17.10 52.41
CA ALA I 134 -13.73 18.45 52.10
C ALA I 134 -13.36 19.18 53.38
N VAL I 135 -12.32 20.00 53.30
CA VAL I 135 -11.94 20.90 54.40
C VAL I 135 -11.78 22.31 53.84
N GLY I 136 -12.44 23.29 54.48
CA GLY I 136 -12.37 24.68 54.03
C GLY I 136 -12.60 25.73 55.11
N GLY I 137 -12.34 26.98 54.75
CA GLY I 137 -12.56 28.12 55.64
C GLY I 137 -13.90 28.80 55.43
N GLU I 138 -14.79 28.11 54.75
CA GLU I 138 -16.14 28.58 54.49
C GLU I 138 -16.92 27.34 54.02
N PRO I 139 -18.25 27.44 53.84
CA PRO I 139 -18.97 26.24 53.43
C PRO I 139 -18.64 25.75 52.01
N LEU I 140 -18.65 24.43 51.84
CA LEU I 140 -18.47 23.80 50.55
C LEU I 140 -19.53 24.32 49.57
N GLU I 141 -19.07 24.76 48.42
CA GLU I 141 -19.95 25.34 47.42
C GLU I 141 -20.32 24.26 46.41
N LEU I 142 -21.61 24.19 46.11
CA LEU I 142 -22.20 23.05 45.43
C LEU I 142 -22.78 23.42 44.06
N GLN I 143 -22.68 22.47 43.13
CA GLN I 143 -23.31 22.58 41.82
C GLN I 143 -24.40 21.50 41.77
N PHE I 144 -25.59 21.88 41.29
CA PHE I 144 -26.71 20.95 41.13
C PHE I 144 -26.56 20.20 39.81
N LEU I 145 -26.76 18.89 39.85
CA LEU I 145 -26.72 18.04 38.68
C LEU I 145 -27.34 16.70 39.01
N THR I 146 -28.38 16.33 38.27
CA THR I 146 -29.13 15.11 38.57
C THR I 146 -29.29 14.25 37.34
N GLY I 147 -29.61 12.99 37.58
CA GLY I 147 -29.87 12.03 36.50
C GLY I 147 -31.30 12.11 35.97
N ASN I 148 -32.17 12.79 36.71
CA ASN I 148 -33.56 12.96 36.29
C ASN I 148 -34.06 14.31 36.78
N TYR I 149 -34.19 15.27 35.86
CA TYR I 149 -34.63 16.64 36.21
C TYR I 149 -35.96 16.68 36.95
N ARG I 150 -36.76 15.62 36.79
CA ARG I 150 -38.13 15.58 37.30
C ARG I 150 -38.27 14.97 38.70
N THR I 151 -37.16 14.66 39.35
CA THR I 151 -37.23 13.97 40.64
C THR I 151 -37.95 14.85 41.66
N ASP I 152 -39.00 14.29 42.25
CA ASP I 152 -39.85 14.98 43.22
C ASP I 152 -39.44 14.60 44.63
N TYR I 153 -38.87 15.56 45.36
CA TYR I 153 -38.30 15.33 46.69
C TYR I 153 -39.26 15.68 47.83
N SER I 154 -40.51 16.00 47.50
CA SER I 154 -41.47 16.57 48.45
C SER I 154 -42.09 15.55 49.42
N ALA I 155 -41.53 14.35 49.49
CA ALA I 155 -41.86 13.39 50.56
C ALA I 155 -41.05 13.70 51.81
N ASN I 156 -40.08 14.61 51.68
CA ASN I 156 -39.30 15.10 52.80
C ASN I 156 -38.95 16.56 52.54
N ASP I 157 -39.61 17.46 53.26
CA ASP I 157 -39.35 18.90 53.15
C ASP I 157 -38.09 19.35 53.90
N LYS I 158 -37.40 18.42 54.56
CA LYS I 158 -36.12 18.74 55.20
C LYS I 158 -34.96 18.73 54.18
N LEU I 159 -35.14 18.03 53.06
CA LEU I 159 -34.13 18.00 52.01
C LEU I 159 -34.07 19.36 51.29
N VAL I 160 -32.87 19.92 51.17
CA VAL I 160 -32.70 21.21 50.48
C VAL I 160 -32.46 20.97 48.99
N VAL I 161 -33.43 21.36 48.19
CA VAL I 161 -33.37 21.18 46.74
C VAL I 161 -33.86 22.44 46.04
N PRO I 162 -33.54 22.60 44.74
CA PRO I 162 -34.00 23.80 44.04
C PRO I 162 -35.53 23.91 43.98
N PRO I 163 -36.06 25.14 44.04
CA PRO I 163 -37.51 25.31 43.90
C PRO I 163 -38.07 24.83 42.55
N ILE I 164 -37.42 25.23 41.46
CA ILE I 164 -37.86 24.89 40.09
C ILE I 164 -37.10 23.70 39.52
N LYS I 165 -37.77 22.95 38.65
CA LYS I 165 -37.15 21.84 37.92
C LYS I 165 -37.06 22.23 36.44
N HIS I 166 -35.92 21.95 35.80
CA HIS I 166 -35.73 22.26 34.38
C HIS I 166 -34.83 21.21 33.72
N GLN I 167 -35.12 20.91 32.45
CA GLN I 167 -34.47 19.83 31.71
C GLN I 167 -32.93 19.90 31.70
N SER I 168 -32.40 21.13 31.74
CA SER I 168 -30.97 21.38 31.65
C SER I 168 -30.17 20.94 32.87
N THR I 169 -30.86 20.63 33.99
CA THR I 169 -30.19 20.23 35.22
C THR I 169 -29.64 18.80 35.18
N GLN I 170 -29.92 18.07 34.09
CA GLN I 170 -29.28 16.80 33.83
C GLN I 170 -27.87 17.01 33.26
N GLY I 171 -27.51 18.27 33.04
CA GLY I 171 -26.14 18.68 32.76
C GLY I 171 -25.80 19.80 33.73
N LEU I 172 -24.76 20.56 33.39
CA LEU I 172 -24.31 21.67 34.21
C LEU I 172 -25.04 22.97 33.82
N ASN I 173 -26.08 23.31 34.57
CA ASN I 173 -26.70 24.62 34.50
C ASN I 173 -26.19 25.43 35.69
N PRO I 174 -25.39 26.47 35.43
CA PRO I 174 -24.75 27.21 36.52
C PRO I 174 -25.69 28.08 37.36
N HIS I 175 -26.91 28.31 36.89
CA HIS I 175 -27.92 29.01 37.68
C HIS I 175 -28.44 28.23 38.88
N TYR I 176 -28.16 26.93 38.93
CA TYR I 176 -28.55 26.09 40.06
C TYR I 176 -27.32 25.82 40.94
N LYS I 177 -27.19 26.56 42.03
CA LYS I 177 -26.06 26.42 42.94
C LYS I 177 -26.49 26.57 44.39
N GLN I 178 -25.65 26.09 45.30
CA GLN I 178 -25.93 26.16 46.73
C GLN I 178 -24.65 26.04 47.54
N LYS I 179 -24.79 26.15 48.86
CA LYS I 179 -23.69 25.94 49.78
C LYS I 179 -24.10 24.93 50.82
N LEU I 180 -23.14 24.14 51.28
CA LEU I 180 -23.39 23.06 52.23
C LEU I 180 -23.41 23.61 53.66
N THR I 181 -24.60 24.04 54.09
CA THR I 181 -24.77 24.76 55.35
C THR I 181 -25.56 23.97 56.40
N LYS I 182 -25.91 22.72 56.09
CA LYS I 182 -26.73 21.93 57.00
C LYS I 182 -26.43 20.44 56.86
N ASP I 183 -26.25 19.79 58.01
CA ASP I 183 -25.95 18.37 58.06
C ASP I 183 -27.18 17.53 57.69
N GLY I 184 -26.95 16.50 56.88
CA GLY I 184 -27.98 15.53 56.54
C GLY I 184 -29.18 16.10 55.82
N ALA I 185 -28.98 17.13 55.01
CA ALA I 185 -30.08 17.78 54.27
C ALA I 185 -29.87 17.96 52.77
N PHE I 186 -28.62 17.89 52.31
CA PHE I 186 -28.26 18.10 50.91
C PHE I 186 -28.00 16.76 50.22
N PRO I 187 -28.97 16.27 49.42
CA PRO I 187 -28.85 14.97 48.76
C PRO I 187 -27.64 14.81 47.85
N VAL I 188 -27.02 13.63 47.90
CA VAL I 188 -25.82 13.35 47.14
C VAL I 188 -26.13 13.22 45.65
N GLU I 189 -27.26 12.60 45.32
CA GLU I 189 -27.65 12.39 43.92
C GLU I 189 -27.86 13.69 43.11
N CYS I 190 -27.99 14.84 43.77
CA CYS I 190 -28.24 16.05 43.01
C CYS I 190 -27.33 17.22 43.29
N TRP I 191 -26.43 17.12 44.28
CA TRP I 191 -25.47 18.20 44.57
C TRP I 191 -24.06 17.65 44.56
N CYS I 192 -23.14 18.34 43.88
CA CYS I 192 -21.72 17.98 43.84
C CYS I 192 -20.87 19.22 44.09
N PRO I 193 -19.58 19.05 44.42
CA PRO I 193 -18.74 20.23 44.64
C PRO I 193 -18.59 21.07 43.37
N ASP I 194 -18.76 22.38 43.51
CA ASP I 194 -18.66 23.31 42.40
C ASP I 194 -17.20 23.58 42.08
N PRO I 195 -16.69 23.04 40.97
CA PRO I 195 -15.28 23.25 40.67
C PRO I 195 -14.98 24.68 40.18
N SER I 196 -16.02 25.47 39.85
CA SER I 196 -15.83 26.86 39.41
C SER I 196 -15.67 27.82 40.60
N LYS I 197 -15.94 27.35 41.81
CA LYS I 197 -15.69 28.11 43.04
C LYS I 197 -14.79 27.28 43.96
N ASN I 198 -15.08 27.22 45.26
CA ASN I 198 -14.25 26.48 46.23
C ASN I 198 -12.75 26.80 46.20
N GLU I 199 -12.43 28.10 46.11
CA GLU I 199 -11.04 28.55 46.18
C GLU I 199 -10.48 28.37 47.58
N ASN I 200 -11.35 28.45 48.58
CA ASN I 200 -10.98 28.37 49.99
C ASN I 200 -11.45 27.06 50.66
N THR I 201 -11.63 26.02 49.84
CA THR I 201 -11.95 24.67 50.33
C THR I 201 -11.22 23.63 49.47
N ARG I 202 -10.68 22.60 50.10
CA ARG I 202 -10.06 21.47 49.41
C ARG I 202 -10.98 20.25 49.48
N TYR I 203 -11.26 19.62 48.34
CA TYR I 203 -12.04 18.38 48.35
C TYR I 203 -11.46 17.24 47.50
N TYR I 204 -11.80 16.03 47.94
CA TYR I 204 -11.30 14.79 47.37
C TYR I 204 -12.48 13.84 47.35
N GLY I 205 -12.66 13.11 46.25
CA GLY I 205 -13.77 12.17 46.15
C GLY I 205 -13.51 11.07 45.16
N SER I 206 -14.20 9.96 45.35
CA SER I 206 -14.18 8.84 44.41
C SER I 206 -15.52 8.09 44.42
N TYR I 207 -15.75 7.33 43.35
CA TYR I 207 -16.99 6.63 43.15
C TYR I 207 -16.65 5.33 42.46
N THR I 208 -17.13 4.23 43.01
CA THR I 208 -17.04 2.92 42.36
C THR I 208 -18.44 2.36 42.30
N GLY I 209 -18.95 2.16 41.10
CA GLY I 209 -20.37 1.86 40.91
C GLY I 209 -20.61 0.38 40.80
N GLY I 210 -21.60 0.01 39.99
CA GLY I 210 -21.92 -1.39 39.72
C GLY I 210 -22.98 -1.88 40.68
N GLN I 211 -23.36 -3.14 40.51
CA GLN I 211 -24.46 -3.72 41.27
C GLN I 211 -24.05 -4.35 42.60
N SER I 212 -23.21 -5.38 42.54
CA SER I 212 -22.79 -6.11 43.73
C SER I 212 -21.28 -5.99 43.94
N THR I 213 -20.71 -4.90 43.41
CA THR I 213 -19.26 -4.65 43.46
C THR I 213 -18.62 -4.81 44.84
N PRO I 214 -17.46 -5.49 44.91
CA PRO I 214 -16.75 -5.54 46.19
C PRO I 214 -16.34 -4.14 46.65
N PRO I 215 -16.65 -3.76 47.90
CA PRO I 215 -16.02 -2.57 48.50
C PRO I 215 -14.51 -2.79 48.72
N VAL I 216 -13.69 -1.80 48.37
CA VAL I 216 -12.25 -1.80 48.64
C VAL I 216 -11.96 -0.61 49.53
N LEU I 217 -11.59 -0.86 50.78
CA LEU I 217 -11.40 0.21 51.74
C LEU I 217 -10.08 0.04 52.47
N GLN I 218 -9.54 1.14 52.96
CA GLN I 218 -8.29 1.10 53.72
C GLN I 218 -8.39 2.01 54.92
N PHE I 219 -7.69 1.63 56.00
CA PHE I 219 -7.65 2.45 57.22
C PHE I 219 -6.28 2.42 57.89
N THR I 220 -5.84 3.58 58.33
CA THR I 220 -4.53 3.69 58.98
C THR I 220 -4.41 5.05 59.64
N ASN I 221 -3.53 5.14 60.64
CA ASN I 221 -3.30 6.41 61.30
C ASN I 221 -1.96 7.07 60.92
N THR I 222 -1.35 6.63 59.83
CA THR I 222 -0.02 7.12 59.40
C THR I 222 -0.04 8.03 58.18
N VAL I 223 -1.21 8.38 57.66
CA VAL I 223 -1.31 9.16 56.41
C VAL I 223 -1.69 10.61 56.70
N THR I 224 -0.97 11.55 56.10
CA THR I 224 -1.28 12.97 56.22
C THR I 224 -1.57 13.56 54.85
N THR I 225 -2.68 14.28 54.71
CA THR I 225 -3.03 14.98 53.49
C THR I 225 -2.68 16.47 53.61
N VAL I 226 -1.73 16.93 52.81
CA VAL I 226 -1.35 18.34 52.83
C VAL I 226 -2.44 19.20 52.16
N LEU I 227 -2.95 20.20 52.89
CA LEU I 227 -4.03 21.06 52.39
C LEU I 227 -3.51 22.36 51.76
N LEU I 228 -2.19 22.54 51.78
CA LEU I 228 -1.59 23.71 51.17
C LEU I 228 -1.71 23.63 49.65
N ASP I 229 -2.03 24.76 49.02
CA ASP I 229 -2.11 24.85 47.56
C ASP I 229 -0.72 25.05 46.93
N GLU I 230 -0.67 25.18 45.60
CA GLU I 230 0.60 25.38 44.89
C GLU I 230 1.43 26.57 45.39
N ASN I 231 0.78 27.61 45.90
CA ASN I 231 1.49 28.77 46.43
C ASN I 231 1.97 28.61 47.87
N GLY I 232 1.64 27.49 48.52
CA GLY I 232 2.04 27.24 49.90
C GLY I 232 1.05 27.75 50.94
N VAL I 233 -0.19 27.98 50.51
CA VAL I 233 -1.22 28.58 51.34
C VAL I 233 -2.41 27.62 51.49
N GLY I 234 -2.91 27.51 52.72
CA GLY I 234 -4.03 26.62 52.99
C GLY I 234 -5.37 27.33 53.05
N PRO I 235 -6.44 26.58 53.33
CA PRO I 235 -7.74 27.18 53.58
C PRO I 235 -7.70 28.13 54.77
N LEU I 236 -8.21 29.34 54.56
CA LEU I 236 -8.19 30.40 55.54
C LEU I 236 -9.57 30.53 56.18
N CYS I 237 -9.64 30.34 57.49
CA CYS I 237 -10.90 30.22 58.18
C CYS I 237 -11.58 31.57 58.41
N LYS I 238 -12.53 31.90 57.54
CA LYS I 238 -13.25 33.16 57.60
C LYS I 238 -14.25 33.12 58.75
N GLY I 239 -14.25 34.18 59.58
CA GLY I 239 -15.07 34.24 60.78
C GLY I 239 -14.65 33.22 61.83
N ASP I 240 -13.38 32.81 61.77
CA ASP I 240 -12.82 31.82 62.71
C ASP I 240 -13.56 30.48 62.68
N GLY I 241 -14.11 30.12 61.53
CA GLY I 241 -14.87 28.89 61.37
C GLY I 241 -14.15 27.88 60.48
N LEU I 242 -14.07 26.63 60.95
CA LEU I 242 -13.53 25.55 60.14
C LEU I 242 -14.70 24.72 59.64
N TYR I 243 -14.73 24.47 58.34
CA TYR I 243 -15.81 23.70 57.72
C TYR I 243 -15.31 22.35 57.24
N VAL I 244 -16.04 21.31 57.62
CA VAL I 244 -15.68 19.94 57.30
C VAL I 244 -16.91 19.22 56.76
N SER I 245 -16.74 18.49 55.66
CA SER I 245 -17.86 17.84 55.01
C SER I 245 -17.45 16.46 54.49
N CYS I 246 -18.41 15.53 54.39
CA CYS I 246 -18.11 14.23 53.79
C CYS I 246 -19.32 13.40 53.39
N CYS I 247 -19.03 12.30 52.73
CA CYS I 247 -19.98 11.22 52.58
C CYS I 247 -19.18 9.95 52.37
N ASP I 248 -19.61 8.86 53.01
CA ASP I 248 -18.94 7.58 52.84
C ASP I 248 -19.98 6.46 52.70
N ILE I 249 -20.43 6.21 51.47
CA ILE I 249 -21.31 5.08 51.20
C ILE I 249 -20.44 3.86 50.87
N VAL I 250 -20.63 2.76 51.61
CA VAL I 250 -19.82 1.53 51.44
C VAL I 250 -20.55 0.36 50.76
N GLY I 251 -21.85 0.52 50.50
CA GLY I 251 -22.61 -0.47 49.72
C GLY I 251 -24.07 -0.56 50.14
N PHE I 252 -24.69 -1.70 49.87
CA PHE I 252 -26.08 -1.95 50.20
C PHE I 252 -26.25 -3.21 51.02
N LEU I 253 -27.14 -3.15 52.01
CA LEU I 253 -27.55 -4.33 52.76
C LEU I 253 -28.68 -4.94 51.97
N VAL I 254 -28.52 -6.21 51.58
CA VAL I 254 -29.54 -6.93 50.83
C VAL I 254 -30.38 -7.82 51.76
N GLY I 255 -31.60 -7.39 52.06
CA GLY I 255 -32.45 -8.12 52.98
C GLY I 255 -32.99 -9.44 52.46
N LYS I 256 -33.48 -10.25 53.39
CA LYS I 256 -34.09 -11.57 53.12
C LYS I 256 -34.80 -11.67 51.77
N ASP I 257 -35.67 -10.70 51.49
CA ASP I 257 -36.55 -10.76 50.31
C ASP I 257 -36.12 -9.81 49.20
N GLY I 258 -34.85 -9.41 49.19
CA GLY I 258 -34.31 -8.56 48.14
C GLY I 258 -34.44 -7.07 48.39
N ASP I 259 -35.10 -6.69 49.48
CA ASP I 259 -35.14 -5.28 49.90
C ASP I 259 -33.71 -4.78 50.20
N MET I 260 -33.43 -3.53 49.83
CA MET I 260 -32.05 -3.01 49.88
C MET I 260 -31.93 -1.62 50.50
N GLN I 261 -30.87 -1.42 51.28
CA GLN I 261 -30.64 -0.19 52.01
C GLN I 261 -29.21 0.25 51.87
N TYR I 262 -28.99 1.53 51.60
CA TYR I 262 -27.66 2.12 51.63
C TYR I 262 -27.06 1.91 53.01
N ARG I 263 -25.74 1.78 53.06
CA ARG I 263 -25.03 1.70 54.34
C ARG I 263 -23.88 2.69 54.27
N GLY I 264 -23.72 3.49 55.32
CA GLY I 264 -22.62 4.44 55.38
C GLY I 264 -21.81 4.27 56.65
N LEU I 265 -20.60 4.83 56.65
CA LEU I 265 -19.73 4.78 57.81
C LEU I 265 -19.22 6.16 58.20
N PRO I 266 -18.88 6.36 59.48
CA PRO I 266 -18.37 7.64 59.95
C PRO I 266 -16.92 7.92 59.51
N ARG I 267 -16.57 9.20 59.53
CA ARG I 267 -15.24 9.66 59.17
C ARG I 267 -14.63 10.49 60.29
N TYR I 268 -13.36 10.22 60.61
CA TYR I 268 -12.63 10.96 61.64
C TYR I 268 -11.72 11.97 60.96
N PHE I 269 -11.49 13.11 61.61
CA PHE I 269 -10.60 14.14 61.07
C PHE I 269 -9.71 14.65 62.17
N ASN I 270 -8.45 14.89 61.84
CA ASN I 270 -7.49 15.55 62.74
C ASN I 270 -6.77 16.63 61.93
N ILE I 271 -7.17 17.89 62.12
CA ILE I 271 -6.75 18.98 61.22
C ILE I 271 -5.78 19.93 61.93
N LEU I 272 -4.57 20.06 61.38
CA LEU I 272 -3.56 20.96 61.91
C LEU I 272 -3.78 22.37 61.35
N LEU I 273 -3.84 23.37 62.22
CA LEU I 273 -3.96 24.75 61.78
C LEU I 273 -2.88 25.64 62.35
N ARG I 274 -2.56 26.71 61.62
CA ARG I 274 -1.57 27.71 62.03
C ARG I 274 -2.12 29.11 61.87
N LYS I 275 -1.47 30.07 62.53
CA LYS I 275 -1.86 31.47 62.46
C LYS I 275 -1.18 32.14 61.27
N ARG I 276 -1.96 32.88 60.49
CA ARG I 276 -1.46 33.59 59.32
C ARG I 276 -1.98 35.03 59.34
N THR I 277 -1.10 35.99 59.03
CA THR I 277 -1.50 37.39 58.92
C THR I 277 -2.09 37.67 57.53
N VAL I 278 -3.16 38.45 57.49
CA VAL I 278 -3.80 38.85 56.24
C VAL I 278 -4.18 40.32 56.27
N ARG I 279 -4.45 40.90 55.10
CA ARG I 279 -4.90 42.28 55.02
C ARG I 279 -6.42 42.35 55.09
N GLU J 11 7.01 12.73 76.46
CA GLU J 11 8.01 13.77 76.08
C GLU J 11 9.41 13.18 75.92
N VAL J 12 9.85 13.05 74.67
CA VAL J 12 11.11 12.39 74.32
C VAL J 12 12.32 13.29 74.47
N LEU J 13 13.48 12.68 74.69
CA LEU J 13 14.75 13.40 74.72
C LEU J 13 15.62 12.78 73.61
N ASN J 14 16.93 12.66 73.84
CA ASN J 14 17.82 12.07 72.83
C ASN J 14 17.79 10.56 72.81
N LEU J 15 18.23 10.00 71.69
CA LEU J 15 18.45 8.56 71.55
C LEU J 15 19.74 8.16 72.25
N VAL J 16 19.76 6.94 72.81
CA VAL J 16 21.00 6.35 73.32
C VAL J 16 21.82 5.77 72.17
N THR J 17 23.13 5.93 72.23
CA THR J 17 24.06 5.28 71.30
C THR J 17 24.89 4.27 72.09
N GLY J 18 25.40 3.25 71.41
CA GLY J 18 26.23 2.24 72.06
C GLY J 18 26.38 0.96 71.28
N PRO J 19 27.00 -0.06 71.89
CA PRO J 19 27.24 -1.36 71.24
C PRO J 19 26.03 -2.30 71.25
N ASP J 20 25.19 -2.21 72.28
CA ASP J 20 23.96 -3.00 72.35
C ASP J 20 22.73 -2.10 72.43
N SER J 21 22.77 -0.95 71.76
CA SER J 21 21.69 0.04 71.80
C SER J 21 20.46 -0.32 70.94
N ILE J 22 20.57 -1.39 70.15
CA ILE J 22 19.53 -1.77 69.20
C ILE J 22 19.18 -3.24 69.41
N THR J 23 17.91 -3.60 69.20
CA THR J 23 17.48 -5.00 69.28
C THR J 23 16.34 -5.36 68.31
N THR J 24 16.14 -6.66 68.15
CA THR J 24 15.19 -7.25 67.23
C THR J 24 14.22 -8.17 67.97
N ILE J 25 12.94 -8.11 67.60
CA ILE J 25 11.95 -9.02 68.16
C ILE J 25 11.24 -9.72 67.00
N GLU J 26 11.35 -11.04 66.95
CA GLU J 26 10.71 -11.84 65.91
C GLU J 26 9.63 -12.72 66.53
N LEU J 27 8.49 -12.82 65.85
CA LEU J 27 7.38 -13.68 66.32
C LEU J 27 6.38 -13.88 65.19
N TYR J 28 5.40 -14.72 65.45
CA TYR J 28 4.25 -14.87 64.56
C TYR J 28 2.98 -14.96 65.39
N LEU J 29 1.86 -14.57 64.78
CA LEU J 29 0.56 -14.67 65.40
C LEU J 29 -0.31 -15.57 64.54
N ASN J 30 -0.95 -16.55 65.17
CA ASN J 30 -1.86 -17.44 64.47
C ASN J 30 -3.22 -16.82 64.35
N THR J 31 -3.95 -17.21 63.32
CA THR J 31 -5.25 -16.62 63.05
C THR J 31 -6.30 -17.11 64.04
N ARG J 32 -7.32 -16.28 64.21
CA ARG J 32 -8.40 -16.54 65.15
C ARG J 32 -9.74 -16.41 64.44
N MET J 33 -10.03 -17.40 63.61
CA MET J 33 -11.24 -17.36 62.79
C MET J 33 -12.49 -17.90 63.49
N GLY J 34 -12.33 -18.71 64.52
CA GLY J 34 -13.48 -19.23 65.28
C GLY J 34 -13.15 -20.50 66.01
N GLN J 35 -12.60 -21.46 65.28
CA GLN J 35 -12.05 -22.65 65.89
C GLN J 35 -10.59 -22.31 66.16
N ASN J 36 -10.29 -21.92 67.38
CA ASN J 36 -8.96 -21.40 67.73
C ASN J 36 -8.10 -22.34 68.57
N ASP J 37 -8.55 -23.58 68.69
CA ASP J 37 -7.82 -24.64 69.37
C ASP J 37 -6.96 -25.40 68.35
N GLU J 38 -5.66 -25.38 68.56
CA GLU J 38 -4.68 -25.91 67.60
C GLU J 38 -4.69 -27.43 67.48
N SER J 39 -5.30 -28.11 68.45
CA SER J 39 -5.27 -29.58 68.48
C SER J 39 -6.57 -30.21 67.98
N LYS J 40 -7.47 -29.39 67.43
CA LYS J 40 -8.73 -29.88 66.90
C LYS J 40 -8.86 -29.59 65.42
N ASP J 41 -9.87 -30.19 64.81
CA ASP J 41 -10.12 -30.07 63.38
C ASP J 41 -10.63 -28.64 63.13
N ASN J 42 -10.60 -28.23 61.87
CA ASN J 42 -11.06 -26.91 61.47
C ASN J 42 -10.24 -25.77 62.08
N TYR J 43 -9.06 -26.05 62.64
CA TYR J 43 -8.22 -24.97 63.14
C TYR J 43 -7.93 -24.01 62.00
N GLY J 44 -7.95 -22.71 62.29
CA GLY J 44 -7.65 -21.70 61.28
C GLY J 44 -8.86 -21.37 60.43
N TYR J 45 -9.99 -22.02 60.72
CA TYR J 45 -11.24 -21.71 60.05
C TYR J 45 -12.28 -21.29 61.09
N SER J 46 -13.40 -20.76 60.61
CA SER J 46 -14.55 -20.56 61.47
C SER J 46 -15.48 -21.78 61.40
N GLU J 47 -16.46 -21.80 62.30
CA GLU J 47 -17.54 -22.75 62.21
C GLU J 47 -18.46 -22.31 61.07
N LYS J 48 -19.41 -23.17 60.70
CA LYS J 48 -20.30 -22.89 59.58
C LYS J 48 -21.04 -21.58 59.82
N VAL J 49 -21.04 -20.70 58.83
CA VAL J 49 -21.73 -19.43 58.98
C VAL J 49 -23.25 -19.67 58.97
N THR J 50 -23.97 -18.96 59.82
CA THR J 50 -25.43 -19.00 59.84
C THR J 50 -25.94 -17.62 59.53
N VAL J 51 -27.24 -17.56 59.23
CA VAL J 51 -27.86 -16.32 58.76
C VAL J 51 -29.13 -16.12 59.57
N ALA J 52 -29.25 -14.94 60.16
CA ALA J 52 -30.37 -14.62 61.02
C ALA J 52 -31.68 -14.66 60.25
N ASN J 53 -32.77 -15.03 60.92
CA ASN J 53 -34.10 -14.93 60.34
C ASN J 53 -34.61 -13.48 60.32
N SER J 54 -34.10 -12.65 61.23
CA SER J 54 -34.41 -11.22 61.28
C SER J 54 -33.38 -10.45 62.12
N SER J 55 -33.42 -9.12 62.05
CA SER J 55 -32.46 -8.29 62.79
C SER J 55 -32.64 -8.37 64.31
N ASP J 56 -33.87 -8.67 64.75
CA ASP J 56 -34.16 -8.86 66.16
C ASP J 56 -33.92 -10.29 66.64
N GLN J 57 -33.45 -11.15 65.73
CA GLN J 57 -33.06 -12.51 66.08
C GLN J 57 -31.71 -12.83 65.45
N ASP J 58 -30.83 -11.83 65.48
CA ASP J 58 -29.48 -11.96 64.94
C ASP J 58 -28.56 -12.43 66.06
N LYS J 59 -28.36 -13.75 66.14
CA LYS J 59 -27.51 -14.38 67.14
C LYS J 59 -26.61 -15.43 66.48
N PRO J 60 -25.35 -15.05 66.16
CA PRO J 60 -24.42 -16.03 65.59
C PRO J 60 -24.15 -17.21 66.53
N THR J 61 -23.79 -18.35 65.95
CA THR J 61 -23.38 -19.54 66.71
C THR J 61 -22.00 -19.33 67.31
N SER J 62 -21.69 -20.13 68.32
CA SER J 62 -20.35 -20.10 68.90
C SER J 62 -19.32 -20.51 67.86
N GLY J 63 -18.30 -19.68 67.69
CA GLY J 63 -17.16 -20.00 66.84
C GLY J 63 -17.34 -19.70 65.36
N GLU J 64 -18.40 -19.00 64.98
CA GLU J 64 -18.54 -18.55 63.58
C GLU J 64 -18.04 -17.11 63.36
N ILE J 65 -17.45 -16.49 64.41
CA ILE J 65 -17.11 -15.06 64.44
C ILE J 65 -15.59 -14.83 64.52
N PRO J 66 -14.99 -14.20 63.49
CA PRO J 66 -13.55 -13.90 63.58
C PRO J 66 -13.20 -12.85 64.62
N THR J 67 -12.05 -13.03 65.30
CA THR J 67 -11.59 -12.09 66.31
C THR J 67 -10.16 -11.66 66.06
N TYR J 68 -9.73 -10.57 66.70
CA TYR J 68 -8.35 -10.13 66.57
C TYR J 68 -7.37 -11.08 67.21
N SER J 69 -6.20 -11.20 66.60
CA SER J 69 -5.06 -11.85 67.23
C SER J 69 -4.24 -10.77 67.88
N THR J 70 -3.77 -11.00 69.11
CA THR J 70 -2.86 -10.05 69.71
C THR J 70 -1.90 -10.71 70.70
N ALA J 71 -0.78 -10.02 70.94
CA ALA J 71 0.18 -10.47 71.94
C ALA J 71 1.01 -9.33 72.48
N ARG J 72 1.44 -9.50 73.73
CA ARG J 72 2.33 -8.58 74.40
C ARG J 72 3.68 -9.27 74.53
N ILE J 73 4.75 -8.56 74.18
CA ILE J 73 6.10 -9.12 74.26
C ILE J 73 6.95 -8.37 75.30
N ASN J 74 7.45 -9.11 76.30
CA ASN J 74 8.32 -8.53 77.35
C ASN J 74 9.70 -8.24 76.81
N LEU J 75 10.05 -6.95 76.76
CA LEU J 75 11.36 -6.51 76.27
C LEU J 75 12.35 -6.57 77.44
N PRO J 76 13.66 -6.41 77.15
CA PRO J 76 14.69 -6.34 78.20
C PRO J 76 14.46 -5.23 79.23
N MET J 77 14.58 -5.57 80.51
CA MET J 77 14.40 -4.60 81.58
C MET J 77 15.60 -3.65 81.63
N LEU J 78 15.44 -2.45 81.05
CA LEU J 78 16.50 -1.46 80.97
C LEU J 78 16.82 -0.86 82.34
N CYS J 84 17.85 8.00 88.23
CA CYS J 84 17.14 9.17 88.77
C CYS J 84 16.52 10.01 87.65
N ASN J 85 17.35 10.77 86.96
CA ASN J 85 16.88 11.70 85.93
C ASN J 85 16.23 11.04 84.72
N THR J 86 16.77 9.92 84.27
CA THR J 86 16.38 9.33 82.99
C THR J 86 15.79 7.94 83.07
N LEU J 87 14.72 7.71 82.31
CA LEU J 87 14.28 6.36 82.00
C LEU J 87 14.66 6.07 80.56
N THR J 88 15.34 4.96 80.34
CA THR J 88 15.63 4.47 78.99
C THR J 88 14.48 3.55 78.54
N MET J 89 13.88 3.87 77.39
CA MET J 89 12.75 3.09 76.85
C MET J 89 13.07 2.46 75.50
N TRP J 90 12.39 1.35 75.21
CA TRP J 90 12.46 0.76 73.89
C TRP J 90 11.50 1.46 72.94
N GLU J 91 12.03 1.85 71.78
CA GLU J 91 11.28 2.59 70.75
C GLU J 91 11.26 1.78 69.46
N ALA J 92 10.05 1.40 69.03
CA ALA J 92 9.88 0.60 67.81
C ALA J 92 10.20 1.46 66.58
N VAL J 93 11.21 1.04 65.82
CA VAL J 93 11.68 1.79 64.67
C VAL J 93 10.96 1.36 63.39
N SER J 94 10.86 0.06 63.18
CA SER J 94 10.30 -0.44 61.94
C SER J 94 9.93 -1.89 62.12
N VAL J 95 9.22 -2.42 61.12
CA VAL J 95 8.77 -3.79 61.15
C VAL J 95 8.71 -4.35 59.75
N LYS J 96 9.21 -5.56 59.57
CA LYS J 96 8.99 -6.33 58.36
C LYS J 96 7.96 -7.35 58.74
N THR J 97 6.82 -7.35 58.05
CA THR J 97 5.72 -8.23 58.43
C THR J 97 5.14 -8.88 57.21
N GLU J 98 4.70 -10.12 57.33
CA GLU J 98 4.12 -10.80 56.18
C GLU J 98 3.14 -11.90 56.53
N VAL J 99 2.21 -12.14 55.62
CA VAL J 99 1.21 -13.17 55.78
C VAL J 99 1.87 -14.49 55.36
N VAL J 100 1.69 -15.50 56.20
CA VAL J 100 2.36 -16.77 56.02
C VAL J 100 1.38 -17.75 55.40
N GLY J 101 1.91 -18.64 54.57
CA GLY J 101 1.11 -19.71 53.98
C GLY J 101 0.15 -19.28 52.90
N VAL J 102 0.46 -18.19 52.18
CA VAL J 102 -0.37 -17.74 51.05
C VAL J 102 -0.48 -18.85 50.00
N SER J 103 0.61 -19.59 49.81
CA SER J 103 0.66 -20.71 48.87
C SER J 103 -0.37 -21.81 49.19
N SER J 104 -0.72 -21.98 50.46
CA SER J 104 -1.73 -22.97 50.83
C SER J 104 -3.08 -22.73 50.16
N LEU J 105 -3.32 -21.51 49.67
CA LEU J 105 -4.53 -21.23 48.85
C LEU J 105 -4.49 -21.81 47.43
N VAL J 106 -3.34 -22.32 47.00
CA VAL J 106 -3.24 -23.09 45.75
C VAL J 106 -3.66 -24.52 46.06
N ASN J 107 -4.96 -24.72 46.28
CA ASN J 107 -5.50 -26.04 46.59
C ASN J 107 -6.98 -26.12 46.18
N VAL J 108 -7.25 -26.99 45.24
CA VAL J 108 -8.59 -27.11 44.67
C VAL J 108 -9.05 -28.56 44.62
N HIS J 109 -8.52 -29.40 45.52
CA HIS J 109 -8.95 -30.81 45.60
C HIS J 109 -9.61 -31.17 46.92
N MET J 110 -9.84 -30.16 47.77
CA MET J 110 -10.47 -30.39 49.06
C MET J 110 -11.95 -30.71 48.88
N ALA J 111 -12.53 -31.35 49.90
CA ALA J 111 -13.96 -31.68 49.87
C ALA J 111 -14.80 -30.41 49.82
N THR J 112 -14.99 -29.89 48.61
CA THR J 112 -15.69 -28.63 48.40
C THR J 112 -16.70 -28.72 47.27
N LYS J 113 -17.59 -27.73 47.22
CA LYS J 113 -18.41 -27.49 46.05
C LYS J 113 -17.43 -27.34 44.89
N ARG J 114 -17.84 -27.67 43.67
CA ARG J 114 -16.92 -27.67 42.55
C ARG J 114 -17.56 -27.12 41.27
N MET J 115 -16.71 -26.77 40.32
CA MET J 115 -17.14 -26.13 39.07
C MET J 115 -17.60 -27.14 38.04
N TYR J 116 -18.41 -26.64 37.10
CA TYR J 116 -18.74 -27.33 35.87
C TYR J 116 -19.35 -28.73 36.08
N ASP J 117 -20.56 -28.75 36.63
CA ASP J 117 -21.34 -29.99 36.77
C ASP J 117 -20.53 -31.12 37.40
N ASP J 118 -19.90 -30.81 38.54
CA ASP J 118 -19.09 -31.77 39.28
C ASP J 118 -17.92 -32.38 38.51
N LYS J 119 -17.45 -31.71 37.46
CA LYS J 119 -16.30 -32.18 36.70
C LYS J 119 -15.06 -31.30 36.93
N GLY J 120 -15.26 -30.03 37.26
CA GLY J 120 -14.14 -29.10 37.44
C GLY J 120 -13.42 -29.15 38.79
N ILE J 121 -12.67 -28.10 39.06
CA ILE J 121 -11.96 -27.93 40.32
C ILE J 121 -12.93 -27.66 41.45
N GLY J 122 -12.52 -28.00 42.67
CA GLY J 122 -13.22 -27.54 43.86
C GLY J 122 -13.03 -26.04 43.98
N PHE J 123 -13.96 -25.37 44.65
CA PHE J 123 -13.88 -23.91 44.84
C PHE J 123 -12.67 -23.59 45.70
N PRO J 124 -11.78 -22.69 45.23
CA PRO J 124 -10.71 -22.27 46.13
C PRO J 124 -11.26 -21.34 47.18
N VAL J 125 -10.55 -21.23 48.30
CA VAL J 125 -10.92 -20.30 49.34
C VAL J 125 -10.98 -18.93 48.70
N GLU J 126 -12.11 -18.26 48.85
CA GLU J 126 -12.36 -17.05 48.08
C GLU J 126 -13.42 -16.22 48.77
N GLY J 127 -13.56 -14.98 48.33
CA GLY J 127 -14.47 -14.04 48.96
C GLY J 127 -13.75 -12.95 49.75
N MET J 128 -14.47 -12.43 50.73
CA MET J 128 -14.03 -11.34 51.60
C MET J 128 -12.56 -11.44 52.05
N ASN J 129 -11.80 -10.36 51.88
CA ASN J 129 -10.47 -10.23 52.47
C ASN J 129 -10.35 -9.04 53.45
N PHE J 130 -9.75 -9.30 54.60
CA PHE J 130 -9.56 -8.27 55.62
C PHE J 130 -8.19 -8.49 56.23
N HIS J 131 -7.37 -7.46 56.22
CA HIS J 131 -5.97 -7.56 56.63
C HIS J 131 -5.61 -6.33 57.39
N MET J 132 -5.07 -6.53 58.57
CA MET J 132 -4.61 -5.41 59.36
C MET J 132 -3.53 -5.88 60.26
N PHE J 133 -2.58 -4.99 60.51
CA PHE J 133 -1.66 -5.18 61.59
C PHE J 133 -1.46 -3.88 62.37
N ALA J 134 -0.95 -4.02 63.58
CA ALA J 134 -0.73 -2.89 64.45
C ALA J 134 0.42 -3.21 65.40
N VAL J 135 1.29 -2.23 65.58
CA VAL J 135 2.42 -2.32 66.50
C VAL J 135 2.43 -1.02 67.32
N GLY J 136 2.53 -1.15 68.64
CA GLY J 136 2.53 0.00 69.54
C GLY J 136 3.18 -0.34 70.87
N GLY J 137 3.25 0.64 71.76
CA GLY J 137 3.85 0.47 73.09
C GLY J 137 2.81 0.33 74.18
N GLU J 138 1.57 0.04 73.78
CA GLU J 138 0.47 -0.21 74.69
C GLU J 138 -0.61 -0.89 73.86
N PRO J 139 -1.57 -1.59 74.51
CA PRO J 139 -2.60 -2.26 73.71
C PRO J 139 -3.22 -1.35 72.66
N LEU J 140 -3.64 -1.95 71.54
CA LEU J 140 -4.39 -1.26 70.51
C LEU J 140 -5.71 -0.75 71.07
N GLU J 141 -5.96 0.55 70.95
CA GLU J 141 -7.18 1.15 71.45
C GLU J 141 -8.30 1.01 70.43
N LEU J 142 -9.44 0.49 70.91
CA LEU J 142 -10.55 0.09 70.06
C LEU J 142 -11.75 0.99 70.22
N GLN J 143 -12.52 1.10 69.14
CA GLN J 143 -13.79 1.81 69.09
C GLN J 143 -14.87 0.84 68.60
N PHE J 144 -16.04 0.86 69.24
CA PHE J 144 -17.14 -0.06 68.92
C PHE J 144 -18.00 0.50 67.79
N LEU J 145 -18.29 -0.34 66.80
CA LEU J 145 -19.17 0.02 65.70
C LEU J 145 -19.67 -1.25 65.01
N THR J 146 -20.99 -1.35 64.75
CA THR J 146 -21.59 -2.60 64.25
C THR J 146 -22.65 -2.39 63.17
N GLY J 147 -22.78 -3.35 62.25
CA GLY J 147 -23.84 -3.32 61.24
C GLY J 147 -25.25 -3.59 61.81
N ASN J 148 -25.32 -4.13 63.02
CA ASN J 148 -26.61 -4.44 63.69
C ASN J 148 -26.40 -4.36 65.20
N TYR J 149 -26.99 -3.32 65.81
CA TYR J 149 -26.87 -3.09 67.26
C TYR J 149 -27.51 -4.19 68.08
N ARG J 150 -28.55 -4.81 67.52
CA ARG J 150 -29.26 -5.91 68.18
C ARG J 150 -28.47 -7.23 68.22
N THR J 151 -27.30 -7.28 67.58
CA THR J 151 -26.55 -8.53 67.48
C THR J 151 -26.37 -9.13 68.88
N ASP J 152 -26.88 -10.34 69.05
CA ASP J 152 -26.83 -11.05 70.31
C ASP J 152 -25.60 -11.98 70.30
N TYR J 153 -24.61 -11.65 71.12
CA TYR J 153 -23.35 -12.42 71.22
C TYR J 153 -23.35 -13.51 72.29
N SER J 154 -24.52 -13.80 72.86
CA SER J 154 -24.59 -14.65 74.07
C SER J 154 -24.39 -16.17 73.86
N ALA J 155 -24.21 -16.62 72.62
CA ALA J 155 -23.84 -18.01 72.38
C ALA J 155 -22.38 -18.27 72.78
N ASN J 156 -21.58 -17.21 72.86
CA ASN J 156 -20.21 -17.31 73.35
C ASN J 156 -19.88 -16.16 74.31
N ASP J 157 -19.91 -16.50 75.60
CA ASP J 157 -19.60 -15.57 76.70
C ASP J 157 -18.14 -15.09 76.78
N LYS J 158 -17.23 -15.80 76.11
CA LYS J 158 -15.80 -15.45 76.10
C LYS J 158 -15.47 -14.32 75.11
N LEU J 159 -16.43 -13.93 74.28
CA LEU J 159 -16.28 -12.74 73.44
C LEU J 159 -16.44 -11.51 74.30
N VAL J 160 -15.54 -10.55 74.11
CA VAL J 160 -15.60 -9.28 74.82
C VAL J 160 -16.40 -8.24 74.02
N VAL J 161 -17.58 -7.93 74.53
CA VAL J 161 -18.50 -7.02 73.86
C VAL J 161 -19.15 -6.12 74.91
N PRO J 162 -19.65 -4.95 74.51
CA PRO J 162 -20.28 -4.10 75.51
C PRO J 162 -21.56 -4.76 76.03
N PRO J 163 -21.83 -4.64 77.33
CA PRO J 163 -22.99 -5.32 77.88
C PRO J 163 -24.31 -4.61 77.52
N ILE J 164 -24.26 -3.34 77.10
CA ILE J 164 -25.44 -2.60 76.73
C ILE J 164 -25.43 -2.35 75.22
N LYS J 165 -26.60 -2.49 74.61
CA LYS J 165 -26.78 -2.40 73.18
C LYS J 165 -27.63 -1.17 72.91
N HIS J 166 -27.24 -0.35 71.94
CA HIS J 166 -28.05 0.83 71.61
C HIS J 166 -27.97 1.24 70.14
N GLN J 167 -29.09 1.72 69.61
CA GLN J 167 -29.21 2.09 68.19
C GLN J 167 -28.01 2.86 67.63
N SER J 168 -27.55 3.87 68.36
CA SER J 168 -26.40 4.72 67.97
C SER J 168 -25.06 4.02 67.70
N THR J 169 -24.92 2.75 68.05
CA THR J 169 -23.66 2.04 67.84
C THR J 169 -23.46 1.56 66.39
N GLN J 170 -24.49 1.69 65.55
CA GLN J 170 -24.36 1.49 64.11
C GLN J 170 -23.69 2.70 63.42
N GLY J 171 -23.49 3.76 64.19
CA GLY J 171 -22.53 4.81 63.88
C GLY J 171 -21.49 4.86 65.00
N LEU J 172 -20.78 5.98 65.09
CA LEU J 172 -19.72 6.18 66.09
C LEU J 172 -20.25 6.76 67.41
N ASN J 173 -20.28 5.95 68.46
CA ASN J 173 -20.57 6.41 69.82
C ASN J 173 -19.31 6.22 70.68
N PRO J 174 -18.67 7.33 71.09
CA PRO J 174 -17.38 7.25 71.76
C PRO J 174 -17.44 6.82 73.22
N HIS J 175 -18.64 6.62 73.74
CA HIS J 175 -18.81 6.02 75.04
C HIS J 175 -18.60 4.52 74.95
N TYR J 176 -18.53 3.98 73.73
CA TYR J 176 -18.27 2.55 73.56
C TYR J 176 -16.85 2.31 73.05
N LYS J 177 -15.90 2.25 73.98
CA LYS J 177 -14.50 1.97 73.66
C LYS J 177 -13.96 0.75 74.41
N GLN J 178 -12.74 0.35 74.08
CA GLN J 178 -12.08 -0.79 74.72
C GLN J 178 -10.61 -0.84 74.34
N LYS J 179 -9.91 -1.80 74.93
CA LYS J 179 -8.50 -2.02 74.64
C LYS J 179 -8.27 -3.49 74.32
N LEU J 180 -7.60 -3.75 73.19
CA LEU J 180 -7.31 -5.10 72.75
C LEU J 180 -6.25 -5.75 73.65
N THR J 181 -6.73 -6.32 74.76
CA THR J 181 -5.89 -6.97 75.78
C THR J 181 -5.93 -8.50 75.74
N LYS J 182 -6.83 -9.07 74.93
CA LYS J 182 -7.06 -10.51 74.92
C LYS J 182 -7.06 -11.06 73.49
N ASP J 183 -6.28 -12.12 73.27
CA ASP J 183 -6.26 -12.85 71.99
C ASP J 183 -7.54 -13.68 71.85
N GLY J 184 -8.11 -13.68 70.66
CA GLY J 184 -9.24 -14.58 70.34
C GLY J 184 -10.57 -14.24 71.00
N ALA J 185 -10.78 -12.95 71.27
CA ALA J 185 -11.91 -12.51 72.08
C ALA J 185 -12.68 -11.29 71.59
N PHE J 186 -12.02 -10.37 70.89
CA PHE J 186 -12.66 -9.15 70.43
C PHE J 186 -13.11 -9.36 68.97
N PRO J 187 -14.44 -9.33 68.71
CA PRO J 187 -14.88 -9.55 67.33
C PRO J 187 -14.53 -8.41 66.37
N VAL J 188 -14.07 -8.81 65.20
CA VAL J 188 -13.66 -7.84 64.19
C VAL J 188 -14.89 -7.08 63.72
N GLU J 189 -16.02 -7.76 63.66
CA GLU J 189 -17.26 -7.20 63.16
C GLU J 189 -17.80 -6.03 63.97
N CYS J 190 -17.36 -5.85 65.22
CA CYS J 190 -17.85 -4.74 66.06
C CYS J 190 -16.78 -3.88 66.77
N TRP J 191 -15.51 -4.24 66.62
CA TRP J 191 -14.43 -3.43 67.15
C TRP J 191 -13.46 -3.06 66.03
N CYS J 192 -13.08 -1.79 65.98
CA CYS J 192 -12.10 -1.29 65.01
C CYS J 192 -11.12 -0.34 65.71
N PRO J 193 -9.99 0.00 65.06
CA PRO J 193 -9.05 0.90 65.71
C PRO J 193 -9.67 2.27 65.96
N ASP J 194 -9.42 2.83 67.14
CA ASP J 194 -9.92 4.17 67.49
C ASP J 194 -8.97 5.24 66.97
N PRO J 195 -9.39 5.98 65.91
CA PRO J 195 -8.52 7.02 65.38
C PRO J 195 -8.32 8.23 66.32
N SER J 196 -9.21 8.40 67.30
CA SER J 196 -9.09 9.49 68.27
C SER J 196 -7.99 9.27 69.32
N LYS J 197 -7.50 8.02 69.43
CA LYS J 197 -6.46 7.65 70.38
C LYS J 197 -5.31 6.99 69.63
N ASN J 198 -4.67 5.97 70.19
CA ASN J 198 -3.58 5.27 69.52
C ASN J 198 -2.43 6.17 69.10
N GLU J 199 -2.12 7.16 69.92
CA GLU J 199 -1.01 8.04 69.60
C GLU J 199 0.30 7.28 69.69
N ASN J 200 0.33 6.20 70.47
CA ASN J 200 1.51 5.36 70.63
C ASN J 200 1.38 3.98 69.95
N THR J 201 0.61 3.93 68.88
CA THR J 201 0.46 2.71 68.06
C THR J 201 0.33 3.13 66.59
N ARG J 202 0.98 2.37 65.71
CA ARG J 202 0.73 2.48 64.27
C ARG J 202 -0.14 1.31 63.81
N TYR J 203 -1.20 1.59 63.07
CA TYR J 203 -1.98 0.52 62.46
C TYR J 203 -2.26 0.77 60.98
N TYR J 204 -2.47 -0.32 60.27
CA TYR J 204 -2.65 -0.32 58.82
C TYR J 204 -3.67 -1.40 58.50
N GLY J 205 -4.64 -1.08 57.64
CA GLY J 205 -5.72 -2.00 57.37
C GLY J 205 -6.39 -1.83 56.02
N SER J 206 -6.94 -2.94 55.53
CA SER J 206 -7.69 -2.96 54.28
C SER J 206 -8.75 -4.02 54.30
N TYR J 207 -9.76 -3.79 53.47
CA TYR J 207 -10.91 -4.67 53.34
C TYR J 207 -11.32 -4.75 51.88
N THR J 208 -11.51 -5.96 51.38
CA THR J 208 -12.10 -6.17 50.07
C THR J 208 -13.27 -7.11 50.30
N GLY J 209 -14.48 -6.65 49.97
CA GLY J 209 -15.68 -7.45 50.19
C GLY J 209 -16.15 -8.20 48.96
N GLY J 210 -17.48 -8.34 48.82
CA GLY J 210 -18.08 -9.12 47.75
C GLY J 210 -18.26 -10.57 48.16
N GLN J 211 -18.98 -11.33 47.35
CA GLN J 211 -19.35 -12.72 47.68
C GLN J 211 -18.28 -13.79 47.41
N SER J 212 -17.82 -13.86 46.16
CA SER J 212 -16.87 -14.89 45.68
C SER J 212 -15.61 -14.24 45.09
N THR J 213 -15.30 -13.02 45.56
CA THR J 213 -14.17 -12.20 45.10
C THR J 213 -12.81 -12.91 45.13
N PRO J 214 -12.00 -12.76 44.05
CA PRO J 214 -10.62 -13.27 44.09
C PRO J 214 -9.80 -12.66 45.25
N PRO J 215 -9.20 -13.51 46.11
CA PRO J 215 -8.21 -12.97 47.05
C PRO J 215 -7.01 -12.45 46.23
N VAL J 216 -6.52 -11.25 46.56
CA VAL J 216 -5.31 -10.68 45.97
C VAL J 216 -4.29 -10.49 47.07
N LEU J 217 -3.18 -11.23 46.99
CA LEU J 217 -2.23 -11.37 48.10
C LEU J 217 -0.77 -11.30 47.64
N GLN J 218 0.08 -10.74 48.48
CA GLN J 218 1.50 -10.60 48.21
C GLN J 218 2.28 -11.14 49.40
N PHE J 219 3.48 -11.66 49.13
CA PHE J 219 4.44 -12.02 50.18
C PHE J 219 5.90 -11.83 49.73
N THR J 220 6.71 -11.28 50.62
CA THR J 220 8.14 -11.02 50.37
C THR J 220 8.85 -10.73 51.69
N ASN J 221 10.17 -10.91 51.70
CA ASN J 221 10.95 -10.57 52.90
C ASN J 221 11.81 -9.33 52.66
N THR J 222 11.40 -8.48 51.72
CA THR J 222 12.18 -7.30 51.36
C THR J 222 11.51 -5.95 51.69
N VAL J 223 10.35 -5.95 52.36
CA VAL J 223 9.63 -4.70 52.62
C VAL J 223 9.69 -4.34 54.10
N THR J 224 10.19 -3.14 54.36
CA THR J 224 10.30 -2.60 55.71
C THR J 224 9.22 -1.54 55.84
N THR J 225 8.35 -1.66 56.83
CA THR J 225 7.42 -0.61 57.16
C THR J 225 8.01 0.26 58.27
N VAL J 226 8.29 1.53 57.96
CA VAL J 226 8.85 2.45 58.95
C VAL J 226 7.76 2.84 59.96
N LEU J 227 8.07 2.73 61.25
CA LEU J 227 7.10 3.05 62.32
C LEU J 227 7.28 4.46 62.92
N LEU J 228 8.35 5.14 62.56
CA LEU J 228 8.59 6.48 63.07
C LEU J 228 7.50 7.44 62.59
N ASP J 229 7.05 8.33 63.47
CA ASP J 229 6.04 9.31 63.13
C ASP J 229 6.66 10.54 62.46
N GLU J 230 5.83 11.52 62.15
CA GLU J 230 6.27 12.77 61.51
C GLU J 230 7.55 13.37 62.11
N ASN J 231 7.72 13.21 63.42
CA ASN J 231 8.84 13.82 64.14
C ASN J 231 10.04 12.90 64.36
N GLY J 232 10.05 11.77 63.66
CA GLY J 232 11.13 10.78 63.81
C GLY J 232 11.05 9.98 65.10
N VAL J 233 9.84 9.87 65.65
CA VAL J 233 9.63 9.23 66.94
C VAL J 233 8.68 8.03 66.80
N GLY J 234 9.22 6.84 66.99
CA GLY J 234 8.42 5.61 66.91
C GLY J 234 7.70 5.30 68.22
N PRO J 235 6.92 4.20 68.23
CA PRO J 235 6.22 3.77 69.44
C PRO J 235 7.18 3.54 70.60
N LEU J 236 6.82 4.06 71.76
CA LEU J 236 7.62 3.90 72.97
C LEU J 236 6.95 2.90 73.90
N CYS J 237 7.67 1.84 74.24
CA CYS J 237 7.06 0.71 74.96
C CYS J 237 6.93 0.92 76.47
N LYS J 238 5.73 1.28 76.90
CA LYS J 238 5.43 1.54 78.30
C LYS J 238 5.47 0.26 79.13
N GLY J 239 6.26 0.29 80.21
CA GLY J 239 6.49 -0.89 81.04
C GLY J 239 7.30 -1.96 80.33
N ASP J 240 8.01 -1.59 79.27
CA ASP J 240 8.81 -2.52 78.48
C ASP J 240 7.94 -3.58 77.84
N GLY J 241 6.72 -3.20 77.48
CA GLY J 241 5.79 -4.07 76.77
C GLY J 241 5.58 -3.59 75.35
N LEU J 242 5.78 -4.50 74.40
CA LEU J 242 5.52 -4.26 72.99
C LEU J 242 4.27 -5.02 72.65
N TYR J 243 3.35 -4.37 71.94
CA TYR J 243 2.06 -4.92 71.59
C TYR J 243 1.97 -5.04 70.08
N VAL J 244 1.58 -6.23 69.65
CA VAL J 244 1.43 -6.56 68.25
C VAL J 244 0.04 -7.18 68.07
N SER J 245 -0.63 -6.78 67.00
CA SER J 245 -1.98 -7.21 66.75
C SER J 245 -2.19 -7.37 65.25
N CYS J 246 -3.11 -8.26 64.87
CA CYS J 246 -3.48 -8.44 63.47
C CYS J 246 -4.77 -9.23 63.28
N CYS J 247 -5.22 -9.29 62.02
CA CYS J 247 -6.26 -10.22 61.56
C CYS J 247 -6.08 -10.34 60.04
N ASP J 248 -6.15 -11.55 59.51
CA ASP J 248 -5.98 -11.78 58.09
C ASP J 248 -6.98 -12.82 57.62
N ILE J 249 -8.17 -12.35 57.23
CA ILE J 249 -9.21 -13.18 56.61
C ILE J 249 -8.91 -13.21 55.13
N VAL J 250 -8.83 -14.41 54.52
CA VAL J 250 -8.52 -14.58 53.08
C VAL J 250 -9.67 -15.14 52.25
N GLY J 251 -10.81 -15.40 52.88
CA GLY J 251 -11.99 -15.84 52.15
C GLY J 251 -12.73 -16.94 52.86
N PHE J 252 -13.64 -17.58 52.12
CA PHE J 252 -14.48 -18.63 52.65
C PHE J 252 -14.22 -19.90 51.91
N LEU J 253 -14.18 -21.00 52.67
CA LEU J 253 -14.17 -22.34 52.09
C LEU J 253 -15.62 -22.75 51.90
N VAL J 254 -15.98 -23.15 50.68
CA VAL J 254 -17.35 -23.57 50.35
C VAL J 254 -17.43 -25.12 50.35
N GLY J 255 -18.10 -25.70 51.35
CA GLY J 255 -18.28 -27.14 51.43
C GLY J 255 -19.29 -27.69 50.43
N LYS J 256 -19.22 -29.00 50.20
CA LYS J 256 -20.09 -29.71 49.22
C LYS J 256 -21.51 -29.14 49.14
N ASP J 257 -22.12 -28.89 50.30
CA ASP J 257 -23.52 -28.47 50.40
C ASP J 257 -23.76 -26.97 50.30
N GLY J 258 -22.70 -26.16 50.30
CA GLY J 258 -22.85 -24.72 50.25
C GLY J 258 -22.67 -24.04 51.59
N ASP J 259 -22.44 -24.81 52.67
CA ASP J 259 -22.04 -24.23 53.95
C ASP J 259 -20.62 -23.66 53.85
N MET J 260 -20.41 -22.54 54.52
CA MET J 260 -19.21 -21.75 54.27
C MET J 260 -18.51 -21.42 55.57
N GLN J 261 -17.18 -21.40 55.53
CA GLN J 261 -16.38 -21.12 56.72
C GLN J 261 -15.31 -20.10 56.39
N TYR J 262 -15.10 -19.14 57.30
CA TYR J 262 -13.98 -18.21 57.19
C TYR J 262 -12.68 -18.98 57.20
N ARG J 263 -11.72 -18.53 56.42
CA ARG J 263 -10.36 -19.04 56.40
C ARG J 263 -9.41 -17.90 56.69
N GLY J 264 -8.51 -18.10 57.64
CA GLY J 264 -7.52 -17.10 57.99
C GLY J 264 -6.13 -17.69 57.94
N LEU J 265 -5.14 -16.79 57.90
CA LEU J 265 -3.74 -17.16 57.81
C LEU J 265 -2.93 -16.43 58.88
N PRO J 266 -1.81 -17.04 59.33
CA PRO J 266 -0.94 -16.41 60.29
C PRO J 266 -0.13 -15.25 59.71
N ARG J 267 0.43 -14.43 60.61
CA ARG J 267 1.22 -13.27 60.22
C ARG J 267 2.53 -13.30 60.97
N TYR J 268 3.63 -13.00 60.27
CA TYR J 268 4.96 -12.90 60.84
C TYR J 268 5.30 -11.42 61.11
N PHE J 269 6.09 -11.16 62.14
CA PHE J 269 6.52 -9.80 62.50
C PHE J 269 8.00 -9.84 62.83
N ASN J 270 8.74 -8.87 62.33
CA ASN J 270 10.13 -8.71 62.72
C ASN J 270 10.31 -7.22 63.00
N ILE J 271 10.38 -6.88 64.29
CA ILE J 271 10.37 -5.49 64.71
C ILE J 271 11.77 -5.05 65.13
N LEU J 272 12.18 -3.87 64.69
CA LEU J 272 13.47 -3.28 65.06
C LEU J 272 13.26 -2.18 66.11
N LEU J 273 13.94 -2.31 67.26
CA LEU J 273 13.83 -1.29 68.32
C LEU J 273 15.19 -0.74 68.74
N ARG J 274 15.19 0.51 69.21
CA ARG J 274 16.39 1.21 69.66
C ARG J 274 16.12 1.84 71.04
N LYS J 275 17.20 2.19 71.75
CA LYS J 275 17.07 2.73 73.11
C LYS J 275 16.87 4.23 73.08
N ARG J 276 15.80 4.72 73.71
CA ARG J 276 15.46 6.14 73.73
C ARG J 276 15.43 6.68 75.15
N THR J 277 15.88 7.94 75.32
CA THR J 277 15.75 8.65 76.59
C THR J 277 14.48 9.53 76.57
N VAL J 278 13.77 9.57 77.70
CA VAL J 278 12.59 10.42 77.88
C VAL J 278 12.64 11.06 79.27
N ARG J 279 11.70 11.96 79.53
CA ARG J 279 11.61 12.66 80.83
C ARG J 279 10.18 12.63 81.36
#